data_4YZF
#
_entry.id   4YZF
#
_cell.length_a   152.825
_cell.length_b   171.957
_cell.length_c   271.700
_cell.angle_alpha   90.00
_cell.angle_beta   101.16
_cell.angle_gamma   90.00
#
_symmetry.space_group_name_H-M   'C 1 2 1'
#
loop_
_entity.id
_entity.type
_entity.pdbx_description
1 polymer 'Band 3 anion transport protein'
2 polymer 'FAB fragment of Immunoglobulin (IgG) molecule'
3 polymer 'FAB fragment of Immunoglobulin (IgG) molecule'
4 non-polymer "2,2'-ethane-1,2-diylbis{5-[(sulfanylmethyl)amino]benzenesulfonic acid}"
#
loop_
_entity_poly.entity_id
_entity_poly.type
_entity_poly.pdbx_seq_one_letter_code
_entity_poly.pdbx_strand_id
1 'polypeptide(L)'
;MEELQDDYEDMMEENLEQEEYEDPDIPESQMEEPAAHDTEATATDYHTTSHPGTHKVYVELQELVMDEKNQELRWMEAAR
WVQLEENLGENGAWGRPHLSHLTFWSLLELRRVFTKGTVLLDLQETSLAGVANQLLDRFIFEDQIRPQDREELLRALLLK
HSHAGELEALGGVKPAVLTRSGDPSQPLLPQHSSLETQLFCEQGDGGTEGHSPSGILEKIPPDSEATLVLVGRADFLEQP
VLGFVRLQEAAELEAVELPVPIRFLFVLLGPEAPHIDYTQLGRAAATLMSERVFRIDAYMAQSRGELLHSLEGFLDCSLV
LPPTDAPSEQALLSLVPVQRELLRRRYQSSPAKPDSSFYKGLDLNGGPDDPLQQTGQLFGGLVRDIRRRYPYYLSDITDA
FSPQVLAAVIFIYFAALSPAITFGGLLGEKTRNQMGVSELLISTAVQGILFALLGAQPLLVVGFSGPLLVFEEAFFSFCE
TNGLEYIVGRVWIGFWLILLVVLVVAFEGSFLVRFISRYTQEIFSFLISLIFIYETFSKLIKIFQDHPLQKTYNYNVLMV
PKPQGPLPNTALLSLVLMAGTFFFAMMLRKFKNSSYFPGKLRRVIGDFGVPISILIMVLVDFFIQDTYTQKLSVPDGFKV
SNSSARGWVIHPLGLRSEFPIWMMFASALPALLVFILIFLESQITTLIVSKPERKMVKGSGFHLDLLLVVGMGGVAALFG
MPWLSATTVRSVTHANALTVMGKASTPGAAAQIQEVKEQRISGLLVAVLVGLSILMEPILSRIPLAVLFGIFLYMGVTSL
SGIQLFDRILLLFKPPKYHPDVPYVKRVKTWRMHLFTGIQIICLAVLWVVKSTPASLALPFVLILTVPLRRVLLPLIFRN
VELQCLDADDAKATFDEEEGRDEYDEVAMPV
;
A,B,C,D
2 'polypeptide(L)'
;EVKLQESGPGKLQPSQTLSLTCSFSGFSLTTSGIGVGWIRQPSGKGLEWLAHIWWSASKYYNTALKSRLTISKDTSNNQV
FLKIASVDTADTATYYCARAYYGNYGGYYFDYWGQGTTLTVSSAKTTAPSVYPLAPVCGDTTGSSVTLGCLVKGYFPEPV
TLTWNSGSLSSGVHTFPAVLQSDLYTLSSSVTVTSSTWPSQSITCNVAHPASSTKVDKKIEPR
;
E,G,I,K
3 'polypeptide(L)'
;DIVMTQSPASLAVSLGQRATISCRASQSVSTSSYSYMNWYQQKPGQPPKLLIKYASNLESGVPARFSGSGSGTDFTLNIH
PLEEEDTATYYCQHSWEIPWTFGGGTKVEIKRADAAPTVSIFPPSSEQLTSGGASVVCFLNNFYPKDINVKWKIDGSERQ
NGVLNSWTDQDSKDSTYSMSSTLTLTKDEYERHNSYTCEATHKTSTSPIVKSFNRNEC
;
F,H,J,L
#
loop_
_chem_comp.id
_chem_comp.type
_chem_comp.name
_chem_comp.formula
4KU non-polymer '2,2'-ethane-1,2-diylbis{5-[(sulfanylmethyl)amino]benzenesulfonic acid}' 'C16 H20 N2 O6 S4'
#
# COMPACT_ATOMS: atom_id res chain seq x y z
N GLY A 381 46.11 10.89 -53.62
CA GLY A 381 46.01 9.87 -52.59
C GLY A 381 44.61 9.29 -52.48
N LEU A 382 43.64 10.05 -52.99
CA LEU A 382 42.24 9.63 -52.99
C LEU A 382 41.98 8.40 -53.87
N VAL A 383 42.72 8.29 -54.97
CA VAL A 383 42.54 7.24 -55.99
C VAL A 383 42.24 5.84 -55.45
N ARG A 384 42.89 5.45 -54.36
CA ARG A 384 42.71 4.14 -53.71
C ARG A 384 41.25 3.77 -53.60
N ASP A 385 40.44 4.75 -53.24
CA ASP A 385 39.01 4.54 -53.05
C ASP A 385 38.29 4.37 -54.37
N ILE A 386 38.57 5.23 -55.34
CA ILE A 386 37.94 5.11 -56.65
C ILE A 386 38.16 3.70 -57.16
N ARG A 387 39.42 3.32 -57.16
CA ARG A 387 39.85 2.00 -57.59
C ARG A 387 39.12 0.92 -56.83
N ARG A 388 39.01 1.10 -55.51
CA ARG A 388 38.24 0.20 -54.67
C ARG A 388 36.83 0.02 -55.21
N ARG A 389 36.14 1.12 -55.44
CA ARG A 389 34.70 1.04 -55.62
C ARG A 389 34.20 0.88 -57.08
N TYR A 390 34.87 1.50 -58.04
CA TYR A 390 34.37 1.52 -59.42
C TYR A 390 34.05 0.13 -60.01
N PRO A 391 34.84 -0.91 -59.68
CA PRO A 391 34.40 -2.23 -60.13
C PRO A 391 33.08 -2.67 -59.50
N TYR A 392 32.93 -2.45 -58.20
CA TYR A 392 31.67 -2.72 -57.50
C TYR A 392 30.49 -1.93 -58.08
N TYR A 393 30.77 -0.72 -58.58
CA TYR A 393 29.77 0.21 -59.11
C TYR A 393 28.81 -0.42 -60.12
N LEU A 394 29.37 -0.98 -61.19
CA LEU A 394 28.58 -1.62 -62.25
C LEU A 394 27.91 -2.92 -61.79
N SER A 395 28.23 -3.37 -60.58
CA SER A 395 27.51 -4.48 -59.96
C SER A 395 26.38 -3.97 -59.07
N ASP A 396 26.51 -2.72 -58.65
CA ASP A 396 25.62 -2.12 -57.66
C ASP A 396 24.31 -1.65 -58.26
N ILE A 397 24.20 -1.74 -59.58
CA ILE A 397 22.93 -1.42 -60.23
C ILE A 397 22.10 -2.71 -60.28
N THR A 398 22.79 -3.85 -60.41
CA THR A 398 22.16 -5.17 -60.42
C THR A 398 21.78 -5.61 -59.01
N ASP A 399 22.61 -5.21 -58.06
CA ASP A 399 22.50 -5.54 -56.65
C ASP A 399 21.21 -4.98 -56.03
N ALA A 400 20.50 -4.18 -56.81
CA ALA A 400 19.44 -3.31 -56.29
C ALA A 400 18.01 -3.75 -56.58
N PHE A 401 17.82 -4.88 -57.25
CA PHE A 401 16.47 -5.21 -57.73
C PHE A 401 15.64 -6.02 -56.74
N SER A 402 16.07 -6.03 -55.48
CA SER A 402 15.35 -6.71 -54.41
C SER A 402 14.17 -5.89 -53.88
N PRO A 403 13.24 -6.53 -53.15
CA PRO A 403 12.11 -5.81 -52.56
C PRO A 403 12.51 -5.00 -51.33
N GLN A 404 13.48 -5.52 -50.58
CA GLN A 404 13.98 -4.85 -49.39
C GLN A 404 14.48 -3.46 -49.76
N VAL A 405 15.10 -3.39 -50.94
CA VAL A 405 15.51 -2.14 -51.56
C VAL A 405 14.33 -1.20 -51.64
N LEU A 406 13.28 -1.60 -52.34
CA LEU A 406 12.11 -0.78 -52.52
C LEU A 406 11.58 -0.25 -51.19
N ALA A 407 11.34 -1.16 -50.26
CA ALA A 407 10.88 -0.81 -48.92
C ALA A 407 11.76 0.27 -48.31
N ALA A 408 13.06 0.01 -48.33
CA ALA A 408 14.08 0.96 -47.91
C ALA A 408 13.91 2.32 -48.57
N VAL A 409 13.68 2.32 -49.88
CA VAL A 409 13.54 3.55 -50.64
C VAL A 409 12.42 4.37 -50.07
N ILE A 410 11.26 3.76 -49.87
CA ILE A 410 10.14 4.52 -49.34
C ILE A 410 10.50 5.07 -47.96
N PHE A 411 10.99 4.18 -47.12
CA PHE A 411 11.39 4.53 -45.75
C PHE A 411 12.27 5.78 -45.75
N ILE A 412 13.43 5.65 -46.36
CA ILE A 412 14.45 6.70 -46.36
C ILE A 412 13.96 7.95 -47.09
N TYR A 413 13.01 7.76 -48.00
CA TYR A 413 12.44 8.91 -48.66
C TYR A 413 11.73 9.78 -47.66
N PHE A 414 10.90 9.17 -46.82
CA PHE A 414 10.25 9.98 -45.80
C PHE A 414 11.29 10.50 -44.83
N ALA A 415 12.24 9.63 -44.51
CA ALA A 415 13.28 9.93 -43.53
C ALA A 415 14.14 11.11 -43.92
N ALA A 416 14.21 11.37 -45.23
CA ALA A 416 15.01 12.46 -45.77
C ALA A 416 14.17 13.69 -46.05
N LEU A 417 12.93 13.46 -46.51
CA LEU A 417 12.06 14.56 -46.90
C LEU A 417 11.58 15.35 -45.69
N SER A 418 11.11 14.66 -44.66
CA SER A 418 10.56 15.38 -43.50
C SER A 418 11.54 16.41 -42.93
N PRO A 419 12.80 16.02 -42.69
CA PRO A 419 13.71 17.07 -42.23
C PRO A 419 14.07 18.09 -43.32
N ALA A 420 14.10 17.69 -44.58
CA ALA A 420 14.34 18.64 -45.66
C ALA A 420 13.29 19.74 -45.61
N ILE A 421 12.02 19.36 -45.51
CA ILE A 421 10.94 20.32 -45.31
C ILE A 421 11.19 21.17 -44.08
N THR A 422 11.14 20.57 -42.90
CA THR A 422 11.18 21.34 -41.65
C THR A 422 12.39 22.29 -41.58
N PHE A 423 13.56 21.76 -41.88
CA PHE A 423 14.78 22.55 -41.89
C PHE A 423 14.74 23.62 -42.94
N GLY A 424 14.19 23.30 -44.10
CA GLY A 424 14.01 24.30 -45.13
C GLY A 424 13.21 25.49 -44.60
N GLY A 425 12.07 25.20 -44.00
CA GLY A 425 11.20 26.23 -43.48
C GLY A 425 11.86 27.08 -42.43
N LEU A 426 12.54 26.44 -41.48
CA LEU A 426 13.23 27.23 -40.47
C LEU A 426 14.26 28.08 -41.17
N LEU A 427 15.00 27.47 -42.09
CA LEU A 427 16.07 28.16 -42.79
C LEU A 427 15.54 29.39 -43.48
N GLY A 428 14.30 29.32 -43.95
CA GLY A 428 13.65 30.44 -44.61
C GLY A 428 13.25 31.52 -43.64
N GLU A 429 12.60 31.14 -42.55
CA GLU A 429 12.19 32.11 -41.56
C GLU A 429 13.38 32.87 -41.00
N LYS A 430 14.46 32.14 -40.74
CA LYS A 430 15.64 32.74 -40.17
C LYS A 430 16.24 33.76 -41.13
N THR A 431 16.37 33.40 -42.41
CA THR A 431 17.02 34.28 -43.39
C THR A 431 16.06 35.16 -44.20
N ARG A 432 14.81 35.29 -43.73
CA ARG A 432 13.77 36.08 -44.42
C ARG A 432 13.67 35.77 -45.92
N ASN A 433 13.71 34.48 -46.21
CA ASN A 433 13.53 33.90 -47.53
C ASN A 433 14.69 34.03 -48.49
N GLN A 434 15.87 34.44 -48.03
CA GLN A 434 16.98 34.57 -48.97
C GLN A 434 17.58 33.20 -49.33
N MET A 435 17.49 32.29 -48.37
CA MET A 435 17.95 30.93 -48.53
C MET A 435 16.80 30.03 -48.04
N GLY A 436 15.95 29.56 -48.95
CA GLY A 436 14.71 28.91 -48.54
C GLY A 436 14.51 27.41 -48.78
N VAL A 437 13.27 26.94 -48.59
CA VAL A 437 12.93 25.51 -48.69
C VAL A 437 13.42 25.00 -50.01
N SER A 438 12.93 25.61 -51.09
CA SER A 438 13.14 25.06 -52.42
C SER A 438 14.64 24.99 -52.77
N GLU A 439 15.41 25.93 -52.24
CA GLU A 439 16.87 25.87 -52.37
C GLU A 439 17.38 24.58 -51.74
N LEU A 440 16.97 24.31 -50.51
CA LEU A 440 17.38 23.09 -49.80
C LEU A 440 16.91 21.82 -50.48
N LEU A 441 15.66 21.82 -50.95
CA LEU A 441 15.08 20.70 -51.66
C LEU A 441 15.91 20.36 -52.89
N ILE A 442 16.16 21.38 -53.71
CA ILE A 442 16.97 21.22 -54.90
C ILE A 442 18.34 20.70 -54.57
N SER A 443 18.99 21.38 -53.63
CA SER A 443 20.34 21.03 -53.24
C SER A 443 20.43 19.58 -52.80
N THR A 444 19.55 19.20 -51.88
CA THR A 444 19.49 17.84 -51.38
C THR A 444 19.25 16.82 -52.49
N ALA A 445 18.30 17.11 -53.37
CA ALA A 445 17.99 16.20 -54.46
C ALA A 445 19.20 16.04 -55.36
N VAL A 446 19.66 17.14 -55.92
CA VAL A 446 20.76 17.11 -56.87
C VAL A 446 22.02 16.49 -56.25
N GLN A 447 22.53 17.12 -55.20
CA GLN A 447 23.67 16.59 -54.46
C GLN A 447 23.51 15.10 -54.18
N GLY A 448 22.31 14.74 -53.74
CA GLY A 448 21.98 13.36 -53.44
C GLY A 448 22.24 12.45 -54.63
N ILE A 449 21.71 12.84 -55.79
CA ILE A 449 21.91 12.08 -57.02
C ILE A 449 23.39 11.94 -57.34
N LEU A 450 24.08 13.08 -57.37
CA LEU A 450 25.50 13.11 -57.69
C LEU A 450 26.31 12.15 -56.81
N PHE A 451 26.19 12.32 -55.49
CA PHE A 451 26.92 11.48 -54.55
C PHE A 451 26.52 10.02 -54.69
N ALA A 452 25.23 9.78 -54.89
CA ALA A 452 24.72 8.43 -55.13
C ALA A 452 25.50 7.76 -56.25
N LEU A 453 25.66 8.48 -57.35
CA LEU A 453 26.37 7.94 -58.51
C LEU A 453 27.87 7.79 -58.25
N LEU A 454 28.50 8.87 -57.81
CA LEU A 454 29.96 8.93 -57.77
C LEU A 454 30.59 8.59 -56.41
N GLY A 455 29.77 8.38 -55.39
CA GLY A 455 30.27 8.21 -54.04
C GLY A 455 31.04 6.94 -53.78
N ALA A 456 31.96 6.98 -52.82
CA ALA A 456 32.68 5.79 -52.40
C ALA A 456 31.82 4.98 -51.43
N GLN A 457 30.81 5.63 -50.87
CA GLN A 457 29.90 4.97 -49.94
C GLN A 457 28.46 5.40 -50.26
N PRO A 458 27.88 4.83 -51.31
CA PRO A 458 26.52 5.18 -51.71
C PRO A 458 25.46 4.85 -50.67
N LEU A 459 25.86 4.31 -49.54
CA LEU A 459 24.92 4.15 -48.43
C LEU A 459 24.71 5.45 -47.67
N LEU A 460 25.72 6.32 -47.66
CA LEU A 460 25.59 7.64 -47.05
C LEU A 460 24.43 8.39 -47.68
N VAL A 461 23.61 9.03 -46.86
CA VAL A 461 22.56 9.90 -47.37
C VAL A 461 22.85 11.35 -46.93
N VAL A 462 22.85 12.25 -47.90
CA VAL A 462 23.29 13.61 -47.69
C VAL A 462 22.13 14.55 -47.52
N GLY A 463 22.18 15.35 -46.47
CA GLY A 463 21.12 16.29 -46.11
C GLY A 463 21.52 17.41 -45.16
N PHE A 464 20.62 18.36 -44.99
CA PHE A 464 20.80 19.48 -44.06
C PHE A 464 20.77 18.95 -42.64
N SER A 465 21.38 19.69 -41.73
CA SER A 465 21.46 19.28 -40.33
C SER A 465 21.17 20.43 -39.39
N GLY A 466 21.00 20.14 -38.12
CA GLY A 466 20.83 21.17 -37.11
C GLY A 466 21.98 22.16 -37.06
N PRO A 467 23.22 21.66 -36.94
CA PRO A 467 24.41 22.51 -36.96
C PRO A 467 24.42 23.50 -38.10
N LEU A 468 24.24 22.99 -39.32
CA LEU A 468 24.23 23.82 -40.51
C LEU A 468 23.18 24.94 -40.41
N LEU A 469 22.01 24.62 -39.86
CA LEU A 469 21.00 25.65 -39.62
C LEU A 469 21.52 26.70 -38.66
N VAL A 470 22.12 26.28 -37.54
CA VAL A 470 22.67 27.23 -36.58
C VAL A 470 23.66 28.18 -37.25
N PHE A 471 24.55 27.64 -38.08
CA PHE A 471 25.52 28.48 -38.76
C PHE A 471 24.90 29.42 -39.79
N GLU A 472 23.91 28.96 -40.54
CA GLU A 472 23.26 29.85 -41.47
C GLU A 472 22.66 31.02 -40.74
N GLU A 473 21.86 30.74 -39.71
CA GLU A 473 21.30 31.80 -38.88
C GLU A 473 22.36 32.77 -38.37
N ALA A 474 23.43 32.22 -37.85
CA ALA A 474 24.53 33.04 -37.35
C ALA A 474 25.06 33.97 -38.42
N PHE A 475 25.51 33.37 -39.52
CA PHE A 475 26.17 34.11 -40.59
C PHE A 475 25.24 35.12 -41.25
N PHE A 476 23.96 34.80 -41.33
CA PHE A 476 22.96 35.71 -41.87
C PHE A 476 22.79 36.91 -40.97
N SER A 477 22.55 36.66 -39.70
CA SER A 477 22.44 37.75 -38.75
C SER A 477 23.69 38.64 -38.82
N PHE A 478 24.87 38.06 -38.64
CA PHE A 478 26.12 38.81 -38.78
C PHE A 478 26.17 39.66 -40.04
N CYS A 479 26.07 39.00 -41.19
CA CYS A 479 26.14 39.67 -42.50
C CYS A 479 25.20 40.85 -42.57
N GLU A 480 23.96 40.67 -42.13
CA GLU A 480 23.00 41.74 -42.28
C GLU A 480 23.24 42.88 -41.29
N THR A 481 23.64 42.54 -40.06
CA THR A 481 23.98 43.56 -39.08
C THR A 481 25.03 44.48 -39.68
N ASN A 482 26.12 43.88 -40.15
CA ASN A 482 27.18 44.62 -40.83
C ASN A 482 26.86 44.93 -42.29
N GLY A 483 25.62 44.66 -42.71
CA GLY A 483 25.15 45.00 -44.04
C GLY A 483 25.91 44.41 -45.21
N LEU A 484 26.27 43.14 -45.11
CA LEU A 484 26.93 42.45 -46.19
C LEU A 484 25.89 41.66 -46.94
N GLU A 485 26.02 41.58 -48.27
CA GLU A 485 25.07 40.78 -49.03
C GLU A 485 25.21 39.31 -48.64
N TYR A 486 24.22 38.80 -47.92
CA TYR A 486 24.34 37.51 -47.25
C TYR A 486 24.70 36.39 -48.19
N ILE A 487 23.94 36.32 -49.29
CA ILE A 487 24.08 35.24 -50.25
C ILE A 487 25.46 35.28 -50.92
N VAL A 488 25.99 36.48 -51.11
CA VAL A 488 27.30 36.61 -51.70
C VAL A 488 28.40 36.15 -50.74
N GLY A 489 28.34 36.64 -49.49
CA GLY A 489 29.37 36.30 -48.53
C GLY A 489 29.41 34.80 -48.37
N ARG A 490 28.21 34.25 -48.41
CA ARG A 490 28.00 32.83 -48.49
C ARG A 490 28.80 32.22 -49.65
N VAL A 491 28.64 32.77 -50.85
CA VAL A 491 29.38 32.25 -52.01
C VAL A 491 30.87 32.18 -51.70
N TRP A 492 31.38 33.24 -51.07
CA TRP A 492 32.79 33.27 -50.73
C TRP A 492 33.18 32.20 -49.72
N ILE A 493 32.32 31.99 -48.72
CA ILE A 493 32.55 30.89 -47.79
C ILE A 493 32.71 29.62 -48.62
N GLY A 494 31.87 29.50 -49.65
CA GLY A 494 31.92 28.38 -50.57
C GLY A 494 33.24 28.22 -51.30
N PHE A 495 33.73 29.32 -51.88
CA PHE A 495 35.02 29.29 -52.58
C PHE A 495 36.07 28.73 -51.62
N TRP A 496 36.09 29.27 -50.40
CA TRP A 496 37.01 28.77 -49.38
C TRP A 496 36.83 27.27 -49.07
N LEU A 497 35.59 26.78 -49.01
CA LEU A 497 35.33 25.35 -48.80
C LEU A 497 35.99 24.51 -49.87
N ILE A 498 35.72 24.85 -51.13
CA ILE A 498 36.32 24.12 -52.25
C ILE A 498 37.82 24.10 -52.13
N LEU A 499 38.39 25.26 -51.81
CA LEU A 499 39.84 25.33 -51.61
C LEU A 499 40.37 24.40 -50.50
N LEU A 500 39.87 24.62 -49.29
CA LEU A 500 40.21 23.81 -48.12
C LEU A 500 40.13 22.33 -48.43
N VAL A 501 39.08 21.92 -49.13
CA VAL A 501 38.92 20.51 -49.47
C VAL A 501 39.97 20.06 -50.45
N VAL A 502 40.17 20.79 -51.53
CA VAL A 502 41.18 20.37 -52.49
C VAL A 502 42.48 20.14 -51.74
N LEU A 503 42.80 21.05 -50.82
CA LEU A 503 43.99 20.86 -49.99
C LEU A 503 43.98 19.57 -49.17
N VAL A 504 43.07 19.48 -48.20
CA VAL A 504 43.00 18.37 -47.26
C VAL A 504 42.89 17.00 -47.94
N VAL A 505 42.17 16.93 -49.05
CA VAL A 505 42.02 15.69 -49.78
C VAL A 505 43.29 15.38 -50.51
N ALA A 506 43.81 16.36 -51.25
CA ALA A 506 45.04 16.14 -52.00
C ALA A 506 46.20 15.82 -51.05
N PHE A 507 46.17 16.35 -49.82
CA PHE A 507 47.12 15.95 -48.77
C PHE A 507 46.51 15.12 -47.63
N GLU A 508 46.14 13.87 -47.93
CA GLU A 508 45.75 12.87 -46.93
C GLU A 508 45.03 13.37 -45.68
N GLY A 509 43.85 13.97 -45.85
CA GLY A 509 43.13 14.48 -44.70
C GLY A 509 42.64 13.39 -43.79
N SER A 510 41.97 12.43 -44.42
CA SER A 510 41.41 11.28 -43.74
C SER A 510 42.44 10.51 -42.90
N PHE A 511 43.73 10.84 -43.05
CA PHE A 511 44.76 10.29 -42.21
C PHE A 511 44.30 10.46 -40.78
N LEU A 512 43.92 11.69 -40.47
CA LEU A 512 43.52 12.03 -39.11
C LEU A 512 42.32 11.22 -38.65
N VAL A 513 41.47 10.84 -39.60
CA VAL A 513 40.26 10.09 -39.28
C VAL A 513 40.63 8.76 -38.65
N ARG A 514 41.75 8.20 -39.07
CA ARG A 514 42.15 6.88 -38.61
C ARG A 514 42.54 6.95 -37.12
N PHE A 515 42.52 8.16 -36.56
CA PHE A 515 42.79 8.36 -35.15
C PHE A 515 41.50 8.63 -34.36
N ILE A 516 40.37 8.35 -35.01
CA ILE A 516 39.04 8.45 -34.39
C ILE A 516 38.55 7.09 -33.90
N SER A 517 38.59 6.87 -32.58
CA SER A 517 38.30 5.54 -32.02
C SER A 517 36.81 5.26 -31.84
N ARG A 518 36.49 4.12 -31.21
CA ARG A 518 35.11 3.80 -30.87
C ARG A 518 34.62 4.71 -29.76
N TYR A 519 35.52 4.95 -28.80
CA TYR A 519 35.24 5.80 -27.66
C TYR A 519 34.68 7.15 -28.08
N THR A 520 35.08 7.60 -29.27
CA THR A 520 34.52 8.78 -29.94
C THR A 520 33.10 8.53 -30.47
N GLN A 521 33.07 7.74 -31.55
CA GLN A 521 31.91 7.41 -32.36
C GLN A 521 30.68 7.14 -31.54
N GLU A 522 30.87 6.39 -30.46
CA GLU A 522 29.75 6.00 -29.62
C GLU A 522 29.22 7.18 -28.80
N ILE A 523 30.10 7.98 -28.21
CA ILE A 523 29.69 9.19 -27.51
C ILE A 523 28.88 10.04 -28.48
N PHE A 524 29.42 10.16 -29.68
CA PHE A 524 28.81 10.95 -30.74
C PHE A 524 27.41 10.50 -31.11
N SER A 525 27.29 9.28 -31.64
CA SER A 525 26.02 8.78 -32.14
C SER A 525 25.02 8.45 -31.03
N PHE A 526 25.50 8.27 -29.80
CA PHE A 526 24.58 8.14 -28.70
C PHE A 526 24.02 9.50 -28.37
N LEU A 527 24.91 10.51 -28.37
CA LEU A 527 24.47 11.89 -28.19
C LEU A 527 23.42 12.24 -29.22
N ILE A 528 23.73 11.93 -30.47
CA ILE A 528 22.85 12.24 -31.59
C ILE A 528 21.53 11.52 -31.47
N SER A 529 21.58 10.20 -31.35
CA SER A 529 20.36 9.41 -31.23
C SER A 529 19.47 9.99 -30.14
N LEU A 530 20.10 10.25 -28.99
CA LEU A 530 19.41 10.73 -27.81
C LEU A 530 18.74 12.08 -28.12
N ILE A 531 19.52 13.02 -28.66
CA ILE A 531 19.03 14.33 -29.06
C ILE A 531 17.88 14.18 -30.03
N PHE A 532 18.00 13.20 -30.91
CA PHE A 532 17.03 12.98 -31.96
C PHE A 532 15.68 12.67 -31.34
N ILE A 533 15.66 11.59 -30.57
CA ILE A 533 14.47 11.15 -29.86
C ILE A 533 13.86 12.29 -29.06
N TYR A 534 14.71 12.97 -28.31
CA TYR A 534 14.29 14.12 -27.53
C TYR A 534 13.56 15.17 -28.35
N GLU A 535 14.18 15.52 -29.47
CA GLU A 535 13.60 16.48 -30.39
C GLU A 535 12.22 16.03 -30.84
N THR A 536 12.14 14.78 -31.29
CA THR A 536 10.89 14.21 -31.78
C THR A 536 9.77 14.43 -30.76
N PHE A 537 10.05 13.99 -29.54
CA PHE A 537 9.10 14.21 -28.48
C PHE A 537 8.77 15.69 -28.31
N SER A 538 9.79 16.53 -28.39
CA SER A 538 9.61 17.97 -28.24
C SER A 538 8.58 18.49 -29.23
N LYS A 539 8.71 18.06 -30.47
CA LYS A 539 7.71 18.35 -31.49
C LYS A 539 6.30 17.95 -31.04
N LEU A 540 6.17 16.71 -30.57
CA LEU A 540 4.84 16.25 -30.12
C LEU A 540 4.25 17.17 -29.04
N ILE A 541 5.04 17.42 -28.01
CA ILE A 541 4.54 18.19 -26.87
C ILE A 541 4.29 19.65 -27.30
N LYS A 542 4.98 20.10 -28.35
CA LYS A 542 4.65 21.38 -28.98
C LYS A 542 3.23 21.35 -29.52
N ILE A 543 2.89 20.31 -30.28
CA ILE A 543 1.51 20.15 -30.75
C ILE A 543 0.54 20.22 -29.56
N PHE A 544 0.94 19.62 -28.45
CA PHE A 544 0.11 19.64 -27.25
C PHE A 544 -0.06 21.04 -26.67
N GLN A 545 0.95 21.87 -26.84
CA GLN A 545 0.89 23.26 -26.36
C GLN A 545 0.04 24.16 -27.26
N ASP A 546 0.21 23.97 -28.56
CA ASP A 546 -0.55 24.70 -29.55
C ASP A 546 -2.04 24.42 -29.41
N HIS A 547 -2.36 23.23 -28.91
CA HIS A 547 -3.74 22.80 -28.70
C HIS A 547 -3.91 22.02 -27.41
N PRO A 548 -3.88 22.71 -26.26
CA PRO A 548 -4.02 22.07 -24.95
C PRO A 548 -5.39 21.45 -24.71
N LEU A 549 -5.46 20.47 -23.82
CA LEU A 549 -6.76 19.90 -23.49
C LEU A 549 -7.55 20.88 -22.63
N GLN A 550 -8.74 21.25 -23.09
CA GLN A 550 -9.60 22.17 -22.36
C GLN A 550 -10.97 22.11 -22.97
N LYS A 551 -11.89 22.94 -22.51
CA LYS A 551 -13.25 22.97 -23.03
C LYS A 551 -13.39 24.20 -23.94
N THR A 552 -14.02 24.01 -25.10
CA THR A 552 -14.36 25.09 -26.05
C THR A 552 -13.08 25.48 -26.84
N TYR A 553 -13.10 26.36 -27.86
CA TYR A 553 -14.28 27.04 -28.44
C TYR A 553 -14.22 27.09 -29.97
N LEU A 567 -8.85 24.06 -32.78
CA LEU A 567 -7.96 23.77 -31.67
C LEU A 567 -8.29 22.44 -30.96
N PRO A 568 -9.56 22.16 -30.61
CA PRO A 568 -9.68 21.05 -29.66
C PRO A 568 -9.56 19.66 -30.26
N ASN A 569 -9.45 18.67 -29.37
CA ASN A 569 -9.49 17.24 -29.71
C ASN A 569 -8.38 16.73 -30.61
N THR A 570 -7.34 17.53 -30.82
CA THR A 570 -6.35 17.22 -31.84
C THR A 570 -5.02 16.78 -31.23
N ALA A 571 -4.65 17.36 -30.10
CA ALA A 571 -3.41 17.00 -29.40
C ALA A 571 -3.31 15.50 -29.15
N LEU A 572 -4.33 14.98 -28.48
CA LEU A 572 -4.48 13.57 -28.20
C LEU A 572 -4.31 12.71 -29.44
N LEU A 573 -5.11 12.97 -30.46
CA LEU A 573 -5.07 12.17 -31.70
C LEU A 573 -3.71 12.22 -32.35
N SER A 574 -3.03 13.36 -32.21
CA SER A 574 -1.69 13.50 -32.75
C SER A 574 -0.83 12.45 -32.05
N LEU A 575 -0.88 12.50 -30.72
CA LEU A 575 -0.20 11.52 -29.87
C LEU A 575 -0.50 10.08 -30.27
N VAL A 576 -1.79 9.72 -30.27
CA VAL A 576 -2.24 8.38 -30.63
C VAL A 576 -1.64 7.99 -31.96
N LEU A 577 -1.81 8.82 -32.99
CA LEU A 577 -1.26 8.55 -34.31
C LEU A 577 0.22 8.16 -34.24
N MET A 578 0.99 9.01 -33.55
CA MET A 578 2.42 8.79 -33.38
C MET A 578 2.68 7.44 -32.73
N ALA A 579 2.11 7.27 -31.55
CA ALA A 579 2.25 6.05 -30.77
C ALA A 579 1.94 4.83 -31.61
N GLY A 580 0.78 4.82 -32.24
CA GLY A 580 0.34 3.72 -33.06
C GLY A 580 1.31 3.36 -34.16
N THR A 581 1.72 4.36 -34.94
CA THR A 581 2.67 4.10 -36.01
C THR A 581 3.94 3.46 -35.44
N PHE A 582 4.46 4.03 -34.36
CA PHE A 582 5.66 3.49 -33.74
C PHE A 582 5.48 2.02 -33.36
N PHE A 583 4.39 1.74 -32.61
CA PHE A 583 4.05 0.40 -32.16
C PHE A 583 4.00 -0.59 -33.32
N PHE A 584 3.34 -0.21 -34.40
CA PHE A 584 3.25 -1.06 -35.58
C PHE A 584 4.60 -1.33 -36.21
N ALA A 585 5.42 -0.30 -36.34
CA ALA A 585 6.77 -0.47 -36.88
C ALA A 585 7.48 -1.56 -36.10
N MET A 586 7.46 -1.39 -34.77
CA MET A 586 8.11 -2.34 -33.88
C MET A 586 7.57 -3.75 -34.03
N MET A 587 6.24 -3.86 -33.98
CA MET A 587 5.58 -5.15 -34.12
C MET A 587 6.03 -5.83 -35.40
N LEU A 588 5.80 -5.20 -36.54
CA LEU A 588 6.22 -5.80 -37.81
C LEU A 588 7.70 -6.20 -37.86
N ARG A 589 8.57 -5.39 -37.28
CA ARG A 589 9.97 -5.80 -37.15
C ARG A 589 10.06 -7.17 -36.45
N LYS A 590 9.42 -7.25 -35.28
CA LYS A 590 9.41 -8.49 -34.50
C LYS A 590 8.81 -9.66 -35.28
N PHE A 591 7.71 -9.41 -35.96
CA PHE A 591 7.07 -10.35 -36.90
C PHE A 591 8.06 -10.88 -37.95
N LYS A 592 8.93 -9.99 -38.42
CA LYS A 592 9.89 -10.32 -39.45
C LYS A 592 10.91 -11.26 -38.85
N ASN A 593 11.23 -11.01 -37.59
CA ASN A 593 12.19 -11.85 -36.89
C ASN A 593 11.55 -12.98 -36.05
N SER A 594 10.23 -12.95 -35.85
CA SER A 594 9.58 -14.01 -35.07
C SER A 594 8.93 -15.10 -35.95
N SER A 595 8.57 -16.20 -35.30
CA SER A 595 8.25 -17.47 -35.96
C SER A 595 7.08 -17.48 -36.96
N TYR A 596 5.98 -16.82 -36.60
CA TYR A 596 4.71 -16.94 -37.32
C TYR A 596 4.85 -16.61 -38.80
N PHE A 597 4.02 -17.25 -39.62
CA PHE A 597 3.91 -16.97 -41.05
C PHE A 597 5.08 -17.57 -41.82
N PRO A 598 4.87 -17.79 -43.14
CA PRO A 598 5.87 -18.52 -43.91
C PRO A 598 6.75 -17.71 -44.87
N GLY A 599 8.07 -17.85 -44.73
CA GLY A 599 9.02 -17.46 -45.76
C GLY A 599 8.94 -16.05 -46.32
N LYS A 600 8.90 -15.96 -47.65
CA LYS A 600 8.88 -14.67 -48.35
C LYS A 600 7.77 -13.76 -47.86
N LEU A 601 6.57 -14.32 -47.62
CA LEU A 601 5.44 -13.54 -47.11
C LEU A 601 5.81 -12.79 -45.84
N ARG A 602 6.32 -13.53 -44.86
CA ARG A 602 6.73 -12.96 -43.58
C ARG A 602 7.93 -12.00 -43.67
N ARG A 603 8.93 -12.35 -44.48
CA ARG A 603 10.14 -11.53 -44.58
C ARG A 603 9.90 -10.23 -45.33
N VAL A 604 9.08 -10.29 -46.37
CA VAL A 604 8.74 -9.12 -47.16
C VAL A 604 7.80 -8.23 -46.38
N ILE A 605 6.77 -8.83 -45.77
CA ILE A 605 5.85 -8.09 -44.93
C ILE A 605 6.63 -7.36 -43.83
N GLY A 606 7.60 -8.05 -43.25
CA GLY A 606 8.43 -7.46 -42.20
C GLY A 606 9.46 -6.46 -42.71
N ASP A 607 9.79 -6.57 -44.00
CA ASP A 607 10.71 -5.64 -44.63
C ASP A 607 9.99 -4.35 -44.98
N PHE A 608 8.70 -4.47 -45.23
CA PHE A 608 7.90 -3.30 -45.54
C PHE A 608 7.22 -2.80 -44.29
N GLY A 609 7.80 -3.14 -43.14
CA GLY A 609 7.25 -2.73 -41.85
C GLY A 609 6.96 -1.25 -41.71
N VAL A 610 7.97 -0.41 -41.94
CA VAL A 610 7.81 1.03 -41.83
C VAL A 610 6.79 1.54 -42.86
N PRO A 611 6.97 1.18 -44.15
CA PRO A 611 5.96 1.72 -45.05
C PRO A 611 4.55 1.26 -44.72
N ILE A 612 4.40 0.02 -44.25
CA ILE A 612 3.08 -0.49 -43.91
C ILE A 612 2.49 0.31 -42.75
N SER A 613 3.27 0.52 -41.69
CA SER A 613 2.85 1.34 -40.56
C SER A 613 2.35 2.72 -41.02
N ILE A 614 3.19 3.39 -41.80
CA ILE A 614 2.86 4.71 -42.31
C ILE A 614 1.52 4.64 -43.02
N LEU A 615 1.37 3.69 -43.94
CA LEU A 615 0.16 3.55 -44.73
C LEU A 615 -1.08 3.40 -43.85
N ILE A 616 -1.02 2.43 -42.94
CA ILE A 616 -2.12 2.15 -42.01
C ILE A 616 -2.55 3.43 -41.27
N MET A 617 -1.61 4.04 -40.57
CA MET A 617 -1.91 5.25 -39.80
C MET A 617 -2.43 6.40 -40.66
N VAL A 618 -1.90 6.48 -41.88
CA VAL A 618 -2.38 7.45 -42.84
C VAL A 618 -3.85 7.21 -43.11
N LEU A 619 -4.23 5.95 -43.32
CA LEU A 619 -5.62 5.59 -43.57
C LEU A 619 -6.49 5.94 -42.38
N VAL A 620 -5.94 5.73 -41.19
CA VAL A 620 -6.66 6.07 -39.96
C VAL A 620 -6.99 7.56 -39.96
N ASP A 621 -5.99 8.42 -40.17
CA ASP A 621 -6.26 9.87 -40.21
C ASP A 621 -7.23 10.23 -41.33
N PHE A 622 -7.10 9.52 -42.44
CA PHE A 622 -7.92 9.77 -43.60
C PHE A 622 -9.38 9.57 -43.22
N PHE A 623 -9.67 8.43 -42.62
CA PHE A 623 -11.04 8.11 -42.29
C PHE A 623 -11.58 8.96 -41.14
N ILE A 624 -10.70 9.50 -40.30
CA ILE A 624 -11.13 10.46 -39.28
C ILE A 624 -11.19 11.84 -39.91
N GLN A 625 -12.39 12.27 -40.27
CA GLN A 625 -12.52 13.45 -41.11
C GLN A 625 -12.86 14.75 -40.38
N ASP A 626 -13.24 14.67 -39.11
CA ASP A 626 -13.74 15.86 -38.39
C ASP A 626 -12.75 16.51 -37.45
N THR A 627 -11.49 16.09 -37.48
CA THR A 627 -10.49 16.68 -36.59
C THR A 627 -9.17 16.97 -37.28
N TYR A 628 -8.63 18.17 -37.03
CA TYR A 628 -7.42 18.65 -37.71
C TYR A 628 -6.16 17.94 -37.25
N THR A 629 -5.29 17.67 -38.22
CA THR A 629 -3.98 17.08 -37.97
C THR A 629 -2.94 17.79 -38.81
N GLN A 630 -1.82 18.18 -38.20
CA GLN A 630 -0.74 18.78 -38.98
C GLN A 630 -0.22 17.77 -39.97
N LYS A 631 -0.13 18.17 -41.24
CA LYS A 631 0.37 17.29 -42.27
C LYS A 631 1.58 17.89 -42.99
N LEU A 632 2.30 17.06 -43.75
CA LEU A 632 3.47 17.52 -44.48
C LEU A 632 3.05 18.56 -45.48
N SER A 633 3.76 19.68 -45.49
CA SER A 633 3.47 20.73 -46.44
C SER A 633 4.66 20.91 -47.39
N VAL A 634 4.40 20.74 -48.69
CA VAL A 634 5.41 20.91 -49.71
C VAL A 634 5.03 22.18 -50.45
N PRO A 635 6.01 23.03 -50.80
CA PRO A 635 5.70 24.22 -51.59
C PRO A 635 5.03 23.86 -52.92
N ASP A 636 4.15 24.72 -53.41
CA ASP A 636 3.36 24.41 -54.62
C ASP A 636 4.27 24.18 -55.82
N GLY A 637 5.31 25.01 -55.94
CA GLY A 637 6.29 24.91 -57.00
C GLY A 637 7.59 25.59 -56.63
N PHE A 638 8.69 25.20 -57.28
CA PHE A 638 10.00 25.80 -57.00
C PHE A 638 10.00 27.32 -57.22
N LYS A 639 10.37 28.06 -56.19
CA LYS A 639 10.54 29.52 -56.27
C LYS A 639 11.78 29.87 -55.46
N VAL A 640 12.02 31.16 -55.21
CA VAL A 640 13.15 31.57 -54.38
C VAL A 640 12.73 32.54 -53.27
N VAL A 649 23.16 32.15 -61.27
CA VAL A 649 24.47 32.17 -60.62
C VAL A 649 24.71 33.49 -59.89
N ILE A 650 25.24 33.43 -58.67
CA ILE A 650 25.47 34.66 -57.90
C ILE A 650 26.79 35.24 -58.27
N HIS A 651 26.83 36.56 -58.33
CA HIS A 651 28.05 37.23 -58.68
C HIS A 651 28.85 37.55 -57.44
N PRO A 652 30.06 37.01 -57.39
CA PRO A 652 30.98 37.10 -56.25
C PRO A 652 31.30 38.53 -55.82
N LEU A 653 30.98 39.52 -56.63
CA LEU A 653 31.26 40.90 -56.25
C LEU A 653 30.03 41.58 -55.69
N GLY A 654 28.95 40.82 -55.57
CA GLY A 654 27.73 41.34 -54.98
C GLY A 654 26.64 41.48 -56.02
N LEU A 655 25.39 41.60 -55.57
CA LEU A 655 24.30 41.88 -56.51
C LEU A 655 23.73 43.26 -56.25
N ARG A 656 23.36 43.53 -55.01
CA ARG A 656 22.86 44.85 -54.67
C ARG A 656 23.96 45.65 -53.98
N SER A 657 25.10 45.00 -53.81
CA SER A 657 26.40 45.61 -53.51
C SER A 657 27.23 45.11 -54.70
N GLU A 658 28.53 45.37 -54.93
CA GLU A 658 29.62 45.98 -54.14
C GLU A 658 29.91 45.30 -52.82
N PHE A 659 30.27 44.03 -52.89
CA PHE A 659 30.61 43.26 -51.71
C PHE A 659 32.07 43.47 -51.36
N PRO A 660 32.32 44.01 -50.16
CA PRO A 660 33.64 44.39 -49.63
C PRO A 660 34.68 43.28 -49.76
N ILE A 661 35.87 43.67 -50.24
CA ILE A 661 36.91 42.72 -50.57
C ILE A 661 37.56 42.05 -49.34
N TRP A 662 37.74 42.82 -48.27
CA TRP A 662 38.36 42.30 -47.06
C TRP A 662 37.52 41.13 -46.59
N MET A 663 36.21 41.30 -46.69
CA MET A 663 35.29 40.29 -46.20
C MET A 663 35.36 39.05 -47.09
N MET A 664 35.66 39.24 -48.37
CA MET A 664 35.74 38.12 -49.29
C MET A 664 37.12 37.45 -49.21
N PHE A 665 37.98 38.01 -48.35
CA PHE A 665 39.10 37.24 -47.78
C PHE A 665 38.72 36.54 -46.49
N ALA A 666 38.16 37.32 -45.57
CA ALA A 666 37.89 36.89 -44.21
C ALA A 666 36.84 35.80 -44.14
N SER A 667 36.16 35.54 -45.26
CA SER A 667 35.23 34.40 -45.29
C SER A 667 35.98 33.06 -45.13
N ALA A 668 37.31 33.09 -45.14
CA ALA A 668 38.11 31.90 -44.90
C ALA A 668 37.79 31.34 -43.53
N LEU A 669 37.56 32.23 -42.57
CA LEU A 669 37.27 31.78 -41.23
C LEU A 669 35.95 31.01 -41.06
N PRO A 670 34.80 31.62 -41.43
CA PRO A 670 33.57 30.85 -41.22
C PRO A 670 33.54 29.56 -42.06
N ALA A 671 34.22 29.59 -43.21
CA ALA A 671 34.34 28.42 -44.08
C ALA A 671 35.21 27.34 -43.45
N LEU A 672 36.20 27.77 -42.69
CA LEU A 672 36.96 26.84 -41.88
C LEU A 672 35.98 26.16 -40.92
N LEU A 673 35.19 26.94 -40.18
CA LEU A 673 34.22 26.35 -39.24
C LEU A 673 33.29 25.35 -39.91
N VAL A 674 32.73 25.73 -41.06
CA VAL A 674 31.83 24.83 -41.77
C VAL A 674 32.54 23.55 -42.18
N PHE A 675 33.72 23.71 -42.76
CA PHE A 675 34.52 22.57 -43.18
C PHE A 675 34.74 21.61 -42.03
N ILE A 676 34.99 22.18 -40.86
CA ILE A 676 35.20 21.37 -39.67
C ILE A 676 33.89 20.64 -39.33
N LEU A 677 32.75 21.32 -39.44
CA LEU A 677 31.47 20.69 -39.15
C LEU A 677 31.16 19.50 -40.06
N ILE A 678 31.13 19.76 -41.35
CA ILE A 678 30.85 18.75 -42.34
C ILE A 678 31.86 17.61 -42.25
N PHE A 679 33.14 17.97 -42.07
CA PHE A 679 34.19 16.96 -41.98
C PHE A 679 33.94 16.01 -40.83
N LEU A 680 33.88 16.56 -39.63
CA LEU A 680 33.68 15.72 -38.45
C LEU A 680 32.46 14.81 -38.61
N GLU A 681 31.29 15.42 -38.84
CA GLU A 681 30.06 14.65 -39.04
C GLU A 681 30.17 13.52 -40.05
N SER A 682 30.37 13.89 -41.31
CA SER A 682 30.42 12.92 -42.41
C SER A 682 31.49 11.84 -42.19
N GLN A 683 32.68 12.22 -41.76
CA GLN A 683 33.73 11.23 -41.52
C GLN A 683 33.32 10.23 -40.43
N ILE A 684 32.85 10.74 -39.28
CA ILE A 684 32.41 9.84 -38.21
C ILE A 684 31.27 8.93 -38.66
N THR A 685 30.37 9.47 -39.48
CA THR A 685 29.22 8.70 -39.97
C THR A 685 29.71 7.56 -40.86
N THR A 686 30.60 7.87 -41.79
CA THR A 686 31.22 6.85 -42.64
C THR A 686 31.90 5.80 -41.78
N LEU A 687 32.54 6.23 -40.69
CA LEU A 687 33.11 5.26 -39.73
C LEU A 687 32.08 4.29 -39.15
N ILE A 688 30.96 4.83 -38.66
CA ILE A 688 29.95 4.01 -38.00
C ILE A 688 29.19 3.09 -38.96
N VAL A 689 28.93 3.57 -40.16
CA VAL A 689 28.22 2.77 -41.16
C VAL A 689 29.06 1.60 -41.66
N SER A 690 30.35 1.83 -41.92
CA SER A 690 31.20 0.81 -42.53
C SER A 690 32.08 0.05 -41.53
N LYS A 691 31.73 0.11 -40.24
CA LYS A 691 32.47 -0.60 -39.19
C LYS A 691 32.50 -2.12 -39.45
N PRO A 692 33.52 -2.82 -38.92
CA PRO A 692 33.63 -4.27 -39.16
C PRO A 692 32.42 -5.07 -38.65
N GLU A 693 31.79 -4.61 -37.57
CA GLU A 693 30.66 -5.32 -36.96
C GLU A 693 29.48 -5.55 -37.91
N ARG A 694 29.35 -4.70 -38.92
CA ARG A 694 28.38 -4.99 -39.97
C ARG A 694 29.10 -5.72 -41.07
N LYS A 695 28.38 -6.61 -41.75
CA LYS A 695 28.99 -7.49 -42.73
C LYS A 695 29.57 -6.70 -43.91
N MET A 696 29.08 -5.48 -44.11
CA MET A 696 29.60 -4.71 -45.22
C MET A 696 31.02 -4.29 -44.90
N VAL A 697 31.96 -4.95 -45.56
CA VAL A 697 33.37 -4.63 -45.38
C VAL A 697 33.94 -4.49 -46.79
N LYS A 698 33.04 -4.28 -47.76
CA LYS A 698 33.46 -4.12 -49.13
C LYS A 698 32.86 -2.88 -49.79
N GLY A 699 33.57 -2.39 -50.80
CA GLY A 699 33.21 -1.17 -51.51
C GLY A 699 32.89 0.06 -50.66
N SER A 700 33.90 0.58 -49.95
CA SER A 700 33.72 1.79 -49.15
C SER A 700 35.04 2.59 -48.99
N GLY A 701 34.96 3.92 -49.07
CA GLY A 701 36.13 4.77 -48.98
C GLY A 701 35.87 6.17 -48.42
N PHE A 702 36.83 6.68 -47.66
CA PHE A 702 36.74 8.00 -47.02
C PHE A 702 37.08 9.24 -47.90
N HIS A 703 38.10 9.12 -48.74
CA HIS A 703 38.64 10.26 -49.47
C HIS A 703 37.69 10.87 -50.49
N LEU A 704 37.08 10.03 -51.30
CA LEU A 704 36.19 10.48 -52.35
C LEU A 704 35.02 11.26 -51.76
N ASP A 705 34.52 10.79 -50.62
CA ASP A 705 33.35 11.39 -50.01
C ASP A 705 33.59 12.80 -49.50
N LEU A 706 34.78 13.11 -48.97
CA LEU A 706 35.01 14.47 -48.47
C LEU A 706 35.00 15.46 -49.63
N LEU A 707 35.75 15.10 -50.68
CA LEU A 707 35.88 15.92 -51.87
C LEU A 707 34.52 16.13 -52.48
N LEU A 708 33.78 15.03 -52.62
CA LEU A 708 32.44 15.11 -53.18
C LEU A 708 31.55 15.98 -52.30
N VAL A 709 31.26 15.55 -51.08
CA VAL A 709 30.33 16.24 -50.19
C VAL A 709 30.61 17.73 -50.07
N VAL A 710 31.83 18.08 -49.67
CA VAL A 710 32.11 19.48 -49.46
C VAL A 710 32.33 20.23 -50.80
N GLY A 711 32.72 19.51 -51.84
CA GLY A 711 32.80 20.11 -53.17
C GLY A 711 31.44 20.58 -53.64
N MET A 712 30.49 19.64 -53.63
CA MET A 712 29.07 19.92 -53.80
C MET A 712 28.75 21.16 -52.98
N GLY A 713 29.12 21.13 -51.70
CA GLY A 713 28.90 22.26 -50.82
C GLY A 713 29.31 23.62 -51.37
N GLY A 714 30.58 23.74 -51.78
CA GLY A 714 31.07 24.97 -52.38
C GLY A 714 30.32 25.42 -53.62
N VAL A 715 30.11 24.48 -54.53
CA VAL A 715 29.42 24.80 -55.77
C VAL A 715 28.02 25.30 -55.49
N ALA A 716 27.31 24.54 -54.65
CA ALA A 716 25.96 24.88 -54.26
C ALA A 716 25.94 26.29 -53.72
N ALA A 717 26.88 26.59 -52.82
CA ALA A 717 26.96 27.95 -52.27
C ALA A 717 27.05 28.97 -53.40
N LEU A 718 27.79 28.62 -54.45
CA LEU A 718 27.90 29.53 -55.59
C LEU A 718 26.53 29.74 -56.24
N PHE A 719 25.71 28.70 -56.29
CA PHE A 719 24.40 28.88 -56.89
C PHE A 719 23.33 29.33 -55.89
N GLY A 720 23.74 29.77 -54.72
CA GLY A 720 22.79 30.22 -53.72
C GLY A 720 21.97 29.06 -53.21
N MET A 721 22.66 27.94 -53.07
CA MET A 721 22.11 26.71 -52.53
C MET A 721 22.74 26.46 -51.18
N PRO A 722 22.10 25.62 -50.39
CA PRO A 722 22.75 25.23 -49.14
C PRO A 722 23.79 24.13 -49.35
N TRP A 723 24.90 24.22 -48.64
CA TRP A 723 25.84 23.11 -48.62
C TRP A 723 25.25 22.05 -47.71
N LEU A 724 25.62 20.79 -47.94
CA LEU A 724 25.14 19.69 -47.12
C LEU A 724 26.27 18.82 -46.57
N SER A 725 26.02 18.16 -45.44
CA SER A 725 26.90 17.09 -44.95
C SER A 725 26.20 15.73 -44.98
N ALA A 726 26.91 14.70 -44.58
CA ALA A 726 26.34 13.37 -44.47
C ALA A 726 25.74 13.22 -43.09
N THR A 727 24.47 12.88 -43.03
CA THR A 727 23.76 12.76 -41.75
C THR A 727 24.11 11.45 -41.06
N THR A 728 24.14 11.45 -39.73
CA THR A 728 24.34 10.22 -38.96
C THR A 728 23.09 9.32 -38.98
N VAL A 729 22.01 9.77 -38.34
CA VAL A 729 20.82 8.94 -38.13
C VAL A 729 20.27 8.47 -39.47
N ARG A 730 20.17 9.41 -40.39
CA ARG A 730 19.65 9.12 -41.71
C ARG A 730 20.45 8.03 -42.41
N SER A 731 21.77 8.20 -42.47
CA SER A 731 22.63 7.22 -43.11
C SER A 731 22.51 5.86 -42.45
N VAL A 732 22.59 5.84 -41.13
CA VAL A 732 22.49 4.61 -40.37
C VAL A 732 21.20 3.85 -40.68
N THR A 733 20.04 4.52 -40.57
CA THR A 733 18.80 3.81 -40.84
C THR A 733 18.67 3.48 -42.33
N HIS A 734 19.36 4.21 -43.20
CA HIS A 734 19.39 3.83 -44.61
C HIS A 734 20.23 2.57 -44.79
N ALA A 735 21.18 2.37 -43.88
CA ALA A 735 22.04 1.20 -43.91
C ALA A 735 21.29 -0.03 -43.38
N ASN A 736 20.60 0.14 -42.26
CA ASN A 736 19.84 -0.92 -41.62
C ASN A 736 18.71 -1.43 -42.50
N ALA A 737 18.56 -0.81 -43.66
CA ALA A 737 17.30 -0.88 -44.35
C ALA A 737 16.92 -2.14 -45.15
N LEU A 738 17.72 -2.78 -46.03
CA LEU A 738 19.15 -2.67 -46.44
C LEU A 738 20.12 -3.40 -45.51
N THR A 739 19.61 -4.04 -44.47
CA THR A 739 20.43 -4.97 -43.67
C THR A 739 19.64 -6.25 -43.40
N VAL A 740 20.32 -7.39 -43.47
CA VAL A 740 19.68 -8.67 -43.25
C VAL A 740 20.19 -9.23 -41.92
N MET A 741 19.32 -9.89 -41.16
CA MET A 741 19.75 -10.53 -39.92
C MET A 741 19.42 -12.02 -39.90
N ILE A 753 23.97 -11.87 -37.53
CA ILE A 753 24.01 -10.73 -38.45
C ILE A 753 24.23 -11.32 -39.86
N GLN A 754 23.81 -10.58 -40.88
CA GLN A 754 23.89 -11.03 -42.27
C GLN A 754 24.29 -9.88 -43.18
N GLU A 755 24.66 -10.18 -44.41
CA GLU A 755 25.14 -9.16 -45.36
C GLU A 755 24.09 -8.08 -45.64
N VAL A 756 24.59 -6.86 -45.80
CA VAL A 756 23.73 -5.73 -46.10
C VAL A 756 23.83 -5.47 -47.60
N LYS A 757 22.70 -5.13 -48.20
CA LYS A 757 22.65 -4.85 -49.63
C LYS A 757 23.17 -3.44 -49.94
N GLU A 758 24.13 -3.34 -50.85
CA GLU A 758 24.83 -2.07 -51.14
C GLU A 758 24.41 -1.50 -52.49
N GLN A 759 23.54 -0.50 -52.48
CA GLN A 759 23.04 0.07 -53.73
C GLN A 759 23.52 1.47 -54.02
N ARG A 760 23.53 1.80 -55.30
CA ARG A 760 23.56 3.17 -55.74
C ARG A 760 22.12 3.61 -55.98
N ILE A 761 21.27 2.62 -56.21
CA ILE A 761 19.90 2.85 -56.63
C ILE A 761 18.96 3.26 -55.49
N SER A 762 19.15 2.70 -54.30
CA SER A 762 18.34 3.11 -53.14
C SER A 762 18.44 4.63 -52.91
N GLY A 763 19.67 5.08 -52.71
CA GLY A 763 19.96 6.51 -52.57
C GLY A 763 19.51 7.33 -53.76
N LEU A 764 19.85 6.87 -54.95
CA LEU A 764 19.45 7.55 -56.18
C LEU A 764 17.96 7.83 -56.15
N LEU A 765 17.22 6.81 -55.76
CA LEU A 765 15.77 6.91 -55.76
C LEU A 765 15.24 7.84 -54.68
N VAL A 766 15.78 7.76 -53.46
CA VAL A 766 15.29 8.68 -52.43
C VAL A 766 15.58 10.12 -52.85
N ALA A 767 16.72 10.31 -53.51
CA ALA A 767 17.12 11.63 -53.98
C ALA A 767 16.13 12.18 -54.99
N VAL A 768 15.93 11.41 -56.05
CA VAL A 768 15.01 11.80 -57.11
C VAL A 768 13.64 12.09 -56.51
N LEU A 769 13.17 11.18 -55.68
CA LEU A 769 11.89 11.34 -54.99
C LEU A 769 11.76 12.65 -54.21
N VAL A 770 12.77 12.96 -53.41
CA VAL A 770 12.79 14.23 -52.68
C VAL A 770 12.64 15.35 -53.68
N GLY A 771 13.35 15.23 -54.80
CA GLY A 771 13.23 16.17 -55.90
C GLY A 771 11.79 16.38 -56.36
N LEU A 772 11.08 15.30 -56.61
CA LEU A 772 9.75 15.40 -57.20
C LEU A 772 8.65 15.58 -56.17
N SER A 773 9.04 15.64 -54.89
CA SER A 773 8.07 15.82 -53.80
C SER A 773 7.14 17.02 -54.05
N ILE A 774 7.65 18.01 -54.78
CA ILE A 774 6.87 19.13 -55.27
C ILE A 774 5.62 18.64 -55.98
N LEU A 775 5.84 17.76 -56.95
CA LEU A 775 4.75 17.16 -57.72
C LEU A 775 3.90 16.27 -56.85
N MET A 776 4.55 15.52 -55.97
CA MET A 776 3.85 14.56 -55.12
C MET A 776 2.96 15.22 -54.08
N GLU A 777 3.02 16.55 -54.00
CA GLU A 777 2.27 17.33 -53.01
C GLU A 777 0.87 16.78 -52.64
N PRO A 778 0.03 16.42 -53.63
CA PRO A 778 -1.28 15.90 -53.25
C PRO A 778 -1.23 14.64 -52.38
N ILE A 779 -0.29 13.75 -52.67
CA ILE A 779 -0.05 12.59 -51.83
C ILE A 779 0.47 13.01 -50.45
N LEU A 780 1.59 13.71 -50.45
CA LEU A 780 2.29 14.09 -49.24
C LEU A 780 1.42 14.91 -48.29
N SER A 781 0.38 15.52 -48.85
CA SER A 781 -0.57 16.35 -48.10
C SER A 781 -1.47 15.54 -47.17
N ARG A 782 -1.69 14.27 -47.49
CA ARG A 782 -2.57 13.42 -46.69
C ARG A 782 -1.84 12.76 -45.52
N ILE A 783 -0.51 12.86 -45.54
CA ILE A 783 0.32 12.18 -44.55
C ILE A 783 0.53 13.07 -43.34
N PRO A 784 -0.15 12.73 -42.23
CA PRO A 784 -0.08 13.52 -41.00
C PRO A 784 1.31 13.46 -40.38
N LEU A 785 1.82 14.60 -39.94
CA LEU A 785 3.14 14.70 -39.28
C LEU A 785 3.34 13.66 -38.18
N ALA A 786 2.42 13.64 -37.23
CA ALA A 786 2.43 12.71 -36.10
C ALA A 786 2.89 11.29 -36.50
N VAL A 787 2.39 10.79 -37.63
CA VAL A 787 2.83 9.51 -38.18
C VAL A 787 4.36 9.52 -38.40
N LEU A 788 4.86 10.57 -39.04
CA LEU A 788 6.30 10.62 -39.24
C LEU A 788 7.06 10.87 -37.91
N PHE A 789 6.36 11.36 -36.89
CA PHE A 789 6.95 11.49 -35.57
C PHE A 789 7.17 10.11 -35.01
N GLY A 790 6.19 9.24 -35.23
CA GLY A 790 6.34 7.85 -34.85
C GLY A 790 7.51 7.20 -35.55
N ILE A 791 7.54 7.27 -36.88
CA ILE A 791 8.64 6.67 -37.62
C ILE A 791 9.95 7.19 -37.09
N PHE A 792 10.01 8.50 -36.87
CA PHE A 792 11.17 9.13 -36.26
C PHE A 792 11.60 8.44 -34.97
N LEU A 793 10.71 8.38 -34.00
CA LEU A 793 10.99 7.77 -32.70
C LEU A 793 11.57 6.37 -32.88
N TYR A 794 10.96 5.63 -33.81
CA TYR A 794 11.43 4.31 -34.22
C TYR A 794 12.86 4.35 -34.74
N MET A 795 13.14 5.32 -35.60
CA MET A 795 14.48 5.51 -36.16
C MET A 795 15.46 5.74 -35.03
N GLY A 796 14.99 6.49 -34.04
CA GLY A 796 15.80 6.87 -32.89
C GLY A 796 16.25 5.67 -32.12
N VAL A 797 15.28 4.83 -31.75
CA VAL A 797 15.57 3.67 -30.93
C VAL A 797 16.34 2.61 -31.75
N THR A 798 16.01 2.49 -33.03
CA THR A 798 16.71 1.58 -33.96
C THR A 798 18.18 1.94 -34.09
N SER A 799 18.42 3.25 -34.19
CA SER A 799 19.76 3.79 -34.30
C SER A 799 20.58 3.47 -33.05
N LEU A 800 19.88 3.20 -31.95
CA LEU A 800 20.51 3.03 -30.67
C LEU A 800 21.13 1.64 -30.55
N SER A 801 21.09 0.88 -31.64
CA SER A 801 21.41 -0.55 -31.62
C SER A 801 22.89 -0.84 -31.46
N GLY A 802 23.65 -0.62 -32.52
CA GLY A 802 25.05 -1.04 -32.57
C GLY A 802 25.99 -0.31 -31.65
N ILE A 803 25.44 0.51 -30.76
CA ILE A 803 26.26 1.30 -29.87
C ILE A 803 26.63 0.47 -28.65
N GLN A 804 27.93 0.19 -28.50
CA GLN A 804 28.43 -0.49 -27.32
C GLN A 804 28.19 0.35 -26.07
N LEU A 805 28.44 1.66 -26.18
CA LEU A 805 28.22 2.55 -25.05
C LEU A 805 26.81 2.42 -24.52
N PHE A 806 25.83 2.40 -25.42
CA PHE A 806 24.44 2.17 -25.03
C PHE A 806 24.30 0.85 -24.29
N ASP A 807 24.81 -0.21 -24.92
CA ASP A 807 24.80 -1.55 -24.34
C ASP A 807 25.26 -1.52 -22.90
N ARG A 808 26.32 -0.77 -22.64
CA ARG A 808 26.93 -0.72 -21.32
C ARG A 808 26.10 0.11 -20.37
N ILE A 809 25.60 1.27 -20.83
CA ILE A 809 24.74 2.09 -19.98
C ILE A 809 23.64 1.19 -19.45
N LEU A 810 23.03 0.45 -20.37
CA LEU A 810 22.06 -0.58 -20.01
C LEU A 810 22.62 -1.52 -18.97
N LEU A 811 23.76 -2.12 -19.30
CA LEU A 811 24.42 -3.10 -18.44
C LEU A 811 24.63 -2.62 -17.01
N LEU A 812 24.75 -1.32 -16.82
CA LEU A 812 24.90 -0.75 -15.49
C LEU A 812 23.62 -0.97 -14.69
N PHE A 813 22.48 -0.75 -15.34
CA PHE A 813 21.21 -0.99 -14.67
C PHE A 813 20.88 -2.48 -14.55
N LYS A 814 21.74 -3.35 -15.10
CA LYS A 814 21.47 -4.78 -15.11
C LYS A 814 22.25 -5.33 -13.95
N PRO A 815 21.73 -6.38 -13.31
CA PRO A 815 22.49 -7.03 -12.23
C PRO A 815 23.81 -7.57 -12.73
N PRO A 816 24.80 -7.66 -11.85
CA PRO A 816 26.11 -8.20 -12.25
C PRO A 816 26.07 -9.69 -12.55
N LYS A 817 24.93 -10.34 -12.33
CA LYS A 817 24.74 -11.74 -12.68
C LYS A 817 24.86 -11.98 -14.20
N TYR A 818 24.43 -11.01 -15.00
CA TYR A 818 24.49 -11.14 -16.46
C TYR A 818 25.76 -10.59 -17.07
N HIS A 819 26.25 -11.34 -18.06
CA HIS A 819 27.60 -11.23 -18.58
C HIS A 819 27.57 -10.92 -20.07
N PRO A 820 28.73 -10.55 -20.63
CA PRO A 820 28.84 -10.29 -22.06
C PRO A 820 29.41 -11.48 -22.84
N ASP A 821 29.61 -11.29 -24.14
CA ASP A 821 30.31 -12.24 -24.99
C ASP A 821 31.72 -12.41 -24.46
N VAL A 822 32.27 -11.31 -23.95
CA VAL A 822 33.65 -11.27 -23.52
C VAL A 822 33.75 -11.25 -21.99
N PRO A 823 34.08 -12.42 -21.37
CA PRO A 823 34.16 -12.50 -19.91
C PRO A 823 35.17 -11.50 -19.35
N TYR A 824 36.18 -11.16 -20.16
CA TYR A 824 37.27 -10.31 -19.73
C TYR A 824 36.72 -8.98 -19.28
N VAL A 825 35.85 -8.37 -20.09
CA VAL A 825 35.47 -6.98 -19.87
C VAL A 825 34.67 -6.77 -18.59
N LYS A 826 33.68 -7.62 -18.30
CA LYS A 826 32.97 -7.48 -17.03
C LYS A 826 33.74 -8.01 -15.82
N ARG A 827 34.41 -9.15 -15.97
CA ARG A 827 35.12 -9.73 -14.83
C ARG A 827 36.28 -8.84 -14.35
N VAL A 828 36.98 -8.20 -15.29
CA VAL A 828 38.10 -7.32 -14.95
C VAL A 828 37.57 -6.01 -14.38
N LYS A 829 36.30 -5.76 -14.62
CA LYS A 829 35.76 -4.45 -14.34
C LYS A 829 34.32 -4.51 -13.80
N THR A 830 34.08 -5.29 -12.75
CA THR A 830 32.71 -5.44 -12.23
C THR A 830 32.23 -4.08 -11.68
N TRP A 831 33.20 -3.26 -11.23
CA TRP A 831 32.94 -1.88 -10.80
C TRP A 831 33.52 -0.90 -11.82
N ARG A 832 34.72 -1.21 -12.30
CA ARG A 832 35.48 -0.34 -13.20
C ARG A 832 34.82 -0.08 -14.58
N MET A 833 34.19 -1.09 -15.15
CA MET A 833 33.46 -0.95 -16.41
C MET A 833 32.48 0.20 -16.24
N HIS A 834 31.72 0.16 -15.15
CA HIS A 834 30.79 1.23 -14.81
C HIS A 834 31.47 2.61 -14.69
N LEU A 835 32.75 2.65 -14.32
CA LEU A 835 33.48 3.92 -14.31
C LEU A 835 33.83 4.41 -15.72
N PHE A 836 34.26 3.49 -16.57
CA PHE A 836 34.63 3.82 -17.95
C PHE A 836 33.40 4.32 -18.68
N THR A 837 32.35 3.52 -18.63
CA THR A 837 31.03 3.91 -19.09
C THR A 837 30.60 5.21 -18.42
N GLY A 838 31.02 5.42 -17.15
CA GLY A 838 30.73 6.66 -16.46
C GLY A 838 31.39 7.90 -17.06
N ILE A 839 32.62 7.76 -17.51
CA ILE A 839 33.34 8.84 -18.18
C ILE A 839 32.65 9.10 -19.50
N GLN A 840 32.31 8.03 -20.21
CA GLN A 840 31.44 8.17 -21.38
C GLN A 840 30.25 9.08 -21.06
N ILE A 841 29.51 8.72 -20.02
CA ILE A 841 28.33 9.48 -19.59
C ILE A 841 28.68 10.95 -19.33
N ILE A 842 29.80 11.21 -18.66
CA ILE A 842 30.14 12.58 -18.27
C ILE A 842 30.53 13.40 -19.52
N CYS A 843 31.17 12.76 -20.49
CA CYS A 843 31.45 13.41 -21.78
C CYS A 843 30.16 13.77 -22.44
N LEU A 844 29.29 12.78 -22.53
CA LEU A 844 27.96 12.93 -23.06
C LEU A 844 27.32 14.18 -22.48
N ALA A 845 27.41 14.33 -21.17
CA ALA A 845 26.90 15.51 -20.48
C ALA A 845 27.54 16.78 -21.00
N VAL A 846 28.88 16.85 -20.94
CA VAL A 846 29.60 18.04 -21.43
C VAL A 846 29.12 18.47 -22.81
N LEU A 847 29.24 17.57 -23.77
CA LEU A 847 28.81 17.82 -25.12
C LEU A 847 27.35 18.20 -25.16
N TRP A 848 26.54 17.70 -24.23
CA TRP A 848 25.12 18.02 -24.22
C TRP A 848 24.82 19.44 -23.70
N VAL A 849 25.70 19.96 -22.85
CA VAL A 849 25.55 21.35 -22.37
C VAL A 849 26.20 22.35 -23.33
N VAL A 850 27.32 21.95 -23.93
CA VAL A 850 28.00 22.75 -24.94
C VAL A 850 27.00 23.00 -26.04
N LYS A 851 26.51 21.90 -26.61
CA LYS A 851 25.52 21.91 -27.68
C LYS A 851 24.21 22.57 -27.25
N SER A 852 24.05 22.80 -25.95
CA SER A 852 22.86 23.45 -25.42
C SER A 852 22.80 24.98 -25.66
N THR A 853 23.97 25.60 -25.77
CA THR A 853 24.07 27.06 -25.95
C THR A 853 23.99 27.48 -27.41
N PRO A 854 23.70 28.76 -27.69
CA PRO A 854 24.12 29.21 -29.03
C PRO A 854 25.66 29.20 -29.19
N ALA A 855 26.39 28.89 -28.12
CA ALA A 855 27.80 28.53 -28.23
C ALA A 855 28.02 27.14 -28.85
N SER A 856 26.93 26.46 -29.19
CA SER A 856 26.96 25.08 -29.67
C SER A 856 27.84 24.83 -30.89
N LEU A 857 28.07 25.88 -31.68
CA LEU A 857 28.86 25.70 -32.89
C LEU A 857 30.28 25.33 -32.51
N ALA A 858 30.64 25.56 -31.25
CA ALA A 858 31.97 25.19 -30.75
C ALA A 858 32.16 23.67 -30.76
N LEU A 859 31.03 22.96 -30.68
CA LEU A 859 31.00 21.52 -30.40
C LEU A 859 32.05 20.64 -31.07
N PRO A 860 32.17 20.66 -32.42
CA PRO A 860 33.06 19.71 -33.08
C PRO A 860 34.47 19.74 -32.54
N PHE A 861 34.84 20.88 -31.95
CA PHE A 861 36.09 21.00 -31.23
C PHE A 861 36.00 20.25 -29.92
N VAL A 862 34.97 20.58 -29.13
CA VAL A 862 34.78 19.99 -27.81
C VAL A 862 34.81 18.48 -27.93
N LEU A 863 34.15 17.95 -28.96
CA LEU A 863 34.07 16.51 -29.17
C LEU A 863 35.47 15.89 -29.33
N ILE A 864 36.34 16.53 -30.08
CA ILE A 864 37.71 16.05 -30.18
C ILE A 864 38.41 16.34 -28.87
N LEU A 865 38.22 17.57 -28.39
CA LEU A 865 38.80 18.02 -27.12
C LEU A 865 38.56 17.00 -26.02
N THR A 866 37.30 16.63 -25.85
CA THR A 866 36.96 15.53 -24.96
C THR A 866 37.75 14.29 -25.38
N VAL A 867 37.51 13.75 -26.57
CA VAL A 867 37.85 12.36 -26.77
C VAL A 867 39.35 12.06 -27.01
N PRO A 868 39.98 12.48 -28.13
CA PRO A 868 41.40 12.08 -28.13
C PRO A 868 42.29 12.66 -27.03
N LEU A 869 41.86 13.70 -26.31
CA LEU A 869 42.57 14.08 -25.09
C LEU A 869 42.30 13.05 -24.00
N ARG A 870 41.02 12.74 -23.79
CA ARG A 870 40.60 11.77 -22.79
C ARG A 870 41.33 10.48 -23.10
N ARG A 871 41.42 10.18 -24.40
CA ARG A 871 41.93 8.91 -24.92
C ARG A 871 43.45 8.84 -24.79
N VAL A 872 44.01 9.79 -24.06
CA VAL A 872 45.42 9.77 -23.69
C VAL A 872 45.55 9.83 -22.17
N LEU A 873 44.68 10.63 -21.55
CA LEU A 873 44.60 10.67 -20.09
C LEU A 873 43.83 9.46 -19.53
N LEU A 874 43.24 8.67 -20.41
CA LEU A 874 42.56 7.44 -20.01
C LEU A 874 43.57 6.32 -19.66
N PRO A 875 44.64 6.13 -20.47
CA PRO A 875 45.66 5.17 -20.04
C PRO A 875 46.30 5.47 -18.68
N LEU A 876 46.03 6.65 -18.14
CA LEU A 876 46.35 6.94 -16.74
C LEU A 876 45.53 6.03 -15.83
N ILE A 877 44.31 5.69 -16.28
CA ILE A 877 43.36 4.95 -15.45
C ILE A 877 43.59 3.43 -15.53
N PHE A 878 43.51 2.83 -16.72
CA PHE A 878 43.76 1.38 -16.83
C PHE A 878 44.74 1.05 -17.98
N ARG A 879 44.95 -0.23 -18.25
CA ARG A 879 46.09 -0.64 -19.05
C ARG A 879 45.75 -1.11 -20.47
N ASN A 880 46.81 -1.40 -21.23
CA ASN A 880 46.75 -1.78 -22.64
C ASN A 880 46.05 -3.10 -22.94
N VAL A 881 45.66 -3.84 -21.90
CA VAL A 881 44.84 -5.02 -22.10
C VAL A 881 43.43 -4.66 -21.68
N GLU A 882 43.34 -4.05 -20.50
CA GLU A 882 42.10 -3.59 -19.91
C GLU A 882 41.31 -2.70 -20.84
N LEU A 883 41.80 -1.48 -21.05
CA LEU A 883 41.13 -0.52 -21.92
C LEU A 883 41.00 -1.06 -23.35
N GLN A 884 41.99 -1.83 -23.78
CA GLN A 884 42.06 -2.39 -25.14
C GLN A 884 40.80 -3.17 -25.53
N CYS A 885 40.28 -3.97 -24.60
CA CYS A 885 39.11 -4.79 -24.86
C CYS A 885 37.80 -3.99 -24.82
N LEU A 886 37.89 -2.71 -24.44
CA LEU A 886 36.69 -1.87 -24.43
C LEU A 886 36.46 -1.16 -25.78
N ASP A 887 37.39 -1.30 -26.74
CA ASP A 887 37.18 -0.92 -28.14
C ASP A 887 38.28 -1.36 -29.10
N GLY B 381 -20.75 -37.67 1.77
CA GLY B 381 -19.67 -37.90 0.83
C GLY B 381 -18.80 -36.67 0.61
N LEU B 382 -19.35 -35.49 0.92
CA LEU B 382 -18.63 -34.22 0.81
C LEU B 382 -17.44 -34.15 1.77
N VAL B 383 -17.60 -34.82 2.91
CA VAL B 383 -16.63 -34.88 4.00
C VAL B 383 -15.17 -35.01 3.53
N ARG B 384 -14.96 -35.83 2.49
CA ARG B 384 -13.62 -36.04 1.91
C ARG B 384 -12.89 -34.72 1.75
N ASP B 385 -13.61 -33.69 1.29
CA ASP B 385 -13.04 -32.39 1.07
C ASP B 385 -12.80 -31.62 2.37
N ILE B 386 -13.78 -31.62 3.28
CA ILE B 386 -13.59 -30.95 4.56
C ILE B 386 -12.32 -31.49 5.19
N ARG B 387 -12.24 -32.82 5.29
CA ARG B 387 -11.08 -33.50 5.85
C ARG B 387 -9.81 -33.10 5.10
N ARG B 388 -9.90 -33.02 3.77
CA ARG B 388 -8.79 -32.52 2.95
C ARG B 388 -8.32 -31.16 3.44
N ARG B 389 -9.25 -30.22 3.52
CA ARG B 389 -8.84 -28.83 3.62
C ARG B 389 -8.66 -28.26 5.04
N TYR B 390 -9.52 -28.64 5.99
CA TYR B 390 -9.47 -28.03 7.32
C TYR B 390 -8.08 -28.06 8.01
N PRO B 391 -7.29 -29.13 7.84
CA PRO B 391 -5.93 -29.01 8.39
C PRO B 391 -5.10 -27.92 7.71
N TYR B 392 -5.15 -27.86 6.38
CA TYR B 392 -4.46 -26.82 5.65
C TYR B 392 -4.96 -25.44 6.09
N TYR B 393 -6.25 -25.37 6.48
CA TYR B 393 -6.92 -24.12 6.86
C TYR B 393 -6.18 -23.26 7.88
N LEU B 394 -5.87 -23.84 9.03
CA LEU B 394 -5.16 -23.12 10.09
C LEU B 394 -3.71 -22.81 9.72
N SER B 395 -3.28 -23.34 8.58
CA SER B 395 -1.99 -23.01 7.99
C SER B 395 -2.08 -21.88 6.95
N ASP B 396 -3.28 -21.69 6.41
CA ASP B 396 -3.47 -20.77 5.30
C ASP B 396 -3.62 -19.32 5.76
N ILE B 397 -3.60 -19.09 7.08
CA ILE B 397 -3.59 -17.74 7.60
C ILE B 397 -2.15 -17.25 7.69
N THR B 398 -1.24 -18.17 8.00
CA THR B 398 0.19 -17.85 8.08
C THR B 398 0.79 -17.73 6.68
N ASP B 399 0.24 -18.49 5.74
CA ASP B 399 0.68 -18.54 4.35
C ASP B 399 0.52 -17.18 3.65
N ALA B 400 -0.17 -16.25 4.32
CA ALA B 400 -0.72 -15.06 3.68
C ALA B 400 0.05 -13.76 3.93
N PHE B 401 1.17 -13.84 4.64
CA PHE B 401 1.78 -12.58 5.07
C PHE B 401 2.82 -12.07 4.05
N SER B 402 2.78 -12.62 2.83
CA SER B 402 3.69 -12.22 1.75
C SER B 402 3.27 -10.92 1.08
N PRO B 403 4.19 -10.28 0.35
CA PRO B 403 3.84 -9.05 -0.39
C PRO B 403 3.04 -9.33 -1.66
N GLN B 404 3.39 -10.42 -2.32
CA GLN B 404 2.71 -10.84 -3.54
C GLN B 404 1.24 -10.96 -3.26
N VAL B 405 0.96 -11.44 -2.06
CA VAL B 405 -0.37 -11.49 -1.50
C VAL B 405 -1.04 -10.13 -1.57
N LEU B 406 -0.42 -9.14 -0.94
CA LEU B 406 -0.96 -7.79 -0.89
C LEU B 406 -1.28 -7.24 -2.29
N ALA B 407 -0.29 -7.31 -3.19
CA ALA B 407 -0.47 -6.89 -4.58
C ALA B 407 -1.70 -7.56 -5.20
N ALA B 408 -1.75 -8.89 -5.04
CA ALA B 408 -2.90 -9.68 -5.46
C ALA B 408 -4.21 -9.14 -4.90
N VAL B 409 -4.21 -8.76 -3.62
CA VAL B 409 -5.40 -8.26 -2.95
C VAL B 409 -5.91 -7.02 -3.66
N ILE B 410 -5.01 -6.08 -3.95
CA ILE B 410 -5.39 -4.83 -4.63
C ILE B 410 -5.96 -5.11 -6.04
N PHE B 411 -5.16 -5.85 -6.81
CA PHE B 411 -5.53 -6.29 -8.16
C PHE B 411 -6.95 -6.88 -8.19
N ILE B 412 -7.13 -7.97 -7.45
CA ILE B 412 -8.39 -8.70 -7.43
C ILE B 412 -9.50 -7.85 -6.81
N TYR B 413 -9.14 -6.89 -5.97
CA TYR B 413 -10.13 -6.00 -5.38
C TYR B 413 -10.80 -5.20 -6.49
N PHE B 414 -9.98 -4.65 -7.36
CA PHE B 414 -10.57 -3.93 -8.50
C PHE B 414 -11.28 -4.88 -9.48
N ALA B 415 -10.66 -6.03 -9.74
CA ALA B 415 -11.18 -7.00 -10.71
C ALA B 415 -12.55 -7.54 -10.29
N ALA B 416 -12.82 -7.47 -9.00
CA ALA B 416 -14.09 -7.92 -8.45
C ALA B 416 -15.05 -6.74 -8.30
N LEU B 417 -14.52 -5.57 -7.93
CA LEU B 417 -15.39 -4.43 -7.65
C LEU B 417 -16.01 -3.89 -8.93
N SER B 418 -15.21 -3.71 -9.98
CA SER B 418 -15.71 -3.12 -11.24
C SER B 418 -16.95 -3.87 -11.79
N PRO B 419 -16.88 -5.21 -11.89
CA PRO B 419 -18.10 -5.88 -12.34
C PRO B 419 -19.24 -5.82 -11.30
N ALA B 420 -18.90 -5.74 -10.01
CA ALA B 420 -19.92 -5.55 -8.98
C ALA B 420 -20.73 -4.27 -9.22
N ILE B 421 -20.01 -3.17 -9.42
CA ILE B 421 -20.61 -1.88 -9.77
C ILE B 421 -21.44 -2.00 -11.04
N THR B 422 -20.78 -2.28 -12.17
CA THR B 422 -21.44 -2.31 -13.48
C THR B 422 -22.67 -3.22 -13.54
N PHE B 423 -22.48 -4.46 -13.10
CA PHE B 423 -23.55 -5.45 -13.07
C PHE B 423 -24.65 -5.04 -12.12
N GLY B 424 -24.26 -4.52 -10.95
CA GLY B 424 -25.24 -4.01 -10.01
C GLY B 424 -26.14 -3.00 -10.68
N GLY B 425 -25.52 -2.06 -11.39
CA GLY B 425 -26.24 -1.02 -12.09
C GLY B 425 -27.19 -1.57 -13.13
N LEU B 426 -26.70 -2.51 -13.94
CA LEU B 426 -27.54 -3.10 -14.97
C LEU B 426 -28.74 -3.76 -14.31
N LEU B 427 -28.45 -4.50 -13.26
CA LEU B 427 -29.41 -5.28 -12.49
C LEU B 427 -30.50 -4.38 -11.91
N GLY B 428 -30.11 -3.14 -11.61
CA GLY B 428 -31.06 -2.16 -11.11
C GLY B 428 -31.95 -1.64 -12.21
N GLU B 429 -31.35 -1.28 -13.34
CA GLU B 429 -32.11 -0.77 -14.49
C GLU B 429 -33.11 -1.78 -15.03
N LYS B 430 -32.68 -3.03 -15.10
CA LYS B 430 -33.54 -4.08 -15.62
C LYS B 430 -34.74 -4.30 -14.70
N THR B 431 -34.49 -4.40 -13.40
CA THR B 431 -35.55 -4.71 -12.44
C THR B 431 -36.20 -3.47 -11.86
N ARG B 432 -35.94 -2.32 -12.47
CA ARG B 432 -36.47 -1.05 -11.98
C ARG B 432 -36.25 -0.87 -10.48
N ASN B 433 -35.04 -1.20 -10.03
CA ASN B 433 -34.55 -0.97 -8.66
C ASN B 433 -35.10 -1.91 -7.59
N GLN B 434 -35.73 -3.00 -8.01
CA GLN B 434 -36.22 -3.99 -7.05
C GLN B 434 -35.05 -4.87 -6.58
N MET B 435 -34.09 -5.06 -7.48
CA MET B 435 -32.86 -5.78 -7.20
C MET B 435 -31.70 -4.93 -7.73
N GLY B 436 -31.07 -4.16 -6.84
CA GLY B 436 -30.11 -3.14 -7.24
C GLY B 436 -28.64 -3.33 -6.89
N VAL B 437 -27.88 -2.24 -7.04
CA VAL B 437 -26.44 -2.25 -6.82
C VAL B 437 -26.08 -2.72 -5.43
N SER B 438 -26.59 -2.01 -4.43
CA SER B 438 -26.15 -2.20 -3.07
C SER B 438 -26.44 -3.63 -2.60
N GLU B 439 -27.53 -4.21 -3.10
CA GLU B 439 -27.85 -5.61 -2.85
C GLU B 439 -26.73 -6.54 -3.35
N LEU B 440 -26.30 -6.33 -4.59
CA LEU B 440 -25.22 -7.12 -5.16
C LEU B 440 -23.91 -6.90 -4.41
N LEU B 441 -23.67 -5.67 -4.00
CA LEU B 441 -22.49 -5.37 -3.18
C LEU B 441 -22.47 -6.17 -1.88
N ILE B 442 -23.58 -6.09 -1.14
CA ILE B 442 -23.73 -6.81 0.13
C ILE B 442 -23.53 -8.30 -0.07
N SER B 443 -24.29 -8.85 -1.01
CA SER B 443 -24.22 -10.27 -1.30
C SER B 443 -22.79 -10.69 -1.64
N THR B 444 -22.17 -9.97 -2.58
CA THR B 444 -20.82 -10.29 -3.01
C THR B 444 -19.84 -10.29 -1.85
N ALA B 445 -19.97 -9.27 -1.00
CA ALA B 445 -19.12 -9.12 0.17
C ALA B 445 -19.30 -10.25 1.18
N VAL B 446 -20.52 -10.42 1.67
CA VAL B 446 -20.83 -11.42 2.68
C VAL B 446 -20.48 -12.82 2.15
N GLN B 447 -21.14 -13.24 1.07
CA GLN B 447 -20.84 -14.51 0.42
C GLN B 447 -19.33 -14.71 0.23
N GLY B 448 -18.66 -13.66 -0.23
CA GLY B 448 -17.23 -13.68 -0.40
C GLY B 448 -16.48 -14.03 0.88
N ILE B 449 -16.80 -13.33 1.96
CA ILE B 449 -16.18 -13.59 3.26
C ILE B 449 -16.42 -15.02 3.72
N LEU B 450 -17.70 -15.39 3.75
CA LEU B 450 -18.11 -16.71 4.18
C LEU B 450 -17.39 -17.83 3.41
N PHE B 451 -17.52 -17.83 2.08
CA PHE B 451 -16.88 -18.86 1.27
C PHE B 451 -15.36 -18.84 1.43
N ALA B 452 -14.80 -17.63 1.52
CA ALA B 452 -13.37 -17.47 1.77
C ALA B 452 -12.96 -18.26 3.01
N LEU B 453 -13.74 -18.13 4.07
CA LEU B 453 -13.46 -18.82 5.31
C LEU B 453 -13.68 -20.35 5.22
N LEU B 454 -14.87 -20.75 4.75
CA LEU B 454 -15.31 -22.15 4.84
C LEU B 454 -15.08 -23.00 3.58
N GLY B 455 -14.57 -22.39 2.52
CA GLY B 455 -14.45 -23.07 1.23
C GLY B 455 -13.41 -24.16 1.13
N ALA B 456 -13.65 -25.09 0.21
CA ALA B 456 -12.66 -26.11 -0.09
C ALA B 456 -11.61 -25.51 -1.03
N GLN B 457 -11.96 -24.41 -1.70
CA GLN B 457 -11.07 -23.74 -2.65
C GLN B 457 -11.13 -22.21 -2.48
N PRO B 458 -10.39 -21.66 -1.50
CA PRO B 458 -10.35 -20.22 -1.17
C PRO B 458 -9.75 -19.33 -2.25
N LEU B 459 -9.28 -19.93 -3.34
CA LEU B 459 -8.81 -19.16 -4.48
C LEU B 459 -9.99 -18.69 -5.32
N LEU B 460 -11.06 -19.50 -5.33
CA LEU B 460 -12.30 -19.12 -6.01
C LEU B 460 -12.80 -17.79 -5.49
N VAL B 461 -13.18 -16.91 -6.40
CA VAL B 461 -13.79 -15.66 -6.02
C VAL B 461 -15.21 -15.62 -6.56
N VAL B 462 -16.15 -15.31 -5.67
CA VAL B 462 -17.56 -15.41 -5.96
C VAL B 462 -18.12 -14.04 -6.28
N GLY B 463 -18.81 -13.94 -7.41
CA GLY B 463 -19.36 -12.68 -7.88
C GLY B 463 -20.45 -12.84 -8.92
N PHE B 464 -21.15 -11.75 -9.23
CA PHE B 464 -22.20 -11.80 -10.23
C PHE B 464 -21.62 -12.08 -11.62
N SER B 465 -22.45 -12.64 -12.51
CA SER B 465 -22.01 -12.93 -13.87
C SER B 465 -23.08 -12.55 -14.86
N GLY B 466 -22.69 -12.51 -16.14
CA GLY B 466 -23.60 -12.18 -17.23
C GLY B 466 -24.83 -13.05 -17.35
N PRO B 467 -24.64 -14.38 -17.38
CA PRO B 467 -25.75 -15.33 -17.38
C PRO B 467 -26.78 -15.04 -16.29
N LEU B 468 -26.29 -14.87 -15.07
CA LEU B 468 -27.16 -14.56 -13.93
C LEU B 468 -28.01 -13.33 -14.21
N LEU B 469 -27.38 -12.31 -14.79
CA LEU B 469 -28.09 -11.09 -15.21
C LEU B 469 -29.18 -11.38 -16.24
N VAL B 470 -28.83 -12.15 -17.27
CA VAL B 470 -29.79 -12.53 -18.31
C VAL B 470 -31.00 -13.15 -17.65
N PHE B 471 -30.76 -14.05 -16.69
CA PHE B 471 -31.86 -14.71 -16.01
C PHE B 471 -32.66 -13.75 -15.13
N GLU B 472 -32.01 -12.85 -14.41
CA GLU B 472 -32.73 -11.89 -13.58
C GLU B 472 -33.69 -11.09 -14.43
N GLU B 473 -33.17 -10.57 -15.54
CA GLU B 473 -33.99 -9.85 -16.52
C GLU B 473 -35.18 -10.69 -16.99
N ALA B 474 -34.89 -11.92 -17.40
CA ALA B 474 -35.92 -12.83 -17.88
C ALA B 474 -37.03 -13.03 -16.85
N PHE B 475 -36.64 -13.51 -15.67
CA PHE B 475 -37.56 -13.86 -14.60
C PHE B 475 -38.33 -12.63 -14.11
N PHE B 476 -37.69 -11.46 -14.15
CA PHE B 476 -38.39 -10.23 -13.78
C PHE B 476 -39.48 -9.91 -14.78
N SER B 477 -39.10 -9.87 -16.05
CA SER B 477 -40.04 -9.61 -17.14
C SER B 477 -41.24 -10.55 -17.02
N PHE B 478 -40.97 -11.85 -17.01
CA PHE B 478 -42.01 -12.84 -16.78
C PHE B 478 -42.89 -12.54 -15.56
N CYS B 479 -42.27 -12.49 -14.38
CA CYS B 479 -43.00 -12.27 -13.12
C CYS B 479 -43.95 -11.10 -13.19
N GLU B 480 -43.43 -9.97 -13.69
CA GLU B 480 -44.21 -8.74 -13.72
C GLU B 480 -45.28 -8.78 -14.81
N THR B 481 -44.99 -9.44 -15.92
CA THR B 481 -45.97 -9.67 -16.98
C THR B 481 -47.22 -10.31 -16.38
N ASN B 482 -46.96 -11.44 -15.74
CA ASN B 482 -47.95 -12.22 -15.05
C ASN B 482 -48.29 -11.65 -13.67
N GLY B 483 -47.79 -10.46 -13.38
CA GLY B 483 -48.09 -9.78 -12.13
C GLY B 483 -47.68 -10.53 -10.88
N LEU B 484 -46.51 -11.14 -10.91
CA LEU B 484 -45.99 -11.85 -9.75
C LEU B 484 -45.03 -10.97 -8.97
N GLU B 485 -45.08 -11.03 -7.65
CA GLU B 485 -44.14 -10.25 -6.87
C GLU B 485 -42.73 -10.80 -7.10
N TYR B 486 -41.96 -10.03 -7.86
CA TYR B 486 -40.70 -10.48 -8.46
C TYR B 486 -39.73 -11.02 -7.44
N ILE B 487 -39.57 -10.25 -6.37
CA ILE B 487 -38.63 -10.57 -5.31
C ILE B 487 -39.07 -11.83 -4.55
N VAL B 488 -40.38 -12.05 -4.42
CA VAL B 488 -40.91 -13.22 -3.75
C VAL B 488 -40.67 -14.49 -4.60
N GLY B 489 -41.04 -14.43 -5.88
CA GLY B 489 -40.87 -15.56 -6.77
C GLY B 489 -39.40 -15.90 -6.81
N ARG B 490 -38.60 -14.84 -6.75
CA ARG B 490 -37.17 -14.96 -6.54
C ARG B 490 -36.84 -15.83 -5.32
N VAL B 491 -37.44 -15.50 -4.17
CA VAL B 491 -37.25 -16.26 -2.92
C VAL B 491 -37.53 -17.75 -3.10
N TRP B 492 -38.62 -18.05 -3.80
CA TRP B 492 -39.02 -19.44 -4.02
C TRP B 492 -38.02 -20.18 -4.90
N ILE B 493 -37.51 -19.49 -5.93
CA ILE B 493 -36.42 -20.05 -6.72
C ILE B 493 -35.28 -20.41 -5.75
N GLY B 494 -35.06 -19.54 -4.76
CA GLY B 494 -34.05 -19.78 -3.74
C GLY B 494 -34.24 -21.03 -2.90
N PHE B 495 -35.45 -21.21 -2.36
CA PHE B 495 -35.79 -22.41 -1.59
C PHE B 495 -35.49 -23.65 -2.42
N TRP B 496 -36.01 -23.65 -3.65
CA TRP B 496 -35.78 -24.77 -4.56
C TRP B 496 -34.28 -25.03 -4.77
N LEU B 497 -33.50 -23.94 -4.89
CA LEU B 497 -32.05 -24.05 -4.99
C LEU B 497 -31.44 -24.77 -3.79
N ILE B 498 -31.84 -24.36 -2.58
CA ILE B 498 -31.38 -25.01 -1.36
C ILE B 498 -31.65 -26.50 -1.39
N LEU B 499 -32.88 -26.85 -1.78
CA LEU B 499 -33.27 -28.25 -1.90
C LEU B 499 -32.41 -29.03 -2.90
N LEU B 500 -32.43 -28.58 -4.15
CA LEU B 500 -31.63 -29.18 -5.23
C LEU B 500 -30.20 -29.41 -4.82
N VAL B 501 -29.63 -28.43 -4.12
CA VAL B 501 -28.26 -28.53 -3.66
C VAL B 501 -28.12 -29.63 -2.63
N VAL B 502 -28.98 -29.62 -1.61
CA VAL B 502 -28.90 -30.64 -0.58
C VAL B 502 -28.92 -32.03 -1.24
N LEU B 503 -29.83 -32.22 -2.20
CA LEU B 503 -29.91 -33.47 -2.94
C LEU B 503 -28.63 -33.82 -3.71
N VAL B 504 -28.29 -33.01 -4.70
CA VAL B 504 -27.15 -33.27 -5.59
C VAL B 504 -25.84 -33.44 -4.81
N VAL B 505 -25.70 -32.71 -3.69
CA VAL B 505 -24.50 -32.80 -2.85
C VAL B 505 -24.46 -34.09 -2.05
N ALA B 506 -25.53 -34.36 -1.30
CA ALA B 506 -25.57 -35.56 -0.46
C ALA B 506 -25.47 -36.81 -1.32
N PHE B 507 -25.98 -36.75 -2.54
CA PHE B 507 -25.84 -37.85 -3.51
C PHE B 507 -24.84 -37.57 -4.63
N GLU B 508 -23.54 -37.59 -4.29
CA GLU B 508 -22.44 -37.60 -5.27
C GLU B 508 -22.65 -36.80 -6.58
N GLY B 509 -22.86 -35.49 -6.48
CA GLY B 509 -23.06 -34.67 -7.68
C GLY B 509 -21.81 -34.52 -8.52
N SER B 510 -20.74 -34.11 -7.86
CA SER B 510 -19.45 -33.89 -8.49
C SER B 510 -18.94 -35.09 -9.25
N PHE B 511 -19.57 -36.24 -9.06
CA PHE B 511 -19.24 -37.44 -9.82
C PHE B 511 -19.24 -37.06 -11.28
N LEU B 512 -20.32 -36.42 -11.72
CA LEU B 512 -20.49 -36.09 -13.12
C LEU B 512 -19.34 -35.21 -13.58
N VAL B 513 -18.83 -34.39 -12.66
CA VAL B 513 -17.76 -33.44 -12.96
C VAL B 513 -16.50 -34.15 -13.44
N ARG B 514 -16.26 -35.35 -12.95
CA ARG B 514 -15.04 -36.07 -13.32
C ARG B 514 -15.07 -36.50 -14.80
N PHE B 515 -16.20 -36.25 -15.46
CA PHE B 515 -16.35 -36.57 -16.87
C PHE B 515 -16.23 -35.29 -17.72
N ILE B 516 -15.77 -34.22 -17.08
CA ILE B 516 -15.53 -32.95 -17.77
C ILE B 516 -14.07 -32.83 -18.15
N SER B 517 -13.78 -33.04 -19.43
CA SER B 517 -12.40 -33.13 -19.91
C SER B 517 -11.78 -31.78 -20.20
N ARG B 518 -10.57 -31.80 -20.72
CA ARG B 518 -9.90 -30.57 -21.13
C ARG B 518 -10.61 -30.02 -22.36
N TYR B 519 -11.00 -30.91 -23.26
CA TYR B 519 -11.70 -30.54 -24.47
C TYR B 519 -12.93 -29.68 -24.17
N THR B 520 -13.53 -29.86 -23.00
CA THR B 520 -14.56 -28.96 -22.48
C THR B 520 -13.95 -27.63 -22.02
N GLN B 521 -13.24 -27.72 -20.90
CA GLN B 521 -12.64 -26.60 -20.16
C GLN B 521 -11.99 -25.54 -21.05
N GLU B 522 -11.27 -26.01 -22.07
CA GLU B 522 -10.54 -25.12 -22.95
C GLU B 522 -11.50 -24.35 -23.88
N ILE B 523 -12.46 -25.07 -24.47
CA ILE B 523 -13.51 -24.43 -25.25
C ILE B 523 -14.22 -23.40 -24.40
N PHE B 524 -14.53 -23.79 -23.17
CA PHE B 524 -15.20 -22.92 -22.22
C PHE B 524 -14.42 -21.65 -21.92
N SER B 525 -13.25 -21.77 -21.28
CA SER B 525 -12.51 -20.60 -20.83
C SER B 525 -11.92 -19.79 -21.98
N PHE B 526 -11.80 -20.40 -23.16
CA PHE B 526 -11.38 -19.64 -24.33
C PHE B 526 -12.56 -18.82 -24.84
N LEU B 527 -13.74 -19.44 -24.87
CA LEU B 527 -14.96 -18.73 -25.22
C LEU B 527 -15.10 -17.54 -24.28
N ILE B 528 -14.97 -17.79 -22.98
CA ILE B 528 -15.12 -16.75 -21.99
C ILE B 528 -14.08 -15.66 -22.16
N SER B 529 -12.81 -16.01 -22.11
CA SER B 529 -11.75 -15.02 -22.27
C SER B 529 -12.02 -14.15 -23.52
N LEU B 530 -12.38 -14.79 -24.63
CA LEU B 530 -12.64 -14.08 -25.87
C LEU B 530 -13.78 -13.08 -25.72
N ILE B 531 -14.90 -13.56 -25.18
CA ILE B 531 -16.06 -12.71 -24.90
C ILE B 531 -15.69 -11.54 -23.96
N PHE B 532 -14.82 -11.82 -23.00
CA PHE B 532 -14.39 -10.85 -22.00
C PHE B 532 -13.63 -9.71 -22.66
N ILE B 533 -12.57 -10.09 -23.39
CA ILE B 533 -11.78 -9.15 -24.17
C ILE B 533 -12.66 -8.28 -25.08
N TYR B 534 -13.52 -8.97 -25.84
CA TYR B 534 -14.48 -8.34 -26.72
C TYR B 534 -15.33 -7.30 -26.00
N GLU B 535 -15.89 -7.70 -24.87
CA GLU B 535 -16.72 -6.83 -24.04
C GLU B 535 -15.98 -5.56 -23.64
N THR B 536 -14.76 -5.72 -23.11
CA THR B 536 -13.92 -4.59 -22.72
C THR B 536 -13.81 -3.58 -23.86
N PHE B 537 -13.39 -4.08 -25.02
CA PHE B 537 -13.29 -3.26 -26.20
C PHE B 537 -14.62 -2.55 -26.53
N SER B 538 -15.73 -3.27 -26.41
CA SER B 538 -17.05 -2.68 -26.64
C SER B 538 -17.32 -1.51 -25.70
N LYS B 539 -17.00 -1.66 -24.42
CA LYS B 539 -17.09 -0.53 -23.47
C LYS B 539 -16.32 0.69 -23.97
N LEU B 540 -15.06 0.47 -24.33
CA LEU B 540 -14.26 1.58 -24.86
C LEU B 540 -14.95 2.24 -26.06
N ILE B 541 -15.33 1.44 -27.05
CA ILE B 541 -15.89 2.02 -28.26
C ILE B 541 -17.26 2.66 -27.98
N LYS B 542 -17.93 2.21 -26.92
CA LYS B 542 -19.12 2.91 -26.42
C LYS B 542 -18.77 4.30 -26.00
N ILE B 543 -17.70 4.45 -25.19
CA ILE B 543 -17.23 5.79 -24.84
C ILE B 543 -16.99 6.60 -26.10
N PHE B 544 -16.42 5.97 -27.13
CA PHE B 544 -16.20 6.70 -28.37
C PHE B 544 -17.49 7.16 -29.04
N GLN B 545 -18.56 6.38 -28.87
CA GLN B 545 -19.86 6.75 -29.45
C GLN B 545 -20.56 7.85 -28.68
N ASP B 546 -20.47 7.78 -27.36
CA ASP B 546 -21.01 8.80 -26.48
C ASP B 546 -20.33 10.15 -26.70
N HIS B 547 -19.07 10.12 -27.12
CA HIS B 547 -18.31 11.34 -27.38
C HIS B 547 -17.42 11.20 -28.60
N PRO B 548 -18.02 11.23 -29.80
CA PRO B 548 -17.30 11.09 -31.06
C PRO B 548 -16.37 12.26 -31.36
N LEU B 549 -15.35 12.02 -32.17
CA LEU B 549 -14.45 13.11 -32.55
C LEU B 549 -15.18 14.02 -33.51
N GLN B 550 -15.28 15.29 -33.15
CA GLN B 550 -15.92 16.29 -34.01
C GLN B 550 -15.57 17.68 -33.50
N LYS B 551 -16.14 18.71 -34.10
CA LYS B 551 -15.87 20.09 -33.72
C LYS B 551 -17.06 20.65 -32.95
N THR B 552 -16.77 21.32 -31.82
CA THR B 552 -17.78 22.00 -30.98
C THR B 552 -18.51 20.92 -30.14
N TYR B 553 -19.40 21.26 -29.20
CA TYR B 553 -19.80 22.61 -28.77
C TYR B 553 -19.96 22.69 -27.25
N LEU B 567 -18.60 16.87 -23.69
CA LEU B 567 -18.44 15.87 -24.73
C LEU B 567 -17.04 15.82 -25.34
N PRO B 568 -16.45 16.97 -25.75
CA PRO B 568 -15.29 16.76 -26.62
C PRO B 568 -13.99 16.43 -25.90
N ASN B 569 -13.00 16.01 -26.69
CA ASN B 569 -11.65 15.70 -26.24
C ASN B 569 -11.58 14.53 -25.24
N THR B 570 -12.62 13.73 -25.08
CA THR B 570 -12.55 12.75 -23.99
C THR B 570 -12.36 11.33 -24.48
N ALA B 571 -13.00 10.96 -25.59
CA ALA B 571 -12.88 9.63 -26.16
C ALA B 571 -11.41 9.27 -26.34
N LEU B 572 -10.70 10.13 -27.04
CA LEU B 572 -9.27 9.97 -27.22
C LEU B 572 -8.57 9.74 -25.88
N LEU B 573 -8.78 10.64 -24.92
CA LEU B 573 -8.10 10.50 -23.64
C LEU B 573 -8.44 9.19 -22.94
N SER B 574 -9.68 8.71 -23.07
CA SER B 574 -10.02 7.43 -22.47
C SER B 574 -9.15 6.36 -23.09
N LEU B 575 -9.18 6.32 -24.42
CA LEU B 575 -8.37 5.39 -25.18
C LEU B 575 -6.94 5.39 -24.66
N VAL B 576 -6.35 6.57 -24.65
CA VAL B 576 -4.99 6.75 -24.18
C VAL B 576 -4.77 6.15 -22.81
N LEU B 577 -5.59 6.56 -21.85
CA LEU B 577 -5.50 6.04 -20.49
C LEU B 577 -5.47 4.50 -20.46
N MET B 578 -6.43 3.89 -21.16
CA MET B 578 -6.56 2.43 -21.24
C MET B 578 -5.29 1.81 -21.78
N ALA B 579 -4.92 2.25 -22.98
CA ALA B 579 -3.74 1.80 -23.70
C ALA B 579 -2.52 1.85 -22.79
N GLY B 580 -2.32 3.01 -22.17
CA GLY B 580 -1.23 3.24 -21.25
C GLY B 580 -1.20 2.27 -20.09
N THR B 581 -2.33 2.14 -19.40
CA THR B 581 -2.43 1.25 -18.25
C THR B 581 -2.03 -0.16 -18.66
N PHE B 582 -2.60 -0.62 -19.76
CA PHE B 582 -2.33 -1.96 -20.28
C PHE B 582 -0.85 -2.15 -20.54
N PHE B 583 -0.30 -1.19 -21.29
CA PHE B 583 1.12 -1.21 -21.65
C PHE B 583 2.00 -1.33 -20.41
N PHE B 584 1.72 -0.50 -19.40
CA PHE B 584 2.49 -0.54 -18.16
C PHE B 584 2.35 -1.86 -17.43
N ALA B 585 1.15 -2.41 -17.36
CA ALA B 585 0.97 -3.72 -16.76
C ALA B 585 1.91 -4.72 -17.44
N MET B 586 1.82 -4.78 -18.77
CA MET B 586 2.60 -5.72 -19.56
C MET B 586 4.11 -5.57 -19.31
N MET B 587 4.55 -4.32 -19.41
CA MET B 587 5.94 -3.96 -19.15
C MET B 587 6.38 -4.45 -17.78
N LEU B 588 5.70 -4.01 -16.72
CA LEU B 588 6.06 -4.44 -15.38
C LEU B 588 6.15 -5.96 -15.20
N ARG B 589 5.21 -6.70 -15.80
CA ARG B 589 5.26 -8.17 -15.82
C ARG B 589 6.58 -8.70 -16.40
N LYS B 590 6.89 -8.22 -17.60
CA LYS B 590 8.11 -8.58 -18.30
C LYS B 590 9.37 -8.21 -17.47
N PHE B 591 9.34 -7.01 -16.88
CA PHE B 591 10.35 -6.55 -15.93
C PHE B 591 10.56 -7.52 -14.79
N LYS B 592 9.46 -8.10 -14.32
CA LYS B 592 9.51 -9.01 -13.18
C LYS B 592 10.22 -10.27 -13.60
N ASN B 593 10.00 -10.68 -14.85
CA ASN B 593 10.66 -11.89 -15.36
C ASN B 593 11.98 -11.67 -16.13
N SER B 594 12.29 -10.42 -16.49
CA SER B 594 13.51 -10.10 -17.26
C SER B 594 14.68 -9.67 -16.37
N SER B 595 15.89 -9.65 -16.93
CA SER B 595 17.13 -9.60 -16.16
C SER B 595 17.29 -8.36 -15.27
N TYR B 596 16.95 -7.17 -15.77
CA TYR B 596 17.29 -5.90 -15.13
C TYR B 596 16.85 -5.79 -13.68
N PHE B 597 17.63 -5.07 -12.87
CA PHE B 597 17.31 -4.76 -11.47
C PHE B 597 17.55 -5.96 -10.56
N PRO B 598 17.74 -5.70 -9.24
CA PRO B 598 18.15 -6.79 -8.36
C PRO B 598 17.08 -7.38 -7.40
N GLY B 599 16.87 -8.71 -7.45
CA GLY B 599 16.17 -9.45 -6.39
C GLY B 599 14.78 -9.03 -5.96
N LYS B 600 14.62 -8.86 -4.64
CA LYS B 600 13.34 -8.49 -4.03
C LYS B 600 12.77 -7.22 -4.66
N LEU B 601 13.61 -6.23 -4.91
CA LEU B 601 13.17 -4.98 -5.55
C LEU B 601 12.44 -5.26 -6.85
N ARG B 602 13.08 -6.05 -7.71
CA ARG B 602 12.54 -6.40 -9.01
C ARG B 602 11.29 -7.27 -8.96
N ARG B 603 11.31 -8.26 -8.08
CA ARG B 603 10.22 -9.22 -7.97
C ARG B 603 8.98 -8.58 -7.35
N VAL B 604 9.20 -7.69 -6.40
CA VAL B 604 8.13 -6.98 -5.72
C VAL B 604 7.57 -5.90 -6.61
N ILE B 605 8.44 -5.11 -7.24
CA ILE B 605 7.99 -4.09 -8.19
C ILE B 605 7.18 -4.75 -9.31
N GLY B 606 7.64 -5.91 -9.77
CA GLY B 606 6.93 -6.64 -10.80
C GLY B 606 5.67 -7.34 -10.32
N ASP B 607 5.60 -7.63 -9.02
CA ASP B 607 4.42 -8.25 -8.43
C ASP B 607 3.34 -7.24 -8.24
N PHE B 608 3.75 -6.00 -8.08
CA PHE B 608 2.81 -4.91 -7.92
C PHE B 608 2.62 -4.26 -9.27
N GLY B 609 2.87 -5.02 -10.34
CA GLY B 609 2.76 -4.51 -11.69
C GLY B 609 1.45 -3.80 -11.98
N VAL B 610 0.38 -4.52 -11.70
CA VAL B 610 -0.96 -4.02 -11.91
C VAL B 610 -1.26 -2.79 -11.04
N PRO B 611 -1.09 -2.89 -9.70
CA PRO B 611 -1.41 -1.69 -8.91
C PRO B 611 -0.55 -0.48 -9.26
N ILE B 612 0.71 -0.71 -9.63
CA ILE B 612 1.60 0.39 -10.01
C ILE B 612 1.06 1.04 -11.26
N SER B 613 0.71 0.22 -12.26
CA SER B 613 0.12 0.72 -13.48
C SER B 613 -1.09 1.60 -13.18
N ILE B 614 -2.01 1.02 -12.41
CA ILE B 614 -3.25 1.69 -12.01
C ILE B 614 -2.93 3.04 -11.41
N LEU B 615 -2.01 3.04 -10.44
CA LEU B 615 -1.64 4.26 -9.74
C LEU B 615 -1.14 5.32 -10.72
N ILE B 616 -0.16 4.95 -11.52
CA ILE B 616 0.43 5.87 -12.49
C ILE B 616 -0.63 6.53 -13.35
N MET B 617 -1.39 5.72 -14.06
CA MET B 617 -2.39 6.27 -14.95
C MET B 617 -3.45 7.09 -14.22
N VAL B 618 -3.81 6.68 -12.99
CA VAL B 618 -4.76 7.46 -12.19
C VAL B 618 -4.15 8.86 -11.94
N LEU B 619 -2.85 8.91 -11.64
CA LEU B 619 -2.19 10.19 -11.45
C LEU B 619 -2.22 11.03 -12.71
N VAL B 620 -2.06 10.36 -13.85
CA VAL B 620 -2.13 11.04 -15.13
C VAL B 620 -3.49 11.69 -15.29
N ASP B 621 -4.56 10.94 -15.07
CA ASP B 621 -5.91 11.50 -15.17
C ASP B 621 -6.11 12.64 -14.16
N PHE B 622 -5.54 12.48 -12.97
CA PHE B 622 -5.64 13.46 -11.90
C PHE B 622 -5.06 14.81 -12.29
N PHE B 623 -3.85 14.78 -12.83
CA PHE B 623 -3.17 16.00 -13.21
C PHE B 623 -3.83 16.60 -14.46
N ILE B 624 -4.50 15.77 -15.25
CA ILE B 624 -5.30 16.28 -16.37
C ILE B 624 -6.66 16.67 -15.84
N GLN B 625 -6.82 17.97 -15.57
CA GLN B 625 -7.99 18.43 -14.85
C GLN B 625 -9.08 19.05 -15.72
N ASP B 626 -8.79 19.30 -16.98
CA ASP B 626 -9.74 20.05 -17.82
C ASP B 626 -10.56 19.17 -18.76
N THR B 627 -10.46 17.85 -18.61
CA THR B 627 -11.18 16.98 -19.52
C THR B 627 -11.89 15.88 -18.77
N TYR B 628 -13.15 15.66 -19.12
CA TYR B 628 -14.00 14.70 -18.41
C TYR B 628 -13.59 13.28 -18.73
N THR B 629 -13.59 12.45 -17.69
CA THR B 629 -13.33 11.01 -17.79
C THR B 629 -14.32 10.25 -16.92
N GLN B 630 -14.93 9.20 -17.47
CA GLN B 630 -15.82 8.34 -16.69
C GLN B 630 -15.02 7.65 -15.58
N LYS B 631 -15.49 7.79 -14.33
CA LYS B 631 -14.80 7.20 -13.18
C LYS B 631 -15.68 6.21 -12.40
N LEU B 632 -15.09 5.38 -11.54
CA LEU B 632 -15.89 4.40 -10.78
C LEU B 632 -16.88 5.07 -9.86
N SER B 633 -18.13 4.67 -9.96
CA SER B 633 -19.16 5.28 -9.16
C SER B 633 -19.73 4.30 -8.16
N VAL B 634 -19.61 4.65 -6.89
CA VAL B 634 -20.15 3.81 -5.85
C VAL B 634 -21.32 4.56 -5.26
N PRO B 635 -22.40 3.85 -4.95
CA PRO B 635 -23.51 4.51 -4.27
C PRO B 635 -23.04 5.11 -2.96
N ASP B 636 -23.61 6.24 -2.56
CA ASP B 636 -23.14 7.00 -1.41
C ASP B 636 -23.24 6.18 -0.12
N GLY B 637 -24.33 5.42 0.02
CA GLY B 637 -24.54 4.54 1.16
C GLY B 637 -25.53 3.44 0.84
N PHE B 638 -25.48 2.32 1.57
CA PHE B 638 -26.38 1.18 1.33
C PHE B 638 -27.87 1.56 1.41
N LYS B 639 -28.62 1.23 0.37
CA LYS B 639 -30.07 1.40 0.34
C LYS B 639 -30.68 0.21 -0.38
N VAL B 640 -31.97 0.28 -0.72
CA VAL B 640 -32.65 -0.78 -1.46
C VAL B 640 -33.37 -0.21 -2.69
N VAL B 649 -35.86 -9.49 5.73
CA VAL B 649 -36.29 -10.80 5.27
C VAL B 649 -37.61 -10.68 4.51
N ILE B 650 -37.71 -11.34 3.36
CA ILE B 650 -38.92 -11.29 2.55
C ILE B 650 -39.89 -12.36 3.01
N HIS B 651 -41.19 -12.06 2.98
CA HIS B 651 -42.18 -13.05 3.37
C HIS B 651 -42.56 -13.86 2.15
N PRO B 652 -42.26 -15.16 2.18
CA PRO B 652 -42.44 -16.07 1.03
C PRO B 652 -43.86 -16.13 0.47
N LEU B 653 -44.84 -15.61 1.20
CA LEU B 653 -46.23 -15.60 0.73
C LEU B 653 -46.57 -14.26 0.07
N GLY B 654 -45.59 -13.36 -0.01
CA GLY B 654 -45.73 -12.07 -0.67
C GLY B 654 -45.70 -10.83 0.23
N LEU B 655 -45.43 -9.66 -0.36
CA LEU B 655 -45.47 -8.38 0.36
C LEU B 655 -46.60 -7.48 -0.15
N ARG B 656 -46.69 -7.34 -1.47
CA ARG B 656 -47.80 -6.62 -2.10
C ARG B 656 -48.85 -7.55 -2.73
N SER B 657 -48.53 -8.85 -2.72
CA SER B 657 -49.48 -9.95 -2.93
C SER B 657 -49.28 -10.79 -1.64
N GLU B 658 -49.93 -11.92 -1.33
CA GLU B 658 -50.81 -12.84 -2.06
C GLU B 658 -50.12 -13.46 -3.29
N PHE B 659 -48.99 -14.12 -3.03
CA PHE B 659 -48.23 -14.76 -4.07
C PHE B 659 -48.81 -16.16 -4.31
N PRO B 660 -49.27 -16.41 -5.53
CA PRO B 660 -49.95 -17.62 -5.99
C PRO B 660 -49.18 -18.89 -5.63
N ILE B 661 -49.90 -19.88 -5.12
CA ILE B 661 -49.31 -21.10 -4.61
C ILE B 661 -48.74 -21.95 -5.75
N TRP B 662 -49.44 -21.96 -6.88
CA TRP B 662 -49.00 -22.74 -8.03
C TRP B 662 -47.62 -22.26 -8.48
N MET B 663 -47.42 -20.95 -8.48
CA MET B 663 -46.15 -20.42 -8.93
C MET B 663 -45.06 -20.69 -7.90
N MET B 664 -45.45 -20.78 -6.63
CA MET B 664 -44.48 -21.03 -5.58
C MET B 664 -44.17 -22.52 -5.52
N PHE B 665 -44.87 -23.29 -6.35
CA PHE B 665 -44.37 -24.61 -6.74
C PHE B 665 -43.49 -24.54 -8.00
N ALA B 666 -44.05 -23.92 -9.04
CA ALA B 666 -43.49 -23.90 -10.39
C ALA B 666 -42.18 -23.13 -10.50
N SER B 667 -41.81 -22.40 -9.45
CA SER B 667 -40.51 -21.74 -9.41
C SER B 667 -39.39 -22.80 -9.41
N ALA B 668 -39.77 -24.07 -9.32
CA ALA B 668 -38.83 -25.18 -9.36
C ALA B 668 -38.06 -25.25 -10.69
N LEU B 669 -38.73 -24.99 -11.80
CA LEU B 669 -38.09 -25.01 -13.12
C LEU B 669 -37.01 -23.93 -13.28
N PRO B 670 -37.37 -22.65 -13.04
CA PRO B 670 -36.30 -21.65 -13.16
C PRO B 670 -35.15 -21.89 -12.17
N ALA B 671 -35.46 -22.45 -11.01
CA ALA B 671 -34.43 -22.78 -10.03
C ALA B 671 -33.55 -23.91 -10.56
N LEU B 672 -34.15 -24.79 -11.36
CA LEU B 672 -33.38 -25.78 -12.11
C LEU B 672 -32.39 -25.10 -13.04
N LEU B 673 -32.89 -24.22 -13.91
CA LEU B 673 -32.02 -23.51 -14.86
C LEU B 673 -30.87 -22.76 -14.17
N VAL B 674 -31.17 -22.05 -13.09
CA VAL B 674 -30.15 -21.31 -12.32
C VAL B 674 -29.14 -22.28 -11.72
N PHE B 675 -29.64 -23.36 -11.11
CA PHE B 675 -28.75 -24.38 -10.54
C PHE B 675 -27.81 -24.95 -11.59
N ILE B 676 -28.31 -25.19 -12.79
CA ILE B 676 -27.48 -25.71 -13.89
C ILE B 676 -26.41 -24.69 -14.28
N LEU B 677 -26.80 -23.41 -14.31
CA LEU B 677 -25.86 -22.35 -14.64
C LEU B 677 -24.69 -22.30 -13.64
N ILE B 678 -25.04 -22.08 -12.38
CA ILE B 678 -24.06 -21.97 -11.31
C ILE B 678 -23.19 -23.22 -11.22
N PHE B 679 -23.83 -24.38 -11.37
CA PHE B 679 -23.10 -25.65 -11.32
C PHE B 679 -22.07 -25.67 -12.42
N LEU B 680 -22.52 -25.55 -13.66
CA LEU B 680 -21.61 -25.62 -14.80
C LEU B 680 -20.42 -24.71 -14.62
N GLU B 681 -20.69 -23.42 -14.48
CA GLU B 681 -19.65 -22.42 -14.27
C GLU B 681 -18.68 -22.76 -13.15
N SER B 682 -19.18 -22.78 -11.91
CA SER B 682 -18.33 -22.97 -10.74
C SER B 682 -17.49 -24.23 -10.84
N GLN B 683 -18.13 -25.34 -11.23
CA GLN B 683 -17.44 -26.63 -11.32
C GLN B 683 -16.31 -26.60 -12.36
N ILE B 684 -16.62 -26.17 -13.59
CA ILE B 684 -15.58 -26.13 -14.62
C ILE B 684 -14.44 -25.22 -14.17
N THR B 685 -14.82 -24.15 -13.45
CA THR B 685 -13.88 -23.15 -12.97
C THR B 685 -12.91 -23.74 -11.95
N THR B 686 -13.45 -24.44 -10.95
CA THR B 686 -12.62 -25.15 -9.98
C THR B 686 -11.71 -26.14 -10.68
N LEU B 687 -12.24 -26.80 -11.71
CA LEU B 687 -11.42 -27.71 -12.54
C LEU B 687 -10.20 -27.02 -13.14
N ILE B 688 -10.40 -25.85 -13.75
CA ILE B 688 -9.32 -25.11 -14.43
C ILE B 688 -8.32 -24.47 -13.45
N VAL B 689 -8.81 -24.00 -12.31
CA VAL B 689 -7.96 -23.37 -11.29
C VAL B 689 -7.00 -24.39 -10.70
N SER B 690 -7.54 -25.58 -10.40
CA SER B 690 -6.80 -26.63 -9.70
C SER B 690 -6.24 -27.74 -10.60
N LYS B 691 -6.17 -27.50 -11.91
CA LYS B 691 -5.62 -28.48 -12.85
C LYS B 691 -4.17 -28.86 -12.50
N PRO B 692 -3.71 -30.07 -12.88
CA PRO B 692 -2.35 -30.53 -12.51
C PRO B 692 -1.20 -29.65 -13.01
N GLU B 693 -1.37 -29.01 -14.17
CA GLU B 693 -0.31 -28.20 -14.76
C GLU B 693 0.17 -27.07 -13.85
N ARG B 694 -0.69 -26.58 -12.96
CA ARG B 694 -0.28 -25.59 -11.97
C ARG B 694 0.22 -26.32 -10.73
N LYS B 695 1.17 -25.74 -10.01
CA LYS B 695 1.82 -26.45 -8.92
C LYS B 695 0.83 -26.75 -7.78
N MET B 696 -0.25 -25.99 -7.71
CA MET B 696 -1.24 -26.19 -6.65
C MET B 696 -1.99 -27.48 -6.89
N VAL B 697 -1.65 -28.51 -6.12
CA VAL B 697 -2.30 -29.80 -6.22
C VAL B 697 -2.70 -30.16 -4.79
N LYS B 698 -2.75 -29.15 -3.92
CA LYS B 698 -3.09 -29.37 -2.52
C LYS B 698 -4.18 -28.45 -1.98
N GLY B 699 -4.88 -28.92 -0.97
CA GLY B 699 -6.00 -28.20 -0.39
C GLY B 699 -7.06 -27.68 -1.35
N SER B 700 -7.79 -28.59 -2.03
CA SER B 700 -8.89 -28.18 -2.91
C SER B 700 -9.94 -29.30 -3.03
N GLY B 701 -11.22 -28.92 -3.06
CA GLY B 701 -12.30 -29.90 -3.14
C GLY B 701 -13.53 -29.39 -3.88
N PHE B 702 -14.19 -30.30 -4.60
CA PHE B 702 -15.38 -29.98 -5.39
C PHE B 702 -16.71 -29.88 -4.62
N HIS B 703 -16.92 -30.78 -3.68
CA HIS B 703 -18.23 -30.94 -3.02
C HIS B 703 -18.62 -29.76 -2.13
N LEU B 704 -17.70 -29.32 -1.28
CA LEU B 704 -17.99 -28.25 -0.31
C LEU B 704 -18.42 -26.97 -1.00
N ASP B 705 -17.78 -26.68 -2.13
CA ASP B 705 -17.98 -25.45 -2.86
C ASP B 705 -19.37 -25.35 -3.48
N LEU B 706 -19.90 -26.46 -3.98
CA LEU B 706 -21.23 -26.41 -4.57
C LEU B 706 -22.26 -26.07 -3.51
N LEU B 707 -22.14 -26.76 -2.39
CA LEU B 707 -23.02 -26.60 -1.25
C LEU B 707 -22.97 -25.18 -0.72
N LEU B 708 -21.75 -24.69 -0.51
CA LEU B 708 -21.55 -23.35 -0.01
C LEU B 708 -22.13 -22.33 -1.00
N VAL B 709 -21.59 -22.29 -2.21
CA VAL B 709 -21.99 -21.30 -3.22
C VAL B 709 -23.50 -21.24 -3.42
N VAL B 710 -24.13 -22.35 -3.81
CA VAL B 710 -25.55 -22.27 -4.15
C VAL B 710 -26.41 -22.16 -2.90
N GLY B 711 -25.90 -22.65 -1.77
CA GLY B 711 -26.59 -22.45 -0.50
C GLY B 711 -26.70 -20.99 -0.12
N MET B 712 -25.54 -20.33 -0.03
CA MET B 712 -25.45 -18.88 0.11
C MET B 712 -26.47 -18.27 -0.82
N GLY B 713 -26.41 -18.67 -2.09
CA GLY B 713 -27.34 -18.21 -3.11
C GLY B 713 -28.81 -18.24 -2.71
N GLY B 714 -29.27 -19.41 -2.26
CA GLY B 714 -30.63 -19.53 -1.77
C GLY B 714 -30.95 -18.57 -0.65
N VAL B 715 -30.07 -18.53 0.35
CA VAL B 715 -30.28 -17.67 1.52
C VAL B 715 -30.37 -16.20 1.10
N ALA B 716 -29.42 -15.81 0.26
CA ALA B 716 -29.37 -14.48 -0.29
C ALA B 716 -30.69 -14.16 -0.96
N ALA B 717 -31.19 -15.09 -1.77
CA ALA B 717 -32.47 -14.94 -2.46
C ALA B 717 -33.58 -14.61 -1.47
N LEU B 718 -33.50 -15.26 -0.31
CA LEU B 718 -34.46 -15.03 0.75
C LEU B 718 -34.35 -13.61 1.34
N PHE B 719 -33.14 -13.09 1.41
CA PHE B 719 -32.93 -11.73 1.95
C PHE B 719 -33.00 -10.59 0.94
N GLY B 720 -33.49 -10.86 -0.27
CA GLY B 720 -33.55 -9.85 -1.33
C GLY B 720 -32.16 -9.53 -1.84
N MET B 721 -31.33 -10.57 -1.89
CA MET B 721 -29.98 -10.46 -2.41
C MET B 721 -29.87 -11.28 -3.68
N PRO B 722 -28.87 -10.97 -4.51
CA PRO B 722 -28.60 -11.82 -5.67
C PRO B 722 -27.76 -13.03 -5.32
N TRP B 723 -28.08 -14.17 -5.91
CA TRP B 723 -27.24 -15.35 -5.77
C TRP B 723 -26.03 -15.16 -6.66
N LEU B 724 -24.94 -15.79 -6.29
CA LEU B 724 -23.71 -15.68 -7.04
C LEU B 724 -23.18 -17.04 -7.41
N SER B 725 -22.42 -17.12 -8.50
CA SER B 725 -21.65 -18.31 -8.79
C SER B 725 -20.15 -18.01 -8.72
N ALA B 726 -19.31 -19.00 -8.96
CA ALA B 726 -17.86 -18.77 -8.98
C ALA B 726 -17.44 -18.34 -10.37
N THR B 727 -16.82 -17.18 -10.50
CA THR B 727 -16.45 -16.62 -11.81
C THR B 727 -15.17 -17.27 -12.37
N THR B 728 -15.13 -17.42 -13.70
CA THR B 728 -13.97 -18.00 -14.38
C THR B 728 -12.76 -17.07 -14.39
N VAL B 729 -12.89 -15.96 -15.12
CA VAL B 729 -11.78 -15.04 -15.35
C VAL B 729 -11.24 -14.47 -14.06
N ARG B 730 -12.16 -14.03 -13.21
CA ARG B 730 -11.83 -13.43 -11.93
C ARG B 730 -11.00 -14.42 -11.09
N SER B 731 -11.51 -15.63 -10.92
CA SER B 731 -10.82 -16.68 -10.17
C SER B 731 -9.45 -17.03 -10.75
N VAL B 732 -9.41 -17.22 -12.07
CA VAL B 732 -8.18 -17.56 -12.79
C VAL B 732 -7.11 -16.54 -12.47
N THR B 733 -7.46 -15.27 -12.64
CA THR B 733 -6.51 -14.20 -12.40
C THR B 733 -6.17 -14.05 -10.91
N HIS B 734 -7.09 -14.44 -10.01
CA HIS B 734 -6.78 -14.42 -8.58
C HIS B 734 -5.79 -15.52 -8.25
N ALA B 735 -5.78 -16.56 -9.07
CA ALA B 735 -4.84 -17.66 -8.89
C ALA B 735 -3.45 -17.25 -9.37
N ASN B 736 -3.39 -16.63 -10.54
CA ASN B 736 -2.12 -16.20 -11.13
C ASN B 736 -1.39 -15.13 -10.30
N ALA B 737 -2.00 -14.69 -9.21
CA ALA B 737 -1.64 -13.42 -8.59
C ALA B 737 -0.38 -13.29 -7.67
N LEU B 738 -0.05 -14.15 -6.67
CA LEU B 738 -0.59 -15.45 -6.20
C LEU B 738 -0.08 -16.65 -7.01
N THR B 739 0.76 -16.42 -8.01
CA THR B 739 1.48 -17.54 -8.65
C THR B 739 2.93 -17.16 -8.88
N VAL B 740 3.83 -18.12 -8.65
CA VAL B 740 5.26 -17.88 -8.82
C VAL B 740 5.73 -18.66 -10.05
N MET B 741 6.67 -18.09 -10.80
CA MET B 741 7.28 -18.77 -11.94
C MET B 741 8.80 -18.79 -11.82
N ILE B 753 7.61 -23.04 -14.05
CA ILE B 753 6.45 -22.79 -13.19
C ILE B 753 6.90 -23.03 -11.74
N GLN B 754 6.22 -22.40 -10.79
CA GLN B 754 6.57 -22.46 -9.36
C GLN B 754 5.29 -22.51 -8.54
N GLU B 755 5.41 -22.82 -7.25
CA GLU B 755 4.25 -22.97 -6.36
C GLU B 755 3.38 -21.72 -6.23
N VAL B 756 2.07 -21.93 -6.11
CA VAL B 756 1.17 -20.80 -5.95
C VAL B 756 0.82 -20.69 -4.47
N LYS B 757 0.79 -19.47 -3.97
CA LYS B 757 0.46 -19.23 -2.57
C LYS B 757 -1.06 -19.33 -2.37
N GLU B 758 -1.48 -20.17 -1.41
CA GLU B 758 -2.90 -20.45 -1.23
C GLU B 758 -3.45 -19.84 0.05
N GLN B 759 -4.19 -18.74 -0.08
CA GLN B 759 -4.69 -18.03 1.09
C GLN B 759 -6.19 -18.12 1.27
N ARG B 760 -6.60 -17.93 2.51
CA ARG B 760 -7.97 -17.56 2.80
C ARG B 760 -8.04 -16.03 2.92
N ILE B 761 -6.88 -15.39 3.15
CA ILE B 761 -6.83 -13.97 3.46
C ILE B 761 -6.98 -13.09 2.21
N SER B 762 -6.43 -13.50 1.08
CA SER B 762 -6.58 -12.74 -0.17
C SER B 762 -8.06 -12.52 -0.49
N GLY B 763 -8.79 -13.63 -0.62
CA GLY B 763 -10.22 -13.58 -0.83
C GLY B 763 -10.98 -12.84 0.25
N LEU B 764 -10.69 -13.15 1.51
CA LEU B 764 -11.32 -12.48 2.64
C LEU B 764 -11.23 -10.96 2.51
N LEU B 765 -10.04 -10.50 2.17
CA LEU B 765 -9.76 -9.09 2.09
C LEU B 765 -10.45 -8.46 0.87
N VAL B 766 -10.41 -9.10 -0.31
CA VAL B 766 -11.09 -8.51 -1.47
C VAL B 766 -12.60 -8.42 -1.20
N ALA B 767 -13.13 -9.41 -0.49
CA ALA B 767 -14.53 -9.42 -0.10
C ALA B 767 -14.87 -8.24 0.82
N VAL B 768 -14.17 -8.17 1.95
CA VAL B 768 -14.40 -7.09 2.92
C VAL B 768 -14.29 -5.75 2.22
N LEU B 769 -13.22 -5.59 1.47
CA LEU B 769 -12.95 -4.40 0.69
C LEU B 769 -14.14 -4.04 -0.20
N VAL B 770 -14.64 -5.03 -0.93
CA VAL B 770 -15.81 -4.85 -1.78
C VAL B 770 -16.95 -4.31 -0.93
N GLY B 771 -17.11 -4.89 0.26
CA GLY B 771 -18.06 -4.40 1.22
C GLY B 771 -17.92 -2.93 1.55
N LEU B 772 -16.71 -2.50 1.86
CA LEU B 772 -16.48 -1.13 2.36
C LEU B 772 -16.30 -0.08 1.25
N SER B 773 -16.36 -0.50 -0.01
CA SER B 773 -16.22 0.41 -1.14
C SER B 773 -17.15 1.61 -1.03
N ILE B 774 -18.29 1.40 -0.37
CA ILE B 774 -19.21 2.48 -0.02
C ILE B 774 -18.45 3.60 0.67
N LEU B 775 -17.71 3.25 1.70
CA LEU B 775 -16.89 4.21 2.45
C LEU B 775 -15.76 4.73 1.58
N MET B 776 -15.18 3.83 0.80
CA MET B 776 -14.05 4.19 -0.06
C MET B 776 -14.40 5.13 -1.20
N GLU B 777 -15.70 5.44 -1.35
CA GLU B 777 -16.18 6.28 -2.46
C GLU B 777 -15.25 7.44 -2.87
N PRO B 778 -14.77 8.26 -1.92
CA PRO B 778 -13.91 9.35 -2.36
C PRO B 778 -12.64 8.89 -3.09
N ILE B 779 -12.04 7.78 -2.64
CA ILE B 779 -10.92 7.21 -3.37
C ILE B 779 -11.37 6.76 -4.75
N LEU B 780 -12.33 5.84 -4.78
CA LEU B 780 -12.78 5.21 -6.01
C LEU B 780 -13.30 6.20 -7.05
N SER B 781 -13.69 7.38 -6.59
CA SER B 781 -14.21 8.44 -7.46
C SER B 781 -13.09 8.99 -8.34
N ARG B 782 -11.85 8.84 -7.86
CA ARG B 782 -10.70 9.36 -8.58
C ARG B 782 -10.18 8.35 -9.63
N ILE B 783 -10.68 7.12 -9.59
CA ILE B 783 -10.22 6.06 -10.48
C ILE B 783 -11.02 5.97 -11.77
N PRO B 784 -10.43 6.45 -12.89
CA PRO B 784 -11.07 6.48 -14.20
C PRO B 784 -11.30 5.09 -14.77
N LEU B 785 -12.51 4.86 -15.25
CA LEU B 785 -12.90 3.59 -15.86
C LEU B 785 -11.88 3.09 -16.86
N ALA B 786 -11.53 3.96 -17.81
CA ALA B 786 -10.51 3.66 -18.83
C ALA B 786 -9.29 2.90 -18.31
N VAL B 787 -8.77 3.33 -17.17
CA VAL B 787 -7.66 2.64 -16.52
C VAL B 787 -7.99 1.16 -16.27
N LEU B 788 -9.14 0.93 -15.65
CA LEU B 788 -9.59 -0.41 -15.36
C LEU B 788 -9.96 -1.17 -16.63
N PHE B 789 -10.18 -0.45 -17.73
CA PHE B 789 -10.43 -1.06 -19.04
C PHE B 789 -9.12 -1.67 -19.48
N GLY B 790 -8.06 -0.93 -19.22
CA GLY B 790 -6.73 -1.42 -19.51
C GLY B 790 -6.47 -2.68 -18.72
N ILE B 791 -6.67 -2.57 -17.40
CA ILE B 791 -6.46 -3.72 -16.53
C ILE B 791 -7.28 -4.93 -17.01
N PHE B 792 -8.55 -4.70 -17.34
CA PHE B 792 -9.41 -5.74 -17.91
C PHE B 792 -8.73 -6.42 -19.09
N LEU B 793 -8.37 -5.65 -20.11
CA LEU B 793 -7.71 -6.19 -21.29
C LEU B 793 -6.52 -7.07 -20.93
N TYR B 794 -5.75 -6.57 -19.96
CA TYR B 794 -4.63 -7.32 -19.42
C TYR B 794 -5.07 -8.68 -18.84
N MET B 795 -6.14 -8.66 -18.04
CA MET B 795 -6.72 -9.87 -17.47
C MET B 795 -7.17 -10.83 -18.56
N GLY B 796 -7.70 -10.26 -19.64
CA GLY B 796 -8.19 -11.02 -20.76
C GLY B 796 -7.06 -11.81 -21.37
N VAL B 797 -5.97 -11.14 -21.73
CA VAL B 797 -4.89 -11.85 -22.40
C VAL B 797 -4.13 -12.77 -21.43
N THR B 798 -4.02 -12.38 -20.16
CA THR B 798 -3.43 -13.24 -19.13
C THR B 798 -4.24 -14.53 -18.90
N SER B 799 -5.55 -14.39 -18.92
CA SER B 799 -6.49 -15.51 -18.78
C SER B 799 -6.31 -16.54 -19.92
N LEU B 800 -5.73 -16.06 -21.01
CA LEU B 800 -5.56 -16.84 -22.23
C LEU B 800 -4.35 -17.77 -22.17
N SER B 801 -3.68 -17.82 -21.02
CA SER B 801 -2.37 -18.45 -20.92
C SER B 801 -2.37 -19.99 -20.99
N GLY B 802 -2.83 -20.61 -19.91
CA GLY B 802 -2.76 -22.06 -19.75
C GLY B 802 -3.65 -22.89 -20.65
N ILE B 803 -4.31 -22.25 -21.61
CA ILE B 803 -5.24 -22.96 -22.48
C ILE B 803 -4.46 -23.58 -23.64
N GLN B 804 -4.45 -24.90 -23.70
CA GLN B 804 -3.85 -25.60 -24.82
C GLN B 804 -4.54 -25.25 -26.12
N LEU B 805 -5.86 -25.18 -26.10
CA LEU B 805 -6.61 -24.83 -27.29
C LEU B 805 -6.07 -23.55 -27.90
N PHE B 806 -5.87 -22.53 -27.07
CA PHE B 806 -5.28 -21.28 -27.54
C PHE B 806 -3.91 -21.54 -28.18
N ASP B 807 -3.05 -22.23 -27.43
CA ASP B 807 -1.73 -22.62 -27.91
C ASP B 807 -1.80 -23.18 -29.31
N ARG B 808 -2.81 -24.01 -29.56
CA ARG B 808 -2.93 -24.71 -30.83
C ARG B 808 -3.47 -23.79 -31.91
N ILE B 809 -4.48 -22.98 -31.60
CA ILE B 809 -5.03 -22.03 -32.58
C ILE B 809 -3.86 -21.25 -33.13
N LEU B 810 -3.04 -20.77 -32.21
CA LEU B 810 -1.79 -20.11 -32.51
C LEU B 810 -0.95 -21.00 -33.43
N LEU B 811 -0.68 -22.22 -32.96
CA LEU B 811 0.16 -23.19 -33.64
C LEU B 811 -0.24 -23.40 -35.10
N LEU B 812 -1.51 -23.15 -35.42
CA LEU B 812 -2.00 -23.25 -36.79
C LEU B 812 -1.41 -22.15 -37.67
N PHE B 813 -1.41 -20.93 -37.15
CA PHE B 813 -0.85 -19.79 -37.86
C PHE B 813 0.68 -19.83 -37.88
N LYS B 814 1.27 -20.82 -37.22
CA LYS B 814 2.71 -20.90 -37.10
C LYS B 814 3.16 -21.88 -38.16
N PRO B 815 4.37 -21.68 -38.68
CA PRO B 815 4.91 -22.64 -39.65
C PRO B 815 5.02 -24.05 -39.04
N PRO B 816 4.93 -25.09 -39.88
CA PRO B 816 5.04 -26.44 -39.33
C PRO B 816 6.45 -26.77 -38.84
N LYS B 817 7.39 -25.89 -39.11
CA LYS B 817 8.78 -26.03 -38.67
C LYS B 817 8.91 -26.08 -37.15
N TYR B 818 8.04 -25.36 -36.44
CA TYR B 818 8.11 -25.35 -34.99
C TYR B 818 7.22 -26.42 -34.35
N HIS B 819 7.75 -26.99 -33.27
CA HIS B 819 7.25 -28.20 -32.68
C HIS B 819 6.84 -27.94 -31.24
N PRO B 820 6.13 -28.90 -30.64
CA PRO B 820 5.75 -28.80 -29.22
C PRO B 820 6.70 -29.58 -28.31
N ASP B 821 6.40 -29.60 -27.00
CA ASP B 821 7.12 -30.44 -26.05
C ASP B 821 6.97 -31.88 -26.46
N VAL B 822 5.81 -32.21 -27.02
CA VAL B 822 5.46 -33.58 -27.36
C VAL B 822 5.50 -33.77 -28.87
N PRO B 823 6.55 -34.41 -29.39
CA PRO B 823 6.69 -34.62 -30.83
C PRO B 823 5.50 -35.38 -31.42
N TYR B 824 4.89 -36.20 -30.58
CA TYR B 824 3.82 -37.08 -31.01
C TYR B 824 2.67 -36.28 -31.60
N VAL B 825 2.23 -35.24 -30.90
CA VAL B 825 0.98 -34.58 -31.26
C VAL B 825 1.04 -33.88 -32.62
N LYS B 826 2.12 -33.13 -32.89
CA LYS B 826 2.26 -32.50 -34.19
C LYS B 826 2.70 -33.47 -35.31
N ARG B 827 3.59 -34.41 -35.00
CA ARG B 827 4.05 -35.35 -36.03
C ARG B 827 2.93 -36.27 -36.54
N VAL B 828 2.09 -36.75 -35.63
CA VAL B 828 1.00 -37.64 -36.03
C VAL B 828 -0.10 -36.85 -36.71
N LYS B 829 -0.06 -35.53 -36.53
CA LYS B 829 -1.17 -34.68 -36.94
C LYS B 829 -0.73 -33.35 -37.55
N THR B 830 0.14 -33.41 -38.55
CA THR B 830 0.63 -32.18 -39.17
C THR B 830 -0.53 -31.47 -39.86
N TRP B 831 -1.52 -32.25 -40.28
CA TRP B 831 -2.76 -31.71 -40.83
C TRP B 831 -3.91 -31.92 -39.85
N ARG B 832 -3.93 -33.10 -39.27
CA ARG B 832 -5.02 -33.54 -38.40
C ARG B 832 -5.20 -32.75 -37.08
N MET B 833 -4.09 -32.32 -36.48
CA MET B 833 -4.13 -31.47 -35.30
C MET B 833 -4.96 -30.22 -35.57
N HIS B 834 -4.66 -29.59 -36.69
CA HIS B 834 -5.39 -28.43 -37.19
C HIS B 834 -6.87 -28.73 -37.37
N LEU B 835 -7.18 -29.99 -37.69
CA LEU B 835 -8.57 -30.44 -37.81
C LEU B 835 -9.25 -30.57 -36.44
N PHE B 836 -8.52 -31.10 -35.47
CA PHE B 836 -9.01 -31.31 -34.11
C PHE B 836 -9.29 -29.95 -33.47
N THR B 837 -8.25 -29.13 -33.49
CA THR B 837 -8.35 -27.73 -33.12
C THR B 837 -9.43 -27.01 -33.92
N GLY B 838 -9.62 -27.40 -35.17
CA GLY B 838 -10.66 -26.84 -36.02
C GLY B 838 -12.04 -27.17 -35.51
N ILE B 839 -12.19 -28.37 -34.97
CA ILE B 839 -13.45 -28.78 -34.37
C ILE B 839 -13.65 -27.92 -33.12
N GLN B 840 -12.60 -27.77 -32.32
CA GLN B 840 -12.65 -26.82 -31.21
C GLN B 840 -13.25 -25.49 -31.67
N ILE B 841 -12.64 -24.89 -32.69
CA ILE B 841 -13.06 -23.60 -33.28
C ILE B 841 -14.52 -23.58 -33.70
N ILE B 842 -15.00 -24.65 -34.32
CA ILE B 842 -16.37 -24.66 -34.80
C ILE B 842 -17.33 -24.78 -33.61
N CYS B 843 -16.90 -25.47 -32.57
CA CYS B 843 -17.64 -25.52 -31.31
C CYS B 843 -17.76 -24.12 -30.73
N LEU B 844 -16.61 -23.47 -30.62
CA LEU B 844 -16.49 -22.07 -30.20
C LEU B 844 -17.49 -21.19 -30.96
N ALA B 845 -17.53 -21.37 -32.27
CA ALA B 845 -18.47 -20.67 -33.13
C ALA B 845 -19.90 -20.91 -32.66
N VAL B 846 -20.28 -22.19 -32.60
CA VAL B 846 -21.62 -22.58 -32.16
C VAL B 846 -22.02 -21.90 -30.86
N LEU B 847 -21.24 -22.14 -29.81
CA LEU B 847 -21.50 -21.56 -28.50
C LEU B 847 -21.56 -20.04 -28.54
N TRP B 848 -20.79 -19.43 -29.44
CA TRP B 848 -20.79 -17.97 -29.54
C TRP B 848 -22.06 -17.46 -30.23
N VAL B 849 -22.68 -18.27 -31.08
CA VAL B 849 -23.93 -17.86 -31.71
C VAL B 849 -25.12 -18.16 -30.81
N VAL B 850 -25.05 -19.27 -30.09
CA VAL B 850 -26.09 -19.61 -29.11
C VAL B 850 -26.16 -18.48 -28.09
N LYS B 851 -25.02 -18.23 -27.44
CA LYS B 851 -24.89 -17.19 -26.42
C LYS B 851 -25.19 -15.81 -26.97
N SER B 852 -25.20 -15.70 -28.30
CA SER B 852 -25.46 -14.44 -28.98
C SER B 852 -26.92 -14.03 -28.89
N THR B 853 -27.81 -15.01 -28.76
CA THR B 853 -29.23 -14.73 -28.71
C THR B 853 -29.65 -14.43 -27.28
N PRO B 854 -30.83 -13.81 -27.07
CA PRO B 854 -31.48 -13.98 -25.76
C PRO B 854 -31.97 -15.43 -25.51
N ALA B 855 -31.78 -16.32 -26.50
CA ALA B 855 -31.87 -17.76 -26.32
C ALA B 855 -30.66 -18.31 -25.56
N SER B 856 -29.74 -17.42 -25.21
CA SER B 856 -28.45 -17.79 -24.62
C SER B 856 -28.54 -18.60 -23.33
N LEU B 857 -29.66 -18.53 -22.63
CA LEU B 857 -29.78 -19.25 -21.37
C LEU B 857 -29.73 -20.75 -21.62
N ALA B 858 -29.96 -21.13 -22.88
CA ALA B 858 -29.85 -22.53 -23.28
C ALA B 858 -28.40 -23.04 -23.19
N LEU B 859 -27.43 -22.12 -23.31
CA LEU B 859 -26.02 -22.46 -23.46
C LEU B 859 -25.46 -23.60 -22.60
N PRO B 860 -25.62 -23.53 -21.25
CA PRO B 860 -24.95 -24.56 -20.43
C PRO B 860 -25.32 -25.99 -20.83
N PHE B 861 -26.47 -26.14 -21.46
CA PHE B 861 -26.85 -27.40 -22.07
C PHE B 861 -26.01 -27.59 -23.35
N VAL B 862 -26.02 -26.58 -24.22
CA VAL B 862 -25.30 -26.66 -25.49
C VAL B 862 -23.85 -27.02 -25.24
N LEU B 863 -23.26 -26.43 -24.21
CA LEU B 863 -21.87 -26.68 -23.87
C LEU B 863 -21.63 -28.15 -23.60
N ILE B 864 -22.54 -28.80 -22.87
CA ILE B 864 -22.44 -30.24 -22.69
C ILE B 864 -22.80 -30.92 -24.00
N LEU B 865 -23.91 -30.47 -24.59
CA LEU B 865 -24.41 -31.03 -25.85
C LEU B 865 -23.28 -31.15 -26.86
N THR B 866 -22.59 -30.04 -27.06
CA THR B 866 -21.39 -30.03 -27.89
C THR B 866 -20.37 -31.10 -27.39
N VAL B 867 -19.83 -30.92 -26.18
CA VAL B 867 -18.56 -31.57 -25.86
C VAL B 867 -18.67 -33.07 -25.47
N PRO B 868 -19.30 -33.43 -24.33
CA PRO B 868 -19.28 -34.88 -24.13
C PRO B 868 -19.99 -35.73 -25.20
N LEU B 869 -20.80 -35.13 -26.07
CA LEU B 869 -21.27 -35.82 -27.28
C LEU B 869 -20.16 -35.90 -28.32
N ARG B 870 -19.54 -34.75 -28.60
CA ARG B 870 -18.43 -34.69 -29.53
C ARG B 870 -17.38 -35.67 -29.06
N ARG B 871 -17.20 -35.71 -27.74
CA ARG B 871 -16.12 -36.45 -27.10
C ARG B 871 -16.42 -37.96 -27.12
N VAL B 872 -17.48 -38.32 -27.85
CA VAL B 872 -17.82 -39.71 -28.14
C VAL B 872 -17.83 -39.90 -29.66
N LEU B 873 -18.32 -38.89 -30.37
CA LEU B 873 -18.26 -38.90 -31.84
C LEU B 873 -16.85 -38.56 -32.37
N LEU B 874 -15.96 -38.16 -31.46
CA LEU B 874 -14.55 -37.93 -31.79
C LEU B 874 -13.71 -39.22 -31.97
N PRO B 875 -13.89 -40.24 -31.09
CA PRO B 875 -13.21 -41.52 -31.35
C PRO B 875 -13.56 -42.16 -32.70
N LEU B 876 -14.58 -41.63 -33.37
CA LEU B 876 -14.84 -41.97 -34.77
C LEU B 876 -13.71 -41.49 -35.68
N ILE B 877 -13.11 -40.35 -35.33
CA ILE B 877 -12.10 -39.68 -36.18
C ILE B 877 -10.68 -40.23 -35.99
N PHE B 878 -10.15 -40.18 -34.76
CA PHE B 878 -8.82 -40.72 -34.48
C PHE B 878 -8.82 -41.66 -33.27
N ARG B 879 -7.64 -42.12 -32.88
CA ARG B 879 -7.57 -43.26 -31.96
C ARG B 879 -7.14 -42.96 -30.53
N ASN B 880 -7.19 -43.99 -29.68
CA ASN B 880 -6.91 -43.93 -28.24
C ASN B 880 -5.46 -43.58 -27.89
N VAL B 881 -4.60 -43.49 -28.89
CA VAL B 881 -3.24 -42.99 -28.69
C VAL B 881 -3.20 -41.56 -29.22
N GLU B 882 -3.71 -41.41 -30.43
CA GLU B 882 -3.83 -40.13 -31.13
C GLU B 882 -4.54 -39.08 -30.29
N LEU B 883 -5.84 -39.24 -30.15
CA LEU B 883 -6.67 -38.30 -29.39
C LEU B 883 -6.25 -38.20 -27.92
N GLN B 884 -5.80 -39.32 -27.35
CA GLN B 884 -5.41 -39.36 -25.94
C GLN B 884 -4.38 -38.32 -25.55
N CYS B 885 -3.41 -38.08 -26.45
CA CYS B 885 -2.33 -37.14 -26.17
C CYS B 885 -2.77 -35.68 -26.32
N LEU B 886 -3.98 -35.43 -26.82
CA LEU B 886 -4.48 -34.06 -26.97
C LEU B 886 -5.18 -33.56 -25.69
N ASP B 887 -5.37 -34.45 -24.72
CA ASP B 887 -5.79 -34.10 -23.35
C ASP B 887 -5.69 -35.28 -22.40
N GLY C 381 73.24 -28.97 4.06
CA GLY C 381 73.05 -30.05 5.01
C GLY C 381 71.61 -30.51 5.12
N LEU C 382 70.68 -29.65 4.73
CA LEU C 382 69.26 -29.99 4.74
C LEU C 382 68.93 -31.12 3.78
N VAL C 383 69.67 -31.18 2.67
CA VAL C 383 69.45 -32.12 1.57
C VAL C 383 69.05 -33.53 1.99
N ARG C 384 69.70 -34.04 3.05
CA ARG C 384 69.41 -35.35 3.61
C ARG C 384 67.94 -35.67 3.77
N ASP C 385 67.20 -34.71 4.28
CA ASP C 385 65.78 -34.91 4.54
C ASP C 385 65.05 -34.97 3.20
N ILE C 386 65.39 -34.06 2.29
CA ILE C 386 64.81 -34.08 0.96
C ILE C 386 65.02 -35.47 0.38
N ARG C 387 66.27 -35.90 0.36
CA ARG C 387 66.63 -37.22 -0.14
C ARG C 387 65.84 -38.30 0.61
N ARG C 388 65.73 -38.16 1.93
CA ARG C 388 64.90 -39.06 2.72
C ARG C 388 63.49 -39.18 2.17
N ARG C 389 62.83 -38.03 2.02
CA ARG C 389 61.37 -38.06 1.86
C ARG C 389 60.86 -38.11 0.40
N TYR C 390 61.52 -37.45 -0.54
CA TYR C 390 60.98 -37.34 -1.90
C TYR C 390 60.58 -38.67 -2.56
N PRO C 391 61.35 -39.76 -2.35
CA PRO C 391 60.84 -41.03 -2.86
C PRO C 391 59.53 -41.50 -2.20
N TYR C 392 59.42 -41.38 -0.88
CA TYR C 392 58.18 -41.69 -0.17
C TYR C 392 57.01 -40.83 -0.66
N TYR C 393 57.33 -39.60 -1.09
CA TYR C 393 56.34 -38.60 -1.53
C TYR C 393 55.36 -39.14 -2.58
N LEU C 394 55.90 -39.64 -3.68
CA LEU C 394 55.08 -40.20 -4.76
C LEU C 394 54.35 -41.50 -4.37
N SER C 395 54.66 -42.01 -3.18
CA SER C 395 53.91 -43.13 -2.58
C SER C 395 52.82 -42.63 -1.63
N ASP C 396 53.00 -41.43 -1.11
CA ASP C 396 52.14 -40.89 -0.06
C ASP C 396 50.84 -40.34 -0.62
N ILE C 397 50.69 -40.33 -1.93
CA ILE C 397 49.42 -39.95 -2.51
C ILE C 397 48.56 -41.20 -2.63
N THR C 398 49.21 -42.33 -2.87
CA THR C 398 48.53 -43.62 -2.95
C THR C 398 48.19 -44.13 -1.54
N ASP C 399 49.05 -43.77 -0.60
CA ASP C 399 48.94 -44.18 0.79
C ASP C 399 47.65 -43.63 1.45
N ALA C 400 46.97 -42.73 0.74
CA ALA C 400 45.95 -41.87 1.35
C ALA C 400 44.49 -42.22 1.07
N PHE C 401 44.22 -43.31 0.37
CA PHE C 401 42.85 -43.55 -0.07
C PHE C 401 42.03 -44.38 0.93
N SER C 402 42.51 -44.47 2.16
CA SER C 402 41.81 -45.21 3.21
C SER C 402 40.64 -44.43 3.81
N PRO C 403 39.71 -45.13 4.49
CA PRO C 403 38.61 -44.44 5.14
C PRO C 403 39.06 -43.76 6.42
N GLN C 404 40.03 -44.38 7.10
CA GLN C 404 40.60 -43.80 8.30
C GLN C 404 41.18 -42.42 7.98
N VAL C 405 41.76 -42.31 6.78
CA VAL C 405 42.22 -41.04 6.23
C VAL C 405 41.10 -40.01 6.26
N LEU C 406 40.01 -40.32 5.56
CA LEU C 406 38.86 -39.45 5.47
C LEU C 406 38.38 -38.99 6.86
N ALA C 407 38.13 -39.97 7.73
CA ALA C 407 37.70 -39.70 9.10
C ALA C 407 38.64 -38.69 9.76
N ALA C 408 39.92 -38.99 9.67
CA ALA C 408 40.96 -38.10 10.14
C ALA C 408 40.80 -36.69 9.56
N VAL C 409 40.53 -36.61 8.27
CA VAL C 409 40.41 -35.32 7.62
C VAL C 409 39.32 -34.53 8.29
N ILE C 410 38.16 -35.15 8.50
CA ILE C 410 37.07 -34.41 9.12
C ILE C 410 37.50 -33.94 10.50
N PHE C 411 38.02 -34.88 11.28
CA PHE C 411 38.50 -34.59 12.63
C PHE C 411 39.42 -33.37 12.66
N ILE C 412 40.57 -33.50 12.01
CA ILE C 412 41.60 -32.48 12.05
C ILE C 412 41.14 -31.19 11.41
N TYR C 413 40.18 -31.27 10.50
CA TYR C 413 39.61 -30.06 9.92
C TYR C 413 38.96 -29.24 11.00
N PHE C 414 38.10 -29.88 11.80
CA PHE C 414 37.51 -29.10 12.89
C PHE C 414 38.58 -28.66 13.88
N ALA C 415 39.49 -29.59 14.18
CA ALA C 415 40.52 -29.37 15.19
C ALA C 415 41.43 -28.20 14.83
N ALA C 416 41.50 -27.89 13.54
CA ALA C 416 42.33 -26.81 13.05
C ALA C 416 41.52 -25.54 12.84
N LEU C 417 40.28 -25.70 12.39
CA LEU C 417 39.42 -24.55 12.07
C LEU C 417 38.99 -23.83 13.33
N SER C 418 38.50 -24.57 14.31
CA SER C 418 37.98 -23.95 15.53
C SER C 418 39.00 -22.97 16.15
N PRO C 419 40.26 -23.41 16.29
CA PRO C 419 41.20 -22.41 16.78
C PRO C 419 41.55 -21.34 15.74
N ALA C 420 41.52 -21.67 14.45
CA ALA C 420 41.78 -20.65 13.44
C ALA C 420 40.81 -19.51 13.62
N ILE C 421 39.53 -19.84 13.73
CA ILE C 421 38.48 -18.88 14.01
C ILE C 421 38.78 -18.13 15.30
N THR C 422 38.80 -18.83 16.43
CA THR C 422 38.92 -18.15 17.73
C THR C 422 40.12 -17.20 17.83
N PHE C 423 41.29 -17.71 17.44
CA PHE C 423 42.53 -16.91 17.43
C PHE C 423 42.48 -15.80 16.43
N GLY C 424 41.90 -16.04 15.26
CA GLY C 424 41.72 -14.97 14.31
C GLY C 424 40.97 -13.81 14.92
N GLY C 425 39.84 -14.14 15.54
CA GLY C 425 38.99 -13.15 16.16
C GLY C 425 39.72 -12.37 17.22
N LEU C 426 40.45 -13.10 18.07
CA LEU C 426 41.23 -12.42 19.09
C LEU C 426 42.28 -11.52 18.44
N LEU C 427 42.97 -12.07 17.44
CA LEU C 427 44.03 -11.36 16.75
C LEU C 427 43.52 -10.06 16.17
N GLY C 428 42.25 -10.06 15.77
CA GLY C 428 41.65 -8.86 15.24
C GLY C 428 41.32 -7.87 16.32
N GLU C 429 40.68 -8.34 17.39
CA GLU C 429 40.32 -7.43 18.47
C GLU C 429 41.56 -6.78 19.04
N LYS C 430 42.65 -7.53 19.17
CA LYS C 430 43.89 -6.97 19.72
C LYS C 430 44.51 -5.90 18.81
N THR C 431 44.64 -6.16 17.51
CA THR C 431 45.29 -5.22 16.59
C THR C 431 44.30 -4.27 15.96
N ARG C 432 43.10 -4.22 16.52
CA ARG C 432 42.05 -3.37 15.97
C ARG C 432 41.86 -3.53 14.47
N ASN C 433 41.88 -4.78 14.02
CA ASN C 433 41.60 -5.20 12.64
C ASN C 433 42.72 -4.98 11.62
N GLN C 434 43.93 -4.69 12.07
CA GLN C 434 45.03 -4.53 11.11
C GLN C 434 45.60 -5.89 10.67
N MET C 435 45.47 -6.86 11.56
CA MET C 435 45.84 -8.25 11.32
C MET C 435 44.69 -9.14 11.80
N GLY C 436 43.82 -9.55 10.89
CA GLY C 436 42.55 -10.18 11.26
C GLY C 436 42.26 -11.65 10.97
N VAL C 437 40.99 -12.04 11.12
CA VAL C 437 40.58 -13.43 10.94
C VAL C 437 40.99 -13.86 9.55
N SER C 438 40.47 -13.20 8.54
CA SER C 438 40.58 -13.69 7.17
C SER C 438 42.06 -13.79 6.77
N GLU C 439 42.87 -12.90 7.30
CA GLU C 439 44.31 -12.99 7.13
C GLU C 439 44.81 -14.34 7.67
N LEU C 440 44.44 -14.68 8.91
CA LEU C 440 44.85 -15.95 9.51
C LEU C 440 44.33 -17.18 8.76
N LEU C 441 43.08 -17.11 8.32
CA LEU C 441 42.44 -18.15 7.55
C LEU C 441 43.24 -18.43 6.28
N ILE C 442 43.52 -17.34 5.56
CA ILE C 442 44.32 -17.41 4.36
C ILE C 442 45.65 -18.04 4.62
N SER C 443 46.37 -17.46 5.58
CA SER C 443 47.71 -17.91 5.90
C SER C 443 47.73 -19.39 6.24
N THR C 444 46.85 -19.78 7.15
CA THR C 444 46.74 -21.16 7.58
C THR C 444 46.48 -22.08 6.40
N ALA C 445 45.57 -21.64 5.53
CA ALA C 445 45.19 -22.43 4.37
C ALA C 445 46.39 -22.64 3.45
N VAL C 446 46.94 -21.54 2.96
CA VAL C 446 48.05 -21.57 2.01
C VAL C 446 49.26 -22.30 2.58
N GLN C 447 49.81 -21.78 3.67
CA GLN C 447 50.93 -22.41 4.38
C GLN C 447 50.68 -23.90 4.59
N GLY C 448 49.47 -24.23 5.01
CA GLY C 448 49.06 -25.61 5.20
C GLY C 448 49.24 -26.45 3.95
N ILE C 449 48.71 -25.95 2.84
CA ILE C 449 48.85 -26.63 1.56
C ILE C 449 50.31 -26.82 1.16
N LEU C 450 51.06 -25.71 1.13
CA LEU C 450 52.46 -25.74 0.74
C LEU C 450 53.26 -26.74 1.56
N PHE C 451 53.24 -26.58 2.88
CA PHE C 451 53.99 -27.48 3.74
C PHE C 451 53.51 -28.91 3.59
N ALA C 452 52.20 -29.09 3.43
CA ALA C 452 51.66 -30.41 3.17
C ALA C 452 52.40 -31.03 1.98
N LEU C 453 52.56 -30.25 0.91
CA LEU C 453 53.21 -30.74 -0.29
C LEU C 453 54.72 -30.97 -0.13
N LEU C 454 55.43 -29.95 0.34
CA LEU C 454 56.89 -29.97 0.31
C LEU C 454 57.53 -30.46 1.61
N GLY C 455 56.73 -30.69 2.63
CA GLY C 455 57.25 -30.97 3.95
C GLY C 455 57.96 -32.30 4.13
N ALA C 456 58.90 -32.32 5.06
CA ALA C 456 59.58 -33.56 5.42
C ALA C 456 58.71 -34.36 6.39
N GLN C 457 57.76 -33.66 7.02
CA GLN C 457 56.87 -34.31 7.96
C GLN C 457 55.45 -33.82 7.73
N PRO C 458 54.80 -34.39 6.70
CA PRO C 458 53.43 -34.05 6.31
C PRO C 458 52.39 -34.41 7.37
N LEU C 459 52.83 -34.96 8.49
CA LEU C 459 51.93 -35.18 9.61
C LEU C 459 51.75 -33.90 10.42
N LEU C 460 52.78 -33.07 10.45
CA LEU C 460 52.72 -31.78 11.13
C LEU C 460 51.56 -30.98 10.57
N VAL C 461 50.77 -30.36 11.45
CA VAL C 461 49.74 -29.43 11.00
C VAL C 461 50.08 -28.04 11.56
N VAL C 462 50.10 -27.06 10.66
CA VAL C 462 50.58 -25.71 10.96
C VAL C 462 49.41 -24.77 11.21
N GLY C 463 49.49 -24.03 12.31
CA GLY C 463 48.43 -23.11 12.71
C GLY C 463 48.88 -22.06 13.71
N PHE C 464 48.04 -21.06 13.95
CA PHE C 464 48.35 -20.02 14.93
C PHE C 464 48.31 -20.64 16.33
N SER C 465 49.00 -20.03 17.27
CA SER C 465 49.06 -20.54 18.64
C SER C 465 48.90 -19.42 19.64
N GLY C 466 48.68 -19.75 20.91
CA GLY C 466 48.57 -18.75 21.96
C GLY C 466 49.73 -17.80 22.06
N PRO C 467 50.97 -18.33 22.11
CA PRO C 467 52.18 -17.51 22.10
C PRO C 467 52.25 -16.49 20.99
N LEU C 468 52.02 -16.93 19.75
CA LEU C 468 52.04 -16.04 18.61
C LEU C 468 51.05 -14.89 18.81
N LEU C 469 49.90 -15.20 19.39
CA LEU C 469 48.94 -14.18 19.77
C LEU C 469 49.52 -13.19 20.78
N VAL C 470 50.16 -13.70 21.82
CA VAL C 470 50.78 -12.83 22.83
C VAL C 470 51.74 -11.85 22.18
N PHE C 471 52.59 -12.35 21.26
CA PHE C 471 53.57 -11.49 20.59
C PHE C 471 52.92 -10.49 19.64
N GLU C 472 51.89 -10.89 18.91
CA GLU C 472 51.23 -9.92 18.04
C GLU C 472 50.64 -8.79 18.86
N GLU C 473 49.88 -9.11 19.90
CA GLU C 473 49.38 -8.06 20.80
C GLU C 473 50.50 -7.16 21.31
N ALA C 474 51.58 -7.79 21.76
CA ALA C 474 52.74 -7.07 22.24
C ALA C 474 53.27 -6.09 21.21
N PHE C 475 53.67 -6.62 20.06
CA PHE C 475 54.31 -5.85 19.01
C PHE C 475 53.39 -4.77 18.50
N PHE C 476 52.10 -5.06 18.49
CA PHE C 476 51.14 -4.07 18.06
C PHE C 476 51.07 -2.93 19.04
N SER C 477 50.85 -3.27 20.31
CA SER C 477 50.80 -2.26 21.35
C SER C 477 52.05 -1.36 21.30
N PHE C 478 53.24 -1.97 21.37
CA PHE C 478 54.50 -1.26 21.21
C PHE C 478 54.52 -0.35 19.98
N CYS C 479 54.34 -0.95 18.80
CA CYS C 479 54.33 -0.21 17.54
C CYS C 479 53.43 1.00 17.58
N GLU C 480 52.21 0.82 18.06
CA GLU C 480 51.27 1.93 18.00
C GLU C 480 51.66 2.98 19.02
N THR C 481 52.17 2.55 20.17
CA THR C 481 52.66 3.48 21.19
C THR C 481 53.65 4.45 20.60
N ASN C 482 54.69 3.92 20.00
CA ASN C 482 55.71 4.69 19.29
C ASN C 482 55.33 5.07 17.86
N GLY C 483 54.09 4.82 17.48
CA GLY C 483 53.59 5.23 16.18
C GLY C 483 54.31 4.65 14.99
N LEU C 484 54.63 3.37 15.05
CA LEU C 484 55.25 2.74 13.90
C LEU C 484 54.12 2.07 13.14
N GLU C 485 54.19 2.07 11.82
CA GLU C 485 53.15 1.38 11.07
C GLU C 485 53.26 -0.11 11.36
N TYR C 486 52.26 -0.63 12.09
CA TYR C 486 52.36 -1.96 12.68
C TYR C 486 52.64 -3.02 11.64
N ILE C 487 51.86 -2.96 10.57
CA ILE C 487 51.91 -3.95 9.54
C ILE C 487 53.28 -3.95 8.86
N VAL C 488 53.89 -2.77 8.78
CA VAL C 488 55.22 -2.64 8.20
C VAL C 488 56.34 -3.21 9.06
N GLY C 489 56.34 -2.82 10.32
CA GLY C 489 57.37 -3.26 11.24
C GLY C 489 57.31 -4.77 11.30
N ARG C 490 56.09 -5.25 11.25
CA ARG C 490 55.81 -6.65 11.10
C ARG C 490 56.56 -7.19 9.89
N VAL C 491 56.41 -6.52 8.75
CA VAL C 491 57.12 -6.98 7.54
C VAL C 491 58.60 -7.13 7.79
N TRP C 492 59.18 -6.16 8.46
CA TRP C 492 60.61 -6.22 8.72
C TRP C 492 60.97 -7.39 9.66
N ILE C 493 60.14 -7.64 10.66
CA ILE C 493 60.34 -8.82 11.49
C ILE C 493 60.38 -10.04 10.58
N GLY C 494 59.51 -10.05 9.58
CA GLY C 494 59.48 -11.12 8.60
C GLY C 494 60.77 -11.29 7.83
N PHE C 495 61.29 -10.20 7.30
CA PHE C 495 62.57 -10.22 6.59
C PHE C 495 63.66 -10.85 7.46
N TRP C 496 63.78 -10.32 8.67
CA TRP C 496 64.75 -10.87 9.62
C TRP C 496 64.55 -12.37 9.87
N LEU C 497 63.29 -12.81 9.94
CA LEU C 497 62.98 -14.22 10.10
C LEU C 497 63.58 -15.04 8.99
N ILE C 498 63.34 -14.60 7.76
CA ILE C 498 63.88 -15.26 6.58
C ILE C 498 65.38 -15.37 6.67
N LEU C 499 66.03 -14.28 7.08
CA LEU C 499 67.49 -14.30 7.26
C LEU C 499 67.97 -15.34 8.29
N LEU C 500 67.50 -15.18 9.53
CA LEU C 500 67.83 -16.09 10.62
C LEU C 500 67.65 -17.54 10.20
N VAL C 501 66.57 -17.82 9.48
CA VAL C 501 66.33 -19.17 9.04
C VAL C 501 67.36 -19.62 8.04
N VAL C 502 67.60 -18.81 7.01
CA VAL C 502 68.58 -19.22 6.01
C VAL C 502 69.89 -19.59 6.70
N LEU C 503 70.30 -18.74 7.65
CA LEU C 503 71.50 -19.02 8.43
C LEU C 503 71.43 -20.34 9.20
N VAL C 504 70.51 -20.40 10.17
CA VAL C 504 70.37 -21.53 11.08
C VAL C 504 70.20 -22.86 10.35
N VAL C 505 69.51 -22.83 9.23
CA VAL C 505 69.30 -24.02 8.44
C VAL C 505 70.54 -24.39 7.68
N ALA C 506 71.12 -23.44 6.95
CA ALA C 506 72.31 -23.72 6.16
C ALA C 506 73.49 -24.11 7.05
N PHE C 507 73.53 -23.59 8.28
CA PHE C 507 74.51 -24.04 9.27
C PHE C 507 73.90 -24.88 10.40
N GLU C 508 73.49 -26.10 10.07
CA GLU C 508 73.10 -27.13 11.04
C GLU C 508 72.39 -26.66 12.31
N GLY C 509 71.23 -26.04 12.17
CA GLY C 509 70.52 -25.58 13.35
C GLY C 509 70.04 -26.74 14.17
N SER C 510 69.36 -27.65 13.48
CA SER C 510 68.76 -28.83 14.10
C SER C 510 69.74 -29.68 14.90
N PHE C 511 71.03 -29.39 14.77
CA PHE C 511 72.06 -30.03 15.58
C PHE C 511 71.64 -29.92 17.03
N LEU C 512 71.30 -28.69 17.45
CA LEU C 512 70.94 -28.43 18.83
C LEU C 512 69.74 -29.27 19.26
N VAL C 513 68.87 -29.56 18.30
CA VAL C 513 67.66 -30.33 18.57
C VAL C 513 67.99 -31.71 19.10
N ARG C 514 69.09 -32.28 18.62
CA ARG C 514 69.45 -33.63 19.00
C ARG C 514 69.87 -33.67 20.48
N PHE C 515 69.93 -32.50 21.10
CA PHE C 515 70.24 -32.38 22.53
C PHE C 515 68.97 -32.11 23.34
N ILE C 516 67.82 -32.32 22.70
CA ILE C 516 66.51 -32.22 23.34
C ILE C 516 66.00 -33.61 23.75
N SER C 517 66.05 -33.92 25.03
CA SER C 517 65.73 -35.26 25.53
C SER C 517 64.24 -35.47 25.77
N ARG C 518 63.90 -36.63 26.33
CA ARG C 518 62.52 -36.94 26.70
C ARG C 518 62.08 -36.07 27.87
N TYR C 519 62.97 -35.92 28.84
CA TYR C 519 62.73 -35.11 30.03
C TYR C 519 62.28 -33.68 29.68
N THR C 520 62.70 -33.20 28.51
CA THR C 520 62.18 -31.95 27.95
C THR C 520 60.74 -32.14 27.46
N GLN C 521 60.67 -32.87 26.35
CA GLN C 521 59.45 -33.11 25.56
C GLN C 521 58.23 -33.41 26.41
N GLU C 522 58.42 -34.25 27.42
CA GLU C 522 57.31 -34.69 28.26
C GLU C 522 56.81 -33.55 29.15
N ILE C 523 57.74 -32.83 29.77
CA ILE C 523 57.39 -31.64 30.54
C ILE C 523 56.61 -30.70 29.65
N PHE C 524 57.12 -30.54 28.44
CA PHE C 524 56.52 -29.68 27.44
C PHE C 524 55.07 -30.06 27.10
N SER C 525 54.90 -31.24 26.49
CA SER C 525 53.60 -31.67 26.00
C SER C 525 52.61 -31.99 27.11
N PHE C 526 53.11 -32.26 28.31
CA PHE C 526 52.21 -32.41 29.43
C PHE C 526 51.73 -31.04 29.83
N LEU C 527 52.64 -30.07 29.84
CA LEU C 527 52.27 -28.68 30.10
C LEU C 527 51.21 -28.22 29.13
N ILE C 528 51.48 -28.48 27.85
CA ILE C 528 50.58 -28.07 26.78
C ILE C 528 49.23 -28.72 26.94
N SER C 529 49.20 -30.05 26.97
CA SER C 529 47.95 -30.78 27.13
C SER C 529 47.13 -30.28 28.33
N LEU C 530 47.83 -30.08 29.45
CA LEU C 530 47.18 -29.64 30.67
C LEU C 530 46.53 -28.27 30.45
N ILE C 531 47.32 -27.34 29.94
CA ILE C 531 46.83 -26.00 29.65
C ILE C 531 45.64 -26.02 28.69
N PHE C 532 45.70 -26.91 27.72
CA PHE C 532 44.68 -27.04 26.69
C PHE C 532 43.35 -27.41 27.33
N ILE C 533 43.37 -28.53 28.04
CA ILE C 533 42.19 -29.01 28.76
C ILE C 533 41.64 -27.88 29.60
N TYR C 534 42.53 -27.25 30.36
CA TYR C 534 42.14 -26.13 31.19
C TYR C 534 41.41 -25.06 30.41
N GLU C 535 41.98 -24.66 29.30
CA GLU C 535 41.37 -23.66 28.44
C GLU C 535 39.95 -24.07 28.02
N THR C 536 39.81 -25.29 27.54
CA THR C 536 38.50 -25.78 27.11
C THR C 536 37.46 -25.59 28.21
N PHE C 537 37.77 -26.12 29.39
CA PHE C 537 36.87 -25.92 30.52
C PHE C 537 36.60 -24.45 30.79
N SER C 538 37.66 -23.64 30.67
CA SER C 538 37.58 -22.20 30.87
C SER C 538 36.55 -21.55 29.93
N LYS C 539 36.59 -21.94 28.66
CA LYS C 539 35.60 -21.54 27.67
C LYS C 539 34.17 -21.89 28.10
N LEU C 540 33.98 -23.15 28.49
CA LEU C 540 32.67 -23.59 28.98
C LEU C 540 32.15 -22.73 30.14
N ILE C 541 32.98 -22.58 31.17
CA ILE C 541 32.55 -21.88 32.36
C ILE C 541 32.34 -20.39 32.03
N LYS C 542 33.02 -19.92 30.99
CA LYS C 542 32.70 -18.59 30.45
C LYS C 542 31.25 -18.57 29.96
N ILE C 543 30.87 -19.58 29.16
CA ILE C 543 29.46 -19.68 28.74
C ILE C 543 28.55 -19.64 29.94
N PHE C 544 28.97 -20.26 31.03
CA PHE C 544 28.18 -20.24 32.26
C PHE C 544 28.05 -18.85 32.87
N GLN C 545 29.10 -18.04 32.73
CA GLN C 545 29.08 -16.69 33.27
C GLN C 545 28.24 -15.72 32.44
N ASP C 546 28.38 -15.84 31.12
CA ASP C 546 27.62 -15.03 30.18
C ASP C 546 26.12 -15.28 30.35
N HIS C 547 25.78 -16.49 30.79
CA HIS C 547 24.40 -16.88 30.99
C HIS C 547 24.22 -17.75 32.23
N PRO C 548 24.29 -17.14 33.41
CA PRO C 548 24.15 -17.86 34.68
C PRO C 548 22.75 -18.43 34.92
N LEU C 549 22.67 -19.46 35.76
CA LEU C 549 21.38 -20.02 36.13
C LEU C 549 20.63 -19.07 37.05
N GLN C 550 19.44 -18.65 36.64
CA GLN C 550 18.62 -17.78 37.47
C GLN C 550 17.22 -17.72 36.90
N LYS C 551 16.36 -16.90 37.49
CA LYS C 551 14.99 -16.77 37.01
C LYS C 551 14.88 -15.47 36.23
N THR C 552 14.25 -15.54 35.04
CA THR C 552 13.95 -14.38 34.18
C THR C 552 15.24 -13.94 33.41
N TYR C 553 15.18 -13.00 32.46
CA TYR C 553 13.99 -12.30 31.93
C TYR C 553 14.03 -12.12 30.41
N LEU C 567 19.26 -15.21 27.19
CA LEU C 567 20.17 -15.65 28.25
C LEU C 567 19.84 -17.01 28.84
N PRO C 568 18.56 -17.29 29.21
CA PRO C 568 18.40 -18.46 30.10
C PRO C 568 18.42 -19.83 29.41
N ASN C 569 18.48 -20.86 30.24
CA ASN C 569 18.34 -22.24 29.81
C ASN C 569 19.43 -22.73 28.86
N THR C 570 20.51 -21.97 28.70
CA THR C 570 21.49 -22.26 27.66
C THR C 570 22.81 -22.78 28.23
N ALA C 571 23.24 -22.24 29.37
CA ALA C 571 24.47 -22.68 30.01
C ALA C 571 24.48 -24.18 30.17
N LEU C 572 23.44 -24.66 30.83
CA LEU C 572 23.26 -26.09 31.06
C LEU C 572 23.38 -26.89 29.77
N LEU C 573 22.57 -26.56 28.78
CA LEU C 573 22.56 -27.29 27.52
C LEU C 573 23.92 -27.25 26.84
N SER C 574 24.62 -26.15 27.01
CA SER C 574 25.95 -26.03 26.44
C SER C 574 26.82 -27.11 27.07
N LEU C 575 26.80 -27.13 28.40
CA LEU C 575 27.49 -28.16 29.17
C LEU C 575 27.14 -29.56 28.66
N VAL C 576 25.85 -29.89 28.68
CA VAL C 576 25.34 -31.18 28.23
C VAL C 576 25.88 -31.53 26.86
N LEU C 577 25.70 -30.64 25.90
CA LEU C 577 26.17 -30.83 24.54
C LEU C 577 27.64 -31.27 24.55
N MET C 578 28.45 -30.52 25.29
CA MET C 578 29.87 -30.82 25.39
C MET C 578 30.10 -32.23 25.95
N ALA C 579 29.56 -32.45 27.14
CA ALA C 579 29.70 -33.73 27.83
C ALA C 579 29.35 -34.88 26.92
N GLY C 580 28.15 -34.80 26.34
CA GLY C 580 27.62 -35.81 25.47
C GLY C 580 28.53 -36.11 24.32
N THR C 581 28.97 -35.07 23.61
CA THR C 581 29.87 -35.30 22.49
C THR C 581 31.12 -36.05 22.98
N PHE C 582 31.71 -35.57 24.08
CA PHE C 582 32.93 -36.20 24.62
C PHE C 582 32.70 -37.68 24.90
N PHE C 583 31.65 -37.95 25.66
CA PHE C 583 31.29 -39.30 26.06
C PHE C 583 31.19 -40.16 24.81
N PHE C 584 30.51 -39.67 23.79
CA PHE C 584 30.38 -40.44 22.55
C PHE C 584 31.72 -40.72 21.87
N ALA C 585 32.59 -39.72 21.82
CA ALA C 585 33.93 -39.93 21.27
C ALA C 585 34.64 -41.09 21.99
N MET C 586 34.64 -41.02 23.31
CA MET C 586 35.27 -42.04 24.15
C MET C 586 34.68 -43.44 23.91
N MET C 587 33.35 -43.50 23.96
CA MET C 587 32.62 -44.75 23.71
C MET C 587 33.04 -45.34 22.40
N LEU C 588 32.84 -44.61 21.31
CA LEU C 588 33.19 -45.09 19.98
C LEU C 588 34.65 -45.56 19.86
N ARG C 589 35.57 -44.84 20.49
CA ARG C 589 36.96 -45.31 20.57
C ARG C 589 37.01 -46.72 21.16
N LYS C 590 36.38 -46.86 22.33
CA LYS C 590 36.34 -48.14 23.04
C LYS C 590 35.67 -49.26 22.22
N PHE C 591 34.55 -48.94 21.58
CA PHE C 591 33.86 -49.80 20.62
C PHE C 591 34.81 -50.29 19.54
N LYS C 592 35.68 -49.39 19.09
CA LYS C 592 36.60 -49.67 18.00
C LYS C 592 37.60 -50.69 18.49
N ASN C 593 37.99 -50.55 19.74
CA ASN C 593 38.95 -51.48 20.32
C ASN C 593 38.31 -52.64 21.09
N SER C 594 37.00 -52.57 21.36
CA SER C 594 36.33 -53.65 22.10
C SER C 594 35.65 -54.67 21.19
N SER C 595 35.26 -55.79 21.79
CA SER C 595 34.89 -57.03 21.10
C SER C 595 33.70 -56.96 20.13
N TYR C 596 32.62 -56.31 20.55
CA TYR C 596 31.33 -56.35 19.85
C TYR C 596 31.45 -55.91 18.41
N PHE C 597 30.59 -56.48 17.57
CA PHE C 597 30.46 -56.08 16.16
C PHE C 597 31.59 -56.64 15.29
N PRO C 598 31.34 -56.77 13.98
CA PRO C 598 32.28 -57.50 13.14
C PRO C 598 33.18 -56.68 12.21
N GLY C 599 34.51 -56.84 12.37
CA GLY C 599 35.45 -56.42 11.34
C GLY C 599 35.38 -54.98 10.85
N LYS C 600 35.30 -54.82 9.53
CA LYS C 600 35.31 -53.51 8.89
C LYS C 600 34.23 -52.57 9.46
N LEU C 601 33.03 -53.08 9.70
CA LEU C 601 31.94 -52.29 10.28
C LEU C 601 32.38 -51.64 11.58
N ARG C 602 32.91 -52.45 12.48
CA ARG C 602 33.37 -51.98 13.79
C ARG C 602 34.59 -51.05 13.71
N ARG C 603 35.57 -51.38 12.86
CA ARG C 603 36.79 -50.59 12.78
C ARG C 603 36.55 -49.24 12.13
N VAL C 604 35.68 -49.23 11.13
CA VAL C 604 35.36 -48.01 10.42
C VAL C 604 34.44 -47.16 11.28
N ILE C 605 33.43 -47.77 11.89
CA ILE C 605 32.54 -47.07 12.82
C ILE C 605 33.37 -46.44 13.93
N GLY C 606 34.35 -47.19 14.41
CA GLY C 606 35.23 -46.70 15.46
C GLY C 606 36.24 -45.67 14.99
N ASP C 607 36.53 -45.67 13.69
CA ASP C 607 37.44 -44.71 13.08
C ASP C 607 36.77 -43.37 12.87
N PHE C 608 35.47 -43.41 12.66
CA PHE C 608 34.71 -42.19 12.45
C PHE C 608 34.05 -41.77 13.75
N GLY C 609 34.63 -42.23 14.86
CA GLY C 609 34.11 -41.91 16.17
C GLY C 609 33.87 -40.44 16.41
N VAL C 610 34.91 -39.64 16.20
CA VAL C 610 34.81 -38.21 16.39
C VAL C 610 33.76 -37.60 15.45
N PRO C 611 33.89 -37.84 14.13
CA PRO C 611 32.87 -37.21 13.28
C PRO C 611 31.44 -37.66 13.59
N ILE C 612 31.28 -38.91 14.01
CA ILE C 612 29.96 -39.42 14.36
C ILE C 612 29.44 -38.65 15.58
N SER C 613 30.28 -38.52 16.61
CA SER C 613 29.92 -37.76 17.81
C SER C 613 29.45 -36.35 17.45
N ILE C 614 30.29 -35.65 16.69
CA ILE C 614 29.99 -34.30 16.25
C ILE C 614 28.63 -34.26 15.56
N LEU C 615 28.43 -35.16 14.60
CA LEU C 615 27.19 -35.22 13.84
C LEU C 615 25.97 -35.39 14.73
N ILE C 616 26.00 -36.43 15.58
CA ILE C 616 24.91 -36.72 16.50
C ILE C 616 24.53 -35.52 17.35
N MET C 617 25.50 -35.00 18.10
CA MET C 617 25.22 -33.87 18.98
C MET C 617 24.74 -32.64 18.19
N VAL C 618 25.28 -32.46 16.99
CA VAL C 618 24.81 -31.39 16.14
C VAL C 618 23.33 -31.58 15.86
N LEU C 619 22.93 -32.82 15.55
CA LEU C 619 21.52 -33.11 15.31
C LEU C 619 20.69 -32.83 16.55
N VAL C 620 21.29 -33.09 17.72
CA VAL C 620 20.60 -32.79 18.96
C VAL C 620 20.28 -31.32 19.05
N ASP C 621 21.29 -30.48 18.85
CA ASP C 621 21.08 -29.03 18.93
C ASP C 621 20.09 -28.56 17.86
N PHE C 622 20.17 -29.20 16.70
CA PHE C 622 19.32 -28.86 15.57
C PHE C 622 17.87 -29.05 15.99
N PHE C 623 17.58 -30.23 16.53
CA PHE C 623 16.21 -30.55 16.91
C PHE C 623 15.73 -29.80 18.14
N ILE C 624 16.65 -29.34 18.98
CA ILE C 624 16.27 -28.44 20.06
C ILE C 624 16.30 -27.03 19.51
N GLN C 625 15.14 -26.52 19.13
CA GLN C 625 15.08 -25.30 18.34
C GLN C 625 14.79 -24.03 19.16
N ASP C 626 14.43 -24.21 20.44
CA ASP C 626 13.97 -23.10 21.27
C ASP C 626 14.99 -22.53 22.25
N THR C 627 16.26 -22.94 22.15
CA THR C 627 17.26 -22.39 23.05
C THR C 627 18.57 -22.06 22.33
N TYR C 628 19.14 -20.89 22.64
CA TYR C 628 20.33 -20.38 21.98
C TYR C 628 21.60 -21.13 22.34
N THR C 629 22.43 -21.34 21.32
CA THR C 629 23.72 -21.99 21.48
C THR C 629 24.79 -21.25 20.72
N GLN C 630 25.93 -20.95 21.34
CA GLN C 630 27.02 -20.36 20.58
C GLN C 630 27.47 -21.32 19.50
N LYS C 631 27.51 -20.84 18.26
CA LYS C 631 27.95 -21.68 17.15
C LYS C 631 29.12 -21.08 16.39
N LEU C 632 29.78 -21.90 15.58
CA LEU C 632 30.92 -21.43 14.82
C LEU C 632 30.51 -20.35 13.87
N SER C 633 31.28 -19.28 13.91
CA SER C 633 31.01 -18.14 13.06
C SER C 633 32.17 -17.97 12.09
N VAL C 634 31.87 -18.02 10.80
CA VAL C 634 32.86 -17.81 9.78
C VAL C 634 32.51 -16.48 9.13
N PRO C 635 33.51 -15.66 8.83
CA PRO C 635 33.22 -14.42 8.12
C PRO C 635 32.54 -14.70 6.77
N ASP C 636 31.65 -13.81 6.34
CA ASP C 636 30.83 -14.08 5.16
C ASP C 636 31.71 -14.26 3.92
N GLY C 637 32.72 -13.42 3.83
CA GLY C 637 33.67 -13.49 2.73
C GLY C 637 34.97 -12.83 3.12
N PHE C 638 36.06 -13.19 2.44
CA PHE C 638 37.38 -12.65 2.74
C PHE C 638 37.41 -11.12 2.63
N LYS C 639 37.88 -10.46 3.68
CA LYS C 639 38.11 -9.02 3.68
C LYS C 639 39.42 -8.74 4.44
N VAL C 640 39.70 -7.48 4.74
CA VAL C 640 40.90 -7.15 5.54
C VAL C 640 40.55 -6.23 6.71
N VAL C 649 50.57 -6.65 -1.31
CA VAL C 649 51.92 -6.64 -0.74
C VAL C 649 52.19 -5.34 -0.01
N ILE C 650 52.78 -5.44 1.17
CA ILE C 650 53.07 -4.25 1.95
C ILE C 650 54.40 -3.65 1.57
N HIS C 651 54.43 -2.33 1.56
CA HIS C 651 55.64 -1.65 1.19
C HIS C 651 56.51 -1.42 2.40
N PRO C 652 57.70 -2.01 2.39
CA PRO C 652 58.65 -2.03 3.51
C PRO C 652 59.04 -0.66 4.03
N LEU C 653 58.76 0.41 3.29
CA LEU C 653 59.10 1.75 3.77
C LEU C 653 57.90 2.45 4.39
N GLY C 654 56.78 1.74 4.46
CA GLY C 654 55.60 2.29 5.08
C GLY C 654 54.52 2.59 4.08
N LEU C 655 53.30 2.73 4.58
CA LEU C 655 52.16 3.10 3.76
C LEU C 655 51.61 4.47 4.18
N ARG C 656 51.36 4.63 5.47
CA ARG C 656 50.94 5.92 5.99
C ARG C 656 52.11 6.62 6.69
N SER C 657 53.22 5.91 6.77
CA SER C 657 54.54 6.48 7.02
C SER C 657 55.27 5.94 5.77
N GLU C 658 56.54 6.18 5.45
CA GLU C 658 57.67 6.76 6.20
C GLU C 658 58.05 5.97 7.43
N PHE C 659 58.37 4.71 7.22
CA PHE C 659 58.73 3.87 8.33
C PHE C 659 60.22 4.02 8.63
N PRO C 660 60.54 4.51 9.83
CA PRO C 660 61.86 4.86 10.36
C PRO C 660 62.87 3.76 10.14
N ILE C 661 64.06 4.16 9.70
CA ILE C 661 65.09 3.25 9.25
C ILE C 661 65.73 2.44 10.42
N TRP C 662 65.93 3.10 11.55
CA TRP C 662 66.51 2.43 12.72
C TRP C 662 65.64 1.26 13.12
N MET C 663 64.33 1.46 13.07
CA MET C 663 63.39 0.45 13.52
C MET C 663 63.36 -0.73 12.57
N MET C 664 63.65 -0.45 11.31
CA MET C 664 63.68 -1.51 10.32
C MET C 664 65.06 -2.18 10.33
N PHE C 665 65.98 -1.69 11.16
CA PHE C 665 67.07 -2.56 11.62
C PHE C 665 66.68 -3.37 12.86
N ALA C 666 66.23 -2.64 13.88
CA ALA C 666 66.00 -3.15 15.22
C ALA C 666 64.87 -4.17 15.33
N SER C 667 64.09 -4.31 14.26
CA SER C 667 63.08 -5.38 14.23
C SER C 667 63.76 -6.76 14.25
N ALA C 668 65.09 -6.77 14.16
CA ALA C 668 65.85 -8.01 14.27
C ALA C 668 65.62 -8.66 15.62
N LEU C 669 65.55 -7.86 16.67
CA LEU C 669 65.34 -8.44 17.99
C LEU C 669 63.99 -9.15 18.11
N PRO C 670 62.87 -8.46 17.84
CA PRO C 670 61.64 -9.23 17.97
C PRO C 670 61.57 -10.43 17.02
N ALA C 671 62.21 -10.34 15.86
CA ALA C 671 62.25 -11.46 14.93
C ALA C 671 63.07 -12.61 15.49
N LEU C 672 64.09 -12.27 16.26
CA LEU C 672 64.83 -13.27 17.01
C LEU C 672 63.84 -14.00 17.94
N LEU C 673 63.10 -13.25 18.76
CA LEU C 673 62.14 -13.85 19.69
C LEU C 673 61.13 -14.78 19.01
N VAL C 674 60.58 -14.31 17.91
CA VAL C 674 59.62 -15.11 17.16
C VAL C 674 60.28 -16.38 16.69
N PHE C 675 61.46 -16.25 16.08
CA PHE C 675 62.18 -17.40 15.58
C PHE C 675 62.44 -18.44 16.65
N ILE C 676 62.79 -17.98 17.85
CA ILE C 676 63.02 -18.91 18.95
C ILE C 676 61.69 -19.61 19.29
N LEU C 677 60.59 -18.86 19.26
CA LEU C 677 59.26 -19.44 19.53
C LEU C 677 58.89 -20.55 18.56
N ILE C 678 58.82 -20.20 17.29
CA ILE C 678 58.47 -21.13 16.24
C ILE C 678 59.45 -22.31 16.22
N PHE C 679 60.74 -22.02 16.41
CA PHE C 679 61.76 -23.08 16.42
C PHE C 679 61.50 -24.08 17.54
N LEU C 680 61.47 -23.60 18.78
CA LEU C 680 61.25 -24.48 19.92
C LEU C 680 60.00 -25.34 19.72
N GLU C 681 58.84 -24.68 19.54
CA GLU C 681 57.58 -25.39 19.31
C GLU C 681 57.68 -26.46 18.24
N SER C 682 57.93 -26.04 17.01
CA SER C 682 57.98 -26.94 15.87
C SER C 682 58.99 -28.08 16.05
N GLN C 683 60.21 -27.78 16.48
CA GLN C 683 61.23 -28.80 16.63
C GLN C 683 60.82 -29.85 17.67
N ILE C 684 60.38 -29.41 18.85
CA ILE C 684 59.93 -30.35 19.88
C ILE C 684 58.73 -31.19 19.40
N THR C 685 57.84 -30.57 18.62
CA THR C 685 56.65 -31.26 18.12
C THR C 685 57.04 -32.37 17.16
N THR C 686 57.91 -32.03 16.19
CA THR C 686 58.43 -33.03 15.25
C THR C 686 59.12 -34.15 16.03
N LEU C 687 59.83 -33.80 17.10
CA LEU C 687 60.41 -34.81 17.99
C LEU C 687 59.35 -35.77 18.55
N ILE C 688 58.25 -35.21 19.06
CA ILE C 688 57.22 -36.03 19.71
C ILE C 688 56.43 -36.90 18.71
N VAL C 689 56.18 -36.37 17.52
CA VAL C 689 55.42 -37.09 16.51
C VAL C 689 56.19 -38.28 15.96
N SER C 690 57.49 -38.10 15.70
CA SER C 690 58.30 -39.13 15.02
C SER C 690 59.14 -40.00 15.95
N LYS C 691 58.79 -40.00 17.24
CA LYS C 691 59.50 -40.79 18.24
C LYS C 691 59.49 -42.29 17.90
N PRO C 692 60.49 -43.05 18.38
CA PRO C 692 60.56 -44.47 18.04
C PRO C 692 59.34 -45.26 18.51
N GLU C 693 58.74 -44.86 19.64
CA GLU C 693 57.61 -45.58 20.23
C GLU C 693 56.41 -45.72 19.30
N ARG C 694 56.26 -44.79 18.36
CA ARG C 694 55.25 -44.96 17.33
C ARG C 694 55.94 -45.65 16.15
N LYS C 695 55.19 -46.45 15.41
CA LYS C 695 55.76 -47.29 14.36
C LYS C 695 56.35 -46.44 13.22
N MET C 696 55.88 -45.20 13.10
CA MET C 696 56.39 -44.36 12.04
C MET C 696 57.82 -43.99 12.35
N VAL C 697 58.74 -44.65 11.65
CA VAL C 697 60.15 -44.39 11.82
C VAL C 697 60.68 -44.18 10.42
N LYS C 698 59.77 -43.87 9.51
CA LYS C 698 60.13 -43.64 8.12
C LYS C 698 59.56 -42.34 7.56
N GLY C 699 60.24 -41.80 6.55
CA GLY C 699 59.88 -40.53 5.94
C GLY C 699 59.64 -39.34 6.87
N SER C 700 60.67 -38.89 7.56
CA SER C 700 60.57 -37.70 8.43
C SER C 700 61.94 -37.00 8.60
N GLY C 701 61.94 -35.67 8.58
CA GLY C 701 63.17 -34.90 8.66
C GLY C 701 62.98 -33.55 9.34
N PHE C 702 63.98 -33.10 10.08
CA PHE C 702 63.93 -31.82 10.81
C PHE C 702 64.26 -30.54 10.00
N HIS C 703 65.25 -30.61 9.13
CA HIS C 703 65.81 -29.43 8.47
C HIS C 703 64.85 -28.73 7.51
N LEU C 704 64.18 -29.51 6.67
CA LEU C 704 63.26 -28.96 5.68
C LEU C 704 62.14 -28.20 6.33
N ASP C 705 61.67 -28.71 7.47
CA ASP C 705 60.53 -28.13 8.14
C ASP C 705 60.79 -26.74 8.72
N LEU C 706 61.98 -26.48 9.24
CA LEU C 706 62.24 -25.15 9.80
C LEU C 706 62.25 -24.11 8.70
N LEU C 707 62.95 -24.46 7.62
CA LEU C 707 63.09 -23.60 6.44
C LEU C 707 61.73 -23.31 5.87
N LEU C 708 60.93 -24.37 5.70
CA LEU C 708 59.58 -24.19 5.19
C LEU C 708 58.75 -23.33 6.13
N VAL C 709 58.50 -23.81 7.35
CA VAL C 709 57.64 -23.14 8.31
C VAL C 709 57.97 -21.67 8.49
N VAL C 710 59.19 -21.38 8.89
CA VAL C 710 59.52 -20.00 9.21
C VAL C 710 59.70 -19.19 7.91
N GLY C 711 60.03 -19.85 6.81
CA GLY C 711 60.08 -19.17 5.52
C GLY C 711 58.72 -18.63 5.12
N MET C 712 57.75 -19.54 5.10
CA MET C 712 56.33 -19.19 4.96
C MET C 712 56.06 -17.99 5.86
N GLY C 713 56.43 -18.13 7.12
CA GLY C 713 56.26 -17.07 8.10
C GLY C 713 56.71 -15.68 7.65
N GLY C 714 57.96 -15.58 7.23
CA GLY C 714 58.48 -14.32 6.72
C GLY C 714 57.69 -13.76 5.55
N VAL C 715 57.43 -14.61 4.56
CA VAL C 715 56.71 -14.17 3.36
C VAL C 715 55.32 -13.65 3.72
N ALA C 716 54.64 -14.43 4.54
CA ALA C 716 53.33 -14.07 5.02
C ALA C 716 53.41 -12.69 5.66
N ALA C 717 54.42 -12.49 6.49
CA ALA C 717 54.61 -11.19 7.11
C ALA C 717 54.66 -10.10 6.05
N LEU C 718 55.31 -10.42 4.93
CA LEU C 718 55.38 -9.45 3.83
C LEU C 718 54.00 -9.17 3.24
N PHE C 719 53.14 -10.19 3.19
CA PHE C 719 51.80 -10.00 2.63
C PHE C 719 50.69 -9.60 3.61
N GLY C 720 51.07 -9.17 4.82
CA GLY C 720 50.10 -8.78 5.83
C GLY C 720 49.34 -9.98 6.32
N MET C 721 50.06 -11.10 6.40
CA MET C 721 49.51 -12.34 6.91
C MET C 721 50.22 -12.66 8.22
N PRO C 722 49.61 -13.50 9.05
CA PRO C 722 50.30 -13.96 10.25
C PRO C 722 51.25 -15.12 9.97
N TRP C 723 52.41 -15.12 10.61
CA TRP C 723 53.29 -16.27 10.50
C TRP C 723 52.75 -17.38 11.38
N LEU C 724 53.06 -18.62 11.03
CA LEU C 724 52.61 -19.79 11.79
C LEU C 724 53.75 -20.69 12.23
N SER C 725 53.56 -21.41 13.34
CA SER C 725 54.46 -22.49 13.71
C SER C 725 53.72 -23.82 13.64
N ALA C 726 54.41 -24.91 13.96
CA ALA C 726 53.77 -26.23 13.99
C ALA C 726 53.16 -26.47 15.36
N THR C 727 51.87 -26.78 15.39
CA THR C 727 51.15 -26.95 16.66
C THR C 727 51.43 -28.31 17.30
N THR C 728 51.47 -28.34 18.62
CA THR C 728 51.66 -29.59 19.33
C THR C 728 50.41 -30.47 19.30
N VAL C 729 49.36 -30.03 19.97
CA VAL C 729 48.16 -30.86 20.18
C VAL C 729 47.59 -31.27 18.85
N ARG C 730 47.47 -30.30 17.96
CA ARG C 730 46.89 -30.50 16.65
C ARG C 730 47.64 -31.58 15.86
N SER C 731 48.96 -31.44 15.74
CA SER C 731 49.78 -32.42 15.04
C SER C 731 49.67 -33.78 15.67
N VAL C 732 49.78 -33.82 17.00
CA VAL C 732 49.70 -35.08 17.71
C VAL C 732 48.40 -35.80 17.36
N THR C 733 47.27 -35.11 17.49
CA THR C 733 46.00 -35.78 17.22
C THR C 733 45.81 -36.08 15.73
N HIS C 734 46.48 -35.32 14.85
CA HIS C 734 46.45 -35.63 13.42
C HIS C 734 47.26 -36.89 13.17
N ALA C 735 48.23 -37.15 14.04
CA ALA C 735 49.04 -38.35 13.94
C ALA C 735 48.27 -39.57 14.43
N ASN C 736 47.61 -39.43 15.58
CA ASN C 736 46.85 -40.52 16.17
C ASN C 736 45.66 -40.94 15.31
N ALA C 737 45.48 -40.27 14.19
CA ALA C 737 44.19 -40.27 13.49
C ALA C 737 43.78 -41.47 12.57
N LEU C 738 44.57 -42.05 11.64
CA LEU C 738 45.99 -41.94 11.23
C LEU C 738 46.95 -42.74 12.11
N THR C 739 46.44 -43.45 13.12
CA THR C 739 47.24 -44.43 13.85
C THR C 739 46.45 -45.71 14.10
N VAL C 740 47.10 -46.85 13.97
CA VAL C 740 46.45 -48.15 14.15
C VAL C 740 46.99 -48.80 15.43
N MET C 741 46.10 -49.46 16.16
CA MET C 741 46.52 -50.24 17.33
C MET C 741 46.03 -51.66 17.23
N ILE C 753 50.83 -51.77 19.44
CA ILE C 753 50.86 -50.57 18.60
C ILE C 753 50.99 -51.08 17.16
N GLN C 754 50.54 -50.27 16.19
CA GLN C 754 50.56 -50.68 14.78
C GLN C 754 50.95 -49.47 13.94
N GLU C 755 51.29 -49.69 12.67
CA GLU C 755 51.77 -48.61 11.79
C GLU C 755 50.76 -47.49 11.58
N VAL C 756 51.29 -46.27 11.49
CA VAL C 756 50.46 -45.10 11.29
C VAL C 756 50.52 -44.73 9.81
N LYS C 757 49.39 -44.35 9.24
CA LYS C 757 49.32 -43.98 7.84
C LYS C 757 49.86 -42.56 7.62
N GLU C 758 50.80 -42.42 6.70
CA GLU C 758 51.52 -41.16 6.47
C GLU C 758 51.10 -40.51 5.16
N GLN C 759 50.23 -39.51 5.23
CA GLN C 759 49.72 -38.87 4.01
C GLN C 759 50.22 -37.48 3.79
N ARG C 760 50.23 -37.07 2.53
CA ARG C 760 50.30 -35.67 2.21
C ARG C 760 48.87 -35.17 2.02
N ILE C 761 47.98 -36.11 1.74
CA ILE C 761 46.63 -35.77 1.35
C ILE C 761 45.76 -35.41 2.54
N SER C 762 45.96 -36.07 3.67
CA SER C 762 45.21 -35.73 4.87
C SER C 762 45.36 -34.23 5.18
N GLY C 763 46.61 -33.82 5.36
CA GLY C 763 46.94 -32.43 5.59
C GLY C 763 46.45 -31.51 4.49
N LEU C 764 46.71 -31.89 3.24
CA LEU C 764 46.28 -31.11 2.09
C LEU C 764 44.79 -30.79 2.19
N LEU C 765 44.02 -31.82 2.56
CA LEU C 765 42.57 -31.70 2.63
C LEU C 765 42.12 -30.84 3.79
N VAL C 766 42.70 -31.01 4.98
CA VAL C 766 42.28 -30.15 6.08
C VAL C 766 42.63 -28.69 5.76
N ALA C 767 43.76 -28.48 5.07
CA ALA C 767 44.17 -27.14 4.67
C ALA C 767 43.16 -26.50 3.72
N VAL C 768 42.93 -27.18 2.59
CA VAL C 768 41.99 -26.69 1.58
C VAL C 768 40.65 -26.41 2.23
N LEU C 769 40.18 -27.38 3.02
CA LEU C 769 38.92 -27.25 3.74
C LEU C 769 38.86 -25.99 4.61
N VAL C 770 39.90 -25.75 5.39
CA VAL C 770 39.98 -24.53 6.19
C VAL C 770 39.84 -23.32 5.28
N GLY C 771 40.53 -23.37 4.15
CA GLY C 771 40.39 -22.33 3.14
C GLY C 771 38.96 -22.06 2.73
N LEU C 772 38.23 -23.13 2.41
CA LEU C 772 36.90 -22.98 1.83
C LEU C 772 35.82 -22.85 2.91
N SER C 773 36.24 -22.84 4.17
CA SER C 773 35.32 -22.68 5.29
C SER C 773 34.42 -21.43 5.12
N ILE C 774 34.95 -20.43 4.43
CA ILE C 774 34.18 -19.26 4.03
C ILE C 774 32.90 -19.67 3.33
N LEU C 775 33.05 -20.49 2.29
CA LEU C 775 31.90 -20.98 1.56
C LEU C 775 31.08 -21.92 2.44
N MET C 776 31.76 -22.73 3.23
CA MET C 776 31.08 -23.71 4.06
C MET C 776 30.21 -23.08 5.14
N GLU C 777 30.30 -21.76 5.29
CA GLU C 777 29.59 -21.01 6.34
C GLU C 777 28.21 -21.54 6.72
N PRO C 778 27.30 -21.79 5.74
CA PRO C 778 25.99 -22.29 6.16
C PRO C 778 26.03 -23.61 6.92
N ILE C 779 26.95 -24.51 6.54
CA ILE C 779 27.18 -25.74 7.29
C ILE C 779 27.70 -25.41 8.68
N LEU C 780 28.84 -24.72 8.71
CA LEU C 780 29.57 -24.42 9.92
C LEU C 780 28.73 -23.63 10.93
N SER C 781 27.68 -22.99 10.42
CA SER C 781 26.78 -22.22 11.25
C SER C 781 25.93 -23.08 12.18
N ARG C 782 25.65 -24.32 11.77
CA ARG C 782 24.79 -25.20 12.54
C ARG C 782 25.55 -25.95 13.62
N ILE C 783 26.87 -25.85 13.59
CA ILE C 783 27.74 -26.61 14.48
C ILE C 783 27.96 -25.87 15.78
N PRO C 784 27.29 -26.30 16.85
CA PRO C 784 27.36 -25.62 18.14
C PRO C 784 28.76 -25.73 18.73
N LEU C 785 29.28 -24.60 19.24
CA LEU C 785 30.60 -24.55 19.86
C LEU C 785 30.82 -25.64 20.92
N ALA C 786 29.91 -25.70 21.90
CA ALA C 786 29.94 -26.70 22.97
C ALA C 786 30.36 -28.10 22.48
N VAL C 787 29.80 -28.53 21.35
CA VAL C 787 30.20 -29.78 20.74
C VAL C 787 31.70 -29.81 20.47
N LEU C 788 32.22 -28.77 19.83
CA LEU C 788 33.64 -28.76 19.57
C LEU C 788 34.44 -28.61 20.87
N PHE C 789 33.78 -28.19 21.94
CA PHE C 789 34.40 -28.16 23.27
C PHE C 789 34.60 -29.57 23.77
N GLY C 790 33.58 -30.40 23.54
CA GLY C 790 33.68 -31.80 23.86
C GLY C 790 34.81 -32.45 23.08
N ILE C 791 34.78 -32.29 21.77
CA ILE C 791 35.85 -32.85 20.93
C ILE C 791 37.21 -32.37 21.45
N PHE C 792 37.33 -31.07 21.74
CA PHE C 792 38.54 -30.54 22.35
C PHE C 792 39.00 -31.34 23.58
N LEU C 793 38.14 -31.41 24.59
CA LEU C 793 38.45 -32.11 25.83
C LEU C 793 38.97 -33.52 25.54
N TYR C 794 38.31 -34.17 24.58
CA TYR C 794 38.74 -35.47 24.09
C TYR C 794 40.16 -35.43 23.54
N MET C 795 40.45 -34.42 22.74
CA MET C 795 41.79 -34.25 22.19
C MET C 795 42.82 -34.07 23.28
N GLY C 796 42.44 -33.35 24.33
CA GLY C 796 43.33 -33.06 25.43
C GLY C 796 43.76 -34.34 26.08
N VAL C 797 42.78 -35.15 26.47
CA VAL C 797 43.08 -36.38 27.18
C VAL C 797 43.75 -37.41 26.26
N THR C 798 43.36 -37.42 24.98
CA THR C 798 43.99 -38.28 23.96
C THR C 798 45.47 -37.96 23.80
N SER C 799 45.78 -36.67 23.78
CA SER C 799 47.15 -36.18 23.70
C SER C 799 47.98 -36.62 24.91
N LEU C 800 47.30 -36.94 26.00
CA LEU C 800 47.93 -37.24 27.27
C LEU C 800 48.49 -38.66 27.27
N SER C 801 48.38 -39.31 26.12
CA SER C 801 48.62 -40.75 26.01
C SER C 801 50.09 -41.12 26.11
N GLY C 802 50.85 -40.83 25.07
CA GLY C 802 52.22 -41.31 24.96
C GLY C 802 53.23 -40.71 25.92
N ILE C 803 52.76 -39.91 26.88
CA ILE C 803 53.65 -39.23 27.80
C ILE C 803 54.00 -40.13 28.99
N GLN C 804 55.27 -40.49 29.09
CA GLN C 804 55.76 -41.25 30.22
C GLN C 804 55.60 -40.47 31.52
N LEU C 805 55.92 -39.18 31.50
CA LEU C 805 55.75 -38.35 32.69
C LEU C 805 54.33 -38.48 33.20
N PHE C 806 53.35 -38.40 32.29
CA PHE C 806 51.96 -38.61 32.67
C PHE C 806 51.81 -39.96 33.35
N ASP C 807 52.28 -41.00 32.66
CA ASP C 807 52.26 -42.36 33.19
C ASP C 807 52.74 -42.39 34.64
N ARG C 808 53.82 -41.67 34.91
CA ARG C 808 54.45 -41.70 36.21
C ARG C 808 53.66 -40.91 37.22
N ILE C 809 53.18 -39.73 36.84
CA ILE C 809 52.37 -38.92 37.76
C ILE C 809 51.26 -39.82 38.26
N LEU C 810 50.62 -40.51 37.32
CA LEU C 810 49.63 -41.53 37.64
C LEU C 810 50.21 -42.55 38.61
N LEU C 811 51.34 -43.15 38.22
CA LEU C 811 52.00 -44.21 38.99
C LEU C 811 52.27 -43.83 40.45
N LEU C 812 52.42 -42.54 40.72
CA LEU C 812 52.63 -42.07 42.08
C LEU C 812 51.36 -42.33 42.89
N PHE C 813 50.21 -42.01 42.30
CA PHE C 813 48.94 -42.23 42.96
C PHE C 813 48.56 -43.72 43.00
N LYS C 814 49.37 -44.58 42.40
CA LYS C 814 49.07 -46.00 42.30
C LYS C 814 49.84 -46.66 43.41
N PRO C 815 49.28 -47.73 43.98
CA PRO C 815 50.00 -48.46 45.02
C PRO C 815 51.30 -48.99 44.46
N PRO C 816 52.30 -49.17 45.32
CA PRO C 816 53.58 -49.70 44.84
C PRO C 816 53.48 -51.16 44.41
N LYS C 817 52.33 -51.78 44.62
CA LYS C 817 52.09 -53.15 44.19
C LYS C 817 52.16 -53.32 42.66
N TYR C 818 51.75 -52.31 41.92
CA TYR C 818 51.78 -52.37 40.45
C TYR C 818 53.08 -51.82 39.86
N HIS C 819 53.52 -52.51 38.81
CA HIS C 819 54.86 -52.38 38.29
C HIS C 819 54.79 -51.96 36.83
N PRO C 820 55.93 -51.55 36.28
CA PRO C 820 55.98 -51.19 34.86
C PRO C 820 56.48 -52.34 33.98
N ASP C 821 56.63 -52.05 32.70
CA ASP C 821 57.26 -52.98 31.76
C ASP C 821 58.68 -53.24 32.23
N VAL C 822 59.29 -52.21 32.81
CA VAL C 822 60.68 -52.27 33.23
C VAL C 822 60.81 -52.35 34.75
N PRO C 823 61.09 -53.55 35.30
CA PRO C 823 61.22 -53.72 36.75
C PRO C 823 62.29 -52.82 37.35
N TYR C 824 63.29 -52.48 36.54
CA TYR C 824 64.43 -51.71 37.00
C TYR C 824 63.96 -50.38 37.52
N VAL C 825 63.13 -49.67 36.77
CA VAL C 825 62.84 -48.28 37.08
C VAL C 825 62.08 -48.13 38.41
N LYS C 826 61.05 -48.93 38.66
CA LYS C 826 60.37 -48.83 39.94
C LYS C 826 61.14 -49.47 41.08
N ARG C 827 61.76 -50.62 40.85
CA ARG C 827 62.48 -51.31 41.93
C ARG C 827 63.68 -50.49 42.41
N VAL C 828 64.37 -49.82 41.48
CA VAL C 828 65.53 -49.01 41.84
C VAL C 828 65.05 -47.74 42.49
N LYS C 829 63.78 -47.42 42.30
CA LYS C 829 63.30 -46.12 42.69
C LYS C 829 61.88 -46.17 43.26
N THR C 830 61.65 -47.02 44.25
CA THR C 830 60.31 -47.16 44.83
C THR C 830 59.89 -45.83 45.46
N TRP C 831 60.89 -45.07 45.93
CA TRP C 831 60.70 -43.72 46.43
C TRP C 831 61.28 -42.71 45.45
N ARG C 832 62.45 -43.05 44.93
CA ARG C 832 63.21 -42.16 44.07
C ARG C 832 62.54 -41.78 42.73
N MET C 833 61.82 -42.73 42.12
CA MET C 833 61.07 -42.47 40.90
C MET C 833 60.15 -41.30 41.15
N HIS C 834 59.42 -41.38 42.26
CA HIS C 834 58.54 -40.31 42.71
C HIS C 834 59.26 -38.97 42.91
N LEU C 835 60.56 -39.02 43.23
CA LEU C 835 61.35 -37.79 43.31
C LEU C 835 61.66 -37.22 41.92
N PHE C 836 62.02 -38.10 40.99
CA PHE C 836 62.35 -37.69 39.63
C PHE C 836 61.10 -37.07 38.96
N THR C 837 60.02 -37.84 38.99
CA THR C 837 58.68 -37.38 38.62
C THR C 837 58.34 -36.10 39.40
N GLY C 838 58.80 -36.00 40.64
CA GLY C 838 58.60 -34.81 41.45
C GLY C 838 59.30 -33.57 40.92
N ILE C 839 60.51 -33.75 40.39
CA ILE C 839 61.23 -32.64 39.77
C ILE C 839 60.52 -32.26 38.49
N GLN C 840 60.09 -33.25 37.72
CA GLN C 840 59.21 -32.99 36.58
C GLN C 840 58.07 -32.06 36.99
N ILE C 841 57.30 -32.48 38.00
CA ILE C 841 56.18 -31.69 38.50
C ILE C 841 56.60 -30.28 38.89
N ILE C 842 57.74 -30.12 39.56
CA ILE C 842 58.13 -28.80 40.02
C ILE C 842 58.52 -27.91 38.81
N CYS C 843 59.11 -28.52 37.78
CA CYS C 843 59.39 -27.82 36.54
C CYS C 843 58.11 -27.34 35.92
N LEU C 844 57.19 -28.29 35.76
CA LEU C 844 55.86 -28.03 35.26
C LEU C 844 55.27 -26.81 35.95
N ALA C 845 55.38 -26.79 37.27
CA ALA C 845 54.93 -25.66 38.05
C ALA C 845 55.59 -24.39 37.58
N VAL C 846 56.93 -24.39 37.60
CA VAL C 846 57.72 -23.22 37.19
C VAL C 846 57.21 -22.66 35.88
N LEU C 847 57.27 -23.48 34.82
CA LEU C 847 56.80 -23.06 33.52
C LEU C 847 55.34 -22.60 33.54
N TRP C 848 54.53 -23.19 34.42
CA TRP C 848 53.12 -22.82 34.49
C TRP C 848 52.93 -21.45 35.13
N VAL C 849 53.85 -21.03 35.98
CA VAL C 849 53.75 -19.69 36.54
C VAL C 849 54.41 -18.68 35.60
N VAL C 850 55.50 -19.07 34.95
CA VAL C 850 56.16 -18.21 33.98
C VAL C 850 55.14 -17.88 32.90
N LYS C 851 54.63 -18.91 32.25
CA LYS C 851 53.63 -18.75 31.20
C LYS C 851 52.36 -18.08 31.71
N SER C 852 52.22 -17.97 33.03
CA SER C 852 51.04 -17.34 33.60
C SER C 852 50.99 -15.83 33.42
N THR C 853 52.16 -15.21 33.33
CA THR C 853 52.27 -13.75 33.23
C THR C 853 52.16 -13.24 31.79
N PRO C 854 51.88 -11.94 31.60
CA PRO C 854 52.29 -11.40 30.29
C PRO C 854 53.82 -11.36 30.10
N ALA C 855 54.60 -11.72 31.14
CA ALA C 855 56.02 -12.05 30.97
C ALA C 855 56.25 -13.42 30.32
N SER C 856 55.15 -14.11 29.99
CA SER C 856 55.18 -15.47 29.46
C SER C 856 56.01 -15.64 28.21
N LEU C 857 56.24 -14.55 27.48
CA LEU C 857 56.99 -14.68 26.26
C LEU C 857 58.41 -15.12 26.54
N ALA C 858 58.84 -14.99 27.80
CA ALA C 858 60.15 -15.46 28.22
C ALA C 858 60.27 -16.98 28.12
N LEU C 859 59.13 -17.66 28.24
CA LEU C 859 59.05 -19.10 28.43
C LEU C 859 60.05 -19.98 27.65
N PRO C 860 60.10 -19.85 26.29
CA PRO C 860 60.94 -20.78 25.52
C PRO C 860 62.39 -20.84 25.97
N PHE C 861 62.85 -19.78 26.62
CA PHE C 861 64.13 -19.80 27.29
C PHE C 861 64.05 -20.63 28.55
N VAL C 862 63.06 -20.31 29.40
CA VAL C 862 62.88 -20.98 30.69
C VAL C 862 62.82 -22.48 30.47
N LEU C 863 62.12 -22.89 29.42
CA LEU C 863 61.96 -24.31 29.11
C LEU C 863 63.32 -24.97 28.89
N ILE C 864 64.21 -24.30 28.17
CA ILE C 864 65.58 -24.81 28.04
C ILE C 864 66.26 -24.62 29.38
N LEU C 865 66.12 -23.42 29.95
CA LEU C 865 66.72 -23.08 31.23
C LEU C 865 66.45 -24.16 32.26
N THR C 866 65.19 -24.50 32.44
CA THR C 866 64.83 -25.64 33.28
C THR C 866 65.55 -26.89 32.78
N VAL C 867 65.28 -27.36 31.55
CA VAL C 867 65.57 -28.76 31.27
C VAL C 867 67.06 -29.07 30.97
N PRO C 868 67.67 -28.59 29.86
CA PRO C 868 69.08 -29.00 29.79
C PRO C 868 70.03 -28.51 30.88
N LEU C 869 69.63 -27.52 31.69
CA LEU C 869 70.39 -27.21 32.92
C LEU C 869 70.13 -28.31 33.96
N ARG C 870 68.85 -28.60 34.18
CA ARG C 870 68.45 -29.63 35.12
C ARG C 870 69.15 -30.92 34.74
N ARG C 871 69.23 -31.14 33.43
CA ARG C 871 69.70 -32.39 32.84
C ARG C 871 71.22 -32.51 32.93
N VAL C 872 71.83 -31.59 33.67
CA VAL C 872 73.24 -31.68 34.00
C VAL C 872 73.35 -31.71 35.51
N LEU C 873 72.49 -30.94 36.17
CA LEU C 873 72.41 -30.98 37.63
C LEU C 873 71.63 -32.21 38.15
N LEU C 874 71.01 -32.96 37.24
CA LEU C 874 70.35 -34.22 37.58
C LEU C 874 71.35 -35.37 37.83
N PRO C 875 72.38 -35.53 36.97
CA PRO C 875 73.41 -36.53 37.30
C PRO C 875 74.08 -36.33 38.66
N LEU C 876 73.87 -35.18 39.29
CA LEU C 876 74.24 -35.00 40.69
C LEU C 876 73.41 -35.93 41.57
N ILE C 877 72.17 -36.18 41.15
CA ILE C 877 71.22 -36.94 41.96
C ILE C 877 71.39 -38.44 41.78
N PHE C 878 71.22 -38.97 40.57
CA PHE C 878 71.40 -40.41 40.35
C PHE C 878 72.32 -40.70 39.17
N ARG C 879 72.48 -41.97 38.83
CA ARG C 879 73.59 -42.39 37.97
C ARG C 879 73.23 -42.78 36.54
N ASN C 880 74.28 -43.07 35.76
CA ASN C 880 74.19 -43.39 34.33
C ASN C 880 73.47 -44.67 33.98
N VAL C 881 73.08 -45.45 34.98
CA VAL C 881 72.22 -46.61 34.76
C VAL C 881 70.83 -46.22 35.23
N GLU C 882 70.78 -45.68 36.43
CA GLU C 882 69.55 -45.22 37.05
C GLU C 882 68.77 -44.25 36.18
N LEU C 883 69.31 -43.04 36.05
CA LEU C 883 68.68 -41.99 35.26
C LEU C 883 68.52 -42.44 33.80
N GLN C 884 69.50 -43.20 33.32
CA GLN C 884 69.50 -43.66 31.93
C GLN C 884 68.22 -44.37 31.52
N CYS C 885 67.70 -45.22 32.40
CA CYS C 885 66.48 -45.97 32.10
C CYS C 885 65.20 -45.15 32.23
N LEU C 886 65.32 -43.90 32.70
CA LEU C 886 64.14 -43.03 32.80
C LEU C 886 63.86 -42.24 31.52
N ASP C 887 64.78 -42.32 30.55
CA ASP C 887 64.54 -41.84 29.18
C ASP C 887 65.65 -42.25 28.22
N GLY D 381 6.46 -78.89 58.20
CA GLY D 381 7.55 -79.09 57.26
C GLY D 381 8.43 -77.87 57.12
N LEU D 382 7.91 -76.70 57.49
CA LEU D 382 8.63 -75.43 57.42
C LEU D 382 9.85 -75.44 58.34
N VAL D 383 9.70 -76.16 59.45
CA VAL D 383 10.71 -76.26 60.51
C VAL D 383 12.15 -76.37 60.00
N ARG D 384 12.35 -77.13 58.92
CA ARG D 384 13.65 -77.32 58.29
C ARG D 384 14.43 -76.01 58.18
N ASP D 385 13.72 -74.96 57.79
CA ASP D 385 14.31 -73.65 57.61
C ASP D 385 14.60 -72.96 58.95
N ILE D 386 13.64 -73.00 59.88
CA ILE D 386 13.87 -72.40 61.19
C ILE D 386 15.14 -73.00 61.75
N ARG D 387 15.19 -74.33 61.77
CA ARG D 387 16.35 -75.08 62.24
C ARG D 387 17.60 -74.67 61.47
N ARG D 388 17.49 -74.53 60.15
CA ARG D 388 18.59 -74.02 59.34
C ARG D 388 19.12 -72.69 59.91
N ARG D 389 18.22 -71.73 60.09
CA ARG D 389 18.67 -70.36 60.28
C ARG D 389 18.90 -69.88 61.73
N TYR D 390 18.08 -70.31 62.67
CA TYR D 390 18.19 -69.78 64.04
C TYR D 390 19.59 -69.86 64.69
N PRO D 391 20.37 -70.94 64.43
CA PRO D 391 21.74 -70.89 64.96
C PRO D 391 22.60 -69.79 64.34
N TYR D 392 22.51 -69.65 63.02
CA TYR D 392 23.19 -68.58 62.32
C TYR D 392 22.73 -67.22 62.85
N TYR D 393 21.46 -67.15 63.26
CA TYR D 393 20.82 -65.93 63.74
C TYR D 393 21.62 -65.17 64.79
N LEU D 394 21.94 -65.84 65.90
CA LEU D 394 22.70 -65.21 66.97
C LEU D 394 24.15 -64.91 66.57
N SER D 395 24.54 -65.38 65.40
CA SER D 395 25.83 -65.04 64.79
C SER D 395 25.71 -63.86 63.82
N ASP D 396 24.50 -63.62 63.34
CA ASP D 396 24.29 -62.62 62.31
C ASP D 396 24.19 -61.20 62.85
N ILE D 397 24.27 -61.04 64.17
CA ILE D 397 24.33 -59.72 64.77
C ILE D 397 25.80 -59.26 64.85
N THR D 398 26.72 -60.19 65.04
CA THR D 398 28.16 -59.91 65.08
C THR D 398 28.69 -59.69 63.66
N ASP D 399 28.09 -60.40 62.72
CA ASP D 399 28.49 -60.37 61.31
C ASP D 399 28.34 -58.98 60.68
N ALA D 400 27.70 -58.07 61.43
CA ALA D 400 27.18 -56.83 60.88
C ALA D 400 27.97 -55.58 61.18
N PHE D 401 29.10 -55.71 61.89
CA PHE D 401 29.74 -54.50 62.38
C PHE D 401 30.78 -53.96 61.38
N SER D 402 30.70 -54.43 60.14
CA SER D 402 31.60 -53.99 59.09
C SER D 402 31.19 -52.62 58.52
N PRO D 403 32.12 -51.95 57.82
CA PRO D 403 31.74 -50.68 57.20
C PRO D 403 30.90 -50.89 55.94
N GLN D 404 31.20 -51.97 55.21
CA GLN D 404 30.48 -52.30 53.99
C GLN D 404 29.00 -52.41 54.30
N VAL D 405 28.73 -52.95 55.48
CA VAL D 405 27.40 -52.99 56.05
C VAL D 405 26.80 -51.60 56.05
N LEU D 406 27.45 -50.67 56.74
CA LEU D 406 26.96 -49.31 56.88
C LEU D 406 26.62 -48.70 55.53
N ALA D 407 27.58 -48.76 54.61
CA ALA D 407 27.40 -48.27 53.26
C ALA D 407 26.11 -48.84 52.64
N ALA D 408 26.02 -50.16 52.73
CA ALA D 408 24.83 -50.88 52.31
C ALA D 408 23.56 -50.30 52.93
N VAL D 409 23.62 -49.98 54.22
CA VAL D 409 22.49 -49.46 54.97
C VAL D 409 21.98 -48.18 54.33
N ILE D 410 22.89 -47.24 54.07
CA ILE D 410 22.50 -45.97 53.48
C ILE D 410 21.88 -46.14 52.07
N PHE D 411 22.63 -46.86 51.22
CA PHE D 411 22.21 -47.19 49.85
C PHE D 411 20.78 -47.74 49.83
N ILE D 412 20.60 -48.88 50.49
CA ILE D 412 19.33 -49.59 50.52
C ILE D 412 18.26 -48.75 51.22
N TYR D 413 18.68 -47.86 52.11
CA TYR D 413 17.73 -46.97 52.78
C TYR D 413 17.05 -46.10 51.76
N PHE D 414 17.84 -45.48 50.89
CA PHE D 414 17.26 -44.67 49.84
C PHE D 414 16.50 -45.52 48.81
N ALA D 415 17.10 -46.66 48.47
CA ALA D 415 16.54 -47.56 47.46
C ALA D 415 15.17 -48.08 47.90
N ALA D 416 14.91 -48.06 49.20
CA ALA D 416 13.65 -48.52 49.76
C ALA D 416 12.68 -47.37 50.01
N LEU D 417 13.21 -46.23 50.45
CA LEU D 417 12.37 -45.09 50.80
C LEU D 417 11.76 -44.43 49.56
N SER D 418 12.58 -44.22 48.52
CA SER D 418 12.08 -43.56 47.30
C SER D 418 10.81 -44.24 46.71
N PRO D 419 10.84 -45.57 46.52
CA PRO D 419 9.59 -46.19 46.05
C PRO D 419 8.49 -46.20 47.11
N ALA D 420 8.87 -46.23 48.39
CA ALA D 420 7.89 -46.14 49.47
C ALA D 420 7.11 -44.84 49.35
N ILE D 421 7.84 -43.74 49.22
CA ILE D 421 7.24 -42.43 48.99
C ILE D 421 6.36 -42.43 47.74
N THR D 422 6.98 -42.65 46.58
CA THR D 422 6.27 -42.55 45.30
C THR D 422 5.00 -43.41 45.26
N PHE D 423 5.16 -44.67 45.62
CA PHE D 423 4.05 -45.63 45.63
C PHE D 423 3.01 -45.22 46.64
N GLY D 424 3.46 -44.75 47.80
CA GLY D 424 2.54 -44.22 48.79
C GLY D 424 1.67 -43.15 48.16
N GLY D 425 2.31 -42.20 47.48
CA GLY D 425 1.61 -41.10 46.86
C GLY D 425 0.59 -41.56 45.85
N LEU D 426 1.00 -42.48 44.98
CA LEU D 426 0.08 -43.00 43.96
C LEU D 426 -1.10 -43.66 44.63
N LEU D 427 -0.78 -44.49 45.61
CA LEU D 427 -1.75 -45.28 46.35
C LEU D 427 -2.78 -44.36 47.02
N GLY D 428 -2.33 -43.17 47.38
CA GLY D 428 -3.22 -42.21 47.99
C GLY D 428 -4.14 -41.63 46.93
N GLU D 429 -3.56 -41.24 45.81
CA GLU D 429 -4.34 -40.63 44.73
C GLU D 429 -5.41 -41.56 44.18
N LYS D 430 -5.03 -42.81 44.00
CA LYS D 430 -5.92 -43.80 43.44
C LYS D 430 -7.11 -44.05 44.38
N THR D 431 -6.84 -44.21 45.68
CA THR D 431 -7.90 -44.55 46.63
C THR D 431 -8.51 -43.33 47.30
N ARG D 432 -8.23 -42.16 46.78
CA ARG D 432 -8.73 -40.92 47.35
C ARG D 432 -8.48 -40.85 48.87
N ASN D 433 -7.27 -41.22 49.27
CA ASN D 433 -6.75 -41.10 50.64
C ASN D 433 -7.29 -42.12 51.66
N GLN D 434 -7.94 -43.16 51.19
CA GLN D 434 -8.40 -44.19 52.09
C GLN D 434 -7.22 -45.11 52.44
N MET D 435 -6.31 -45.25 51.48
CA MET D 435 -5.08 -46.02 51.67
C MET D 435 -3.90 -45.18 51.17
N GLY D 436 -3.25 -44.45 52.08
CA GLY D 436 -2.28 -43.42 51.71
C GLY D 436 -0.81 -43.68 52.05
N VAL D 437 0.00 -42.63 51.93
CA VAL D 437 1.45 -42.70 52.11
C VAL D 437 1.84 -43.26 53.47
N SER D 438 1.38 -42.58 54.52
CA SER D 438 1.86 -42.88 55.86
C SER D 438 1.53 -44.32 56.24
N GLU D 439 0.40 -44.82 55.73
CA GLU D 439 0.08 -46.24 55.93
C GLU D 439 1.16 -47.14 55.35
N LEU D 440 1.53 -46.92 54.08
CA LEU D 440 2.57 -47.73 53.44
C LEU D 440 3.89 -47.58 54.16
N LEU D 441 4.19 -46.37 54.60
CA LEU D 441 5.42 -46.16 55.36
C LEU D 441 5.40 -47.04 56.62
N ILE D 442 4.31 -46.98 57.39
CA ILE D 442 4.18 -47.77 58.61
C ILE D 442 4.36 -49.24 58.33
N SER D 443 3.58 -49.75 57.40
CA SER D 443 3.60 -51.15 57.02
C SER D 443 4.99 -51.60 56.61
N THR D 444 5.61 -50.86 55.69
CA THR D 444 6.95 -51.19 55.20
C THR D 444 7.94 -51.25 56.37
N ALA D 445 7.83 -50.28 57.26
CA ALA D 445 8.71 -50.20 58.42
C ALA D 445 8.53 -51.39 59.33
N VAL D 446 7.32 -51.57 59.85
CA VAL D 446 7.03 -52.62 60.81
C VAL D 446 7.34 -53.99 60.21
N GLN D 447 6.66 -54.32 59.10
CA GLN D 447 6.91 -55.55 58.35
C GLN D 447 8.41 -55.78 58.12
N GLY D 448 9.10 -54.72 57.72
CA GLY D 448 10.54 -54.77 57.52
C GLY D 448 11.30 -55.22 58.76
N ILE D 449 11.03 -54.58 59.89
CA ILE D 449 11.68 -54.92 61.15
C ILE D 449 11.43 -56.38 61.49
N LEU D 450 10.15 -56.74 61.50
CA LEU D 450 9.72 -58.08 61.83
C LEU D 450 10.41 -59.14 60.98
N PHE D 451 10.27 -59.03 59.67
CA PHE D 451 10.88 -60.01 58.76
C PHE D 451 12.40 -60.03 58.90
N ALA D 452 12.98 -58.85 59.07
CA ALA D 452 14.42 -58.73 59.30
C ALA D 452 14.82 -59.63 60.46
N LEU D 453 14.05 -59.57 61.54
CA LEU D 453 14.33 -60.39 62.73
C LEU D 453 14.06 -61.89 62.53
N LEU D 454 12.84 -62.22 62.09
CA LEU D 454 12.36 -63.62 62.09
C LEU D 454 12.52 -64.35 60.75
N GLY D 455 13.01 -63.67 59.73
CA GLY D 455 13.05 -64.25 58.40
C GLY D 455 14.05 -65.39 58.24
N ALA D 456 13.79 -66.27 57.27
CA ALA D 456 14.75 -67.30 56.90
C ALA D 456 15.81 -66.71 55.96
N GLN D 457 15.47 -65.57 55.34
CA GLN D 457 16.37 -64.89 54.41
C GLN D 457 16.35 -63.38 54.68
N PRO D 458 17.11 -62.91 55.67
CA PRO D 458 17.20 -61.49 56.05
C PRO D 458 17.81 -60.58 54.98
N LEU D 459 18.22 -61.15 53.85
CA LEU D 459 18.66 -60.35 52.71
C LEU D 459 17.47 -59.80 51.93
N LEU D 460 16.38 -60.54 51.92
CA LEU D 460 15.15 -60.07 51.28
C LEU D 460 14.72 -58.73 51.92
N VAL D 461 14.36 -57.76 51.09
CA VAL D 461 13.79 -56.52 51.58
C VAL D 461 12.36 -56.37 51.07
N VAL D 462 11.46 -56.11 52.02
CA VAL D 462 10.05 -56.13 51.74
C VAL D 462 9.53 -54.72 51.55
N GLY D 463 8.80 -54.54 50.46
CA GLY D 463 8.29 -53.23 50.08
C GLY D 463 7.15 -53.32 49.10
N PHE D 464 6.49 -52.20 48.86
CA PHE D 464 5.40 -52.16 47.90
C PHE D 464 5.94 -52.37 46.49
N SER D 465 5.08 -52.86 45.61
CA SER D 465 5.48 -53.07 44.22
C SER D 465 4.37 -52.59 43.31
N GLY D 466 4.71 -52.45 42.03
CA GLY D 466 3.76 -52.03 41.00
C GLY D 466 2.51 -52.86 40.86
N PRO D 467 2.67 -54.18 40.70
CA PRO D 467 1.52 -55.08 40.67
C PRO D 467 0.55 -54.80 41.82
N LEU D 468 1.08 -54.72 43.04
CA LEU D 468 0.26 -54.47 44.22
C LEU D 468 -0.59 -53.22 44.07
N LEU D 469 0.03 -52.18 43.51
CA LEU D 469 -0.67 -50.93 43.18
C LEU D 469 -1.79 -51.16 42.20
N VAL D 470 -1.50 -51.88 41.11
CA VAL D 470 -2.51 -52.18 40.09
C VAL D 470 -3.72 -52.85 40.75
N PHE D 471 -3.45 -53.82 41.62
CA PHE D 471 -4.55 -54.50 42.28
C PHE D 471 -5.30 -53.57 43.23
N GLU D 472 -4.59 -52.72 43.96
CA GLU D 472 -5.26 -51.79 44.87
C GLU D 472 -6.23 -50.92 44.12
N GLU D 473 -5.75 -50.32 43.03
CA GLU D 473 -6.60 -49.51 42.15
C GLU D 473 -7.81 -50.32 41.70
N ALA D 474 -7.56 -51.54 41.23
CA ALA D 474 -8.62 -52.43 40.77
C ALA D 474 -9.69 -52.67 41.82
N PHE D 475 -9.27 -53.19 42.96
CA PHE D 475 -10.17 -53.57 44.04
C PHE D 475 -10.90 -52.36 44.59
N PHE D 476 -10.25 -51.19 44.59
CA PHE D 476 -10.89 -49.95 45.04
C PHE D 476 -12.00 -49.53 44.06
N SER D 477 -11.65 -49.48 42.79
CA SER D 477 -12.62 -49.17 41.75
C SER D 477 -13.84 -50.07 41.86
N PHE D 478 -13.59 -51.37 41.78
CA PHE D 478 -14.65 -52.35 41.99
C PHE D 478 -15.47 -52.08 43.25
N CYS D 479 -14.80 -52.10 44.40
CA CYS D 479 -15.46 -51.92 45.70
C CYS D 479 -16.37 -50.72 45.71
N GLU D 480 -15.86 -49.58 45.26
CA GLU D 480 -16.63 -48.36 45.36
C GLU D 480 -17.76 -48.39 44.34
N THR D 481 -17.51 -48.98 43.17
CA THR D 481 -18.56 -49.14 42.15
C THR D 481 -19.77 -49.81 42.75
N ASN D 482 -19.54 -50.97 43.33
CA ASN D 482 -20.55 -51.73 44.01
C ASN D 482 -20.85 -51.24 45.42
N GLY D 483 -20.32 -50.07 45.76
CA GLY D 483 -20.60 -49.43 47.03
C GLY D 483 -20.19 -50.28 48.22
N LEU D 484 -19.01 -50.89 48.12
CA LEU D 484 -18.46 -51.68 49.21
C LEU D 484 -17.48 -50.83 50.00
N GLU D 485 -17.44 -50.98 51.32
CA GLU D 485 -16.44 -50.22 52.08
C GLU D 485 -15.07 -50.77 51.76
N TYR D 486 -14.28 -49.98 51.03
CA TYR D 486 -13.06 -50.45 50.38
C TYR D 486 -12.11 -51.08 51.38
N ILE D 487 -11.91 -50.39 52.50
CA ILE D 487 -10.97 -50.82 53.51
C ILE D 487 -11.38 -52.12 54.20
N VAL D 488 -12.69 -52.31 54.35
CA VAL D 488 -13.23 -53.52 54.96
C VAL D 488 -13.06 -54.72 54.03
N GLY D 489 -13.44 -54.55 52.76
CA GLY D 489 -13.33 -55.61 51.77
C GLY D 489 -11.88 -56.02 51.66
N ARG D 490 -11.03 -55.00 51.78
CA ARG D 490 -9.60 -55.19 51.94
C ARG D 490 -9.28 -56.16 53.09
N VAL D 491 -9.83 -55.86 54.27
CA VAL D 491 -9.63 -56.71 55.47
C VAL D 491 -9.98 -58.18 55.22
N TRP D 492 -11.11 -58.40 54.55
CA TRP D 492 -11.53 -59.76 54.26
C TRP D 492 -10.57 -60.46 53.31
N ILE D 493 -10.10 -59.72 52.30
CA ILE D 493 -9.05 -60.26 51.44
C ILE D 493 -7.88 -60.71 52.31
N GLY D 494 -7.57 -59.91 53.33
CA GLY D 494 -6.50 -60.25 54.27
C GLY D 494 -6.70 -61.54 55.02
N PHE D 495 -7.90 -61.71 55.61
CA PHE D 495 -8.25 -62.95 56.31
C PHE D 495 -8.03 -64.16 55.41
N TRP D 496 -8.58 -64.06 54.20
CA TRP D 496 -8.41 -65.11 53.20
C TRP D 496 -6.92 -65.38 52.94
N LEU D 497 -6.13 -64.31 52.88
CA LEU D 497 -4.68 -64.41 52.71
C LEU D 497 -4.02 -65.25 53.82
N ILE D 498 -4.35 -64.92 55.07
CA ILE D 498 -3.86 -65.65 56.23
C ILE D 498 -4.17 -67.14 56.13
N LEU D 499 -5.42 -67.42 55.75
CA LEU D 499 -5.88 -68.79 55.56
C LEU D 499 -5.09 -69.56 54.48
N LEU D 500 -5.13 -69.05 53.25
CA LEU D 500 -4.40 -69.64 52.10
C LEU D 500 -2.95 -69.94 52.46
N VAL D 501 -2.32 -69.01 53.17
CA VAL D 501 -0.94 -69.18 53.57
C VAL D 501 -0.79 -70.33 54.56
N VAL D 502 -1.61 -70.33 55.61
CA VAL D 502 -1.48 -71.41 56.60
C VAL D 502 -1.55 -72.74 55.87
N LEU D 503 -2.52 -72.86 54.96
CA LEU D 503 -2.66 -74.08 54.15
C LEU D 503 -1.41 -74.41 53.32
N VAL D 504 -1.10 -73.55 52.35
CA VAL D 504 0.00 -73.77 51.41
C VAL D 504 1.33 -74.02 52.11
N VAL D 505 1.54 -73.38 53.25
CA VAL D 505 2.77 -73.55 54.02
C VAL D 505 2.81 -74.88 54.74
N ALA D 506 1.76 -75.18 55.52
CA ALA D 506 1.71 -76.42 56.29
C ALA D 506 1.77 -77.64 55.38
N PHE D 507 1.21 -77.51 54.17
CA PHE D 507 1.32 -78.55 53.16
C PHE D 507 2.30 -78.18 52.04
N GLU D 508 3.59 -78.20 52.34
CA GLU D 508 4.68 -78.10 51.35
C GLU D 508 4.46 -77.19 50.12
N GLY D 509 4.25 -75.89 50.29
CA GLY D 509 4.02 -75.03 49.13
C GLY D 509 5.23 -74.87 48.25
N SER D 510 6.34 -74.51 48.88
CA SER D 510 7.61 -74.29 48.20
C SER D 510 8.08 -75.46 47.36
N PHE D 511 7.42 -76.61 47.51
CA PHE D 511 7.68 -77.77 46.67
C PHE D 511 7.65 -77.30 45.22
N LEU D 512 6.56 -76.61 44.88
CA LEU D 512 6.34 -76.17 43.51
C LEU D 512 7.48 -75.26 43.06
N VAL D 513 8.03 -74.51 44.02
CA VAL D 513 9.09 -73.56 43.73
C VAL D 513 10.31 -74.26 43.16
N ARG D 514 10.55 -75.49 43.59
CA ARG D 514 11.75 -76.22 43.17
C ARG D 514 11.65 -76.57 41.68
N PHE D 515 10.50 -76.27 41.07
CA PHE D 515 10.27 -76.52 39.66
C PHE D 515 10.38 -75.22 38.84
N ILE D 516 10.90 -74.18 39.49
CA ILE D 516 11.16 -72.90 38.86
C ILE D 516 12.63 -72.83 38.45
N SER D 517 12.89 -72.99 37.15
CA SER D 517 14.27 -73.12 36.67
C SER D 517 14.93 -71.77 36.47
N ARG D 518 16.13 -71.79 35.90
CA ARG D 518 16.82 -70.56 35.57
C ARG D 518 16.08 -69.88 34.43
N TYR D 519 15.63 -70.68 33.46
CA TYR D 519 14.91 -70.19 32.28
C TYR D 519 13.72 -69.31 32.67
N THR D 520 13.15 -69.57 33.84
CA THR D 520 12.15 -68.70 34.45
C THR D 520 12.79 -67.41 34.95
N GLN D 521 13.54 -67.58 36.04
CA GLN D 521 14.17 -66.53 36.82
C GLN D 521 14.83 -65.45 35.96
N GLU D 522 15.52 -65.88 34.92
CA GLU D 522 16.28 -64.96 34.07
C GLU D 522 15.32 -64.11 33.25
N ILE D 523 14.31 -64.75 32.66
CA ILE D 523 13.26 -64.01 31.95
C ILE D 523 12.60 -63.03 32.90
N PHE D 524 12.32 -63.50 34.12
CA PHE D 524 11.69 -62.67 35.15
C PHE D 524 12.48 -61.41 35.46
N SER D 525 13.67 -61.59 36.04
CA SER D 525 14.50 -60.48 36.53
C SER D 525 15.10 -59.62 35.41
N PHE D 526 15.17 -60.17 34.20
CA PHE D 526 15.58 -59.35 33.08
C PHE D 526 14.41 -58.46 32.71
N LEU D 527 13.21 -59.05 32.69
CA LEU D 527 11.99 -58.28 32.44
C LEU D 527 11.88 -57.14 33.44
N ILE D 528 12.05 -57.47 34.71
CA ILE D 528 11.94 -56.50 35.78
C ILE D 528 13.02 -55.43 35.63
N SER D 529 14.27 -55.85 35.55
CA SER D 529 15.38 -54.90 35.40
C SER D 529 15.10 -53.91 34.27
N LEU D 530 14.66 -54.45 33.15
CA LEU D 530 14.38 -53.67 31.94
C LEU D 530 13.27 -52.64 32.19
N ILE D 531 12.14 -53.11 32.71
CA ILE D 531 11.01 -52.25 33.05
C ILE D 531 11.43 -51.16 34.04
N PHE D 532 12.29 -51.52 34.97
CA PHE D 532 12.77 -50.61 36.00
C PHE D 532 13.53 -49.45 35.38
N ILE D 533 14.57 -49.80 34.63
CA ILE D 533 15.38 -48.81 33.90
C ILE D 533 14.47 -47.89 33.08
N TYR D 534 13.57 -48.52 32.34
CA TYR D 534 12.57 -47.82 31.53
C TYR D 534 11.80 -46.78 32.34
N GLU D 535 11.28 -47.24 33.47
CA GLU D 535 10.51 -46.40 34.37
C GLU D 535 11.32 -45.16 34.80
N THR D 536 12.55 -45.39 35.26
CA THR D 536 13.42 -44.30 35.69
C THR D 536 13.53 -43.22 34.62
N PHE D 537 13.93 -43.65 33.43
CA PHE D 537 14.02 -42.72 32.30
C PHE D 537 12.70 -41.98 32.06
N SER D 538 11.59 -42.71 32.14
CA SER D 538 10.26 -42.13 31.99
C SER D 538 10.01 -41.00 32.98
N LYS D 539 10.35 -41.22 34.24
CA LYS D 539 10.30 -40.17 35.26
C LYS D 539 11.08 -38.93 34.84
N LEU D 540 12.33 -39.13 34.43
CA LEU D 540 13.15 -38.01 33.96
C LEU D 540 12.49 -37.24 32.82
N ILE D 541 12.07 -37.96 31.79
CA ILE D 541 11.51 -37.32 30.62
C ILE D 541 10.17 -36.68 30.99
N LYS D 542 9.52 -37.19 32.02
CA LYS D 542 8.36 -36.52 32.60
C LYS D 542 8.74 -35.15 33.10
N ILE D 543 9.82 -35.08 33.88
CA ILE D 543 10.32 -33.78 34.32
C ILE D 543 10.57 -32.87 33.13
N PHE D 544 11.09 -33.44 32.04
CA PHE D 544 11.32 -32.65 30.83
C PHE D 544 10.03 -32.13 30.21
N GLN D 545 8.95 -32.89 30.32
CA GLN D 545 7.69 -32.42 29.76
C GLN D 545 7.08 -31.32 30.65
N ASP D 546 7.20 -31.50 31.95
CA ASP D 546 6.70 -30.53 32.92
C ASP D 546 7.35 -29.17 32.78
N HIS D 547 8.60 -29.16 32.33
CA HIS D 547 9.32 -27.91 32.14
C HIS D 547 10.15 -27.99 30.86
N PRO D 548 9.49 -27.93 29.69
CA PRO D 548 10.15 -28.07 28.39
C PRO D 548 11.12 -26.95 28.12
N LEU D 549 12.10 -27.18 27.26
CA LEU D 549 13.03 -26.11 26.93
C LEU D 549 12.31 -25.09 26.06
N GLN D 550 12.30 -23.84 26.53
CA GLN D 550 11.69 -22.74 25.79
C GLN D 550 12.09 -21.41 26.42
N LYS D 551 11.56 -20.31 25.88
CA LYS D 551 11.86 -18.96 26.36
C LYS D 551 10.69 -18.45 27.18
N THR D 552 10.98 -17.85 28.34
CA THR D 552 10.01 -17.24 29.25
C THR D 552 9.24 -18.34 30.02
N TYR D 553 8.40 -18.02 31.02
CA TYR D 553 8.10 -16.68 31.56
C TYR D 553 8.00 -16.62 33.08
N LEU D 567 9.28 -22.71 36.23
CA LEU D 567 9.40 -23.69 35.16
C LEU D 567 10.80 -23.74 34.52
N PRO D 568 11.37 -22.58 34.11
CA PRO D 568 12.52 -22.73 33.19
C PRO D 568 13.86 -23.10 33.84
N ASN D 569 14.80 -23.47 32.97
CA ASN D 569 16.16 -23.81 33.35
C ASN D 569 16.30 -25.06 34.23
N THR D 570 15.25 -25.87 34.41
CA THR D 570 15.32 -26.91 35.43
C THR D 570 15.44 -28.33 34.89
N ALA D 571 14.76 -28.62 33.78
CA ALA D 571 14.82 -29.94 33.15
C ALA D 571 16.27 -30.35 32.91
N LEU D 572 17.00 -29.47 32.22
CA LEU D 572 18.40 -29.68 31.98
C LEU D 572 19.13 -30.04 33.27
N LEU D 573 19.01 -29.20 34.28
CA LEU D 573 19.71 -29.45 35.54
C LEU D 573 19.32 -30.78 36.18
N SER D 574 18.06 -31.18 36.05
CA SER D 574 17.66 -32.46 36.60
C SER D 574 18.44 -33.54 35.87
N LEU D 575 18.40 -33.48 34.54
CA LEU D 575 19.17 -34.39 33.70
C LEU D 575 20.61 -34.47 34.16
N VAL D 576 21.29 -33.35 34.18
CA VAL D 576 22.67 -33.29 34.61
C VAL D 576 22.88 -33.96 35.96
N LEU D 577 22.11 -33.54 36.97
CA LEU D 577 22.19 -34.13 38.31
C LEU D 577 22.15 -35.65 38.27
N MET D 578 21.17 -36.18 37.55
CA MET D 578 21.01 -37.62 37.41
C MET D 578 22.25 -38.27 36.78
N ALA D 579 22.57 -37.80 35.58
CA ALA D 579 23.69 -38.31 34.82
C ALA D 579 24.96 -38.37 35.68
N GLY D 580 25.25 -37.24 36.33
CA GLY D 580 26.39 -37.12 37.23
C GLY D 580 26.40 -38.12 38.38
N THR D 581 25.28 -38.22 39.09
CA THR D 581 25.20 -39.18 40.20
C THR D 581 25.56 -40.56 39.70
N PHE D 582 24.93 -40.94 38.59
CA PHE D 582 25.14 -42.24 37.99
C PHE D 582 26.62 -42.45 37.68
N PHE D 583 27.19 -41.49 36.96
CA PHE D 583 28.60 -41.52 36.55
C PHE D 583 29.54 -41.73 37.74
N PHE D 584 29.32 -40.97 38.82
CA PHE D 584 30.14 -41.10 40.03
C PHE D 584 29.99 -42.48 40.66
N ALA D 585 28.76 -42.99 40.73
CA ALA D 585 28.57 -44.35 41.24
C ALA D 585 29.44 -45.33 40.46
N MET D 586 29.31 -45.28 39.14
CA MET D 586 30.05 -46.17 38.25
C MET D 586 31.56 -46.06 38.45
N MET D 587 32.05 -44.82 38.42
CA MET D 587 33.46 -44.53 38.65
C MET D 587 33.93 -45.11 39.96
N LEU D 588 33.32 -44.72 41.07
CA LEU D 588 33.70 -45.20 42.40
C LEU D 588 33.73 -46.75 42.48
N ARG D 589 32.74 -47.40 41.86
CA ARG D 589 32.75 -48.86 41.74
C ARG D 589 34.04 -49.36 41.09
N LYS D 590 34.35 -48.79 39.91
CA LYS D 590 35.57 -49.15 39.18
C LYS D 590 36.85 -48.87 40.01
N PHE D 591 36.87 -47.72 40.67
CA PHE D 591 37.93 -47.37 41.62
C PHE D 591 38.14 -48.43 42.70
N LYS D 592 37.04 -49.01 43.17
CA LYS D 592 37.08 -50.02 44.22
C LYS D 592 37.70 -51.27 43.65
N ASN D 593 37.40 -51.55 42.39
CA ASN D 593 37.96 -52.73 41.72
C ASN D 593 39.23 -52.47 40.89
N SER D 594 39.59 -51.20 40.65
CA SER D 594 40.80 -50.88 39.89
C SER D 594 42.00 -50.55 40.79
N SER D 595 43.20 -50.53 40.22
CA SER D 595 44.46 -50.57 40.94
C SER D 595 44.72 -49.42 41.91
N TYR D 596 44.42 -48.19 41.50
CA TYR D 596 44.83 -46.97 42.22
C TYR D 596 44.40 -46.95 43.67
N PHE D 597 45.21 -46.29 44.49
CA PHE D 597 44.92 -46.04 45.91
C PHE D 597 45.14 -47.30 46.73
N PRO D 598 45.39 -47.13 48.05
CA PRO D 598 45.80 -48.29 48.84
C PRO D 598 44.74 -48.89 49.80
N GLY D 599 44.52 -50.21 49.73
CA GLY D 599 43.85 -50.99 50.76
C GLY D 599 42.48 -50.57 51.27
N LYS D 600 42.34 -50.47 52.59
CA LYS D 600 41.09 -50.09 53.23
C LYS D 600 40.53 -48.79 52.70
N LEU D 601 41.40 -47.80 52.49
CA LEU D 601 40.99 -46.52 51.94
C LEU D 601 40.21 -46.73 50.64
N ARG D 602 40.83 -47.46 49.72
CA ARG D 602 40.24 -47.73 48.41
C ARG D 602 38.97 -48.58 48.46
N ARG D 603 39.01 -49.62 49.28
CA ARG D 603 37.90 -50.56 49.35
C ARG D 603 36.69 -49.95 50.03
N VAL D 604 36.93 -49.13 51.04
CA VAL D 604 35.88 -48.44 51.79
C VAL D 604 35.31 -47.30 50.97
N ILE D 605 36.20 -46.49 50.39
CA ILE D 605 35.79 -45.40 49.52
C ILE D 605 34.93 -45.97 48.40
N GLY D 606 35.35 -47.11 47.86
CA GLY D 606 34.58 -47.75 46.81
C GLY D 606 33.32 -48.42 47.29
N ASP D 607 33.31 -48.77 48.57
CA ASP D 607 32.15 -49.41 49.19
C ASP D 607 31.09 -48.37 49.49
N PHE D 608 31.53 -47.14 49.71
CA PHE D 608 30.61 -46.05 49.96
C PHE D 608 30.39 -45.31 48.66
N GLY D 609 30.60 -46.00 47.55
CA GLY D 609 30.46 -45.40 46.23
C GLY D 609 29.15 -44.67 46.03
N VAL D 610 28.07 -45.39 46.29
CA VAL D 610 26.73 -44.84 46.15
C VAL D 610 26.46 -43.66 47.11
N PRO D 611 26.66 -43.87 48.44
CA PRO D 611 26.38 -42.73 49.32
C PRO D 611 27.26 -41.52 49.03
N ILE D 612 28.49 -41.77 48.61
CA ILE D 612 29.41 -40.70 48.28
C ILE D 612 28.84 -39.92 47.11
N SER D 613 28.46 -40.65 46.07
CA SER D 613 27.87 -40.06 44.88
C SER D 613 26.68 -39.19 45.27
N ILE D 614 25.76 -39.78 46.01
CA ILE D 614 24.57 -39.10 46.47
C ILE D 614 24.95 -37.80 47.16
N LEU D 615 25.89 -37.90 48.10
CA LEU D 615 26.32 -36.73 48.85
C LEU D 615 26.82 -35.62 47.93
N ILE D 616 27.78 -35.97 47.07
CA ILE D 616 28.36 -35.01 46.14
C ILE D 616 27.30 -34.28 45.34
N MET D 617 26.50 -35.02 44.59
CA MET D 617 25.49 -34.37 43.77
C MET D 617 24.48 -33.57 44.60
N VAL D 618 24.18 -34.05 45.80
CA VAL D 618 23.29 -33.30 46.68
C VAL D 618 23.89 -31.93 46.98
N LEU D 619 25.19 -31.91 47.26
CA LEU D 619 25.90 -30.66 47.53
C LEU D 619 25.88 -29.75 46.30
N VAL D 620 25.95 -30.38 45.13
CA VAL D 620 25.87 -29.64 43.88
C VAL D 620 24.55 -28.90 43.79
N ASP D 621 23.44 -29.61 43.99
CA ASP D 621 22.13 -28.97 43.93
C ASP D 621 22.01 -27.89 45.02
N PHE D 622 22.62 -28.15 46.17
CA PHE D 622 22.58 -27.23 47.30
C PHE D 622 23.18 -25.89 46.92
N PHE D 623 24.37 -25.96 46.31
CA PHE D 623 25.09 -24.74 45.95
C PHE D 623 24.45 -24.02 44.75
N ILE D 624 23.65 -24.73 43.96
CA ILE D 624 22.82 -24.07 42.94
C ILE D 624 21.49 -23.68 43.58
N GLN D 625 21.39 -22.41 43.96
CA GLN D 625 20.28 -21.97 44.79
C GLN D 625 19.18 -21.27 44.01
N ASP D 626 19.44 -20.95 42.75
CA ASP D 626 18.49 -20.14 41.96
C ASP D 626 17.62 -20.93 41.01
N THR D 627 17.67 -22.26 41.09
CA THR D 627 16.87 -23.06 40.17
C THR D 627 16.17 -24.21 40.89
N TYR D 628 14.89 -24.40 40.58
CA TYR D 628 14.04 -25.38 41.24
C TYR D 628 14.43 -26.79 40.85
N THR D 629 14.37 -27.67 41.84
CA THR D 629 14.56 -29.10 41.65
C THR D 629 13.55 -29.88 42.49
N GLN D 630 12.90 -30.87 41.88
CA GLN D 630 12.01 -31.76 42.62
C GLN D 630 12.85 -32.53 43.63
N LYS D 631 12.44 -32.49 44.91
CA LYS D 631 13.17 -33.18 45.95
C LYS D 631 12.27 -34.18 46.69
N LEU D 632 12.87 -35.07 47.47
CA LEU D 632 12.07 -36.07 48.20
C LEU D 632 11.13 -35.37 49.17
N SER D 633 9.87 -35.74 49.11
CA SER D 633 8.89 -35.15 50.00
C SER D 633 8.36 -36.21 50.95
N VAL D 634 8.51 -35.94 52.24
CA VAL D 634 7.99 -36.85 53.24
C VAL D 634 6.85 -36.11 53.93
N PRO D 635 5.75 -36.84 54.21
CA PRO D 635 4.66 -36.20 54.96
C PRO D 635 5.16 -35.72 56.33
N ASP D 636 4.62 -34.61 56.81
CA ASP D 636 5.15 -33.95 58.02
C ASP D 636 5.06 -34.86 59.24
N GLY D 637 3.96 -35.58 59.35
CA GLY D 637 3.74 -36.52 60.45
C GLY D 637 2.72 -37.57 60.07
N PHE D 638 2.76 -38.71 60.74
CA PHE D 638 1.84 -39.82 60.44
C PHE D 638 0.36 -39.42 60.57
N LYS D 639 -0.41 -39.64 59.51
CA LYS D 639 -1.86 -39.43 59.53
C LYS D 639 -2.51 -40.55 58.73
N VAL D 640 -3.81 -40.42 58.44
CA VAL D 640 -4.53 -41.41 57.62
C VAL D 640 -5.31 -40.71 56.50
N VAL D 649 -7.64 -50.41 64.26
CA VAL D 649 -8.17 -51.69 63.80
C VAL D 649 -9.52 -51.49 63.10
N ILE D 650 -9.70 -52.13 61.95
CA ILE D 650 -10.93 -52.04 61.16
C ILE D 650 -11.92 -53.12 61.59
N HIS D 651 -13.21 -52.78 61.59
CA HIS D 651 -14.23 -53.74 61.96
C HIS D 651 -14.71 -54.54 60.74
N PRO D 652 -14.50 -55.86 60.74
CA PRO D 652 -14.79 -56.73 59.59
C PRO D 652 -16.24 -56.70 59.10
N LEU D 653 -17.16 -56.15 59.90
CA LEU D 653 -18.55 -56.05 59.47
C LEU D 653 -18.85 -54.66 58.90
N GLY D 654 -17.82 -53.81 58.85
CA GLY D 654 -17.96 -52.49 58.26
C GLY D 654 -17.89 -51.31 59.24
N LEU D 655 -17.63 -50.11 58.71
CA LEU D 655 -17.60 -48.87 59.49
C LEU D 655 -18.74 -47.91 59.09
N ARG D 656 -18.85 -47.64 57.79
CA ARG D 656 -19.94 -46.82 57.25
C ARG D 656 -21.02 -47.69 56.58
N SER D 657 -20.71 -48.98 56.52
CA SER D 657 -21.66 -50.07 56.27
C SER D 657 -21.42 -50.97 57.53
N GLU D 658 -22.06 -52.11 57.79
CA GLU D 658 -22.96 -53.00 57.02
C GLU D 658 -22.34 -53.58 55.74
N PHE D 659 -21.25 -54.32 55.91
CA PHE D 659 -20.55 -54.94 54.79
C PHE D 659 -21.20 -56.29 54.47
N PRO D 660 -21.70 -56.43 53.23
CA PRO D 660 -22.43 -57.59 52.71
C PRO D 660 -21.68 -58.87 52.96
N ILE D 661 -22.41 -59.89 53.42
CA ILE D 661 -21.81 -61.15 53.82
C ILE D 661 -21.29 -61.94 52.61
N TRP D 662 -22.03 -61.88 51.50
CA TRP D 662 -21.64 -62.60 50.32
C TRP D 662 -20.26 -62.15 49.86
N MET D 663 -20.01 -60.85 49.93
CA MET D 663 -18.74 -60.29 49.49
C MET D 663 -17.62 -60.61 50.48
N MET D 664 -17.97 -60.78 51.74
CA MET D 664 -16.96 -61.10 52.72
C MET D 664 -16.70 -62.59 52.67
N PHE D 665 -17.44 -63.28 51.82
CA PHE D 665 -16.97 -64.58 51.36
C PHE D 665 -16.12 -64.47 50.08
N ALA D 666 -16.71 -63.82 49.08
CA ALA D 666 -16.20 -63.77 47.71
C ALA D 666 -14.88 -63.02 47.58
N SER D 667 -14.51 -62.33 48.65
CA SER D 667 -13.22 -61.67 48.71
C SER D 667 -12.10 -62.73 48.62
N ALA D 668 -12.48 -64.01 48.65
CA ALA D 668 -11.53 -65.11 48.49
C ALA D 668 -10.82 -65.10 47.14
N LEU D 669 -11.54 -64.76 46.08
CA LEU D 669 -10.97 -64.73 44.74
C LEU D 669 -9.86 -63.66 44.60
N PRO D 670 -10.15 -62.39 44.93
CA PRO D 670 -9.06 -61.43 44.83
C PRO D 670 -7.89 -61.75 45.77
N ALA D 671 -8.19 -62.38 46.90
CA ALA D 671 -7.14 -62.80 47.83
C ALA D 671 -6.31 -63.91 47.20
N LEU D 672 -6.97 -64.72 46.38
CA LEU D 672 -6.27 -65.68 45.53
C LEU D 672 -5.27 -64.96 44.62
N LEU D 673 -5.77 -64.00 43.84
CA LEU D 673 -4.90 -63.25 42.93
C LEU D 673 -3.69 -62.62 43.65
N VAL D 674 -3.96 -61.98 44.79
CA VAL D 674 -2.91 -61.33 45.59
C VAL D 674 -1.88 -62.35 46.04
N PHE D 675 -2.37 -63.47 46.59
CA PHE D 675 -1.48 -64.54 47.04
C PHE D 675 -0.60 -65.02 45.88
N ILE D 676 -1.16 -65.14 44.69
CA ILE D 676 -0.39 -65.61 43.52
C ILE D 676 0.71 -64.60 43.18
N LEU D 677 0.38 -63.31 43.25
CA LEU D 677 1.36 -62.27 42.98
C LEU D 677 2.53 -62.34 43.97
N ILE D 678 2.19 -62.21 45.25
CA ILE D 678 3.18 -62.19 46.32
C ILE D 678 4.02 -63.46 46.31
N PHE D 679 3.36 -64.59 46.08
CA PHE D 679 4.04 -65.89 46.03
C PHE D 679 5.06 -65.90 44.92
N LEU D 680 4.59 -65.70 43.68
CA LEU D 680 5.47 -65.74 42.52
C LEU D 680 6.69 -64.82 42.71
N GLU D 681 6.42 -63.53 42.91
CA GLU D 681 7.49 -62.56 43.15
C GLU D 681 8.48 -62.98 44.25
N SER D 682 8.02 -63.09 45.49
CA SER D 682 8.90 -63.40 46.62
C SER D 682 9.72 -64.66 46.40
N GLN D 683 9.05 -65.72 45.94
CA GLN D 683 9.71 -67.01 45.73
C GLN D 683 10.81 -66.94 44.64
N ILE D 684 10.47 -66.40 43.47
CA ILE D 684 11.48 -66.27 42.40
C ILE D 684 12.62 -65.39 42.89
N THR D 685 12.27 -64.39 43.70
CA THR D 685 13.23 -63.44 44.21
C THR D 685 14.24 -64.14 45.12
N THR D 686 13.71 -64.89 46.08
CA THR D 686 14.52 -65.67 46.99
C THR D 686 15.39 -66.67 46.21
N LEU D 687 14.83 -67.23 45.15
CA LEU D 687 15.58 -68.10 44.23
C LEU D 687 16.81 -67.43 43.63
N ILE D 688 16.62 -66.21 43.13
CA ILE D 688 17.68 -65.47 42.46
C ILE D 688 18.74 -64.95 43.44
N VAL D 689 18.29 -64.55 44.63
CA VAL D 689 19.20 -64.01 45.65
C VAL D 689 20.14 -65.10 46.18
N SER D 690 19.58 -66.28 46.44
CA SER D 690 20.34 -67.38 47.07
C SER D 690 20.86 -68.46 46.12
N LYS D 691 20.90 -68.17 44.83
CA LYS D 691 21.39 -69.10 43.80
C LYS D 691 22.84 -69.51 44.10
N PRO D 692 23.28 -70.70 43.61
CA PRO D 692 24.63 -71.23 43.90
C PRO D 692 25.77 -70.34 43.40
N GLU D 693 25.55 -69.62 42.30
CA GLU D 693 26.56 -68.76 41.69
C GLU D 693 27.11 -67.70 42.66
N ARG D 694 26.30 -67.32 43.64
CA ARG D 694 26.78 -66.42 44.68
C ARG D 694 27.31 -67.26 45.84
N LYS D 695 28.31 -66.75 46.54
CA LYS D 695 28.98 -67.52 47.57
C LYS D 695 27.99 -67.85 48.69
N MET D 696 26.93 -67.06 48.80
CA MET D 696 25.97 -67.27 49.87
C MET D 696 25.18 -68.54 49.61
N VAL D 697 25.54 -69.59 50.36
CA VAL D 697 24.90 -70.88 50.25
C VAL D 697 24.56 -71.35 51.67
N LYS D 698 24.55 -70.39 52.60
CA LYS D 698 24.24 -70.73 53.99
C LYS D 698 23.16 -69.82 54.58
N GLY D 699 22.44 -70.35 55.57
CA GLY D 699 21.33 -69.63 56.20
C GLY D 699 20.29 -69.00 55.30
N SER D 700 19.54 -69.83 54.57
CA SER D 700 18.44 -69.33 53.71
C SER D 700 17.34 -70.40 53.53
N GLY D 701 16.08 -69.96 53.54
CA GLY D 701 14.94 -70.88 53.43
C GLY D 701 13.70 -70.28 52.77
N PHE D 702 12.98 -71.12 52.03
CA PHE D 702 11.77 -70.69 51.33
C PHE D 702 10.49 -70.61 52.18
N HIS D 703 10.30 -71.59 53.06
CA HIS D 703 9.02 -71.77 53.77
C HIS D 703 8.69 -70.67 54.75
N LEU D 704 9.67 -70.29 55.58
CA LEU D 704 9.46 -69.29 56.61
C LEU D 704 9.04 -67.95 56.02
N ASP D 705 9.63 -67.62 54.87
CA ASP D 705 9.44 -66.34 54.22
C ASP D 705 8.03 -66.14 53.68
N LEU D 706 7.44 -67.18 53.11
CA LEU D 706 6.10 -67.06 52.57
C LEU D 706 5.14 -66.77 53.69
N LEU D 707 5.30 -67.55 54.75
CA LEU D 707 4.47 -67.45 55.93
C LEU D 707 4.58 -66.08 56.55
N LEU D 708 5.82 -65.63 56.75
CA LEU D 708 6.06 -64.33 57.34
C LEU D 708 5.46 -63.25 56.46
N VAL D 709 5.96 -63.10 55.23
CA VAL D 709 5.54 -62.04 54.31
C VAL D 709 4.01 -61.95 54.16
N VAL D 710 3.37 -63.03 53.76
CA VAL D 710 1.95 -62.93 53.48
C VAL D 710 1.11 -62.86 54.77
N GLY D 711 1.63 -63.43 55.86
CA GLY D 711 0.98 -63.30 57.15
C GLY D 711 0.92 -61.86 57.63
N MET D 712 2.10 -61.25 57.69
CA MET D 712 2.24 -59.81 57.89
C MET D 712 1.20 -59.14 57.02
N GLY D 713 1.18 -59.51 55.75
CA GLY D 713 0.22 -58.97 54.79
C GLY D 713 -1.23 -58.95 55.27
N GLY D 714 -1.74 -60.12 55.67
CA GLY D 714 -3.09 -60.21 56.21
C GLY D 714 -3.30 -59.30 57.40
N VAL D 715 -2.37 -59.35 58.35
CA VAL D 715 -2.48 -58.56 59.58
C VAL D 715 -2.55 -57.07 59.25
N ALA D 716 -1.65 -56.65 58.39
CA ALA D 716 -1.59 -55.28 57.91
C ALA D 716 -2.94 -54.89 57.34
N ALA D 717 -3.47 -55.75 56.47
CA ALA D 717 -4.77 -55.51 55.85
C ALA D 717 -5.83 -55.24 56.90
N LEU D 718 -5.73 -55.98 58.00
CA LEU D 718 -6.64 -55.79 59.12
C LEU D 718 -6.41 -54.41 59.77
N PHE D 719 -5.18 -53.95 59.81
CA PHE D 719 -4.93 -52.64 60.40
C PHE D 719 -5.02 -51.44 59.46
N GLY D 720 -5.55 -51.64 58.25
CA GLY D 720 -5.64 -50.57 57.27
C GLY D 720 -4.26 -50.20 56.75
N MET D 721 -3.43 -51.22 56.62
CA MET D 721 -2.11 -51.07 56.06
C MET D 721 -2.09 -51.84 54.76
N PRO D 722 -1.12 -51.51 53.88
CA PRO D 722 -0.93 -52.31 52.67
C PRO D 722 -0.10 -53.55 52.94
N TRP D 723 -0.48 -54.66 52.29
CA TRP D 723 0.33 -55.86 52.33
C TRP D 723 1.52 -55.66 51.41
N LEU D 724 2.61 -56.36 51.70
CA LEU D 724 3.82 -56.25 50.92
C LEU D 724 4.32 -57.59 50.41
N SER D 725 5.05 -57.57 49.32
CA SER D 725 5.81 -58.74 48.88
C SER D 725 7.32 -58.45 48.93
N ALA D 726 8.13 -59.45 48.60
CA ALA D 726 9.57 -59.27 48.55
C ALA D 726 9.96 -58.77 47.15
N THR D 727 10.62 -57.61 47.08
CA THR D 727 10.94 -56.99 45.80
C THR D 727 12.16 -57.65 45.15
N THR D 728 12.17 -57.73 43.84
CA THR D 728 13.30 -58.32 43.12
C THR D 728 14.51 -57.40 43.15
N VAL D 729 14.39 -56.26 42.48
CA VAL D 729 15.51 -55.34 42.30
C VAL D 729 16.08 -54.86 43.63
N ARG D 730 15.18 -54.46 44.54
CA ARG D 730 15.56 -53.96 45.85
C ARG D 730 16.40 -54.98 46.62
N SER D 731 15.87 -56.19 46.72
CA SER D 731 16.55 -57.28 47.41
C SER D 731 17.88 -57.59 46.76
N VAL D 732 17.87 -57.74 45.44
CA VAL D 732 19.07 -58.08 44.68
C VAL D 732 20.19 -57.10 44.97
N THR D 733 19.92 -55.80 44.84
CA THR D 733 20.96 -54.82 45.08
C THR D 733 21.33 -54.76 46.56
N HIS D 734 20.40 -55.15 47.45
CA HIS D 734 20.76 -55.22 48.87
C HIS D 734 21.72 -56.37 49.11
N ALA D 735 21.66 -57.38 48.25
CA ALA D 735 22.55 -58.53 48.35
C ALA D 735 23.94 -58.13 47.89
N ASN D 736 23.98 -57.41 46.77
CA ASN D 736 25.22 -56.94 46.19
C ASN D 736 25.99 -55.94 47.07
N ALA D 737 25.43 -55.60 48.22
CA ALA D 737 25.85 -54.39 48.92
C ALA D 737 27.14 -54.36 49.80
N LEU D 738 27.51 -55.29 50.70
CA LEU D 738 26.98 -56.63 51.09
C LEU D 738 27.43 -57.75 50.16
N THR D 739 28.26 -57.45 49.17
CA THR D 739 28.94 -58.51 48.41
C THR D 739 30.40 -58.16 48.16
N VAL D 740 31.27 -59.15 48.29
CA VAL D 740 32.71 -58.94 48.11
C VAL D 740 33.15 -59.63 46.83
N MET D 741 34.08 -59.01 46.10
CA MET D 741 34.65 -59.63 44.90
C MET D 741 36.17 -59.69 44.99
N ILE D 753 34.73 -63.91 42.56
CA ILE D 753 33.61 -63.67 43.45
C ILE D 753 34.08 -64.03 44.87
N GLN D 754 33.45 -63.41 45.88
CA GLN D 754 33.85 -63.58 47.29
C GLN D 754 32.59 -63.67 48.15
N GLU D 755 32.76 -64.08 49.41
CA GLU D 755 31.62 -64.28 50.31
C GLU D 755 30.78 -63.03 50.56
N VAL D 756 29.47 -63.21 50.68
CA VAL D 756 28.61 -62.07 50.93
C VAL D 756 28.28 -62.02 52.42
N LYS D 757 28.30 -60.81 52.97
CA LYS D 757 28.00 -60.61 54.38
C LYS D 757 26.48 -60.68 54.60
N GLU D 758 26.05 -61.55 55.50
CA GLU D 758 24.63 -61.84 55.72
C GLU D 758 24.14 -61.29 57.05
N GLN D 759 23.43 -60.17 57.01
CA GLN D 759 22.98 -59.55 58.25
C GLN D 759 21.49 -59.60 58.46
N ARG D 760 21.11 -59.51 59.72
CA ARG D 760 19.77 -59.13 60.10
C ARG D 760 19.75 -57.62 60.32
N ILE D 761 20.94 -57.05 60.53
CA ILE D 761 21.06 -55.64 60.93
C ILE D 761 20.90 -54.67 59.75
N SER D 762 21.39 -55.02 58.56
CA SER D 762 21.20 -54.17 57.38
C SER D 762 19.70 -53.88 57.13
N GLY D 763 18.94 -54.95 56.98
CA GLY D 763 17.50 -54.86 56.84
C GLY D 763 16.81 -54.15 58.01
N LEU D 764 17.15 -54.53 59.23
CA LEU D 764 16.58 -53.89 60.43
C LEU D 764 16.74 -52.38 60.37
N LEU D 765 17.93 -51.96 60.00
CA LEU D 765 18.29 -50.55 59.97
C LEU D 765 17.57 -49.81 58.84
N VAL D 766 17.51 -50.40 57.64
CA VAL D 766 16.79 -49.73 56.54
C VAL D 766 15.29 -49.63 56.88
N ALA D 767 14.77 -50.65 57.57
CA ALA D 767 13.37 -50.67 58.01
C ALA D 767 13.08 -49.54 59.01
N VAL D 768 13.82 -49.53 60.12
CA VAL D 768 13.65 -48.50 61.15
C VAL D 768 13.76 -47.12 60.53
N LEU D 769 14.82 -46.94 59.74
CA LEU D 769 15.10 -45.69 59.03
C LEU D 769 13.91 -45.22 58.19
N VAL D 770 13.35 -46.13 57.39
CA VAL D 770 12.16 -45.84 56.60
C VAL D 770 11.06 -45.36 57.54
N GLY D 771 10.93 -46.03 58.67
CA GLY D 771 10.00 -45.63 59.70
C GLY D 771 10.17 -44.18 60.11
N LEU D 772 11.41 -43.79 60.41
CA LEU D 772 11.67 -42.48 60.99
C LEU D 772 11.85 -41.37 59.95
N SER D 773 11.74 -41.71 58.67
CA SER D 773 11.88 -40.71 57.60
C SER D 773 10.97 -39.48 57.82
N ILE D 774 9.85 -39.70 58.50
CA ILE D 774 8.97 -38.63 58.94
C ILE D 774 9.75 -37.55 59.70
N LEU D 775 10.52 -37.99 60.69
CA LEU D 775 11.37 -37.08 61.47
C LEU D 775 12.48 -36.54 60.58
N MET D 776 13.03 -37.41 59.73
CA MET D 776 14.15 -37.05 58.85
C MET D 776 13.80 -36.02 57.77
N GLU D 777 12.53 -35.64 57.69
CA GLU D 777 12.04 -34.70 56.67
C GLU D 777 12.99 -33.54 56.29
N PRO D 778 13.55 -32.81 57.28
CA PRO D 778 14.44 -31.71 56.89
C PRO D 778 15.66 -32.15 56.09
N ILE D 779 16.25 -33.30 56.45
CA ILE D 779 17.36 -33.86 55.67
C ILE D 779 16.89 -34.24 54.27
N LEU D 780 15.88 -35.11 54.20
CA LEU D 780 15.37 -35.64 52.94
C LEU D 780 14.86 -34.54 52.00
N SER D 781 14.53 -33.38 52.56
CA SER D 781 14.03 -32.26 51.79
C SER D 781 15.09 -31.70 50.85
N ARG D 782 16.36 -31.88 51.22
CA ARG D 782 17.46 -31.35 50.43
C ARG D 782 17.92 -32.31 49.32
N ILE D 783 17.42 -33.54 49.35
CA ILE D 783 17.87 -34.56 48.39
C ILE D 783 17.00 -34.56 47.14
N PRO D 784 17.54 -34.00 46.04
CA PRO D 784 16.82 -33.87 44.78
C PRO D 784 16.56 -35.22 44.14
N LEU D 785 15.32 -35.44 43.69
CA LEU D 785 14.89 -36.67 43.03
C LEU D 785 15.89 -37.12 41.98
N ALA D 786 16.23 -36.20 41.09
CA ALA D 786 17.20 -36.43 39.99
C ALA D 786 18.40 -37.28 40.39
N VAL D 787 18.99 -36.95 41.54
CA VAL D 787 20.07 -37.72 42.10
C VAL D 787 19.67 -39.20 42.30
N LEU D 788 18.52 -39.41 42.93
CA LEU D 788 18.04 -40.75 43.16
C LEU D 788 17.62 -41.43 41.86
N PHE D 789 17.39 -40.64 40.81
CA PHE D 789 17.11 -41.17 39.48
C PHE D 789 18.37 -41.80 38.95
N GLY D 790 19.48 -41.10 39.20
CA GLY D 790 20.77 -41.64 38.84
C GLY D 790 21.04 -42.94 39.55
N ILE D 791 20.91 -42.92 40.88
CA ILE D 791 21.11 -44.12 41.68
C ILE D 791 20.25 -45.26 41.17
N PHE D 792 18.99 -44.95 40.88
CA PHE D 792 18.06 -45.89 40.26
C PHE D 792 18.68 -46.53 39.04
N LEU D 793 19.06 -45.70 38.06
CA LEU D 793 19.65 -46.18 36.82
C LEU D 793 20.80 -47.15 37.10
N TYR D 794 21.62 -46.76 38.07
CA TYR D 794 22.74 -47.60 38.53
C TYR D 794 22.26 -48.96 39.05
N MET D 795 21.22 -48.97 39.87
CA MET D 795 20.64 -50.20 40.38
C MET D 795 20.14 -51.04 39.23
N GLY D 796 19.60 -50.38 38.21
CA GLY D 796 19.06 -51.04 37.05
C GLY D 796 20.12 -51.83 36.32
N VAL D 797 21.23 -51.16 35.98
CA VAL D 797 22.27 -51.85 35.24
C VAL D 797 23.03 -52.86 36.13
N THR D 798 23.17 -52.55 37.42
CA THR D 798 23.77 -53.48 38.38
C THR D 798 22.97 -54.76 38.51
N SER D 799 21.64 -54.61 38.55
CA SER D 799 20.69 -55.71 38.65
C SER D 799 20.79 -56.61 37.43
N LEU D 800 21.37 -56.07 36.37
CA LEU D 800 21.49 -56.77 35.10
C LEU D 800 22.68 -57.74 35.07
N SER D 801 23.39 -57.87 36.19
CA SER D 801 24.69 -58.55 36.23
C SER D 801 24.62 -60.07 36.14
N GLY D 802 24.12 -60.73 37.19
CA GLY D 802 24.13 -62.18 37.28
C GLY D 802 23.20 -62.96 36.37
N ILE D 803 22.55 -62.26 35.45
CA ILE D 803 21.59 -62.88 34.54
C ILE D 803 22.33 -63.46 33.34
N GLN D 804 22.31 -64.79 33.20
CA GLN D 804 22.91 -65.43 32.03
C GLN D 804 22.22 -65.00 30.75
N LEU D 805 20.89 -64.92 30.79
CA LEU D 805 20.12 -64.48 29.63
C LEU D 805 20.66 -63.15 29.10
N PHE D 806 20.90 -62.19 29.98
CA PHE D 806 21.51 -60.93 29.59
C PHE D 806 22.85 -61.18 28.89
N ASP D 807 23.73 -61.92 29.57
CA ASP D 807 25.03 -62.29 29.03
C ASP D 807 24.91 -62.77 27.60
N ARG D 808 23.88 -63.56 27.34
CA ARG D 808 23.69 -64.20 26.03
C ARG D 808 23.16 -63.22 25.01
N ILE D 809 22.15 -62.42 25.39
CA ILE D 809 21.59 -61.41 24.48
C ILE D 809 22.77 -60.62 23.96
N LEU D 810 23.61 -60.21 24.90
CA LEU D 810 24.87 -59.56 24.61
C LEU D 810 25.67 -60.40 23.61
N LEU D 811 25.93 -61.66 23.99
CA LEU D 811 26.76 -62.57 23.22
C LEU D 811 26.33 -62.68 21.75
N LEU D 812 25.06 -62.42 21.47
CA LEU D 812 24.54 -62.44 20.11
C LEU D 812 25.11 -61.30 19.27
N PHE D 813 25.14 -60.10 19.85
CA PHE D 813 25.69 -58.93 19.16
C PHE D 813 27.22 -59.01 19.09
N LYS D 814 27.80 -60.05 19.68
CA LYS D 814 29.25 -60.19 19.76
C LYS D 814 29.64 -61.10 18.62
N PRO D 815 30.84 -60.88 18.07
CA PRO D 815 31.31 -61.79 17.02
C PRO D 815 31.39 -63.22 17.54
N PRO D 816 31.24 -64.20 16.65
CA PRO D 816 31.33 -65.59 17.11
C PRO D 816 32.76 -65.97 17.52
N LYS D 817 33.70 -65.05 17.28
CA LYS D 817 35.09 -65.23 17.68
C LYS D 817 35.26 -65.38 19.20
N TYR D 818 34.42 -64.69 19.98
CA TYR D 818 34.53 -64.79 21.42
C TYR D 818 33.65 -65.87 22.02
N HIS D 819 34.19 -66.52 23.05
CA HIS D 819 33.69 -67.78 23.58
C HIS D 819 33.31 -67.62 25.06
N PRO D 820 32.59 -68.60 25.62
CA PRO D 820 32.26 -68.58 27.05
C PRO D 820 33.20 -69.44 27.90
N ASP D 821 32.91 -69.52 29.19
CA ASP D 821 33.62 -70.44 30.08
C ASP D 821 33.43 -71.86 29.61
N VAL D 822 32.25 -72.13 29.07
CA VAL D 822 31.88 -73.48 28.65
C VAL D 822 31.85 -73.56 27.13
N PRO D 823 32.89 -74.16 26.53
CA PRO D 823 32.96 -74.25 25.07
C PRO D 823 31.73 -74.94 24.48
N TYR D 824 31.14 -75.82 25.28
CA TYR D 824 30.04 -76.66 24.83
C TYR D 824 28.89 -75.83 24.32
N VAL D 825 28.48 -74.82 25.10
CA VAL D 825 27.23 -74.12 24.82
C VAL D 825 27.27 -73.33 23.52
N LYS D 826 28.35 -72.59 23.27
CA LYS D 826 28.46 -71.88 22.00
C LYS D 826 28.84 -72.78 20.82
N ARG D 827 29.73 -73.76 21.04
CA ARG D 827 30.15 -74.65 19.95
C ARG D 827 29.02 -75.54 19.41
N VAL D 828 28.18 -76.05 20.30
CA VAL D 828 27.08 -76.92 19.87
C VAL D 828 25.98 -76.05 19.25
N LYS D 829 26.06 -74.75 19.49
CA LYS D 829 24.95 -73.87 19.16
C LYS D 829 25.39 -72.51 18.61
N THR D 830 26.24 -72.51 17.58
CA THR D 830 26.75 -71.24 17.04
C THR D 830 25.60 -70.44 16.45
N TRP D 831 24.56 -71.17 16.02
CA TRP D 831 23.32 -70.55 15.56
C TRP D 831 22.21 -70.81 16.56
N ARG D 832 22.18 -72.03 17.06
CA ARG D 832 21.11 -72.49 17.93
C ARG D 832 21.02 -71.76 19.28
N MET D 833 22.16 -71.41 19.86
CA MET D 833 22.19 -70.65 21.12
C MET D 833 21.36 -69.38 20.95
N HIS D 834 21.62 -68.69 19.85
CA HIS D 834 20.89 -67.49 19.46
C HIS D 834 19.39 -67.76 19.31
N LEU D 835 19.03 -68.99 18.93
CA LEU D 835 17.63 -69.40 18.83
C LEU D 835 16.97 -69.58 20.21
N PHE D 836 17.71 -70.20 21.12
CA PHE D 836 17.24 -70.45 22.49
C PHE D 836 17.05 -69.13 23.22
N THR D 837 18.12 -68.34 23.22
CA THR D 837 18.09 -66.96 23.68
C THR D 837 16.98 -66.19 22.95
N GLY D 838 16.74 -66.54 21.69
CA GLY D 838 15.68 -65.92 20.91
C GLY D 838 14.29 -66.20 21.45
N ILE D 839 14.10 -67.43 21.94
CA ILE D 839 12.84 -67.81 22.57
C ILE D 839 12.71 -67.04 23.87
N GLN D 840 13.80 -66.98 24.63
CA GLN D 840 13.85 -66.10 25.81
C GLN D 840 13.27 -64.73 25.45
N ILE D 841 13.86 -64.09 24.43
CA ILE D 841 13.45 -62.77 23.93
C ILE D 841 11.97 -62.67 23.57
N ILE D 842 11.45 -63.69 22.88
CA ILE D 842 10.07 -63.63 22.43
C ILE D 842 9.14 -63.75 23.64
N CYS D 843 9.56 -64.52 24.64
CA CYS D 843 8.85 -64.60 25.92
C CYS D 843 8.82 -63.23 26.59
N LEU D 844 9.99 -62.63 26.70
CA LEU D 844 10.17 -61.27 27.21
C LEU D 844 9.19 -60.30 26.59
N ALA D 845 9.10 -60.37 25.26
CA ALA D 845 8.15 -59.58 24.50
C ALA D 845 6.73 -59.83 24.99
N VAL D 846 6.33 -61.11 24.97
CA VAL D 846 5.01 -61.54 25.43
C VAL D 846 4.65 -60.92 26.79
N LEU D 847 5.45 -61.21 27.80
CA LEU D 847 5.24 -60.67 29.13
C LEU D 847 5.21 -59.15 29.16
N TRP D 848 5.99 -58.51 28.29
CA TRP D 848 6.05 -57.04 28.25
C TRP D 848 4.78 -56.43 27.66
N VAL D 849 4.11 -57.16 26.77
CA VAL D 849 2.84 -56.66 26.23
C VAL D 849 1.67 -57.03 27.15
N VAL D 850 1.74 -58.20 27.77
CA VAL D 850 0.74 -58.63 28.76
C VAL D 850 0.73 -57.61 29.89
N LYS D 851 1.90 -57.42 30.51
CA LYS D 851 2.10 -56.46 31.59
C LYS D 851 1.81 -55.03 31.16
N SER D 852 1.74 -54.80 29.85
CA SER D 852 1.49 -53.47 29.29
C SER D 852 0.04 -53.00 29.43
N THR D 853 -0.90 -53.94 29.49
CA THR D 853 -2.32 -53.63 29.59
C THR D 853 -2.71 -53.45 31.06
N PRO D 854 -3.87 -52.84 31.35
CA PRO D 854 -4.51 -53.08 32.65
C PRO D 854 -5.01 -54.54 32.82
N ALA D 855 -4.86 -55.35 31.77
CA ALA D 855 -4.95 -56.80 31.90
C ALA D 855 -3.73 -57.41 32.57
N SER D 856 -2.75 -56.56 32.91
CA SER D 856 -1.47 -57.01 33.42
C SER D 856 -1.53 -57.91 34.67
N LEU D 857 -2.64 -57.86 35.42
CA LEU D 857 -2.73 -58.66 36.66
C LEU D 857 -2.72 -60.14 36.32
N ALA D 858 -3.00 -60.46 35.06
CA ALA D 858 -2.94 -61.84 34.60
C ALA D 858 -1.51 -62.39 34.59
N LEU D 859 -0.53 -61.50 34.46
CA LEU D 859 0.88 -61.86 34.22
C LEU D 859 1.44 -63.06 35.00
N PRO D 860 1.30 -63.08 36.36
CA PRO D 860 1.93 -64.17 37.12
C PRO D 860 1.51 -65.55 36.64
N PHE D 861 0.35 -65.61 36.01
CA PHE D 861 -0.06 -66.81 35.32
C PHE D 861 0.75 -66.96 34.03
N VAL D 862 0.74 -65.91 33.21
CA VAL D 862 1.44 -65.92 31.92
C VAL D 862 2.89 -66.30 32.11
N LEU D 863 3.52 -65.76 33.15
CA LEU D 863 4.92 -66.06 33.40
C LEU D 863 5.14 -67.56 33.58
N ILE D 864 4.25 -68.22 34.31
CA ILE D 864 4.32 -69.68 34.41
C ILE D 864 3.89 -70.29 33.06
N LEU D 865 2.77 -69.79 32.54
CA LEU D 865 2.23 -70.27 31.26
C LEU D 865 3.31 -70.33 30.21
N THR D 866 4.03 -69.22 30.06
CA THR D 866 5.21 -69.18 29.20
C THR D 866 6.20 -70.29 29.57
N VAL D 867 6.78 -70.25 30.77
CA VAL D 867 8.04 -70.96 31.00
C VAL D 867 7.90 -72.47 31.29
N PRO D 868 7.29 -72.90 32.43
CA PRO D 868 7.28 -74.36 32.54
C PRO D 868 6.51 -75.12 31.43
N LEU D 869 5.67 -74.43 30.65
CA LEU D 869 5.12 -75.03 29.44
C LEU D 869 6.19 -75.09 28.35
N ARG D 870 6.84 -73.95 28.10
CA ARG D 870 7.91 -73.87 27.11
C ARG D 870 8.95 -74.91 27.47
N ARG D 871 9.18 -75.04 28.78
CA ARG D 871 10.24 -75.86 29.34
C ARG D 871 9.89 -77.34 29.24
N VAL D 872 8.81 -77.61 28.50
CA VAL D 872 8.36 -78.95 28.15
C VAL D 872 8.31 -79.10 26.63
N LEU D 873 7.87 -78.04 25.97
CA LEU D 873 7.91 -77.97 24.51
C LEU D 873 9.30 -77.62 23.96
N LEU D 874 10.22 -77.29 24.87
CA LEU D 874 11.63 -77.04 24.51
C LEU D 874 12.43 -78.33 24.20
N PRO D 875 12.30 -79.39 25.03
CA PRO D 875 12.97 -80.64 24.67
C PRO D 875 12.58 -81.19 23.29
N LEU D 876 11.53 -80.64 22.69
CA LEU D 876 11.22 -80.91 21.28
C LEU D 876 12.33 -80.37 20.37
N ILE D 877 12.96 -79.27 20.79
CA ILE D 877 13.93 -78.58 19.96
C ILE D 877 15.33 -79.19 20.07
N PHE D 878 15.87 -79.24 21.28
CA PHE D 878 17.20 -79.83 21.50
C PHE D 878 17.20 -80.82 22.67
N ARG D 879 18.38 -81.36 23.01
CA ARG D 879 18.44 -82.55 23.87
C ARG D 879 18.94 -82.33 25.30
N ASN D 880 18.89 -83.42 26.07
CA ASN D 880 19.22 -83.47 27.50
C ASN D 880 20.68 -83.20 27.83
N VAL D 881 21.52 -83.06 26.80
CA VAL D 881 22.89 -82.62 27.00
C VAL D 881 22.94 -81.18 26.55
N GLU D 882 22.39 -80.94 25.36
CA GLU D 882 22.30 -79.62 24.76
C GLU D 882 21.64 -78.61 25.69
N LEU D 883 20.33 -78.74 25.86
CA LEU D 883 19.56 -77.84 26.70
C LEU D 883 20.04 -77.82 28.15
N GLN D 884 20.50 -78.98 28.64
CA GLN D 884 20.94 -79.12 30.03
C GLN D 884 22.02 -78.11 30.42
N CYS D 885 22.94 -77.84 29.50
CA CYS D 885 24.04 -76.92 29.77
C CYS D 885 23.63 -75.44 29.69
N LEU D 886 22.41 -75.13 29.28
CA LEU D 886 21.98 -73.73 29.24
C LEU D 886 21.35 -73.24 30.56
N ASP D 887 21.12 -74.16 31.50
CA ASP D 887 20.76 -73.81 32.89
C ASP D 887 20.79 -75.03 33.81
N GLU E 1 22.17 63.78 -29.60
CA GLU E 1 21.49 64.64 -30.56
C GLU E 1 21.82 64.21 -31.99
N VAL E 2 20.93 63.41 -32.59
CA VAL E 2 21.16 62.78 -33.89
C VAL E 2 20.85 63.77 -35.01
N LYS E 3 21.93 64.30 -35.54
CA LYS E 3 21.97 65.37 -36.52
C LYS E 3 22.50 65.02 -37.89
N LEU E 4 21.71 65.23 -38.94
CA LEU E 4 22.22 64.93 -40.28
C LEU E 4 22.11 66.30 -41.00
N GLN E 5 23.14 66.56 -41.80
CA GLN E 5 23.26 67.69 -42.69
C GLN E 5 23.68 67.40 -44.12
N GLU E 6 22.95 67.93 -45.12
CA GLU E 6 23.37 67.59 -46.48
C GLU E 6 23.61 68.75 -47.45
N SER E 7 24.92 68.99 -47.65
CA SER E 7 25.43 69.95 -48.60
C SER E 7 25.43 69.36 -50.02
N GLY E 8 25.06 70.17 -51.03
CA GLY E 8 25.25 69.93 -52.45
C GLY E 8 25.63 71.22 -53.16
N PRO E 9 25.77 71.20 -54.51
CA PRO E 9 26.08 72.37 -55.37
C PRO E 9 24.92 73.28 -55.79
N GLY E 10 23.71 73.03 -55.29
CA GLY E 10 22.58 73.87 -55.65
C GLY E 10 22.02 73.68 -57.05
N LYS E 11 22.84 73.96 -58.06
CA LYS E 11 22.44 73.69 -59.45
C LYS E 11 23.61 73.11 -60.20
N LEU E 12 23.34 72.31 -61.23
CA LEU E 12 24.37 71.77 -62.08
C LEU E 12 24.05 71.70 -63.56
N GLN E 13 25.10 71.49 -64.33
CA GLN E 13 25.08 71.58 -65.77
C GLN E 13 24.80 70.13 -66.11
N PRO E 14 23.94 69.87 -67.09
CA PRO E 14 23.73 68.45 -67.39
C PRO E 14 24.98 67.82 -67.99
N SER E 15 25.16 66.51 -67.83
CA SER E 15 26.34 65.76 -68.26
C SER E 15 27.43 65.79 -67.18
N GLN E 16 27.29 66.68 -66.20
CA GLN E 16 28.28 66.80 -65.14
C GLN E 16 28.15 65.79 -63.99
N THR E 17 29.13 65.82 -63.09
CA THR E 17 29.16 64.89 -61.97
C THR E 17 28.72 65.51 -60.65
N LEU E 18 27.63 65.01 -60.09
CA LEU E 18 27.16 65.49 -58.79
C LEU E 18 27.88 64.86 -57.61
N SER E 19 28.39 65.66 -56.68
CA SER E 19 28.95 65.08 -55.47
C SER E 19 28.16 65.66 -54.30
N LEU E 20 27.44 64.81 -53.56
CA LEU E 20 26.71 65.26 -52.39
C LEU E 20 27.49 64.78 -51.18
N THR E 21 27.48 65.59 -50.11
CA THR E 21 28.17 65.25 -48.87
C THR E 21 27.14 65.34 -47.75
N CYS E 22 27.21 64.37 -46.83
CA CYS E 22 26.40 64.36 -45.62
C CYS E 22 27.30 64.24 -44.41
N SER E 23 27.17 65.24 -43.54
CA SER E 23 27.83 65.25 -42.24
C SER E 23 26.84 64.99 -41.11
N PHE E 24 27.27 64.21 -40.13
CA PHE E 24 26.44 63.84 -38.99
C PHE E 24 27.06 63.87 -37.60
N SER E 25 26.18 63.88 -36.60
CA SER E 25 26.63 63.85 -35.22
C SER E 25 25.59 63.19 -34.35
N GLY E 26 26.01 62.76 -33.17
CA GLY E 26 25.11 62.07 -32.28
C GLY E 26 25.24 60.57 -32.48
N PHE E 27 26.09 60.17 -33.43
CA PHE E 27 26.34 58.74 -33.63
C PHE E 27 27.58 58.49 -34.48
N SER E 28 28.30 57.43 -34.15
CA SER E 28 29.43 57.01 -34.93
C SER E 28 28.93 56.12 -36.07
N LEU E 29 29.75 56.01 -37.12
CA LEU E 29 29.50 55.03 -38.19
C LEU E 29 30.16 53.74 -37.80
N THR E 30 31.13 53.80 -36.88
CA THR E 30 31.87 52.62 -36.47
C THR E 30 30.96 51.56 -35.79
N THR E 31 29.77 51.98 -35.35
CA THR E 31 28.81 51.12 -34.67
C THR E 31 28.28 50.06 -35.65
N SER E 32 28.16 48.82 -35.20
CA SER E 32 27.52 47.80 -36.04
C SER E 32 25.98 47.98 -36.06
N GLY E 33 25.35 47.74 -37.21
CA GLY E 33 23.89 47.79 -37.30
C GLY E 33 23.31 49.11 -37.82
N ILE E 34 24.20 50.06 -37.99
CA ILE E 34 23.90 51.42 -38.39
C ILE E 34 24.30 51.64 -39.83
N GLY E 35 23.49 52.32 -40.63
CA GLY E 35 23.96 52.60 -41.97
C GLY E 35 23.66 54.05 -42.35
N VAL E 36 24.43 54.60 -43.29
CA VAL E 36 24.13 55.96 -43.71
C VAL E 36 24.01 56.07 -45.22
N GLY E 37 23.02 56.81 -45.69
CA GLY E 37 22.75 56.91 -47.11
C GLY E 37 21.86 58.03 -47.61
N TRP E 38 21.33 57.84 -48.82
CA TRP E 38 20.70 58.92 -49.57
C TRP E 38 19.37 58.46 -50.18
N ILE E 39 18.34 59.28 -50.04
CA ILE E 39 17.05 59.06 -50.71
C ILE E 39 16.63 60.36 -51.34
N ARG E 40 16.11 60.31 -52.56
CA ARG E 40 15.79 61.58 -53.19
C ARG E 40 14.32 61.72 -53.55
N GLN E 41 13.82 62.94 -53.40
CA GLN E 41 12.44 63.28 -53.74
C GLN E 41 12.39 64.38 -54.81
N PRO E 42 12.06 64.00 -56.06
CA PRO E 42 11.88 64.94 -57.16
C PRO E 42 10.67 65.81 -56.85
N SER E 43 10.64 67.04 -57.37
CA SER E 43 9.60 67.98 -57.00
C SER E 43 8.18 67.43 -57.18
N GLY E 44 7.44 67.36 -56.08
CA GLY E 44 6.05 66.88 -56.08
C GLY E 44 5.82 65.42 -56.44
N LYS E 45 6.68 64.57 -55.90
CA LYS E 45 6.65 63.15 -56.19
C LYS E 45 7.02 62.42 -54.93
N GLY E 46 7.17 61.11 -55.02
CA GLY E 46 7.51 60.35 -53.85
C GLY E 46 9.01 60.15 -53.68
N LEU E 47 9.38 59.01 -53.12
CA LEU E 47 10.73 58.84 -52.60
C LEU E 47 11.40 57.75 -53.39
N GLU E 48 12.69 57.95 -53.68
CA GLU E 48 13.52 56.98 -54.39
C GLU E 48 14.82 56.77 -53.62
N TRP E 49 15.04 55.54 -53.17
CA TRP E 49 16.28 55.21 -52.47
C TRP E 49 17.43 55.21 -53.48
N LEU E 50 18.58 55.73 -53.08
CA LEU E 50 19.71 55.79 -53.99
C LEU E 50 20.75 54.79 -53.53
N ALA E 51 21.35 55.04 -52.37
CA ALA E 51 22.39 54.14 -51.88
C ALA E 51 22.68 54.28 -50.38
N HIS E 52 23.28 53.25 -49.78
CA HIS E 52 23.69 53.28 -48.39
C HIS E 52 25.00 52.55 -48.12
N ILE E 53 25.75 53.04 -47.14
CA ILE E 53 26.97 52.39 -46.68
C ILE E 53 27.16 52.16 -45.17
N TRP E 54 27.62 50.95 -44.82
CA TRP E 54 27.78 50.50 -43.42
C TRP E 54 29.28 50.59 -43.11
N TRP E 55 29.62 50.53 -41.83
CA TRP E 55 31.02 50.43 -41.38
C TRP E 55 31.82 49.36 -42.08
N SER E 56 31.15 48.30 -42.49
CA SER E 56 31.78 47.24 -43.27
C SER E 56 32.38 47.68 -44.60
N ALA E 57 32.00 48.86 -45.05
CA ALA E 57 32.27 49.35 -46.41
C ALA E 57 31.48 48.58 -47.43
N SER E 58 30.63 47.68 -46.95
CA SER E 58 29.63 47.10 -47.82
C SER E 58 28.72 48.26 -48.20
N LYS E 59 28.31 48.35 -49.46
CA LYS E 59 27.45 49.46 -49.82
C LYS E 59 26.39 49.00 -50.82
N TYR E 60 25.13 49.28 -50.51
CA TYR E 60 24.01 48.91 -51.37
C TYR E 60 23.63 50.09 -52.26
N TYR E 61 23.35 49.75 -53.50
CA TYR E 61 23.03 50.70 -54.56
C TYR E 61 21.68 50.39 -55.19
N ASN E 62 20.98 51.45 -55.56
CA ASN E 62 19.76 51.35 -56.35
C ASN E 62 19.95 50.85 -57.74
N THR E 63 19.30 49.74 -58.05
CA THR E 63 19.34 49.20 -59.40
C THR E 63 18.91 50.25 -60.41
N ALA E 64 19.39 50.08 -61.63
CA ALA E 64 19.19 51.02 -62.74
C ALA E 64 20.10 52.23 -62.57
N LEU E 65 20.17 52.73 -61.34
CA LEU E 65 21.05 53.83 -60.97
C LEU E 65 22.46 53.36 -60.58
N LYS E 66 22.56 52.11 -60.12
CA LYS E 66 23.83 51.48 -59.74
C LYS E 66 25.04 51.99 -60.52
N SER E 67 24.96 51.87 -61.84
CA SER E 67 26.03 52.30 -62.71
C SER E 67 26.52 53.75 -62.50
N ARG E 68 25.63 54.67 -62.12
CA ARG E 68 25.99 56.08 -62.02
C ARG E 68 26.32 56.44 -60.58
N LEU E 69 26.13 55.49 -59.67
CA LEU E 69 26.26 55.83 -58.28
C LEU E 69 27.53 55.31 -57.68
N THR E 70 28.16 56.14 -56.87
CA THR E 70 29.29 55.72 -56.05
C THR E 70 29.17 56.32 -54.68
N ILE E 71 29.09 55.46 -53.66
CA ILE E 71 29.00 55.96 -52.30
C ILE E 71 30.29 55.65 -51.55
N SER E 72 30.70 56.58 -50.69
CA SER E 72 31.91 56.38 -49.91
C SER E 72 31.76 57.00 -48.54
N LYS E 73 32.80 56.93 -47.73
CA LYS E 73 32.70 57.45 -46.37
C LYS E 73 34.03 57.88 -45.78
N ASP E 74 33.96 58.91 -44.95
CA ASP E 74 35.04 59.41 -44.12
C ASP E 74 34.62 59.33 -42.66
N THR E 75 34.86 58.16 -42.05
CA THR E 75 34.40 57.85 -40.70
C THR E 75 34.94 58.82 -39.67
N SER E 76 36.22 59.13 -39.80
CA SER E 76 36.97 59.93 -38.84
C SER E 76 36.52 61.37 -38.87
N ASN E 77 35.82 61.72 -39.94
CA ASN E 77 35.26 63.04 -40.01
C ASN E 77 33.73 63.00 -40.14
N ASN E 78 33.10 61.90 -39.69
CA ASN E 78 31.62 61.82 -39.62
C ASN E 78 30.98 62.27 -40.92
N GLN E 79 31.42 61.69 -42.03
CA GLN E 79 30.82 62.03 -43.32
C GLN E 79 30.62 60.82 -44.25
N VAL E 80 29.56 60.88 -45.05
CA VAL E 80 29.44 59.95 -46.17
C VAL E 80 29.11 60.73 -47.43
N PHE E 81 29.48 60.18 -48.57
CA PHE E 81 29.34 60.89 -49.84
C PHE E 81 28.65 60.07 -50.92
N LEU E 82 27.88 60.75 -51.76
CA LEU E 82 27.33 60.09 -52.92
C LEU E 82 27.70 60.85 -54.17
N LYS E 83 28.18 60.14 -55.17
CA LYS E 83 28.51 60.72 -56.46
C LYS E 83 27.60 60.15 -57.54
N ILE E 84 27.06 61.03 -58.38
CA ILE E 84 26.23 60.62 -59.51
C ILE E 84 26.84 61.14 -60.82
N ALA E 85 27.21 60.23 -61.73
CA ALA E 85 27.94 60.60 -62.95
C ALA E 85 26.98 61.05 -64.06
N SER E 86 27.47 61.92 -64.94
CA SER E 86 26.72 62.34 -66.15
C SER E 86 25.26 62.67 -65.84
N VAL E 87 25.10 63.61 -64.91
CA VAL E 87 23.81 64.00 -64.38
C VAL E 87 22.93 64.59 -65.49
N ASP E 88 21.64 64.31 -65.42
CA ASP E 88 20.67 64.85 -66.37
C ASP E 88 19.54 65.58 -65.66
N THR E 89 18.61 66.13 -66.44
CA THR E 89 17.54 66.97 -65.93
C THR E 89 16.57 66.18 -65.07
N ALA E 90 16.62 64.86 -65.19
CA ALA E 90 15.79 64.01 -64.37
C ALA E 90 16.31 63.86 -62.93
N ASP E 91 17.50 64.38 -62.66
CA ASP E 91 18.10 64.23 -61.34
C ASP E 91 17.85 65.44 -60.46
N THR E 92 17.11 66.41 -61.01
CA THR E 92 16.64 67.55 -60.25
C THR E 92 15.81 66.95 -59.16
N ALA E 93 16.27 67.13 -57.93
CA ALA E 93 15.43 66.82 -56.77
C ALA E 93 15.98 67.31 -55.45
N THR E 94 15.32 66.83 -54.40
CA THR E 94 15.67 67.16 -53.05
C THR E 94 16.41 65.93 -52.54
N TYR E 95 17.70 66.01 -52.20
CA TYR E 95 18.30 64.77 -51.72
C TYR E 95 18.30 64.83 -50.20
N TYR E 96 17.78 63.75 -49.63
CA TYR E 96 17.84 63.38 -48.23
C TYR E 96 18.90 62.47 -47.65
N CYS E 97 19.62 62.94 -46.62
CA CYS E 97 20.58 62.03 -46.02
C CYS E 97 19.61 61.30 -45.14
N ALA E 98 19.79 59.99 -45.03
CA ALA E 98 19.00 59.14 -44.16
C ALA E 98 19.83 58.08 -43.43
N ARG E 99 19.60 57.91 -42.13
CA ARG E 99 20.30 56.82 -41.47
C ARG E 99 19.36 55.65 -41.32
N ALA E 100 19.87 54.45 -41.52
CA ALA E 100 18.98 53.33 -41.34
C ALA E 100 19.50 52.55 -40.16
N TYR E 101 18.56 52.31 -39.25
CA TYR E 101 18.74 51.53 -38.05
C TYR E 101 18.50 50.04 -38.28
N TYR E 102 19.35 49.16 -37.75
CA TYR E 102 19.08 47.72 -37.85
C TYR E 102 18.08 47.27 -36.81
N GLY E 103 16.89 46.96 -37.28
CA GLY E 103 15.75 46.59 -36.45
C GLY E 103 16.00 45.42 -35.51
N ASN E 104 15.36 45.44 -34.34
CA ASN E 104 15.47 44.33 -33.37
C ASN E 104 15.08 42.98 -33.99
N TYR E 105 14.24 43.01 -35.02
CA TYR E 105 13.77 41.78 -35.61
C TYR E 105 14.36 41.59 -37.02
N GLY E 106 15.52 42.21 -37.21
CA GLY E 106 16.17 42.30 -38.50
C GLY E 106 15.57 43.37 -39.38
N GLY E 107 16.11 43.52 -40.60
CA GLY E 107 15.61 44.56 -41.48
C GLY E 107 16.04 45.92 -40.96
N TYR E 108 15.60 46.96 -41.66
CA TYR E 108 16.02 48.35 -41.48
C TYR E 108 14.87 49.26 -41.79
N TYR E 109 14.93 50.38 -41.11
CA TYR E 109 14.02 51.47 -41.29
C TYR E 109 14.83 52.70 -41.02
N PHE E 110 14.35 53.79 -41.59
CA PHE E 110 15.06 55.03 -41.61
C PHE E 110 14.73 55.91 -40.45
N ASP E 111 15.77 56.10 -39.66
CA ASP E 111 15.75 56.54 -38.28
C ASP E 111 15.64 58.02 -38.18
N TYR E 112 16.62 58.66 -38.80
CA TYR E 112 16.72 60.10 -38.80
C TYR E 112 16.98 60.57 -40.23
N TRP E 113 16.36 61.69 -40.53
CA TRP E 113 16.41 62.28 -41.84
C TRP E 113 17.00 63.67 -41.78
N GLY E 114 17.81 64.01 -42.78
CA GLY E 114 18.41 65.33 -42.80
C GLY E 114 17.28 66.27 -43.17
N GLN E 115 17.49 67.58 -43.12
CA GLN E 115 16.47 68.46 -43.66
C GLN E 115 16.41 68.37 -45.17
N GLY E 116 17.48 67.83 -45.76
CA GLY E 116 17.59 67.76 -47.21
C GLY E 116 18.47 68.84 -47.82
N THR E 117 18.83 68.62 -49.07
CA THR E 117 19.56 69.58 -49.92
C THR E 117 18.74 69.65 -51.15
N THR E 118 18.92 70.68 -51.97
CA THR E 118 18.19 70.69 -53.22
C THR E 118 19.07 71.03 -54.40
N LEU E 119 18.90 70.18 -55.39
CA LEU E 119 19.65 70.14 -56.64
C LEU E 119 18.75 70.35 -57.84
N THR E 120 19.23 71.21 -58.72
CA THR E 120 18.57 71.57 -59.97
C THR E 120 19.58 71.28 -61.05
N VAL E 121 19.12 70.59 -62.11
CA VAL E 121 20.00 70.35 -63.24
C VAL E 121 19.38 70.94 -64.49
N SER E 122 20.14 71.81 -65.16
CA SER E 122 19.68 72.39 -66.41
C SER E 122 20.75 73.10 -67.18
N SER E 123 20.67 72.99 -68.50
CA SER E 123 21.50 73.77 -69.39
C SER E 123 21.05 75.22 -69.51
N ALA E 124 20.21 75.72 -68.60
CA ALA E 124 19.74 77.06 -68.89
C ALA E 124 20.57 78.19 -68.28
N LYS E 125 20.65 79.25 -69.08
CA LYS E 125 21.21 80.56 -68.76
C LYS E 125 20.41 81.27 -67.69
N THR E 126 21.08 81.91 -66.74
CA THR E 126 20.37 82.64 -65.71
C THR E 126 19.63 83.75 -66.41
N THR E 127 18.35 83.91 -66.10
CA THR E 127 17.59 85.01 -66.67
C THR E 127 16.66 85.70 -65.68
N ALA E 128 16.65 87.03 -65.73
CA ALA E 128 15.75 87.84 -64.90
C ALA E 128 14.31 87.68 -65.37
N PRO E 129 13.35 87.82 -64.43
CA PRO E 129 11.94 87.64 -64.76
C PRO E 129 11.34 88.89 -65.39
N SER E 130 10.39 88.72 -66.29
CA SER E 130 9.53 89.83 -66.67
C SER E 130 8.31 89.89 -65.77
N VAL E 131 7.99 91.06 -65.24
CA VAL E 131 6.84 91.19 -64.36
C VAL E 131 5.78 91.99 -65.05
N TYR E 132 4.60 91.40 -65.13
CA TYR E 132 3.48 91.97 -65.84
C TYR E 132 2.34 92.18 -64.87
N PRO E 133 1.78 93.38 -64.83
CA PRO E 133 0.60 93.69 -64.03
C PRO E 133 -0.68 93.21 -64.73
N LEU E 134 -1.59 92.59 -63.99
CA LEU E 134 -2.83 92.05 -64.57
C LEU E 134 -4.08 92.66 -63.96
N ALA E 135 -4.62 93.71 -64.58
CA ALA E 135 -5.89 94.29 -64.11
C ALA E 135 -7.07 93.59 -64.79
N PRO E 136 -8.29 93.80 -64.28
CA PRO E 136 -9.47 93.17 -64.88
C PRO E 136 -9.74 93.57 -66.32
N VAL E 137 -10.65 92.82 -66.94
CA VAL E 137 -11.03 93.05 -68.32
C VAL E 137 -11.64 94.42 -68.41
N CYS E 138 -11.24 95.17 -69.43
CA CYS E 138 -11.78 96.50 -69.65
C CYS E 138 -13.27 96.39 -69.83
N GLY E 139 -14.02 97.22 -69.13
CA GLY E 139 -15.46 97.24 -69.25
C GLY E 139 -16.21 96.16 -68.50
N ASP E 140 -15.47 95.33 -67.76
CA ASP E 140 -16.05 94.27 -66.94
C ASP E 140 -17.12 94.80 -66.00
N THR E 141 -18.22 94.06 -65.93
CA THR E 141 -19.32 94.38 -65.05
C THR E 141 -18.83 93.99 -63.65
N THR E 142 -18.33 94.98 -62.94
CA THR E 142 -17.80 94.77 -61.60
C THR E 142 -18.85 94.51 -60.55
N GLY E 143 -18.48 93.56 -59.69
CA GLY E 143 -19.25 93.07 -58.57
C GLY E 143 -18.82 93.60 -57.22
N SER E 144 -19.16 92.84 -56.18
CA SER E 144 -18.85 93.19 -54.79
C SER E 144 -17.36 93.14 -54.48
N SER E 145 -16.61 92.33 -55.21
CA SER E 145 -15.17 92.26 -55.02
C SER E 145 -14.44 92.14 -56.35
N VAL E 146 -13.15 92.50 -56.38
CA VAL E 146 -12.34 92.41 -57.60
C VAL E 146 -11.07 91.61 -57.38
N THR E 147 -10.67 90.90 -58.43
CA THR E 147 -9.45 90.10 -58.41
C THR E 147 -8.41 90.78 -59.28
N LEU E 148 -7.24 91.03 -58.72
CA LEU E 148 -6.13 91.56 -59.45
C LEU E 148 -5.14 90.42 -59.63
N GLY E 149 -4.16 90.60 -60.50
CA GLY E 149 -3.25 89.51 -60.77
C GLY E 149 -1.87 90.03 -61.08
N CYS E 150 -0.87 89.16 -60.97
CA CYS E 150 0.49 89.53 -61.29
C CYS E 150 1.23 88.36 -61.90
N LEU E 151 1.74 88.55 -63.11
CA LEU E 151 2.40 87.48 -63.86
C LEU E 151 3.90 87.68 -63.89
N VAL E 152 4.64 86.61 -63.66
CA VAL E 152 6.09 86.64 -63.51
C VAL E 152 6.57 85.59 -64.46
N LYS E 153 7.02 85.97 -65.64
CA LYS E 153 7.37 84.94 -66.58
C LYS E 153 8.84 84.96 -66.98
N GLY E 154 9.31 83.90 -67.67
CA GLY E 154 10.62 83.96 -68.28
C GLY E 154 11.83 83.98 -67.36
N TYR E 155 11.75 83.39 -66.18
CA TYR E 155 12.93 83.41 -65.30
C TYR E 155 13.57 82.08 -64.96
N PHE E 156 14.81 82.18 -64.50
CA PHE E 156 15.61 81.02 -64.15
C PHE E 156 16.85 81.45 -63.36
N PRO E 157 17.24 80.66 -62.36
CA PRO E 157 16.55 79.50 -61.81
C PRO E 157 15.61 79.83 -60.67
N GLU E 158 15.01 78.84 -60.01
CA GLU E 158 14.24 79.23 -58.86
C GLU E 158 15.24 79.94 -57.95
N PRO E 159 14.77 80.76 -57.01
CA PRO E 159 13.47 81.00 -56.41
C PRO E 159 13.32 82.51 -56.56
N VAL E 160 12.06 82.82 -56.79
CA VAL E 160 11.49 84.14 -56.94
C VAL E 160 10.49 84.34 -55.85
N THR E 161 10.39 85.57 -55.39
CA THR E 161 9.55 85.84 -54.25
C THR E 161 8.73 87.06 -54.64
N LEU E 162 7.44 87.00 -54.30
CA LEU E 162 6.50 88.07 -54.56
C LEU E 162 5.58 88.42 -53.41
N THR E 163 5.54 89.72 -53.14
CA THR E 163 4.64 90.33 -52.16
C THR E 163 3.67 91.35 -52.73
N TRP E 164 2.68 91.72 -51.92
CA TRP E 164 1.65 92.66 -52.34
C TRP E 164 1.79 93.86 -51.40
N ASN E 165 2.13 95.01 -51.98
CA ASN E 165 2.32 96.28 -51.29
C ASN E 165 3.41 96.17 -50.23
N SER E 166 4.16 95.06 -50.33
CA SER E 166 5.31 94.71 -49.50
C SER E 166 4.89 94.03 -48.20
N GLY E 167 4.12 92.96 -48.31
CA GLY E 167 3.61 92.30 -47.12
C GLY E 167 2.39 92.91 -46.48
N SER E 168 2.23 94.22 -46.62
CA SER E 168 1.13 94.91 -45.94
C SER E 168 -0.22 94.36 -46.38
N LEU E 169 -0.30 93.87 -47.61
CA LEU E 169 -1.52 93.25 -48.10
C LEU E 169 -1.33 91.75 -48.14
N SER E 170 -1.81 91.08 -47.12
CA SER E 170 -1.47 89.68 -46.91
C SER E 170 -2.66 88.76 -47.13
N SER E 171 -3.83 89.23 -46.75
CA SER E 171 -5.03 88.41 -46.80
C SER E 171 -5.54 88.27 -48.23
N GLY E 172 -6.13 87.11 -48.52
CA GLY E 172 -6.76 86.88 -49.81
C GLY E 172 -5.79 86.78 -50.97
N VAL E 173 -4.56 86.38 -50.65
CA VAL E 173 -3.53 86.24 -51.67
C VAL E 173 -3.38 84.75 -51.98
N HIS E 174 -3.31 84.44 -53.27
CA HIS E 174 -2.95 83.10 -53.73
C HIS E 174 -1.76 83.21 -54.67
N THR E 175 -0.58 82.86 -54.17
CA THR E 175 0.58 82.79 -55.04
C THR E 175 0.78 81.34 -55.44
N PHE E 176 0.83 81.12 -56.75
CA PHE E 176 0.82 79.78 -57.33
C PHE E 176 2.23 79.29 -57.52
N PRO E 177 2.46 77.98 -57.31
CA PRO E 177 3.78 77.36 -57.47
C PRO E 177 4.29 77.48 -58.90
N ALA E 178 5.59 77.72 -59.06
CA ALA E 178 6.17 77.90 -60.38
C ALA E 178 6.09 76.64 -61.23
N VAL E 179 6.12 76.84 -62.54
CA VAL E 179 6.10 75.74 -63.51
C VAL E 179 7.17 76.00 -64.57
N LEU E 180 7.92 74.96 -64.91
CA LEU E 180 8.99 75.08 -65.88
C LEU E 180 8.49 74.74 -67.28
N GLN E 181 8.82 75.60 -68.22
CA GLN E 181 8.52 75.39 -69.63
C GLN E 181 9.69 75.88 -70.50
N SER E 182 10.39 74.91 -71.11
CA SER E 182 11.55 75.21 -71.95
C SER E 182 12.62 75.99 -71.16
N ASP E 183 13.03 75.44 -70.02
CA ASP E 183 14.16 75.95 -69.23
C ASP E 183 13.84 77.35 -68.70
N LEU E 184 12.56 77.70 -68.68
CA LEU E 184 12.16 78.97 -68.10
C LEU E 184 10.98 78.75 -67.17
N TYR E 185 10.96 79.49 -66.08
CA TYR E 185 9.86 79.39 -65.14
C TYR E 185 8.78 80.48 -65.39
N THR E 186 7.53 80.12 -65.08
CA THR E 186 6.40 81.04 -65.09
C THR E 186 5.67 80.90 -63.76
N LEU E 187 5.47 82.01 -63.06
CA LEU E 187 4.78 82.01 -61.79
C LEU E 187 3.76 83.13 -61.83
N SER E 188 2.68 83.01 -61.07
CA SER E 188 1.70 84.09 -61.03
C SER E 188 1.11 84.19 -59.64
N SER E 189 0.45 85.32 -59.37
CA SER E 189 -0.23 85.52 -58.11
C SER E 189 -1.58 86.21 -58.30
N SER E 190 -2.55 85.78 -57.51
CA SER E 190 -3.87 86.36 -57.47
C SER E 190 -4.08 87.10 -56.16
N VAL E 191 -4.80 88.22 -56.21
CA VAL E 191 -5.16 88.93 -54.97
C VAL E 191 -6.57 89.46 -55.10
N THR E 192 -7.37 89.31 -54.05
CA THR E 192 -8.73 89.81 -54.12
C THR E 192 -9.04 90.83 -53.04
N VAL E 193 -9.62 91.96 -53.44
CA VAL E 193 -10.07 92.97 -52.49
C VAL E 193 -11.51 93.31 -52.77
N THR E 194 -12.09 94.19 -51.97
CA THR E 194 -13.46 94.60 -52.24
C THR E 194 -13.42 95.74 -53.24
N SER E 195 -14.42 95.78 -54.12
CA SER E 195 -14.47 96.76 -55.21
C SER E 195 -14.25 98.19 -54.71
N SER E 196 -14.65 98.47 -53.48
CA SER E 196 -14.48 99.79 -52.89
C SER E 196 -13.01 100.15 -52.67
N THR E 197 -12.19 99.12 -52.51
CA THR E 197 -10.77 99.30 -52.22
C THR E 197 -9.96 99.66 -53.47
N TRP E 198 -10.31 99.06 -54.60
CA TRP E 198 -9.57 99.25 -55.85
C TRP E 198 -10.49 99.58 -57.02
N PRO E 199 -10.09 100.54 -57.86
CA PRO E 199 -8.81 101.25 -57.91
C PRO E 199 -8.62 102.40 -56.91
N SER E 200 -9.53 102.56 -55.95
CA SER E 200 -9.45 103.63 -54.94
C SER E 200 -8.08 103.71 -54.29
N GLN E 201 -7.67 102.61 -53.67
CA GLN E 201 -6.37 102.48 -53.02
C GLN E 201 -5.47 101.78 -54.01
N SER E 202 -4.16 102.00 -53.90
CA SER E 202 -3.26 101.40 -54.87
C SER E 202 -2.61 100.15 -54.35
N ILE E 203 -2.50 99.19 -55.26
CA ILE E 203 -1.98 97.87 -54.96
C ILE E 203 -0.73 97.76 -55.80
N THR E 204 0.41 97.45 -55.20
CA THR E 204 1.61 97.22 -55.98
C THR E 204 2.18 95.81 -55.93
N CYS E 205 2.58 95.28 -57.08
CA CYS E 205 3.11 93.92 -57.14
C CYS E 205 4.60 94.05 -56.84
N ASN E 206 5.15 93.41 -55.80
CA ASN E 206 6.61 93.40 -55.70
C ASN E 206 7.17 92.02 -56.03
N VAL E 207 8.04 91.98 -57.03
CA VAL E 207 8.78 90.77 -57.42
C VAL E 207 10.28 90.83 -57.29
N ALA E 208 10.88 89.92 -56.56
CA ALA E 208 12.30 90.01 -56.30
C ALA E 208 12.93 88.68 -56.68
N HIS E 209 14.08 88.78 -57.36
CA HIS E 209 14.82 87.61 -57.79
C HIS E 209 16.30 87.80 -57.44
N PRO E 210 16.92 86.75 -56.86
CA PRO E 210 18.32 86.70 -56.43
C PRO E 210 19.33 86.49 -57.54
N ALA E 211 19.18 85.39 -58.28
CA ALA E 211 20.17 84.96 -59.27
C ALA E 211 20.42 86.02 -60.33
N SER E 212 19.57 87.03 -60.38
CA SER E 212 19.72 88.14 -61.31
C SER E 212 19.80 89.45 -60.54
N SER E 213 19.51 89.39 -59.23
CA SER E 213 19.59 90.54 -58.31
C SER E 213 18.81 91.68 -58.97
N THR E 214 17.54 91.37 -59.16
CA THR E 214 16.47 92.26 -59.61
C THR E 214 15.21 92.48 -58.77
N LYS E 215 14.84 93.71 -58.43
CA LYS E 215 13.70 93.87 -57.52
C LYS E 215 12.90 94.81 -58.39
N VAL E 216 11.65 94.39 -58.57
CA VAL E 216 10.54 95.04 -59.23
C VAL E 216 9.35 95.47 -58.38
N ASP E 217 8.76 96.60 -58.77
CA ASP E 217 7.53 97.11 -58.18
C ASP E 217 6.65 97.53 -59.36
N LYS E 218 5.59 96.76 -59.60
CA LYS E 218 4.58 97.11 -60.60
C LYS E 218 3.21 97.42 -60.02
N LYS E 219 2.86 98.70 -60.01
CA LYS E 219 1.52 99.14 -59.62
C LYS E 219 0.48 98.55 -60.56
N ILE E 220 -0.71 98.24 -60.02
CA ILE E 220 -1.79 97.69 -60.82
C ILE E 220 -2.84 98.74 -61.11
N GLU E 221 -2.84 99.11 -62.38
CA GLU E 221 -3.64 100.21 -62.95
C GLU E 221 -4.67 99.67 -63.95
N PRO E 222 -5.78 100.38 -64.12
CA PRO E 222 -6.88 100.04 -65.00
C PRO E 222 -6.48 100.16 -66.45
N ARG E 223 -7.04 99.28 -67.28
CA ARG E 223 -6.91 99.38 -68.74
C ARG E 223 -7.98 100.28 -69.34
N ASP F 1 12.89 43.26 -57.43
CA ASP F 1 12.68 44.13 -56.29
C ASP F 1 11.19 44.42 -56.14
N ILE F 2 10.78 44.38 -54.88
CA ILE F 2 9.42 44.63 -54.46
C ILE F 2 8.85 45.96 -54.93
N VAL F 3 7.60 45.90 -55.34
CA VAL F 3 6.82 47.03 -55.82
C VAL F 3 5.74 47.26 -54.80
N MET F 4 5.48 48.51 -54.45
CA MET F 4 4.41 48.74 -53.52
C MET F 4 3.37 49.71 -54.02
N THR F 5 2.12 49.30 -53.92
CA THR F 5 1.05 50.07 -54.47
C THR F 5 0.15 50.60 -53.36
N GLN F 6 0.21 51.92 -53.15
CA GLN F 6 -0.66 52.55 -52.16
C GLN F 6 -1.97 53.00 -52.80
N SER F 7 -3.00 53.08 -51.97
CA SER F 7 -4.29 53.61 -52.41
C SER F 7 -5.13 54.08 -51.23
N PRO F 8 -5.98 55.12 -51.41
CA PRO F 8 -6.12 55.87 -52.67
C PRO F 8 -4.92 56.79 -52.90
N ALA F 9 -4.85 57.40 -54.08
CA ALA F 9 -3.82 58.39 -54.33
C ALA F 9 -4.06 59.61 -53.45
N SER F 10 -5.32 59.86 -53.16
CA SER F 10 -5.68 61.05 -52.43
C SER F 10 -6.86 60.73 -51.59
N LEU F 11 -6.87 61.25 -50.37
CA LEU F 11 -7.95 60.93 -49.46
C LEU F 11 -8.38 62.20 -48.75
N ALA F 12 -9.67 62.46 -48.78
CA ALA F 12 -10.20 63.61 -48.08
C ALA F 12 -11.13 63.14 -47.00
N VAL F 13 -10.86 63.58 -45.78
CA VAL F 13 -11.53 62.99 -44.65
C VAL F 13 -11.87 64.12 -43.70
N SER F 14 -13.11 64.11 -43.20
CA SER F 14 -13.63 65.13 -42.31
C SER F 14 -12.85 65.12 -41.00
N LEU F 15 -12.82 66.26 -40.31
CA LEU F 15 -12.15 66.34 -39.01
C LEU F 15 -12.75 65.34 -38.01
N GLY F 16 -11.89 64.75 -37.20
CA GLY F 16 -12.35 63.79 -36.20
C GLY F 16 -12.88 62.48 -36.75
N GLN F 17 -12.90 62.35 -38.08
CA GLN F 17 -13.35 61.13 -38.74
C GLN F 17 -12.16 60.16 -38.89
N ARG F 18 -12.35 59.10 -39.65
CA ARG F 18 -11.30 58.11 -39.84
C ARG F 18 -10.71 58.09 -41.24
N ALA F 19 -9.40 58.29 -41.30
CA ALA F 19 -8.66 58.07 -42.55
C ALA F 19 -8.02 56.68 -42.58
N THR F 20 -8.24 55.93 -43.65
CA THR F 20 -7.63 54.61 -43.79
C THR F 20 -6.91 54.55 -45.15
N ILE F 21 -5.65 54.14 -45.12
CA ILE F 21 -4.76 54.13 -46.28
C ILE F 21 -4.26 52.70 -46.45
N SER F 22 -4.13 52.24 -47.68
CA SER F 22 -3.65 50.88 -47.88
C SER F 22 -2.39 50.78 -48.72
N CYS F 23 -1.65 49.70 -48.47
CA CYS F 23 -0.39 49.44 -49.13
C CYS F 23 -0.24 47.95 -49.41
N ARG F 24 -0.38 47.64 -50.69
CA ARG F 24 -0.20 46.30 -51.23
C ARG F 24 1.24 46.03 -51.67
N ALA F 25 1.79 44.87 -51.35
CA ALA F 25 3.12 44.48 -51.83
C ALA F 25 3.05 43.53 -53.03
N SER F 26 4.05 43.60 -53.89
CA SER F 26 4.13 42.73 -55.07
C SER F 26 4.44 41.27 -54.69
N GLN F 27 4.90 41.08 -53.46
CA GLN F 27 5.08 39.75 -52.93
C GLN F 27 4.81 39.87 -51.45
N SER F 28 4.74 38.76 -50.74
CA SER F 28 4.67 38.84 -49.29
C SER F 28 5.85 39.61 -48.75
N VAL F 29 5.74 40.03 -47.50
CA VAL F 29 6.82 40.81 -46.89
C VAL F 29 6.96 40.47 -45.41
N SER F 30 6.42 39.32 -45.02
CA SER F 30 6.28 39.01 -43.60
C SER F 30 6.63 37.54 -43.27
N THR F 31 7.23 37.30 -42.10
CA THR F 31 7.61 35.97 -41.67
C THR F 31 6.43 35.37 -40.92
N SER F 32 6.63 34.24 -40.27
CA SER F 32 5.59 33.63 -39.45
C SER F 32 5.19 34.46 -38.25
N SER F 33 6.11 35.31 -37.84
CA SER F 33 5.97 36.04 -36.60
C SER F 33 6.02 37.56 -36.74
N TYR F 34 6.68 38.05 -37.79
CA TYR F 34 6.75 39.50 -38.05
C TYR F 34 6.41 39.95 -39.48
N SER F 35 5.90 41.18 -39.59
CA SER F 35 5.68 41.80 -40.89
C SER F 35 6.59 43.02 -41.00
N TYR F 36 7.31 43.11 -42.12
CA TYR F 36 8.33 44.15 -42.29
C TYR F 36 7.86 45.29 -43.17
N MET F 37 6.88 46.03 -42.67
CA MET F 37 6.32 47.14 -43.38
C MET F 37 6.42 48.37 -42.49
N ASN F 38 6.88 49.47 -43.06
CA ASN F 38 7.06 50.72 -42.33
C ASN F 38 6.15 51.81 -42.88
N TRP F 39 5.75 52.73 -42.01
CA TRP F 39 4.96 53.88 -42.40
C TRP F 39 5.63 55.20 -42.01
N TYR F 40 5.62 56.17 -42.93
CA TYR F 40 6.17 57.50 -42.74
C TYR F 40 5.15 58.57 -43.03
N GLN F 41 5.33 59.69 -42.35
CA GLN F 41 4.54 60.89 -42.55
C GLN F 41 5.43 62.02 -43.06
N GLN F 42 5.05 62.62 -44.17
CA GLN F 42 5.74 63.79 -44.66
C GLN F 42 4.78 64.95 -44.77
N LYS F 43 4.91 65.91 -43.86
CA LYS F 43 4.17 67.17 -44.00
C LYS F 43 4.90 67.98 -45.06
N PRO F 44 4.16 68.84 -45.80
CA PRO F 44 4.76 69.62 -46.89
C PRO F 44 5.97 70.44 -46.44
N GLY F 45 7.03 70.43 -47.24
CA GLY F 45 8.27 71.14 -46.94
C GLY F 45 9.13 70.59 -45.80
N GLN F 46 8.94 69.32 -45.48
CA GLN F 46 9.70 68.69 -44.42
C GLN F 46 10.26 67.34 -44.87
N PRO F 47 11.30 66.84 -44.18
CA PRO F 47 11.67 65.47 -44.49
C PRO F 47 10.64 64.53 -43.92
N PRO F 48 10.54 63.31 -44.48
CA PRO F 48 9.68 62.27 -43.87
C PRO F 48 10.06 61.99 -42.39
N LYS F 49 9.06 61.57 -41.62
CA LYS F 49 9.21 61.22 -40.21
C LYS F 49 8.68 59.80 -39.98
N LEU F 50 9.39 58.98 -39.20
CA LEU F 50 8.95 57.62 -39.00
C LEU F 50 7.77 57.51 -38.03
N LEU F 51 6.67 56.91 -38.48
CA LEU F 51 5.51 56.69 -37.61
C LEU F 51 5.47 55.24 -37.14
N ILE F 52 5.52 54.31 -38.09
CA ILE F 52 5.24 52.92 -37.76
C ILE F 52 6.35 52.01 -38.25
N LYS F 53 6.85 51.14 -37.37
CA LYS F 53 7.75 50.07 -37.82
C LYS F 53 7.09 48.72 -37.53
N TYR F 54 7.50 47.69 -38.26
CA TYR F 54 6.92 46.36 -38.10
C TYR F 54 5.39 46.40 -38.23
N ALA F 55 4.90 47.09 -39.26
CA ALA F 55 3.48 47.13 -39.63
C ALA F 55 2.54 47.80 -38.63
N SER F 56 2.74 47.51 -37.33
CA SER F 56 1.79 47.91 -36.31
C SER F 56 2.41 48.53 -35.05
N ASN F 57 3.73 48.51 -34.97
CA ASN F 57 4.44 49.03 -33.81
C ASN F 57 4.69 50.54 -33.93
N LEU F 58 4.05 51.32 -33.05
CA LEU F 58 4.19 52.78 -33.08
C LEU F 58 5.57 53.24 -32.57
N GLU F 59 6.21 54.07 -33.39
CA GLU F 59 7.52 54.67 -33.12
C GLU F 59 7.37 55.62 -31.94
N SER F 60 8.40 55.79 -31.13
CA SER F 60 8.29 56.57 -29.90
C SER F 60 7.83 57.99 -30.13
N GLY F 61 6.81 58.40 -29.40
CA GLY F 61 6.35 59.77 -29.52
C GLY F 61 5.18 59.96 -30.46
N VAL F 62 4.94 58.98 -31.31
CA VAL F 62 3.87 59.08 -32.28
C VAL F 62 2.54 58.95 -31.58
N PRO F 63 1.62 59.87 -31.91
CA PRO F 63 0.31 59.94 -31.29
C PRO F 63 -0.51 58.65 -31.44
N ALA F 64 -1.30 58.33 -30.42
CA ALA F 64 -2.07 57.10 -30.43
C ALA F 64 -3.27 57.09 -31.40
N ARG F 65 -3.59 58.23 -31.99
CA ARG F 65 -4.66 58.28 -32.98
C ARG F 65 -4.19 57.63 -34.29
N PHE F 66 -2.87 57.44 -34.39
CA PHE F 66 -2.25 56.66 -35.45
C PHE F 66 -2.19 55.20 -35.02
N SER F 67 -2.52 54.31 -35.95
CA SER F 67 -2.39 52.88 -35.70
C SER F 67 -2.16 52.17 -37.03
N GLY F 68 -1.39 51.10 -37.00
CA GLY F 68 -1.07 50.36 -38.21
C GLY F 68 -1.48 48.92 -38.10
N SER F 69 -1.75 48.29 -39.24
CA SER F 69 -2.12 46.88 -39.27
C SER F 69 -1.82 46.20 -40.61
N GLY F 70 -2.15 44.90 -40.70
CA GLY F 70 -1.87 44.16 -41.92
C GLY F 70 -0.85 43.04 -41.79
N SER F 71 -0.72 42.26 -42.86
CA SER F 71 0.26 41.18 -42.95
C SER F 71 0.34 40.63 -44.37
N GLY F 72 1.41 39.89 -44.67
CA GLY F 72 1.53 39.32 -46.00
C GLY F 72 1.85 40.33 -47.07
N THR F 73 0.83 40.61 -47.87
CA THR F 73 0.98 41.55 -48.95
C THR F 73 0.08 42.74 -48.70
N ASP F 74 -0.67 42.73 -47.61
CA ASP F 74 -1.70 43.77 -47.45
C ASP F 74 -1.60 44.51 -46.12
N PHE F 75 -1.41 45.82 -46.20
CA PHE F 75 -1.14 46.63 -45.03
C PHE F 75 -1.97 47.89 -44.98
N THR F 76 -2.24 48.38 -43.78
CA THR F 76 -3.22 49.44 -43.61
C THR F 76 -2.78 50.48 -42.55
N LEU F 77 -2.83 51.77 -42.89
CA LEU F 77 -2.63 52.84 -41.90
C LEU F 77 -3.93 53.54 -41.52
N ASN F 78 -4.14 53.75 -40.22
CA ASN F 78 -5.34 54.40 -39.72
C ASN F 78 -5.05 55.62 -38.89
N ILE F 79 -5.82 56.67 -39.14
CA ILE F 79 -5.77 57.89 -38.37
C ILE F 79 -7.15 58.21 -37.84
N HIS F 80 -7.30 58.09 -36.52
CA HIS F 80 -8.59 58.34 -35.88
C HIS F 80 -8.39 58.72 -34.42
N PRO F 81 -8.97 59.85 -34.01
CA PRO F 81 -9.66 60.86 -34.83
C PRO F 81 -8.71 61.78 -35.60
N LEU F 82 -8.97 61.98 -36.89
CA LEU F 82 -8.13 62.83 -37.75
C LEU F 82 -8.10 64.24 -37.18
N GLU F 83 -6.91 64.83 -37.09
CA GLU F 83 -6.80 66.21 -36.63
C GLU F 83 -6.29 67.09 -37.75
N GLU F 84 -6.32 68.41 -37.54
CA GLU F 84 -5.96 69.30 -38.61
C GLU F 84 -4.52 69.06 -38.97
N GLU F 85 -3.65 68.84 -37.98
CA GLU F 85 -2.22 68.68 -38.30
C GLU F 85 -1.86 67.38 -39.01
N ASP F 86 -2.80 66.44 -39.12
CA ASP F 86 -2.50 65.15 -39.74
C ASP F 86 -2.56 65.25 -41.26
N THR F 87 -2.92 66.43 -41.75
CA THR F 87 -2.96 66.66 -43.17
C THR F 87 -1.51 66.51 -43.64
N ALA F 88 -1.25 65.51 -44.48
CA ALA F 88 0.14 65.18 -44.82
C ALA F 88 0.16 64.16 -45.93
N THR F 89 1.33 63.88 -46.49
CA THR F 89 1.44 62.74 -47.37
C THR F 89 2.01 61.56 -46.59
N TYR F 90 1.41 60.38 -46.74
CA TYR F 90 1.89 59.20 -46.02
C TYR F 90 2.49 58.14 -46.95
N TYR F 91 3.67 57.63 -46.60
CA TYR F 91 4.41 56.68 -47.44
C TYR F 91 4.59 55.35 -46.71
N CYS F 92 4.49 54.23 -47.41
CA CYS F 92 4.88 52.95 -46.82
C CYS F 92 6.18 52.54 -47.48
N GLN F 93 7.00 51.79 -46.74
CA GLN F 93 8.14 51.12 -47.34
C GLN F 93 8.41 49.81 -46.66
N HIS F 94 8.91 48.84 -47.43
CA HIS F 94 9.24 47.52 -46.91
C HIS F 94 10.68 47.41 -46.47
N SER F 95 10.91 46.50 -45.54
CA SER F 95 12.27 46.15 -45.16
C SER F 95 12.56 44.67 -45.28
N TRP F 96 12.04 44.07 -46.34
CA TRP F 96 12.16 42.65 -46.57
C TRP F 96 13.46 42.25 -47.23
N GLU F 97 13.94 43.13 -48.11
CA GLU F 97 15.18 42.90 -48.84
C GLU F 97 15.73 44.22 -49.34
N ILE F 98 17.02 44.29 -49.65
CA ILE F 98 17.58 45.42 -50.40
C ILE F 98 17.32 45.13 -51.89
N PRO F 99 16.84 46.13 -52.65
CA PRO F 99 16.57 47.52 -52.32
C PRO F 99 15.26 47.77 -51.60
N TRP F 100 15.36 48.59 -50.58
CA TRP F 100 14.20 49.17 -49.93
C TRP F 100 13.51 50.00 -50.97
N THR F 101 12.19 49.95 -51.01
CA THR F 101 11.46 50.70 -52.00
C THR F 101 10.36 51.36 -51.22
N PHE F 102 9.77 52.40 -51.77
CA PHE F 102 8.63 53.08 -51.15
C PHE F 102 7.37 52.93 -51.95
N GLY F 103 6.24 53.07 -51.27
CA GLY F 103 4.98 53.26 -51.96
C GLY F 103 4.88 54.66 -52.52
N GLY F 104 3.89 54.87 -53.38
CA GLY F 104 3.78 56.13 -54.12
C GLY F 104 3.21 57.29 -53.33
N GLY F 105 2.68 57.01 -52.14
CA GLY F 105 2.22 58.05 -51.24
C GLY F 105 0.72 58.31 -51.26
N THR F 106 0.14 58.65 -50.11
CA THR F 106 -1.25 59.06 -50.05
C THR F 106 -1.41 60.43 -49.43
N LYS F 107 -1.99 61.37 -50.14
CA LYS F 107 -2.22 62.67 -49.55
C LYS F 107 -3.47 62.68 -48.69
N VAL F 108 -3.33 62.91 -47.39
CA VAL F 108 -4.52 63.03 -46.59
C VAL F 108 -4.78 64.51 -46.48
N GLU F 109 -5.96 64.86 -46.97
CA GLU F 109 -6.63 66.17 -47.07
C GLU F 109 -7.98 66.27 -46.33
N ILE F 110 -8.30 67.45 -45.81
CA ILE F 110 -9.55 67.72 -45.13
C ILE F 110 -10.67 67.97 -46.14
N LYS F 111 -11.78 67.24 -45.91
CA LYS F 111 -13.02 67.28 -46.68
C LYS F 111 -13.96 68.40 -46.20
N ARG F 112 -14.41 69.21 -47.17
CA ARG F 112 -15.27 70.36 -46.94
C ARG F 112 -16.43 70.39 -47.94
N ALA F 113 -17.42 71.24 -47.69
CA ALA F 113 -18.51 71.49 -48.61
C ALA F 113 -18.04 71.75 -50.04
N ASP F 114 -18.70 71.10 -51.00
CA ASP F 114 -18.47 71.35 -52.42
C ASP F 114 -18.63 72.84 -52.75
N ALA F 115 -17.54 73.51 -53.12
CA ALA F 115 -17.57 74.94 -53.42
C ALA F 115 -17.19 75.24 -54.88
N ALA F 116 -17.78 76.30 -55.43
CA ALA F 116 -17.60 76.70 -56.81
C ALA F 116 -16.38 77.61 -56.97
N PRO F 117 -15.67 77.47 -58.10
CA PRO F 117 -14.53 78.37 -58.36
C PRO F 117 -14.96 79.79 -58.70
N THR F 118 -14.23 80.78 -58.19
CA THR F 118 -14.37 82.15 -58.64
C THR F 118 -13.41 82.36 -59.78
N VAL F 119 -13.96 82.62 -60.96
CA VAL F 119 -13.20 82.58 -62.20
C VAL F 119 -13.01 83.98 -62.76
N SER F 120 -11.76 84.32 -63.06
CA SER F 120 -11.44 85.63 -63.58
C SER F 120 -10.52 85.52 -64.78
N ILE F 121 -10.82 86.25 -65.84
CA ILE F 121 -9.97 86.20 -67.02
C ILE F 121 -9.26 87.54 -67.19
N PHE F 122 -8.08 87.51 -67.80
CA PHE F 122 -7.19 88.67 -67.95
C PHE F 122 -6.50 88.68 -69.31
N PRO F 123 -6.81 89.67 -70.16
CA PRO F 123 -6.07 89.80 -71.42
C PRO F 123 -4.61 90.10 -71.14
N PRO F 124 -3.74 89.95 -72.16
CA PRO F 124 -2.35 90.35 -71.99
C PRO F 124 -2.20 91.78 -71.52
N SER F 125 -1.27 92.02 -70.61
CA SER F 125 -0.92 93.40 -70.26
C SER F 125 -0.32 94.09 -71.49
N SER F 126 -0.47 95.40 -71.59
CA SER F 126 0.05 96.11 -72.75
C SER F 126 1.58 96.09 -72.76
N GLU F 127 2.16 96.02 -71.57
CA GLU F 127 3.61 95.91 -71.41
C GLU F 127 4.18 94.65 -72.03
N GLN F 128 3.47 93.54 -71.89
CA GLN F 128 3.90 92.30 -72.50
C GLN F 128 3.76 92.34 -74.00
N LEU F 129 2.62 92.87 -74.47
CA LEU F 129 2.35 92.99 -75.89
C LEU F 129 3.42 93.82 -76.58
N THR F 130 3.92 94.85 -75.89
CA THR F 130 4.97 95.70 -76.42
C THR F 130 6.18 94.88 -76.87
N SER F 131 6.46 93.80 -76.15
CA SER F 131 7.64 92.99 -76.41
C SER F 131 7.38 91.77 -77.30
N GLY F 132 6.14 91.57 -77.72
CA GLY F 132 5.83 90.61 -78.75
C GLY F 132 5.23 89.30 -78.25
N GLY F 133 4.98 89.23 -76.96
CA GLY F 133 4.32 88.10 -76.35
C GLY F 133 2.90 88.43 -75.96
N ALA F 134 2.07 87.40 -75.77
CA ALA F 134 0.70 87.62 -75.33
C ALA F 134 0.20 86.46 -74.44
N SER F 135 0.03 86.73 -73.15
CA SER F 135 -0.49 85.74 -72.20
C SER F 135 -1.89 86.09 -71.72
N VAL F 136 -2.84 85.19 -71.95
CA VAL F 136 -4.19 85.31 -71.41
C VAL F 136 -4.27 84.48 -70.15
N VAL F 137 -4.56 85.12 -69.03
CA VAL F 137 -4.56 84.41 -67.75
C VAL F 137 -5.97 84.15 -67.23
N CYS F 138 -6.14 83.02 -66.55
CA CYS F 138 -7.41 82.65 -65.94
C CYS F 138 -7.16 82.10 -64.54
N PHE F 139 -7.82 82.73 -63.57
CA PHE F 139 -7.74 82.30 -62.18
C PHE F 139 -9.02 81.61 -61.77
N LEU F 140 -8.87 80.38 -61.29
CA LEU F 140 -10.00 79.59 -60.80
C LEU F 140 -9.82 79.39 -59.31
N ASN F 141 -10.44 80.25 -58.50
CA ASN F 141 -10.08 80.40 -57.07
C ASN F 141 -11.08 79.81 -56.06
N ASN F 142 -10.54 79.26 -54.97
CA ASN F 142 -11.33 78.84 -53.81
C ASN F 142 -12.46 77.87 -54.14
N PHE F 143 -12.12 76.77 -54.81
CA PHE F 143 -13.10 75.73 -55.11
C PHE F 143 -12.81 74.41 -54.39
N TYR F 144 -13.77 73.48 -54.40
CA TYR F 144 -13.51 72.18 -53.78
C TYR F 144 -14.50 71.16 -54.34
N PRO F 145 -14.06 69.94 -54.65
CA PRO F 145 -12.70 69.37 -54.55
C PRO F 145 -11.66 69.79 -55.58
N LYS F 146 -10.42 69.38 -55.35
CA LYS F 146 -9.30 69.92 -56.11
C LYS F 146 -9.32 69.55 -57.59
N ASP F 147 -10.08 68.54 -57.97
CA ASP F 147 -10.14 68.14 -59.39
C ASP F 147 -11.05 69.08 -60.18
N ILE F 148 -10.52 69.61 -61.28
CA ILE F 148 -11.24 70.60 -62.08
C ILE F 148 -10.72 70.62 -63.51
N ASN F 149 -11.65 70.82 -64.44
CA ASN F 149 -11.34 70.93 -65.85
C ASN F 149 -11.24 72.41 -66.29
N VAL F 150 -10.20 72.76 -67.04
CA VAL F 150 -10.10 74.09 -67.66
C VAL F 150 -9.96 73.97 -69.18
N LYS F 151 -10.89 74.58 -69.90
CA LYS F 151 -10.90 74.60 -71.36
C LYS F 151 -10.72 76.01 -71.92
N TRP F 152 -9.80 76.19 -72.86
CA TRP F 152 -9.68 77.48 -73.54
C TRP F 152 -10.40 77.48 -74.87
N LYS F 153 -11.16 78.54 -75.12
CA LYS F 153 -11.87 78.68 -76.37
C LYS F 153 -11.51 79.99 -77.10
N ILE F 154 -11.04 79.84 -78.32
CA ILE F 154 -10.67 80.91 -79.23
C ILE F 154 -11.65 80.96 -80.41
N ASP F 155 -12.53 81.95 -80.41
CA ASP F 155 -13.55 82.06 -81.45
C ASP F 155 -14.40 80.82 -81.50
N GLY F 156 -14.80 80.36 -80.32
CA GLY F 156 -15.62 79.17 -80.20
C GLY F 156 -14.81 77.90 -80.15
N SER F 157 -13.78 77.77 -80.99
CA SER F 157 -13.07 76.48 -81.04
C SER F 157 -12.20 76.30 -79.79
N GLU F 158 -12.03 75.08 -79.31
CA GLU F 158 -11.14 74.88 -78.16
C GLU F 158 -9.68 74.85 -78.59
N ARG F 159 -8.84 75.40 -77.73
CA ARG F 159 -7.41 75.51 -77.93
C ARG F 159 -6.79 74.85 -76.70
N GLN F 160 -5.78 74.03 -76.92
CA GLN F 160 -5.21 73.27 -75.82
C GLN F 160 -3.71 73.50 -75.71
N ASN F 161 -3.12 73.99 -76.79
CA ASN F 161 -1.68 74.14 -76.90
C ASN F 161 -1.20 75.51 -76.42
N GLY F 162 -0.09 75.53 -75.67
CA GLY F 162 0.42 76.77 -75.11
C GLY F 162 -0.12 77.06 -73.72
N VAL F 163 -1.05 76.24 -73.27
CA VAL F 163 -1.61 76.36 -71.94
C VAL F 163 -0.72 75.75 -70.85
N LEU F 164 -0.64 76.38 -69.67
CA LEU F 164 -0.06 75.70 -68.51
C LEU F 164 -0.73 76.13 -67.21
N ASN F 165 -1.00 75.13 -66.36
CA ASN F 165 -1.75 75.33 -65.14
C ASN F 165 -0.84 75.10 -63.95
N SER F 166 -1.32 75.50 -62.77
CA SER F 166 -0.55 75.38 -61.54
C SER F 166 -1.55 75.39 -60.38
N TRP F 167 -1.49 74.38 -59.53
CA TRP F 167 -2.42 74.31 -58.42
C TRP F 167 -1.85 74.83 -57.11
N THR F 168 -2.67 75.57 -56.39
CA THR F 168 -2.41 75.89 -55.00
C THR F 168 -2.57 74.64 -54.13
N ASP F 169 -1.81 74.55 -53.04
CA ASP F 169 -2.00 73.49 -52.05
C ASP F 169 -3.21 73.84 -51.19
N GLN F 170 -3.90 72.83 -50.66
CA GLN F 170 -5.13 73.10 -49.90
C GLN F 170 -4.92 74.20 -48.87
N ASP F 171 -5.77 75.22 -48.93
CA ASP F 171 -5.69 76.35 -48.03
C ASP F 171 -5.84 75.94 -46.57
N SER F 172 -4.84 76.27 -45.76
CA SER F 172 -4.80 75.90 -44.35
C SER F 172 -5.82 76.64 -43.50
N LYS F 173 -6.60 77.52 -44.13
CA LYS F 173 -7.62 78.26 -43.43
C LYS F 173 -9.02 77.86 -43.87
N ASP F 174 -9.21 77.65 -45.17
CA ASP F 174 -10.56 77.41 -45.68
C ASP F 174 -10.68 76.11 -46.50
N SER F 175 -9.58 75.36 -46.60
CA SER F 175 -9.64 74.03 -47.19
C SER F 175 -10.12 74.03 -48.63
N THR F 176 -9.98 75.18 -49.29
CA THR F 176 -10.22 75.26 -50.73
C THR F 176 -8.93 75.09 -51.51
N TYR F 177 -9.06 74.94 -52.82
CA TYR F 177 -7.92 74.97 -53.74
C TYR F 177 -8.08 76.13 -54.72
N SER F 178 -6.97 76.58 -55.29
CA SER F 178 -7.03 77.53 -56.38
C SER F 178 -6.13 77.02 -57.50
N MET F 179 -6.33 77.50 -58.72
CA MET F 179 -5.41 77.10 -59.79
C MET F 179 -5.38 78.16 -60.88
N SER F 180 -4.38 78.06 -61.75
CA SER F 180 -4.07 79.16 -62.65
C SER F 180 -3.73 78.73 -64.08
N SER F 181 -4.61 79.00 -65.04
CA SER F 181 -4.25 78.80 -66.45
C SER F 181 -3.66 79.99 -67.15
N THR F 182 -2.59 79.77 -67.91
CA THR F 182 -1.98 80.82 -68.71
C THR F 182 -1.81 80.32 -70.14
N LEU F 183 -2.58 80.88 -71.06
CA LEU F 183 -2.44 80.60 -72.48
C LEU F 183 -1.50 81.60 -73.12
N THR F 184 -0.41 81.12 -73.69
CA THR F 184 0.54 82.06 -74.30
C THR F 184 0.61 81.89 -75.82
N LEU F 185 0.31 82.99 -76.50
CA LEU F 185 0.48 83.10 -77.95
C LEU F 185 1.48 84.19 -78.29
N THR F 186 1.84 84.27 -79.56
CA THR F 186 2.57 85.43 -80.04
C THR F 186 1.62 86.61 -80.18
N LYS F 187 2.16 87.82 -80.14
CA LYS F 187 1.37 89.03 -80.39
C LYS F 187 0.61 88.92 -81.70
N ASP F 188 1.31 88.52 -82.77
CA ASP F 188 0.71 88.29 -84.07
C ASP F 188 -0.56 87.45 -84.01
N GLU F 189 -0.42 86.20 -83.55
CA GLU F 189 -1.55 85.28 -83.55
C GLU F 189 -2.66 85.80 -82.64
N TYR F 190 -2.28 86.45 -81.54
CA TYR F 190 -3.27 86.97 -80.61
C TYR F 190 -4.12 87.97 -81.36
N GLU F 191 -3.46 88.77 -82.19
CA GLU F 191 -4.16 89.79 -82.92
C GLU F 191 -4.99 89.25 -84.08
N ARG F 192 -4.66 88.04 -84.57
CA ARG F 192 -5.45 87.47 -85.68
C ARG F 192 -6.88 87.12 -85.27
N HIS F 193 -7.07 86.70 -84.02
CA HIS F 193 -8.36 86.22 -83.55
C HIS F 193 -9.03 87.23 -82.60
N ASN F 194 -10.31 87.03 -82.32
CA ASN F 194 -11.11 88.03 -81.62
C ASN F 194 -11.54 87.66 -80.19
N SER F 195 -12.25 86.55 -80.00
CA SER F 195 -12.81 86.21 -78.69
C SER F 195 -11.98 85.19 -77.91
N TYR F 196 -11.71 85.49 -76.64
CA TYR F 196 -10.95 84.59 -75.78
C TYR F 196 -11.75 84.20 -74.54
N THR F 197 -11.83 82.90 -74.32
CA THR F 197 -12.67 82.31 -73.28
C THR F 197 -11.91 81.27 -72.47
N CYS F 198 -12.10 81.31 -71.16
CA CYS F 198 -11.70 80.17 -70.36
C CYS F 198 -12.96 79.62 -69.71
N GLU F 199 -13.11 78.31 -69.78
CA GLU F 199 -14.25 77.57 -69.25
C GLU F 199 -13.78 76.64 -68.14
N ALA F 200 -14.38 76.79 -66.98
CA ALA F 200 -14.05 76.00 -65.82
C ALA F 200 -15.16 75.02 -65.52
N THR F 201 -14.96 73.77 -65.91
CA THR F 201 -15.97 72.77 -65.58
C THR F 201 -15.56 72.03 -64.31
N HIS F 202 -16.53 71.87 -63.43
CA HIS F 202 -16.27 71.38 -62.09
C HIS F 202 -17.49 70.71 -61.50
N LYS F 203 -17.25 69.70 -60.65
CA LYS F 203 -18.31 68.91 -60.00
C LYS F 203 -19.42 69.78 -59.42
N THR F 204 -19.06 70.98 -58.99
CA THR F 204 -19.99 71.84 -58.28
C THR F 204 -21.19 72.23 -59.13
N SER F 205 -20.99 72.33 -60.43
CA SER F 205 -22.09 72.64 -61.34
C SER F 205 -21.95 71.92 -62.69
N THR F 206 -23.09 71.61 -63.30
CA THR F 206 -23.15 70.99 -64.61
C THR F 206 -22.76 71.97 -65.71
N SER F 207 -23.09 73.24 -65.49
CA SER F 207 -22.79 74.29 -66.44
C SER F 207 -21.37 74.82 -66.16
N PRO F 208 -20.47 74.76 -67.16
CA PRO F 208 -19.13 75.33 -66.97
C PRO F 208 -19.19 76.80 -66.63
N ILE F 209 -18.31 77.26 -65.76
CA ILE F 209 -18.21 78.68 -65.47
C ILE F 209 -17.26 79.30 -66.48
N VAL F 210 -17.69 80.32 -67.20
CA VAL F 210 -16.89 80.77 -68.32
C VAL F 210 -16.70 82.28 -68.25
N LYS F 211 -15.50 82.71 -68.62
CA LYS F 211 -15.25 84.12 -68.66
C LYS F 211 -14.61 84.41 -70.01
N SER F 212 -14.98 85.56 -70.59
CA SER F 212 -14.54 85.93 -71.92
C SER F 212 -14.27 87.42 -72.12
N PHE F 213 -13.46 87.71 -73.13
CA PHE F 213 -13.30 89.08 -73.63
C PHE F 213 -13.05 89.08 -75.14
N ASN F 214 -13.23 90.24 -75.79
CA ASN F 214 -12.80 90.38 -77.18
C ASN F 214 -11.54 91.27 -77.29
N ARG F 215 -10.57 90.81 -78.09
CA ARG F 215 -9.32 91.56 -78.27
C ARG F 215 -9.59 92.97 -78.75
N ASN F 216 -8.85 93.92 -78.19
CA ASN F 216 -8.93 95.34 -78.58
C ASN F 216 -10.36 95.87 -78.59
N GLU F 217 -11.22 95.21 -77.81
CA GLU F 217 -12.61 95.60 -77.69
C GLU F 217 -12.97 95.75 -76.21
N CYS F 218 -14.06 96.44 -75.90
CA CYS F 218 -14.32 96.75 -74.50
C CYS F 218 -15.78 97.20 -74.35
N GLU G 1 -63.83 -5.28 -29.50
CA GLU G 1 -64.49 -4.16 -28.85
C GLU G 1 -64.32 -4.30 -27.35
N VAL G 2 -63.37 -3.58 -26.77
CA VAL G 2 -63.09 -3.79 -25.37
C VAL G 2 -64.08 -3.07 -24.49
N LYS G 3 -64.83 -3.83 -23.70
CA LYS G 3 -65.84 -3.29 -22.81
C LYS G 3 -65.62 -3.70 -21.35
N LEU G 4 -65.88 -2.76 -20.44
CA LEU G 4 -65.93 -3.03 -19.01
C LEU G 4 -67.22 -2.49 -18.39
N GLN G 5 -67.89 -3.33 -17.62
CA GLN G 5 -69.17 -2.96 -17.03
C GLN G 5 -69.26 -3.22 -15.53
N GLU G 6 -69.25 -2.14 -14.75
CA GLU G 6 -69.41 -2.22 -13.30
C GLU G 6 -70.86 -2.45 -12.89
N SER G 7 -71.06 -3.26 -11.87
CA SER G 7 -72.35 -3.34 -11.17
C SER G 7 -72.15 -3.44 -9.66
N GLY G 8 -72.97 -2.70 -8.92
CA GLY G 8 -72.97 -2.71 -7.48
C GLY G 8 -74.35 -2.54 -6.89
N PRO G 9 -74.46 -2.48 -5.55
CA PRO G 9 -75.72 -2.38 -4.83
C PRO G 9 -76.29 -0.97 -4.75
N GLY G 10 -75.65 0.00 -5.37
CA GLY G 10 -76.14 1.37 -5.29
C GLY G 10 -75.92 2.02 -3.95
N LYS G 11 -76.51 1.42 -2.92
CA LYS G 11 -76.32 1.87 -1.56
C LYS G 11 -76.14 0.69 -0.61
N LEU G 12 -75.66 0.99 0.60
CA LEU G 12 -75.20 0.01 1.58
C LEU G 12 -75.12 0.63 2.95
N GLN G 13 -75.61 -0.16 3.91
CA GLN G 13 -75.62 0.22 5.29
C GLN G 13 -74.18 0.19 5.81
N PRO G 14 -73.85 1.10 6.73
CA PRO G 14 -72.52 1.03 7.33
C PRO G 14 -72.29 -0.32 8.03
N SER G 15 -71.04 -0.79 8.06
CA SER G 15 -70.60 -2.03 8.73
C SER G 15 -70.79 -3.26 7.84
N GLN G 16 -71.58 -3.12 6.78
CA GLN G 16 -71.85 -4.25 5.90
C GLN G 16 -70.75 -4.47 4.87
N THR G 17 -70.85 -5.55 4.13
CA THR G 17 -69.84 -5.91 3.14
C THR G 17 -70.24 -5.58 1.71
N LEU G 18 -69.46 -4.72 1.06
CA LEU G 18 -69.72 -4.39 -0.33
C LEU G 18 -69.18 -5.44 -1.31
N SER G 19 -70.03 -5.86 -2.25
CA SER G 19 -69.60 -6.77 -3.31
C SER G 19 -69.81 -6.11 -4.67
N LEU G 20 -68.71 -5.84 -5.36
CA LEU G 20 -68.71 -5.26 -6.69
C LEU G 20 -68.39 -6.30 -7.75
N THR G 21 -69.03 -6.15 -8.91
CA THR G 21 -68.81 -7.07 -10.02
C THR G 21 -68.41 -6.29 -11.27
N CYS G 22 -67.46 -6.82 -12.01
CA CYS G 22 -67.08 -6.23 -13.28
C CYS G 22 -67.19 -7.31 -14.33
N SER G 23 -67.98 -7.02 -15.35
CA SER G 23 -68.08 -7.91 -16.48
C SER G 23 -67.33 -7.29 -17.65
N PHE G 24 -66.61 -8.09 -18.42
CA PHE G 24 -65.88 -7.53 -19.54
C PHE G 24 -65.97 -8.33 -20.82
N SER G 25 -65.63 -7.67 -21.93
CA SER G 25 -65.61 -8.34 -23.23
C SER G 25 -64.59 -7.72 -24.17
N GLY G 26 -64.21 -8.44 -25.22
CA GLY G 26 -63.22 -7.93 -26.15
C GLY G 26 -61.82 -8.37 -25.80
N PHE G 27 -61.70 -9.11 -24.70
CA PHE G 27 -60.41 -9.68 -24.33
C PHE G 27 -60.61 -10.78 -23.31
N SER G 28 -59.58 -11.61 -23.22
CA SER G 28 -59.57 -12.67 -22.24
C SER G 28 -58.66 -12.37 -21.06
N LEU G 29 -59.09 -12.81 -19.88
CA LEU G 29 -58.26 -12.69 -18.70
C LEU G 29 -57.35 -13.93 -18.65
N THR G 30 -57.30 -14.68 -19.76
CA THR G 30 -56.30 -15.74 -19.86
C THR G 30 -55.00 -15.21 -20.45
N THR G 31 -55.11 -14.12 -21.20
CA THR G 31 -53.95 -13.52 -21.88
C THR G 31 -52.89 -12.99 -20.92
N SER G 32 -51.63 -13.29 -21.23
CA SER G 32 -50.49 -12.86 -20.43
C SER G 32 -50.29 -11.32 -20.51
N GLY G 33 -50.06 -10.67 -19.38
CA GLY G 33 -49.77 -9.23 -19.35
C GLY G 33 -50.92 -8.29 -19.05
N ILE G 34 -52.11 -8.86 -18.97
CA ILE G 34 -53.36 -8.17 -18.78
C ILE G 34 -53.82 -8.37 -17.33
N GLY G 35 -54.33 -7.32 -16.70
CA GLY G 35 -54.87 -7.50 -15.37
C GLY G 35 -56.18 -6.73 -15.32
N VAL G 36 -57.09 -7.10 -14.42
CA VAL G 36 -58.36 -6.37 -14.30
C VAL G 36 -58.58 -5.96 -12.86
N GLY G 37 -59.05 -4.73 -12.65
CA GLY G 37 -59.19 -4.27 -11.28
C GLY G 37 -60.06 -3.05 -11.07
N TRP G 38 -59.85 -2.40 -9.94
CA TRP G 38 -60.80 -1.42 -9.45
C TRP G 38 -60.07 -0.16 -8.98
N ILE G 39 -60.58 0.99 -9.38
CA ILE G 39 -60.10 2.28 -8.89
C ILE G 39 -61.32 3.09 -8.54
N ARG G 40 -61.28 3.80 -7.42
CA ARG G 40 -62.46 4.52 -6.98
C ARG G 40 -62.17 6.01 -6.88
N GLN G 41 -63.20 6.78 -7.22
CA GLN G 41 -63.15 8.24 -7.16
C GLN G 41 -64.22 8.74 -6.19
N PRO G 42 -63.80 9.18 -4.98
CA PRO G 42 -64.78 9.78 -4.07
C PRO G 42 -65.34 11.07 -4.64
N SER G 43 -66.58 11.43 -4.29
CA SER G 43 -67.28 12.57 -4.88
C SER G 43 -66.47 13.85 -4.80
N GLY G 44 -66.15 14.43 -5.96
CA GLY G 44 -65.38 15.66 -6.04
C GLY G 44 -63.95 15.52 -5.57
N LYS G 45 -63.33 14.41 -5.95
CA LYS G 45 -61.96 14.08 -5.55
C LYS G 45 -61.23 13.39 -6.69
N GLY G 46 -60.01 12.94 -6.42
CA GLY G 46 -59.22 12.25 -7.42
C GLY G 46 -59.38 10.75 -7.35
N LEU G 47 -58.32 10.01 -7.69
CA LEU G 47 -58.46 8.58 -7.96
C LEU G 47 -57.65 7.77 -6.96
N GLU G 48 -58.24 6.66 -6.52
CA GLU G 48 -57.58 5.74 -5.59
C GLU G 48 -57.66 4.32 -6.10
N TRP G 49 -56.49 3.73 -6.36
CA TRP G 49 -56.42 2.35 -6.78
C TRP G 49 -56.76 1.45 -5.61
N LEU G 50 -57.51 0.39 -5.90
CA LEU G 50 -57.95 -0.55 -4.88
C LEU G 50 -57.20 -1.87 -5.02
N ALA G 51 -57.46 -2.58 -6.12
CA ALA G 51 -56.83 -3.87 -6.33
C ALA G 51 -56.92 -4.32 -7.78
N HIS G 52 -56.02 -5.24 -8.14
CA HIS G 52 -56.05 -5.84 -9.47
C HIS G 52 -55.67 -7.31 -9.43
N ILE G 53 -56.26 -8.07 -10.35
CA ILE G 53 -55.93 -9.48 -10.50
C ILE G 53 -55.60 -9.95 -11.92
N TRP G 54 -54.53 -10.74 -12.03
CA TRP G 54 -53.98 -11.23 -13.30
C TRP G 54 -54.40 -12.69 -13.44
N TRP G 55 -54.26 -13.22 -14.65
CA TRP G 55 -54.46 -14.64 -14.92
C TRP G 55 -53.71 -15.58 -13.98
N SER G 56 -52.56 -15.15 -13.48
CA SER G 56 -51.81 -15.93 -12.50
C SER G 56 -52.56 -16.24 -11.21
N ALA G 57 -53.65 -15.50 -11.01
CA ALA G 57 -54.35 -15.38 -9.72
C ALA G 57 -53.54 -14.65 -8.66
N SER G 58 -52.35 -14.14 -8.99
CA SER G 58 -51.67 -13.26 -8.07
C SER G 58 -52.53 -12.01 -8.02
N LYS G 59 -52.65 -11.40 -6.84
CA LYS G 59 -53.50 -10.21 -6.73
C LYS G 59 -52.87 -9.08 -5.90
N TYR G 60 -52.80 -7.88 -6.46
CA TYR G 60 -52.23 -6.74 -5.73
C TYR G 60 -53.34 -5.94 -5.08
N TYR G 61 -53.07 -5.55 -3.84
CA TYR G 61 -54.01 -4.81 -3.00
C TYR G 61 -53.34 -3.53 -2.53
N ASN G 62 -54.14 -2.47 -2.45
CA ASN G 62 -53.77 -1.18 -1.85
C ASN G 62 -53.56 -1.29 -0.37
N THR G 63 -52.34 -0.98 0.06
CA THR G 63 -52.02 -0.94 1.48
C THR G 63 -52.99 -0.02 2.20
N ALA G 64 -53.15 -0.27 3.50
CA ALA G 64 -54.09 0.39 4.40
C ALA G 64 -55.50 -0.17 4.17
N LEU G 65 -55.87 -0.35 2.90
CA LEU G 65 -57.12 -0.99 2.53
C LEU G 65 -57.06 -2.53 2.40
N LYS G 66 -55.86 -3.07 2.13
CA LYS G 66 -55.59 -4.53 2.00
C LYS G 66 -56.48 -5.45 2.87
N SER G 67 -56.47 -5.20 4.16
CA SER G 67 -57.24 -5.96 5.11
C SER G 67 -58.75 -6.10 4.84
N ARG G 68 -59.38 -5.09 4.24
CA ARG G 68 -60.82 -5.06 4.05
C ARG G 68 -61.15 -5.54 2.62
N LEU G 69 -60.11 -5.78 1.85
CA LEU G 69 -60.30 -6.08 0.44
C LEU G 69 -60.05 -7.53 0.11
N THR G 70 -60.92 -8.07 -0.74
CA THR G 70 -60.71 -9.38 -1.33
C THR G 70 -61.10 -9.35 -2.80
N ILE G 71 -60.16 -9.63 -3.69
CA ILE G 71 -60.49 -9.65 -5.11
C ILE G 71 -60.40 -11.08 -5.63
N SER G 72 -61.31 -11.40 -6.55
CA SER G 72 -61.35 -12.73 -7.16
C SER G 72 -61.76 -12.64 -8.61
N LYS G 73 -61.88 -13.79 -9.26
CA LYS G 73 -62.18 -13.79 -10.67
C LYS G 73 -62.85 -15.07 -11.14
N ASP G 74 -63.73 -14.87 -12.11
CA ASP G 74 -64.37 -15.95 -12.84
C ASP G 74 -64.00 -15.78 -14.31
N THR G 75 -62.85 -16.32 -14.66
CA THR G 75 -62.24 -16.16 -15.98
C THR G 75 -63.16 -16.68 -17.05
N SER G 76 -63.76 -17.84 -16.76
CA SER G 76 -64.56 -18.56 -17.72
C SER G 76 -65.86 -17.83 -18.03
N ASN G 77 -66.25 -16.88 -17.17
CA ASN G 77 -67.41 -16.05 -17.45
C ASN G 77 -67.02 -14.55 -17.47
N ASN G 78 -65.75 -14.24 -17.77
CA ASN G 78 -65.28 -12.85 -18.00
C ASN G 78 -65.74 -11.92 -16.89
N GLN G 79 -65.43 -12.29 -15.66
CA GLN G 79 -65.79 -11.44 -14.54
C GLN G 79 -64.71 -11.34 -13.50
N VAL G 80 -64.62 -10.18 -12.86
CA VAL G 80 -63.82 -10.10 -11.64
C VAL G 80 -64.66 -9.44 -10.56
N PHE G 81 -64.37 -9.77 -9.29
CA PHE G 81 -65.19 -9.28 -8.18
C PHE G 81 -64.33 -8.66 -7.10
N LEU G 82 -64.87 -7.63 -6.45
CA LEU G 82 -64.20 -7.07 -5.29
C LEU G 82 -65.11 -7.00 -4.08
N LYS G 83 -64.61 -7.45 -2.94
CA LYS G 83 -65.35 -7.37 -1.70
C LYS G 83 -64.65 -6.45 -0.71
N ILE G 84 -65.42 -5.57 -0.08
CA ILE G 84 -64.90 -4.66 0.92
C ILE G 84 -65.65 -4.89 2.22
N ALA G 85 -64.90 -5.28 3.24
CA ALA G 85 -65.49 -5.67 4.51
C ALA G 85 -65.72 -4.45 5.39
N SER G 86 -66.74 -4.51 6.25
CA SER G 86 -67.03 -3.48 7.26
C SER G 86 -66.99 -2.08 6.66
N VAL G 87 -67.81 -1.87 5.64
CA VAL G 87 -67.83 -0.64 4.87
C VAL G 87 -68.25 0.58 5.73
N ASP G 88 -67.64 1.74 5.46
CA ASP G 88 -67.99 2.98 6.14
C ASP G 88 -68.29 4.12 5.17
N THR G 89 -68.71 5.26 5.71
CA THR G 89 -69.20 6.36 4.88
C THR G 89 -68.09 6.97 4.04
N ALA G 90 -66.85 6.69 4.43
CA ALA G 90 -65.70 7.12 3.65
C ALA G 90 -65.51 6.26 2.41
N ASP G 91 -66.33 5.23 2.28
CA ASP G 91 -66.28 4.35 1.12
C ASP G 91 -67.28 4.73 0.04
N THR G 92 -68.06 5.77 0.33
CA THR G 92 -68.95 6.37 -0.66
C THR G 92 -68.13 6.88 -1.81
N ALA G 93 -68.33 6.31 -3.00
CA ALA G 93 -67.50 6.70 -4.14
C ALA G 93 -68.00 6.12 -5.44
N THR G 94 -67.47 6.58 -6.56
CA THR G 94 -67.70 5.89 -7.83
C THR G 94 -66.63 4.83 -8.03
N TYR G 95 -67.07 3.60 -8.28
CA TYR G 95 -66.14 2.51 -8.47
C TYR G 95 -66.02 2.14 -9.94
N TYR G 96 -64.80 2.34 -10.44
CA TYR G 96 -64.42 2.05 -11.82
C TYR G 96 -63.72 0.73 -11.93
N CYS G 97 -64.14 -0.06 -12.91
CA CYS G 97 -63.39 -1.23 -13.33
C CYS G 97 -62.45 -0.84 -14.44
N ALA G 98 -61.16 -1.08 -14.28
CA ALA G 98 -60.27 -0.73 -15.36
C ALA G 98 -59.33 -1.86 -15.69
N ARG G 99 -59.10 -2.02 -16.98
CA ARG G 99 -58.14 -2.94 -17.53
C ARG G 99 -56.71 -2.41 -17.43
N ALA G 100 -55.82 -3.25 -16.95
CA ALA G 100 -54.40 -2.93 -16.91
C ALA G 100 -53.68 -3.67 -18.03
N TYR G 101 -52.76 -2.94 -18.63
CA TYR G 101 -51.89 -3.35 -19.72
C TYR G 101 -50.41 -3.41 -19.38
N TYR G 102 -49.78 -4.51 -19.74
CA TYR G 102 -48.34 -4.62 -19.53
C TYR G 102 -47.59 -3.97 -20.69
N GLY G 103 -47.01 -2.82 -20.34
CA GLY G 103 -46.39 -1.89 -21.24
C GLY G 103 -45.28 -2.56 -22.01
N ASN G 104 -45.05 -2.13 -23.25
CA ASN G 104 -43.96 -2.64 -24.08
C ASN G 104 -42.59 -2.52 -23.38
N TYR G 105 -42.47 -1.57 -22.47
CA TYR G 105 -41.20 -1.34 -21.79
C TYR G 105 -41.27 -1.70 -20.30
N GLY G 106 -42.20 -2.61 -19.99
CA GLY G 106 -42.57 -2.99 -18.63
C GLY G 106 -43.53 -2.03 -17.97
N GLY G 107 -43.92 -2.31 -16.73
CA GLY G 107 -44.84 -1.42 -16.09
C GLY G 107 -46.22 -1.60 -16.70
N TYR G 108 -47.15 -0.79 -16.21
CA TYR G 108 -48.58 -0.87 -16.49
C TYR G 108 -49.24 0.50 -16.50
N TYR G 109 -50.28 0.56 -17.31
CA TYR G 109 -51.17 1.68 -17.46
C TYR G 109 -52.56 1.17 -17.77
N PHE G 110 -53.55 2.01 -17.43
CA PHE G 110 -54.93 1.62 -17.49
C PHE G 110 -55.56 1.97 -18.82
N ASP G 111 -55.90 0.89 -19.51
CA ASP G 111 -56.13 0.84 -20.93
C ASP G 111 -57.54 1.27 -21.26
N TYR G 112 -58.46 0.57 -20.63
CA TYR G 112 -59.87 0.78 -20.83
C TYR G 112 -60.57 0.87 -19.48
N TRP G 113 -61.52 1.78 -19.40
CA TRP G 113 -62.26 2.04 -18.18
C TRP G 113 -63.73 1.76 -18.43
N GLY G 114 -64.37 1.13 -17.45
CA GLY G 114 -65.80 0.99 -17.47
C GLY G 114 -66.40 2.35 -17.21
N GLN G 115 -67.71 2.47 -17.30
CA GLN G 115 -68.32 3.78 -17.15
C GLN G 115 -68.42 4.14 -15.67
N GLY G 116 -68.24 3.13 -14.83
CA GLY G 116 -68.20 3.31 -13.38
C GLY G 116 -69.53 2.96 -12.75
N THR G 117 -69.53 2.72 -11.44
CA THR G 117 -70.77 2.52 -10.69
C THR G 117 -70.73 3.30 -9.36
N THR G 118 -71.79 4.04 -9.06
CA THR G 118 -71.81 4.90 -7.88
C THR G 118 -72.28 4.12 -6.65
N LEU G 119 -71.56 4.28 -5.53
CA LEU G 119 -71.90 3.62 -4.27
C LEU G 119 -72.06 4.65 -3.17
N THR G 120 -73.15 4.52 -2.41
CA THR G 120 -73.36 5.39 -1.25
C THR G 120 -73.51 4.58 0.04
N VAL G 121 -72.70 4.95 1.02
CA VAL G 121 -72.77 4.35 2.34
C VAL G 121 -73.49 5.27 3.31
N SER G 122 -74.70 4.89 3.71
CA SER G 122 -75.51 5.78 4.52
C SER G 122 -76.52 4.98 5.35
N SER G 123 -76.76 5.43 6.57
CA SER G 123 -77.81 4.83 7.36
C SER G 123 -79.19 5.15 6.77
N ALA G 124 -79.29 6.30 6.11
CA ALA G 124 -80.58 6.83 5.70
C ALA G 124 -81.33 5.87 4.77
N LYS G 125 -82.62 6.16 4.58
CA LYS G 125 -83.50 5.32 3.78
C LYS G 125 -83.52 5.83 2.33
N THR G 126 -83.59 4.88 1.40
CA THR G 126 -83.80 5.14 -0.01
C THR G 126 -85.14 5.79 -0.26
N THR G 127 -85.16 6.79 -1.14
CA THR G 127 -86.40 7.49 -1.48
C THR G 127 -86.38 7.87 -2.94
N ALA G 128 -87.49 7.57 -3.60
CA ALA G 128 -87.71 7.94 -4.98
C ALA G 128 -87.87 9.44 -5.17
N PRO G 129 -87.60 9.91 -6.39
CA PRO G 129 -87.74 11.32 -6.68
C PRO G 129 -89.14 11.73 -7.08
N SER G 130 -89.51 12.94 -6.70
CA SER G 130 -90.65 13.59 -7.30
C SER G 130 -90.16 14.38 -8.51
N VAL G 131 -90.83 14.22 -9.64
CA VAL G 131 -90.45 14.91 -10.86
C VAL G 131 -91.52 15.94 -11.19
N TYR G 132 -91.10 17.19 -11.35
CA TYR G 132 -92.00 18.31 -11.57
C TYR G 132 -91.69 18.96 -12.91
N PRO G 133 -92.71 19.14 -13.74
CA PRO G 133 -92.50 19.86 -15.00
C PRO G 133 -92.48 21.37 -14.77
N LEU G 134 -91.54 22.07 -15.39
CA LEU G 134 -91.42 23.51 -15.17
C LEU G 134 -91.58 24.28 -16.48
N ALA G 135 -92.82 24.68 -16.75
CA ALA G 135 -93.17 25.53 -17.89
C ALA G 135 -93.05 27.00 -17.50
N PRO G 136 -92.94 27.90 -18.49
CA PRO G 136 -92.72 29.32 -18.16
C PRO G 136 -93.86 29.98 -17.35
N VAL G 137 -93.57 31.17 -16.83
CA VAL G 137 -94.50 32.00 -16.03
C VAL G 137 -95.72 32.38 -16.83
N CYS G 138 -96.89 32.28 -16.21
CA CYS G 138 -98.12 32.62 -16.93
C CYS G 138 -98.12 34.10 -17.34
N GLY G 139 -98.48 34.34 -18.59
CA GLY G 139 -98.59 35.68 -19.16
C GLY G 139 -97.28 36.33 -19.62
N ASP G 140 -96.17 35.59 -19.51
CA ASP G 140 -94.88 36.09 -20.00
C ASP G 140 -94.86 36.49 -21.47
N THR G 141 -94.30 37.65 -21.74
CA THR G 141 -94.19 38.16 -23.10
C THR G 141 -93.09 37.41 -23.87
N THR G 142 -93.43 36.26 -24.45
CA THR G 142 -92.45 35.34 -25.06
C THR G 142 -91.50 36.02 -26.06
N GLY G 143 -90.25 35.59 -26.02
CA GLY G 143 -89.21 36.13 -26.88
C GLY G 143 -88.89 35.23 -28.06
N SER G 144 -87.70 35.40 -28.61
CA SER G 144 -87.25 34.62 -29.76
C SER G 144 -87.06 33.14 -29.40
N SER G 145 -86.75 32.87 -28.14
CA SER G 145 -86.58 31.49 -27.68
C SER G 145 -87.20 31.30 -26.30
N VAL G 146 -87.53 30.06 -25.95
CA VAL G 146 -88.11 29.78 -24.65
C VAL G 146 -87.30 28.72 -23.89
N THR G 147 -87.26 28.90 -22.58
CA THR G 147 -86.57 27.99 -21.67
C THR G 147 -87.57 27.17 -20.85
N LEU G 148 -87.43 25.85 -20.92
CA LEU G 148 -88.20 24.92 -20.10
C LEU G 148 -87.31 24.35 -19.01
N GLY G 149 -87.94 23.69 -18.04
CA GLY G 149 -87.21 23.18 -16.90
C GLY G 149 -87.82 21.90 -16.36
N CYS G 150 -87.04 21.16 -15.58
CA CYS G 150 -87.54 19.95 -14.97
C CYS G 150 -86.89 19.82 -13.60
N LEU G 151 -87.71 19.74 -12.57
CA LEU G 151 -87.21 19.69 -11.21
C LEU G 151 -87.36 18.30 -10.62
N VAL G 152 -86.31 17.83 -9.95
CA VAL G 152 -86.26 16.46 -9.46
C VAL G 152 -85.87 16.54 -8.01
N LYS G 153 -86.84 16.45 -7.10
CA LYS G 153 -86.49 16.62 -5.69
C LYS G 153 -86.80 15.39 -4.85
N GLY G 154 -86.32 15.38 -3.61
CA GLY G 154 -86.75 14.36 -2.67
C GLY G 154 -86.30 12.94 -2.90
N TYR G 155 -85.15 12.76 -3.53
CA TYR G 155 -84.64 11.41 -3.76
C TYR G 155 -83.32 11.10 -3.06
N PHE G 156 -83.05 9.81 -2.92
CA PHE G 156 -81.83 9.34 -2.26
C PHE G 156 -81.64 7.85 -2.49
N PRO G 157 -80.38 7.42 -2.72
CA PRO G 157 -79.18 8.24 -2.92
C PRO G 157 -78.91 8.55 -4.38
N GLU G 158 -77.82 9.26 -4.62
CA GLU G 158 -77.25 9.42 -5.96
C GLU G 158 -77.02 8.01 -6.52
N PRO G 159 -77.21 7.80 -7.83
CA PRO G 159 -77.42 8.72 -8.94
C PRO G 159 -78.85 8.83 -9.44
N VAL G 160 -79.08 9.85 -10.27
CA VAL G 160 -80.31 10.03 -11.03
C VAL G 160 -79.92 10.36 -12.46
N THR G 161 -80.69 9.86 -13.41
CA THR G 161 -80.43 10.23 -14.80
C THR G 161 -81.61 10.94 -15.42
N LEU G 162 -81.32 11.94 -16.25
CA LEU G 162 -82.36 12.78 -16.82
C LEU G 162 -82.05 13.00 -18.28
N THR G 163 -83.08 12.90 -19.13
CA THR G 163 -82.93 13.20 -20.53
C THR G 163 -84.10 14.03 -21.01
N TRP G 164 -83.96 14.60 -22.20
CA TRP G 164 -85.07 15.34 -22.80
C TRP G 164 -85.52 14.67 -24.09
N ASN G 165 -86.77 14.21 -24.09
CA ASN G 165 -87.33 13.46 -25.21
C ASN G 165 -86.46 12.22 -25.47
N SER G 166 -85.85 11.74 -24.39
CA SER G 166 -85.02 10.54 -24.39
C SER G 166 -83.83 10.66 -25.34
N GLY G 167 -83.01 11.69 -25.12
CA GLY G 167 -81.80 11.89 -25.90
C GLY G 167 -81.99 12.64 -27.20
N SER G 168 -83.17 12.50 -27.80
CA SER G 168 -83.45 13.09 -29.10
C SER G 168 -83.32 14.61 -29.07
N LEU G 169 -83.52 15.20 -27.89
CA LEU G 169 -83.31 16.62 -27.72
C LEU G 169 -82.05 16.87 -26.89
N SER G 170 -80.95 17.17 -27.57
CA SER G 170 -79.64 17.17 -26.92
C SER G 170 -79.07 18.59 -26.80
N SER G 171 -79.36 19.42 -27.79
CA SER G 171 -78.79 20.76 -27.85
C SER G 171 -79.49 21.71 -26.88
N GLY G 172 -78.71 22.67 -26.35
CA GLY G 172 -79.25 23.71 -25.50
C GLY G 172 -79.71 23.19 -24.16
N VAL G 173 -79.10 22.08 -23.73
CA VAL G 173 -79.44 21.47 -22.45
C VAL G 173 -78.40 21.79 -21.38
N HIS G 174 -78.88 22.15 -20.20
CA HIS G 174 -78.05 22.28 -19.01
C HIS G 174 -78.64 21.42 -17.89
N THR G 175 -78.04 20.26 -17.60
CA THR G 175 -78.48 19.47 -16.46
C THR G 175 -77.57 19.75 -15.26
N PHE G 176 -78.17 20.17 -14.15
CA PHE G 176 -77.37 20.65 -13.04
C PHE G 176 -77.03 19.56 -12.03
N PRO G 177 -75.81 19.61 -11.49
CA PRO G 177 -75.39 18.64 -10.46
C PRO G 177 -76.24 18.70 -9.22
N ALA G 178 -76.54 17.54 -8.65
CA ALA G 178 -77.39 17.44 -7.48
C ALA G 178 -76.77 18.11 -6.26
N VAL G 179 -77.64 18.50 -5.33
CA VAL G 179 -77.21 19.10 -4.08
C VAL G 179 -77.99 18.42 -2.95
N LEU G 180 -77.29 18.08 -1.87
CA LEU G 180 -77.90 17.40 -0.75
C LEU G 180 -78.37 18.37 0.33
N GLN G 181 -79.61 18.16 0.79
CA GLN G 181 -80.15 18.94 1.90
C GLN G 181 -80.99 18.08 2.84
N SER G 182 -80.47 17.85 4.04
CA SER G 182 -81.14 17.03 5.04
C SER G 182 -81.43 15.63 4.47
N ASP G 183 -80.39 14.96 4.01
CA ASP G 183 -80.47 13.56 3.56
C ASP G 183 -81.38 13.37 2.34
N LEU G 184 -81.64 14.47 1.63
CA LEU G 184 -82.41 14.41 0.38
C LEU G 184 -81.72 15.21 -0.71
N TYR G 185 -81.76 14.69 -1.94
CA TYR G 185 -81.19 15.39 -3.08
C TYR G 185 -82.20 16.21 -3.89
N THR G 186 -81.68 17.29 -4.48
CA THR G 186 -82.39 18.14 -5.41
C THR G 186 -81.57 18.33 -6.69
N LEU G 187 -82.17 18.03 -7.83
CA LEU G 187 -81.52 18.18 -9.12
C LEU G 187 -82.45 18.90 -10.10
N SER G 188 -81.90 19.61 -11.08
CA SER G 188 -82.76 20.26 -12.07
C SER G 188 -82.14 20.27 -13.46
N SER G 189 -82.97 20.54 -14.46
CA SER G 189 -82.48 20.67 -15.82
C SER G 189 -83.15 21.82 -16.55
N SER G 190 -82.36 22.54 -17.34
CA SER G 190 -82.84 23.62 -18.20
C SER G 190 -82.70 23.18 -19.65
N VAL G 191 -83.65 23.56 -20.50
CA VAL G 191 -83.53 23.29 -21.93
C VAL G 191 -84.07 24.48 -22.70
N THR G 192 -83.38 24.89 -23.74
CA THR G 192 -83.86 26.02 -24.51
C THR G 192 -84.12 25.67 -25.96
N VAL G 193 -85.30 26.04 -26.45
CA VAL G 193 -85.64 25.85 -27.85
C VAL G 193 -86.13 27.17 -28.39
N THR G 194 -86.47 27.21 -29.67
CA THR G 194 -87.01 28.43 -30.24
C THR G 194 -88.51 28.47 -30.02
N SER G 195 -89.04 29.67 -29.80
CA SER G 195 -90.45 29.85 -29.48
C SER G 195 -91.38 29.13 -30.46
N SER G 196 -90.93 29.01 -31.71
CA SER G 196 -91.71 28.33 -32.75
C SER G 196 -91.83 26.83 -32.44
N THR G 197 -90.86 26.31 -31.71
CA THR G 197 -90.78 24.88 -31.43
C THR G 197 -91.76 24.47 -30.33
N TRP G 198 -91.91 25.32 -29.31
CA TRP G 198 -92.75 25.00 -28.16
C TRP G 198 -93.69 26.18 -27.86
N PRO G 199 -94.97 25.91 -27.54
CA PRO G 199 -95.61 24.61 -27.28
C PRO G 199 -95.99 23.80 -28.52
N SER G 200 -95.58 24.25 -29.69
CA SER G 200 -95.87 23.56 -30.95
C SER G 200 -95.49 22.09 -30.86
N GLN G 201 -94.22 21.82 -30.58
CA GLN G 201 -93.73 20.46 -30.52
C GLN G 201 -93.62 20.02 -29.06
N SER G 202 -93.96 18.76 -28.78
CA SER G 202 -94.00 18.23 -27.43
C SER G 202 -92.62 18.00 -26.84
N ILE G 203 -92.38 18.56 -25.66
CA ILE G 203 -91.11 18.31 -24.96
C ILE G 203 -91.42 17.49 -23.70
N THR G 204 -90.59 16.49 -23.43
CA THR G 204 -90.83 15.61 -22.28
C THR G 204 -89.56 15.30 -21.50
N CYS G 205 -89.57 15.64 -20.21
CA CYS G 205 -88.54 15.25 -19.24
C CYS G 205 -88.60 13.76 -18.87
N ASN G 206 -87.50 13.03 -19.04
CA ASN G 206 -87.43 11.65 -18.58
C ASN G 206 -86.42 11.45 -17.46
N VAL G 207 -86.87 10.96 -16.32
CA VAL G 207 -86.01 10.86 -15.15
C VAL G 207 -86.04 9.42 -14.66
N ALA G 208 -84.88 8.86 -14.34
CA ALA G 208 -84.81 7.48 -13.85
C ALA G 208 -83.93 7.40 -12.62
N HIS G 209 -84.39 6.63 -11.64
CA HIS G 209 -83.67 6.44 -10.38
C HIS G 209 -83.53 4.96 -10.09
N PRO G 210 -82.27 4.45 -10.11
CA PRO G 210 -81.99 3.03 -9.87
C PRO G 210 -82.41 2.58 -8.47
N ALA G 211 -81.90 3.26 -7.45
CA ALA G 211 -82.08 2.87 -6.06
C ALA G 211 -83.53 2.70 -5.62
N SER G 212 -84.46 3.34 -6.32
CA SER G 212 -85.89 3.20 -6.08
C SER G 212 -86.57 2.52 -7.24
N SER G 213 -85.81 2.38 -8.32
CA SER G 213 -86.24 1.74 -9.56
C SER G 213 -87.51 2.39 -10.07
N THR G 214 -87.37 3.63 -10.54
CA THR G 214 -88.49 4.30 -11.15
C THR G 214 -88.03 4.91 -12.46
N LYS G 215 -88.89 4.81 -13.46
CA LYS G 215 -88.71 5.51 -14.71
C LYS G 215 -89.94 6.39 -14.90
N VAL G 216 -89.73 7.71 -15.02
CA VAL G 216 -90.84 8.67 -15.03
C VAL G 216 -90.72 9.59 -16.23
N ASP G 217 -91.82 9.80 -16.94
CA ASP G 217 -91.84 10.80 -17.98
C ASP G 217 -92.76 11.93 -17.53
N LYS G 218 -92.39 13.17 -17.84
CA LYS G 218 -93.24 14.31 -17.57
C LYS G 218 -93.22 15.24 -18.77
N LYS G 219 -94.31 15.27 -19.52
CA LYS G 219 -94.49 16.22 -20.59
C LYS G 219 -94.48 17.60 -20.00
N ILE G 220 -94.02 18.59 -20.76
CA ILE G 220 -94.04 19.97 -20.31
C ILE G 220 -95.14 20.71 -21.06
N GLU G 221 -96.21 21.02 -20.33
CA GLU G 221 -97.36 21.69 -20.90
C GLU G 221 -97.52 23.08 -20.29
N PRO G 222 -98.17 24.00 -21.03
CA PRO G 222 -98.36 25.35 -20.49
C PRO G 222 -99.21 25.39 -19.23
N ARG G 223 -98.96 26.38 -18.39
CA ARG G 223 -99.73 26.49 -17.15
C ARG G 223 -101.15 26.98 -17.40
N ASP H 1 -44.38 3.84 -0.37
CA ASP H 1 -44.95 3.88 -1.72
C ASP H 1 -44.95 5.32 -2.26
N ILE H 2 -45.04 5.43 -3.58
CA ILE H 2 -44.75 6.69 -4.24
C ILE H 2 -45.91 7.67 -4.06
N VAL H 3 -45.58 8.92 -3.76
CA VAL H 3 -46.56 9.96 -3.62
C VAL H 3 -46.37 10.89 -4.80
N MET H 4 -47.46 11.39 -5.37
CA MET H 4 -47.32 12.32 -6.47
C MET H 4 -48.07 13.63 -6.27
N THR H 5 -47.35 14.73 -6.49
CA THR H 5 -47.86 16.07 -6.24
C THR H 5 -48.00 16.83 -7.56
N GLN H 6 -49.26 17.06 -7.97
CA GLN H 6 -49.54 17.83 -9.17
C GLN H 6 -49.69 19.32 -8.85
N SER H 7 -49.39 20.16 -9.83
CA SER H 7 -49.60 21.59 -9.72
C SER H 7 -49.71 22.30 -11.09
N PRO H 8 -50.52 23.38 -11.18
CA PRO H 8 -51.38 23.88 -10.09
C PRO H 8 -52.60 22.98 -9.81
N ALA H 9 -53.34 23.25 -8.72
CA ALA H 9 -54.59 22.50 -8.48
C ALA H 9 -55.61 22.84 -9.55
N SER H 10 -55.52 24.07 -10.05
CA SER H 10 -56.46 24.61 -11.03
C SER H 10 -55.78 25.57 -11.97
N LEU H 11 -56.16 25.51 -13.23
CA LEU H 11 -55.52 26.37 -14.21
C LEU H 11 -56.56 26.95 -15.16
N ALA H 12 -56.53 28.28 -15.31
CA ALA H 12 -57.42 28.93 -16.27
C ALA H 12 -56.59 29.60 -17.33
N VAL H 13 -56.89 29.25 -18.58
CA VAL H 13 -56.05 29.59 -19.71
C VAL H 13 -56.93 29.96 -20.88
N SER H 14 -56.57 31.05 -21.56
CA SER H 14 -57.33 31.58 -22.68
C SER H 14 -57.31 30.59 -23.84
N LEU H 15 -58.33 30.63 -24.68
CA LEU H 15 -58.41 29.77 -25.86
C LEU H 15 -57.19 29.93 -26.77
N GLY H 16 -56.75 28.81 -27.36
CA GLY H 16 -55.60 28.83 -28.25
C GLY H 16 -54.25 29.07 -27.60
N GLN H 17 -54.25 29.26 -26.28
CA GLN H 17 -53.02 29.45 -25.50
C GLN H 17 -52.42 28.09 -25.08
N ARG H 18 -51.43 28.13 -24.18
CA ARG H 18 -50.77 26.91 -23.70
C ARG H 18 -51.10 26.64 -22.24
N ALA H 19 -51.65 25.45 -21.97
CA ALA H 19 -51.80 24.96 -20.61
C ALA H 19 -50.64 24.03 -20.27
N THR H 20 -49.99 24.29 -19.13
CA THR H 20 -48.87 23.45 -18.72
C THR H 20 -49.09 22.96 -17.30
N ILE H 21 -48.96 21.65 -17.14
CA ILE H 21 -49.25 20.99 -15.88
C ILE H 21 -48.02 20.24 -15.41
N SER H 22 -47.73 20.27 -14.12
CA SER H 22 -46.55 19.56 -13.64
C SER H 22 -46.93 18.52 -12.59
N CYS H 23 -46.11 17.49 -12.49
CA CYS H 23 -46.33 16.35 -11.58
C CYS H 23 -44.97 15.91 -11.03
N ARG H 24 -44.76 16.21 -9.75
CA ARG H 24 -43.55 15.79 -9.04
C ARG H 24 -43.73 14.42 -8.36
N ALA H 25 -42.71 13.57 -8.47
CA ALA H 25 -42.67 12.26 -7.80
C ALA H 25 -41.81 12.30 -6.53
N SER H 26 -42.22 11.53 -5.51
CA SER H 26 -41.49 11.45 -4.23
C SER H 26 -40.16 10.70 -4.31
N GLN H 27 -39.97 9.98 -5.40
CA GLN H 27 -38.71 9.34 -5.74
C GLN H 27 -38.58 9.28 -7.23
N SER H 28 -37.40 8.99 -7.74
CA SER H 28 -37.25 8.90 -9.18
C SER H 28 -38.09 7.73 -9.71
N VAL H 29 -38.53 7.87 -10.95
CA VAL H 29 -39.54 6.98 -11.51
C VAL H 29 -39.10 6.68 -12.94
N SER H 30 -37.80 6.77 -13.20
CA SER H 30 -37.28 6.55 -14.54
C SER H 30 -35.97 5.79 -14.54
N THR H 31 -35.77 4.97 -15.57
CA THR H 31 -34.48 4.34 -15.77
C THR H 31 -33.55 5.22 -16.57
N SER H 32 -32.43 4.66 -17.00
CA SER H 32 -31.50 5.38 -17.85
C SER H 32 -32.15 5.70 -19.20
N SER H 33 -33.17 4.91 -19.56
CA SER H 33 -33.74 5.00 -20.90
C SER H 33 -35.24 5.28 -20.96
N TYR H 34 -35.98 4.91 -19.92
CA TYR H 34 -37.42 5.19 -19.90
C TYR H 34 -37.92 5.83 -18.62
N SER H 35 -38.98 6.61 -18.78
CA SER H 35 -39.69 7.19 -17.66
C SER H 35 -41.09 6.62 -17.61
N TYR H 36 -41.50 6.16 -16.44
CA TYR H 36 -42.77 5.45 -16.26
C TYR H 36 -43.84 6.34 -15.65
N MET H 37 -44.24 7.35 -16.42
CA MET H 37 -45.27 8.31 -16.01
C MET H 37 -46.37 8.33 -17.05
N ASN H 38 -47.61 8.27 -16.57
CA ASN H 38 -48.77 8.26 -17.43
C ASN H 38 -49.63 9.49 -17.23
N TRP H 39 -50.31 9.91 -18.29
CA TRP H 39 -51.25 11.01 -18.21
C TRP H 39 -52.65 10.59 -18.67
N TYR H 40 -53.66 11.00 -17.91
CA TYR H 40 -55.04 10.72 -18.23
C TYR H 40 -55.87 11.99 -18.28
N GLN H 41 -56.92 11.94 -19.08
CA GLN H 41 -57.91 12.99 -19.16
C GLN H 41 -59.24 12.46 -18.70
N GLN H 42 -59.83 13.15 -17.72
CA GLN H 42 -61.18 12.85 -17.29
C GLN H 42 -62.08 14.06 -17.45
N LYS H 43 -62.95 14.01 -18.45
CA LYS H 43 -63.99 15.02 -18.59
C LYS H 43 -65.07 14.70 -17.57
N PRO H 44 -65.77 15.72 -17.07
CA PRO H 44 -66.81 15.53 -16.05
C PRO H 44 -67.88 14.53 -16.46
N GLY H 45 -68.27 13.67 -15.52
CA GLY H 45 -69.25 12.62 -15.78
C GLY H 45 -68.77 11.52 -16.70
N GLN H 46 -67.46 11.38 -16.82
CA GLN H 46 -66.87 10.38 -17.69
C GLN H 46 -65.78 9.61 -16.95
N PRO H 47 -65.40 8.41 -17.44
CA PRO H 47 -64.22 7.76 -16.86
C PRO H 47 -62.95 8.40 -17.36
N PRO H 48 -61.86 8.24 -16.62
CA PRO H 48 -60.57 8.68 -17.15
C PRO H 48 -60.23 8.03 -18.50
N LYS H 49 -59.51 8.76 -19.33
CA LYS H 49 -59.05 8.27 -20.63
C LYS H 49 -57.55 8.47 -20.76
N LEU H 50 -56.85 7.46 -21.28
CA LEU H 50 -55.41 7.51 -21.38
C LEU H 50 -54.95 8.40 -22.52
N LEU H 51 -54.13 9.40 -22.18
CA LEU H 51 -53.56 10.32 -23.15
C LEU H 51 -52.10 9.93 -23.43
N ILE H 52 -51.32 9.82 -22.35
CA ILE H 52 -49.87 9.68 -22.48
C ILE H 52 -49.34 8.48 -21.68
N LYS H 53 -48.52 7.64 -22.30
CA LYS H 53 -47.79 6.63 -21.57
C LYS H 53 -46.30 6.89 -21.72
N TYR H 54 -45.50 6.41 -20.79
CA TYR H 54 -44.06 6.61 -20.81
C TYR H 54 -43.65 8.07 -20.93
N ALA H 55 -44.29 8.92 -20.13
CA ALA H 55 -43.98 10.34 -20.02
C ALA H 55 -44.27 11.17 -21.28
N SER H 56 -43.94 10.66 -22.46
CA SER H 56 -44.00 11.50 -23.65
C SER H 56 -44.68 10.83 -24.85
N ASN H 57 -45.04 9.57 -24.70
CA ASN H 57 -45.61 8.82 -25.81
C ASN H 57 -47.12 9.01 -25.86
N LEU H 58 -47.60 9.69 -26.89
CA LEU H 58 -49.04 9.91 -27.05
C LEU H 58 -49.73 8.59 -27.35
N GLU H 59 -50.74 8.26 -26.56
CA GLU H 59 -51.52 7.05 -26.79
C GLU H 59 -52.28 7.28 -28.09
N SER H 60 -52.51 6.20 -28.84
CA SER H 60 -53.11 6.29 -30.17
C SER H 60 -54.48 6.96 -30.13
N GLY H 61 -54.66 7.94 -31.01
CA GLY H 61 -55.92 8.64 -31.13
C GLY H 61 -55.94 9.95 -30.37
N VAL H 62 -55.01 10.13 -29.44
CA VAL H 62 -54.95 11.33 -28.63
C VAL H 62 -54.43 12.47 -29.50
N PRO H 63 -55.10 13.63 -29.44
CA PRO H 63 -54.74 14.80 -30.27
C PRO H 63 -53.30 15.27 -30.06
N ALA H 64 -52.66 15.76 -31.13
CA ALA H 64 -51.27 16.18 -31.06
C ALA H 64 -51.06 17.48 -30.28
N ARG H 65 -52.15 18.16 -29.91
CA ARG H 65 -52.04 19.37 -29.10
C ARG H 65 -51.68 18.99 -27.67
N PHE H 66 -51.84 17.70 -27.37
CA PHE H 66 -51.35 17.12 -26.13
C PHE H 66 -49.92 16.66 -26.33
N SER H 67 -49.07 16.94 -25.35
CA SER H 67 -47.68 16.46 -25.39
C SER H 67 -47.17 16.30 -23.98
N GLY H 68 -46.31 15.30 -23.78
CA GLY H 68 -45.77 15.07 -22.45
C GLY H 68 -44.26 15.11 -22.47
N SER H 69 -43.67 15.47 -21.33
CA SER H 69 -42.22 15.51 -21.18
C SER H 69 -41.82 15.39 -19.72
N GLY H 70 -40.52 15.42 -19.47
CA GLY H 70 -40.04 15.29 -18.11
C GLY H 70 -39.22 14.03 -17.89
N SER H 71 -38.60 13.94 -16.72
CA SER H 71 -37.84 12.76 -16.31
C SER H 71 -37.46 12.87 -14.84
N GLY H 72 -37.05 11.75 -14.27
CA GLY H 72 -36.65 11.74 -12.88
C GLY H 72 -37.82 11.86 -11.93
N THR H 73 -37.95 13.04 -11.35
CA THR H 73 -39.00 13.29 -10.39
C THR H 73 -39.92 14.36 -10.92
N ASP H 74 -39.61 14.88 -12.11
CA ASP H 74 -40.34 16.04 -12.59
C ASP H 74 -40.95 15.88 -13.96
N PHE H 75 -42.28 16.03 -14.06
CA PHE H 75 -42.96 15.74 -15.32
C PHE H 75 -43.98 16.82 -15.72
N THR H 76 -44.19 16.95 -17.03
CA THR H 76 -44.94 18.07 -17.56
C THR H 76 -45.85 17.68 -18.72
N LEU H 77 -47.11 18.09 -18.61
CA LEU H 77 -48.09 17.97 -19.68
C LEU H 77 -48.39 19.32 -20.34
N ASN H 78 -48.45 19.33 -21.66
CA ASN H 78 -48.71 20.55 -22.40
C ASN H 78 -49.92 20.37 -23.29
N ILE H 79 -50.78 21.38 -23.29
CA ILE H 79 -51.92 21.42 -24.17
C ILE H 79 -51.82 22.72 -24.96
N HIS H 80 -51.53 22.60 -26.24
CA HIS H 80 -51.35 23.76 -27.11
C HIS H 80 -51.62 23.38 -28.58
N PRO H 81 -52.51 24.12 -29.25
CA PRO H 81 -53.37 25.18 -28.71
C PRO H 81 -54.59 24.66 -27.95
N LEU H 82 -54.83 25.20 -26.77
CA LEU H 82 -55.95 24.78 -25.93
C LEU H 82 -57.28 24.98 -26.68
N GLU H 83 -58.12 23.96 -26.67
CA GLU H 83 -59.46 24.03 -27.28
C GLU H 83 -60.57 23.93 -26.24
N GLU H 84 -61.80 24.19 -26.67
CA GLU H 84 -62.92 24.23 -25.73
C GLU H 84 -63.16 22.89 -25.06
N GLU H 85 -63.06 21.81 -25.82
CA GLU H 85 -63.35 20.50 -25.27
C GLU H 85 -62.29 19.99 -24.28
N ASP H 86 -61.17 20.70 -24.19
CA ASP H 86 -60.09 20.25 -23.31
C ASP H 86 -60.32 20.61 -21.85
N THR H 87 -61.41 21.32 -21.56
CA THR H 87 -61.73 21.66 -20.19
C THR H 87 -62.02 20.33 -19.50
N ALA H 88 -61.19 19.99 -18.50
CA ALA H 88 -61.26 18.64 -17.91
C ALA H 88 -60.37 18.53 -16.69
N THR H 89 -60.45 17.42 -15.95
CA THR H 89 -59.44 17.17 -14.93
C THR H 89 -58.39 16.21 -15.50
N TYR H 90 -57.11 16.55 -15.30
CA TYR H 90 -55.99 15.74 -15.80
C TYR H 90 -55.19 15.08 -14.69
N TYR H 91 -54.94 13.80 -14.84
CA TYR H 91 -54.30 13.03 -13.79
C TYR H 91 -52.97 12.43 -14.25
N CYS H 92 -51.96 12.42 -13.39
CA CYS H 92 -50.76 11.65 -13.71
C CYS H 92 -50.76 10.43 -12.80
N GLN H 93 -50.16 9.33 -13.27
CA GLN H 93 -49.85 8.18 -12.39
C GLN H 93 -48.56 7.48 -12.80
N HIS H 94 -47.86 6.92 -11.82
CA HIS H 94 -46.61 6.22 -12.08
C HIS H 94 -46.83 4.75 -12.28
N SER H 95 -45.92 4.14 -13.00
CA SER H 95 -45.92 2.70 -13.10
C SER H 95 -44.57 2.14 -12.69
N TRP H 96 -44.00 2.74 -11.65
CA TRP H 96 -42.67 2.34 -11.22
C TRP H 96 -42.71 1.11 -10.31
N GLU H 97 -43.74 1.03 -9.49
CA GLU H 97 -43.92 -0.08 -8.56
C GLU H 97 -45.37 -0.23 -8.13
N ILE H 98 -45.72 -1.41 -7.62
CA ILE H 98 -47.00 -1.58 -6.93
C ILE H 98 -46.81 -1.14 -5.47
N PRO H 99 -47.76 -0.33 -4.93
CA PRO H 99 -49.01 0.13 -5.52
C PRO H 99 -48.89 1.31 -6.48
N TRP H 100 -49.59 1.18 -7.60
CA TRP H 100 -49.82 2.31 -8.49
C TRP H 100 -50.61 3.36 -7.72
N THR H 101 -50.24 4.63 -7.91
CA THR H 101 -50.89 5.73 -7.22
C THR H 101 -51.16 6.82 -8.24
N PHE H 102 -52.09 7.71 -7.91
CA PHE H 102 -52.36 8.84 -8.77
C PHE H 102 -51.99 10.16 -8.08
N GLY H 103 -51.72 11.18 -8.90
CA GLY H 103 -51.65 12.56 -8.44
C GLY H 103 -53.05 13.09 -8.20
N GLY H 104 -53.15 14.25 -7.56
CA GLY H 104 -54.46 14.73 -7.14
C GLY H 104 -55.32 15.34 -8.24
N GLY H 105 -54.75 15.56 -9.42
CA GLY H 105 -55.52 16.02 -10.55
C GLY H 105 -55.44 17.51 -10.77
N THR H 106 -55.48 17.96 -12.02
CA THR H 106 -55.53 19.40 -12.30
C THR H 106 -56.74 19.76 -13.16
N LYS H 107 -57.60 20.61 -12.64
CA LYS H 107 -58.74 21.05 -13.42
C LYS H 107 -58.33 22.16 -14.36
N VAL H 108 -58.42 21.91 -15.67
CA VAL H 108 -58.14 22.93 -16.68
C VAL H 108 -59.47 23.53 -17.11
N GLU H 109 -59.60 24.86 -16.94
CA GLU H 109 -60.81 25.63 -17.31
C GLU H 109 -60.50 26.68 -18.33
N ILE H 110 -61.44 26.90 -19.23
CA ILE H 110 -61.37 27.93 -20.25
C ILE H 110 -61.82 29.32 -19.75
N LYS H 111 -60.96 30.30 -20.01
CA LYS H 111 -61.15 31.72 -19.75
C LYS H 111 -61.85 32.27 -20.99
N ARG H 112 -62.96 32.98 -20.77
CA ARG H 112 -63.81 33.59 -21.82
C ARG H 112 -64.37 35.07 -21.61
N ALA H 113 -64.93 35.67 -22.66
CA ALA H 113 -65.64 36.95 -22.54
C ALA H 113 -66.64 36.93 -21.40
N ASP H 114 -66.59 37.97 -20.59
CA ASP H 114 -67.57 38.19 -19.54
C ASP H 114 -68.94 38.21 -20.19
N ALA H 115 -69.74 37.19 -19.92
CA ALA H 115 -71.05 37.09 -20.50
C ALA H 115 -72.12 37.14 -19.40
N ALA H 116 -73.28 37.69 -19.75
CA ALA H 116 -74.36 37.87 -18.79
C ALA H 116 -75.25 36.64 -18.66
N PRO H 117 -75.74 36.37 -17.44
CA PRO H 117 -76.66 35.23 -17.26
C PRO H 117 -78.04 35.49 -17.86
N THR H 118 -78.59 34.45 -18.48
CA THR H 118 -79.99 34.46 -18.89
C THR H 118 -80.80 33.89 -17.73
N VAL H 119 -81.67 34.72 -17.17
CA VAL H 119 -82.32 34.43 -15.91
C VAL H 119 -83.81 34.13 -16.07
N SER H 120 -84.25 33.00 -15.52
CA SER H 120 -85.66 32.60 -15.61
C SER H 120 -86.17 32.13 -14.24
N ILE H 121 -87.35 32.60 -13.85
CA ILE H 121 -87.91 32.18 -12.58
C ILE H 121 -89.14 31.29 -12.82
N PHE H 122 -89.40 30.39 -11.88
CA PHE H 122 -90.46 29.40 -12.02
C PHE H 122 -91.16 29.18 -10.68
N PRO H 123 -92.44 29.55 -10.59
CA PRO H 123 -93.21 29.22 -9.38
C PRO H 123 -93.34 27.71 -9.21
N PRO H 124 -93.73 27.25 -8.01
CA PRO H 124 -94.00 25.82 -7.83
C PRO H 124 -95.01 25.26 -8.84
N SER H 125 -94.76 24.05 -9.34
CA SER H 125 -95.75 23.35 -10.15
C SER H 125 -96.97 23.05 -9.28
N SER H 126 -98.15 22.98 -9.89
CA SER H 126 -99.37 22.72 -9.15
C SER H 126 -99.38 21.31 -8.58
N GLU H 127 -98.69 20.41 -9.28
CA GLU H 127 -98.54 19.04 -8.84
C GLU H 127 -97.79 18.95 -7.51
N GLN H 128 -96.76 19.78 -7.35
CA GLN H 128 -96.03 19.81 -6.09
C GLN H 128 -96.87 20.42 -4.98
N LEU H 129 -97.56 21.51 -5.32
CA LEU H 129 -98.42 22.21 -4.38
C LEU H 129 -99.50 21.28 -3.82
N THR H 130 -99.98 20.38 -4.66
CA THR H 130 -100.99 19.41 -4.26
C THR H 130 -100.52 18.63 -3.03
N SER H 131 -99.22 18.36 -2.94
CA SER H 131 -98.70 17.53 -1.87
C SER H 131 -98.13 18.33 -0.69
N GLY H 132 -98.16 19.65 -0.77
CA GLY H 132 -97.88 20.48 0.38
C GLY H 132 -96.51 21.14 0.42
N GLY H 133 -95.74 20.96 -0.66
CA GLY H 133 -94.44 21.59 -0.79
C GLY H 133 -94.48 22.73 -1.80
N ALA H 134 -93.50 23.62 -1.73
CA ALA H 134 -93.46 24.72 -2.70
C ALA H 134 -92.02 25.12 -3.02
N SER H 135 -91.60 24.82 -4.24
CA SER H 135 -90.28 25.20 -4.71
C SER H 135 -90.33 26.28 -5.77
N VAL H 136 -89.66 27.39 -5.47
CA VAL H 136 -89.46 28.45 -6.43
C VAL H 136 -88.08 28.28 -7.05
N VAL H 137 -88.04 28.06 -8.35
CA VAL H 137 -86.78 27.78 -9.01
C VAL H 137 -86.30 28.96 -9.84
N CYS H 138 -84.98 29.15 -9.89
CA CYS H 138 -84.37 30.20 -10.68
C CYS H 138 -83.16 29.65 -11.42
N PHE H 139 -83.19 29.80 -12.75
CA PHE H 139 -82.10 29.39 -13.62
C PHE H 139 -81.29 30.58 -14.11
N LEU H 140 -79.99 30.53 -13.84
CA LEU H 140 -79.06 31.56 -14.28
C LEU H 140 -78.10 30.92 -15.27
N ASN H 141 -78.41 31.03 -16.56
CA ASN H 141 -77.78 30.19 -17.56
C ASN H 141 -76.76 30.92 -18.43
N ASN H 142 -75.69 30.21 -18.81
CA ASN H 142 -74.69 30.67 -19.77
C ASN H 142 -74.06 32.03 -19.46
N PHE H 143 -73.51 32.16 -18.25
CA PHE H 143 -72.79 33.38 -17.84
C PHE H 143 -71.31 33.06 -17.62
N TYR H 144 -70.50 34.11 -17.49
CA TYR H 144 -69.08 33.96 -17.19
C TYR H 144 -68.55 35.27 -16.63
N PRO H 145 -67.74 35.21 -15.55
CA PRO H 145 -67.18 34.02 -14.89
C PRO H 145 -68.13 33.30 -13.95
N LYS H 146 -67.66 32.16 -13.44
CA LYS H 146 -68.51 31.22 -12.71
C LYS H 146 -68.97 31.79 -11.38
N ASP H 147 -68.30 32.82 -10.90
CA ASP H 147 -68.67 33.44 -9.64
C ASP H 147 -69.87 34.36 -9.90
N ILE H 148 -70.92 34.19 -9.10
CA ILE H 148 -72.15 34.93 -9.32
C ILE H 148 -72.96 34.96 -8.01
N ASN H 149 -73.64 36.08 -7.78
CA ASN H 149 -74.50 36.28 -6.62
C ASN H 149 -75.96 35.98 -6.94
N VAL H 150 -76.61 35.21 -6.07
CA VAL H 150 -78.05 35.03 -6.17
C VAL H 150 -78.75 35.46 -4.87
N LYS H 151 -79.66 36.42 -5.03
CA LYS H 151 -80.46 36.93 -3.93
C LYS H 151 -81.94 36.61 -4.16
N TRP H 152 -82.60 36.03 -3.16
CA TRP H 152 -84.05 35.83 -3.23
C TRP H 152 -84.77 36.95 -2.48
N LYS H 153 -85.81 37.51 -3.08
CA LYS H 153 -86.60 38.55 -2.42
C LYS H 153 -88.08 38.20 -2.30
N ILE H 154 -88.54 38.20 -1.06
CA ILE H 154 -89.94 37.93 -0.74
C ILE H 154 -90.60 39.20 -0.20
N ASP H 155 -91.43 39.81 -1.05
CA ASP H 155 -92.10 41.06 -0.73
C ASP H 155 -91.08 42.13 -0.40
N GLY H 156 -90.06 42.25 -1.23
CA GLY H 156 -89.08 43.30 -1.02
C GLY H 156 -87.95 42.86 -0.10
N SER H 157 -88.26 42.02 0.90
CA SER H 157 -87.22 41.63 1.86
C SER H 157 -86.53 40.33 1.50
N GLU H 158 -85.20 40.33 1.57
CA GLU H 158 -84.45 39.19 1.10
C GLU H 158 -84.59 37.97 2.02
N ARG H 159 -84.57 36.80 1.38
CA ARG H 159 -84.61 35.51 2.02
C ARG H 159 -83.33 34.75 1.68
N GLN H 160 -82.80 34.01 2.65
CA GLN H 160 -81.55 33.26 2.48
C GLN H 160 -81.73 31.78 2.86
N ASN H 161 -82.72 31.50 3.69
CA ASN H 161 -82.93 30.16 4.24
C ASN H 161 -83.83 29.29 3.38
N GLY H 162 -83.44 28.02 3.23
CA GLY H 162 -84.15 27.08 2.39
C GLY H 162 -83.65 27.05 0.95
N VAL H 163 -82.75 27.98 0.63
CA VAL H 163 -82.12 28.06 -0.67
C VAL H 163 -80.99 27.05 -0.81
N LEU H 164 -80.85 26.49 -2.01
CA LEU H 164 -79.65 25.74 -2.39
C LEU H 164 -79.32 25.91 -3.86
N ASN H 165 -78.04 26.08 -4.15
CA ASN H 165 -77.61 26.38 -5.50
C ASN H 165 -76.80 25.23 -6.05
N SER H 166 -76.56 25.25 -7.35
CA SER H 166 -75.83 24.17 -8.01
C SER H 166 -75.23 24.70 -9.31
N TRP H 167 -73.92 24.55 -9.47
CA TRP H 167 -73.25 25.03 -10.68
C TRP H 167 -73.02 23.93 -11.70
N THR H 168 -73.25 24.30 -12.96
CA THR H 168 -72.84 23.48 -14.09
C THR H 168 -71.31 23.54 -14.20
N ASP H 169 -70.68 22.47 -14.68
CA ASP H 169 -69.25 22.51 -14.97
C ASP H 169 -69.05 23.25 -16.27
N GLN H 170 -67.92 23.91 -16.44
CA GLN H 170 -67.70 24.72 -17.63
C GLN H 170 -68.06 23.99 -18.91
N ASP H 171 -68.92 24.61 -19.70
CA ASP H 171 -69.39 24.02 -20.95
C ASP H 171 -68.24 23.78 -21.91
N SER H 172 -68.09 22.53 -22.32
CA SER H 172 -67.01 22.13 -23.20
C SER H 172 -67.17 22.68 -24.62
N LYS H 173 -68.26 23.41 -24.88
CA LYS H 173 -68.48 23.98 -26.21
C LYS H 173 -68.41 25.51 -26.22
N ASP H 174 -69.00 26.16 -25.22
CA ASP H 174 -69.06 27.62 -25.24
C ASP H 174 -68.47 28.21 -23.97
N SER H 175 -67.93 27.35 -23.12
CA SER H 175 -67.13 27.81 -21.99
C SER H 175 -67.87 28.69 -21.00
N THR H 176 -69.20 28.66 -21.03
CA THR H 176 -69.99 29.35 -20.03
C THR H 176 -70.28 28.47 -18.84
N TYR H 177 -70.82 29.08 -17.79
CA TYR H 177 -71.36 28.33 -16.68
C TYR H 177 -72.85 28.61 -16.56
N SER H 178 -73.55 27.70 -15.94
CA SER H 178 -74.94 27.90 -15.58
C SER H 178 -75.12 27.49 -14.14
N MET H 179 -76.20 27.95 -13.51
CA MET H 179 -76.49 27.53 -12.16
C MET H 179 -77.98 27.61 -11.82
N SER H 180 -78.34 26.98 -10.71
CA SER H 180 -79.74 26.72 -10.37
C SER H 180 -79.99 26.96 -8.90
N SER H 181 -80.74 28.02 -8.60
CA SER H 181 -81.22 28.25 -7.25
C SER H 181 -82.60 27.64 -7.02
N THR H 182 -82.78 26.97 -5.90
CA THR H 182 -84.10 26.45 -5.53
C THR H 182 -84.47 26.84 -4.11
N LEU H 183 -85.44 27.72 -3.99
CA LEU H 183 -85.99 28.10 -2.68
C LEU H 183 -87.17 27.23 -2.31
N THR H 184 -87.09 26.53 -1.19
CA THR H 184 -88.19 25.67 -0.79
C THR H 184 -88.87 26.15 0.47
N LEU H 185 -90.18 26.42 0.35
CA LEU H 185 -91.05 26.73 1.49
C LEU H 185 -92.16 25.70 1.60
N THR H 186 -92.93 25.75 2.69
CA THR H 186 -94.17 25.00 2.75
C THR H 186 -95.22 25.71 1.91
N LYS H 187 -96.24 24.95 1.47
CA LYS H 187 -97.37 25.53 0.76
C LYS H 187 -98.02 26.69 1.52
N ASP H 188 -98.27 26.47 2.81
CA ASP H 188 -98.81 27.50 3.71
C ASP H 188 -98.07 28.83 3.62
N GLU H 189 -96.78 28.80 3.96
CA GLU H 189 -95.98 30.01 4.01
C GLU H 189 -95.90 30.63 2.63
N TYR H 190 -95.86 29.79 1.61
CA TYR H 190 -95.77 30.28 0.24
C TYR H 190 -97.01 31.12 0.02
N GLU H 191 -98.12 30.63 0.53
CA GLU H 191 -99.39 31.30 0.36
C GLU H 191 -99.53 32.56 1.23
N ARG H 192 -98.76 32.67 2.32
CA ARG H 192 -98.86 33.88 3.16
C ARG H 192 -98.37 35.14 2.48
N HIS H 193 -97.44 34.98 1.54
CA HIS H 193 -96.76 36.09 0.88
C HIS H 193 -97.16 36.21 -0.58
N ASN H 194 -96.81 37.33 -1.20
CA ASN H 194 -97.26 37.60 -2.56
C ASN H 194 -96.15 37.63 -3.61
N SER H 195 -95.16 38.49 -3.45
CA SER H 195 -94.16 38.63 -4.50
C SER H 195 -92.88 37.83 -4.25
N TYR H 196 -92.48 37.13 -5.30
CA TYR H 196 -91.28 36.31 -5.30
C TYR H 196 -90.33 36.74 -6.41
N THR H 197 -89.09 36.98 -6.01
CA THR H 197 -88.07 37.53 -6.88
C THR H 197 -86.77 36.78 -6.77
N CYS H 198 -86.13 36.52 -7.91
CA CYS H 198 -84.74 36.10 -7.87
C CYS H 198 -83.91 37.16 -8.60
N GLU H 199 -82.80 37.53 -7.94
CA GLU H 199 -81.85 38.54 -8.42
C GLU H 199 -80.46 37.95 -8.66
N ALA H 200 -79.97 38.13 -9.88
CA ALA H 200 -78.67 37.64 -10.30
C ALA H 200 -77.69 38.79 -10.44
N THR H 201 -76.85 39.00 -9.43
CA THR H 201 -75.83 40.04 -9.54
C THR H 201 -74.54 39.40 -9.99
N HIS H 202 -73.87 40.04 -10.94
CA HIS H 202 -72.74 39.43 -11.62
C HIS H 202 -71.80 40.49 -12.17
N LYS H 203 -70.50 40.19 -12.22
CA LYS H 203 -69.49 41.13 -12.70
C LYS H 203 -69.90 41.84 -14.00
N THR H 204 -70.67 41.14 -14.83
CA THR H 204 -71.01 41.60 -16.18
C THR H 204 -71.80 42.91 -16.21
N SER H 205 -72.59 43.17 -15.17
CA SER H 205 -73.36 44.42 -15.07
C SER H 205 -73.47 44.90 -13.62
N THR H 206 -73.53 46.22 -13.45
CA THR H 206 -73.73 46.80 -12.14
C THR H 206 -75.15 46.56 -11.65
N SER H 207 -76.10 46.54 -12.57
CA SER H 207 -77.51 46.32 -12.27
C SER H 207 -77.84 44.82 -12.23
N PRO H 208 -78.35 44.32 -11.11
CA PRO H 208 -78.77 42.91 -11.01
C PRO H 208 -79.85 42.55 -12.03
N ILE H 209 -79.78 41.33 -12.57
CA ILE H 209 -80.85 40.85 -13.44
C ILE H 209 -81.90 40.20 -12.58
N VAL H 210 -83.14 40.66 -12.67
CA VAL H 210 -84.12 40.21 -11.70
C VAL H 210 -85.39 39.75 -12.39
N LYS H 211 -85.96 38.68 -11.86
CA LYS H 211 -87.22 38.16 -12.37
C LYS H 211 -88.17 37.93 -11.20
N SER H 212 -89.45 38.22 -11.43
CA SER H 212 -90.43 38.15 -10.37
C SER H 212 -91.78 37.64 -10.80
N PHE H 213 -92.54 37.15 -9.83
CA PHE H 213 -93.94 36.86 -10.03
C PHE H 213 -94.69 37.13 -8.73
N ASN H 214 -96.01 37.28 -8.84
CA ASN H 214 -96.85 37.32 -7.66
C ASN H 214 -97.64 36.03 -7.55
N ARG H 215 -97.68 35.47 -6.33
CA ARG H 215 -98.39 34.21 -6.09
C ARG H 215 -99.84 34.33 -6.54
N ASN H 216 -100.33 33.26 -7.14
CA ASN H 216 -101.72 33.14 -7.60
C ASN H 216 -102.10 34.33 -8.49
N GLU H 217 -101.10 34.95 -9.10
CA GLU H 217 -101.34 36.08 -9.98
C GLU H 217 -100.66 35.85 -11.35
N CYS H 218 -101.14 36.58 -12.36
CA CYS H 218 -100.80 36.47 -13.78
C CYS H 218 -101.28 37.72 -14.50
N GLU I 1 53.02 22.97 32.65
CA GLU I 1 52.35 23.96 31.81
C GLU I 1 52.56 23.58 30.33
N VAL I 2 51.58 22.91 29.71
CA VAL I 2 51.69 22.39 28.33
C VAL I 2 51.34 23.43 27.27
N LYS I 3 52.40 23.97 26.67
CA LYS I 3 52.38 25.08 25.73
C LYS I 3 52.76 24.82 24.27
N LEU I 4 51.88 25.13 23.31
CA LEU I 4 52.26 24.91 21.92
C LEU I 4 52.14 26.31 21.36
N GLN I 5 53.11 26.63 20.51
CA GLN I 5 53.22 27.83 19.68
C GLN I 5 53.54 27.58 18.22
N GLU I 6 52.80 28.22 17.32
CA GLU I 6 53.00 27.96 15.91
C GLU I 6 53.25 29.28 15.23
N SER I 7 54.26 29.27 14.37
CA SER I 7 54.61 30.42 13.56
C SER I 7 54.58 29.92 12.12
N GLY I 8 54.07 30.77 11.24
CA GLY I 8 54.23 30.60 9.81
C GLY I 8 54.50 31.95 9.19
N PRO I 9 54.58 32.00 7.86
CA PRO I 9 54.93 33.20 7.10
C PRO I 9 53.79 34.20 6.90
N GLY I 10 52.63 33.93 7.46
CA GLY I 10 51.52 34.85 7.29
C GLY I 10 50.89 34.85 5.91
N LYS I 11 51.68 35.22 4.91
CA LYS I 11 51.20 35.14 3.55
C LYS I 11 52.27 34.58 2.60
N LEU I 12 51.83 33.99 1.49
CA LEU I 12 52.75 33.43 0.52
C LEU I 12 52.25 33.35 -0.93
N GLN I 13 53.24 33.14 -1.77
CA GLN I 13 53.14 33.25 -3.21
C GLN I 13 52.79 31.85 -3.73
N PRO I 14 51.89 31.74 -4.70
CA PRO I 14 51.67 30.36 -5.15
C PRO I 14 52.91 29.81 -5.85
N SER I 15 53.03 28.48 -5.80
CA SER I 15 54.16 27.69 -6.32
C SER I 15 55.27 27.56 -5.26
N GLN I 16 55.22 28.38 -4.21
CA GLN I 16 56.27 28.32 -3.18
C GLN I 16 56.09 27.23 -2.11
N THR I 17 57.13 27.10 -1.30
CA THR I 17 57.19 26.10 -0.25
C THR I 17 56.90 26.70 1.13
N LEU I 18 55.84 26.23 1.78
CA LEU I 18 55.50 26.67 3.14
C LEU I 18 56.29 25.95 4.22
N SER I 19 56.89 26.68 5.17
CA SER I 19 57.55 26.04 6.33
C SER I 19 56.91 26.52 7.63
N LEU I 20 56.27 25.63 8.38
CA LEU I 20 55.66 25.99 9.65
C LEU I 20 56.50 25.47 10.78
N THR I 21 56.56 26.22 11.87
CA THR I 21 57.34 25.78 13.04
C THR I 21 56.44 25.78 14.27
N CYS I 22 56.58 24.74 15.09
CA CYS I 22 55.90 24.68 16.36
C CYS I 22 56.94 24.47 17.42
N SER I 23 56.96 25.40 18.37
CA SER I 23 57.80 25.30 19.54
C SER I 23 56.88 24.95 20.71
N PHE I 24 57.36 24.07 21.57
CA PHE I 24 56.57 23.65 22.71
C PHE I 24 57.30 23.54 24.04
N SER I 25 56.52 23.50 25.12
CA SER I 25 57.09 23.34 26.46
C SER I 25 56.11 22.64 27.41
N GLY I 26 56.63 22.16 28.52
CA GLY I 26 55.80 21.49 29.49
C GLY I 26 55.80 20.00 29.22
N PHE I 27 56.51 19.62 28.17
CA PHE I 27 56.65 18.21 27.86
C PHE I 27 57.79 17.92 26.90
N SER I 28 58.41 16.78 27.13
CA SER I 28 59.46 16.27 26.25
C SER I 28 58.81 15.49 25.12
N LEU I 29 59.50 15.45 23.99
CA LEU I 29 59.13 14.61 22.87
C LEU I 29 59.78 13.26 23.09
N THR I 30 60.83 13.23 23.91
CA THR I 30 61.57 11.99 24.15
C THR I 30 60.65 10.95 24.82
N THR I 31 59.58 11.41 25.44
CA THR I 31 58.60 10.56 26.13
C THR I 31 57.89 9.69 25.07
N SER I 32 57.71 8.41 25.34
CA SER I 32 56.91 7.54 24.46
C SER I 32 55.39 7.74 24.63
N GLY I 33 54.64 7.59 23.54
CA GLY I 33 53.20 7.66 23.57
C GLY I 33 52.72 9.05 23.18
N ILE I 34 53.68 9.94 23.03
CA ILE I 34 53.44 11.33 22.73
C ILE I 34 53.78 11.57 21.27
N GLY I 35 52.95 12.33 20.56
CA GLY I 35 53.32 12.68 19.19
C GLY I 35 52.99 14.15 18.97
N VAL I 36 53.67 14.82 18.03
CA VAL I 36 53.34 16.22 17.75
C VAL I 36 53.11 16.45 16.25
N GLY I 37 52.11 17.24 15.90
CA GLY I 37 51.79 17.42 14.49
C GLY I 37 50.88 18.60 14.17
N TRP I 38 50.25 18.55 13.00
CA TRP I 38 49.62 19.74 12.43
C TRP I 38 48.24 19.38 11.91
N ILE I 39 47.27 20.22 12.23
CA ILE I 39 45.94 20.08 11.67
C ILE I 39 45.51 21.44 11.21
N ARG I 40 44.89 21.53 10.04
CA ARG I 40 44.56 22.86 9.55
C ARG I 40 43.08 23.04 9.33
N GLN I 41 42.65 24.26 9.59
CA GLN I 41 41.28 24.65 9.40
C GLN I 41 41.19 25.80 8.38
N PRO I 42 40.74 25.50 7.15
CA PRO I 42 40.50 26.57 6.16
C PRO I 42 39.38 27.48 6.63
N SER I 43 39.41 28.74 6.23
CA SER I 43 38.47 29.74 6.73
C SER I 43 37.02 29.31 6.58
N GLY I 44 36.31 29.22 7.72
CA GLY I 44 34.91 28.83 7.77
C GLY I 44 34.61 27.39 7.35
N LYS I 45 35.46 26.48 7.83
CA LYS I 45 35.38 25.05 7.49
C LYS I 45 35.76 24.19 8.70
N GLY I 46 35.84 22.88 8.48
CA GLY I 46 36.18 21.97 9.56
C GLY I 46 37.67 21.69 9.62
N LEU I 47 38.07 20.49 10.02
CA LEU I 47 39.46 20.25 10.41
C LEU I 47 40.12 19.23 9.50
N GLU I 48 41.38 19.47 9.14
CA GLU I 48 42.12 18.54 8.32
C GLU I 48 43.48 18.22 8.89
N TRP I 49 43.67 16.94 9.22
CA TRP I 49 44.94 16.47 9.74
C TRP I 49 45.98 16.47 8.60
N LEU I 50 47.20 16.87 8.91
CA LEU I 50 48.27 16.95 7.94
C LEU I 50 49.29 15.85 8.17
N ALA I 51 49.99 15.95 9.31
CA ALA I 51 51.03 14.99 9.64
C ALA I 51 51.39 15.02 11.12
N HIS I 52 51.99 13.93 11.60
CA HIS I 52 52.47 13.87 12.97
C HIS I 52 53.75 13.08 13.07
N ILE I 53 54.57 13.48 14.04
CA ILE I 53 55.79 12.77 14.34
C ILE I 53 56.03 12.40 15.82
N TRP I 54 56.46 11.16 16.05
CA TRP I 54 56.65 10.60 17.39
C TRP I 54 58.15 10.63 17.63
N TRP I 55 58.57 10.47 18.87
CA TRP I 55 60.01 10.30 19.20
C TRP I 55 60.71 9.25 18.34
N SER I 56 59.96 8.25 17.92
CA SER I 56 60.43 7.22 17.01
C SER I 56 60.94 7.71 15.66
N ALA I 57 60.60 8.95 15.33
CA ALA I 57 60.81 9.55 14.01
C ALA I 57 59.95 8.90 12.94
N SER I 58 59.14 7.93 13.34
CA SER I 58 58.11 7.43 12.46
C SER I 58 57.19 8.63 12.25
N LYS I 59 56.71 8.84 11.04
CA LYS I 59 55.85 9.99 10.84
C LYS I 59 54.68 9.66 9.91
N TYR I 60 53.47 9.96 10.37
CA TYR I 60 52.29 9.67 9.57
C TYR I 60 51.91 10.93 8.80
N TYR I 61 51.54 10.71 7.55
CA TYR I 61 51.19 11.79 6.61
C TYR I 61 49.79 11.56 6.10
N ASN I 62 49.08 12.68 5.90
CA ASN I 62 47.78 12.68 5.27
C ASN I 62 47.91 12.28 3.84
N THR I 63 47.25 11.17 3.50
CA THR I 63 47.21 10.69 2.13
C THR I 63 46.69 11.80 1.23
N ALA I 64 47.06 11.73 -0.05
CA ALA I 64 46.75 12.74 -1.07
C ALA I 64 47.66 13.97 -0.93
N LEU I 65 47.85 14.43 0.30
CA LEU I 65 48.77 15.54 0.63
C LEU I 65 50.22 15.07 0.89
N LYS I 66 50.34 13.81 1.30
CA LYS I 66 51.61 13.10 1.57
C LYS I 66 52.75 13.60 0.71
N SER I 67 52.51 13.54 -0.58
CA SER I 67 53.48 13.93 -1.56
C SER I 67 54.06 15.35 -1.33
N ARG I 68 53.26 16.28 -0.80
CA ARG I 68 53.69 17.66 -0.64
C ARG I 68 54.18 17.94 0.79
N LEU I 69 54.04 16.93 1.66
CA LEU I 69 54.33 17.15 3.06
C LEU I 69 55.62 16.52 3.50
N THR I 70 56.34 17.28 4.32
CA THR I 70 57.51 16.76 5.00
C THR I 70 57.52 17.26 6.44
N ILE I 71 57.47 16.34 7.39
CA ILE I 71 57.50 16.76 8.79
C ILE I 71 58.80 16.34 9.43
N SER I 72 59.29 17.21 10.31
CA SER I 72 60.53 16.94 11.01
C SER I 72 60.50 17.47 12.44
N LYS I 73 61.61 17.29 13.15
CA LYS I 73 61.67 17.68 14.56
C LYS I 73 63.08 17.99 15.06
N ASP I 74 63.16 18.96 15.97
CA ASP I 74 64.38 19.28 16.71
C ASP I 74 64.13 19.12 18.21
N THR I 75 64.31 17.91 18.70
CA THR I 75 63.99 17.53 20.08
C THR I 75 64.78 18.41 21.05
N SER I 76 66.05 18.67 20.75
CA SER I 76 66.93 19.37 21.69
C SER I 76 66.53 20.85 21.84
N ASN I 77 65.72 21.34 20.93
CA ASN I 77 65.17 22.69 21.05
C ASN I 77 63.63 22.65 21.07
N ASN I 78 63.01 21.52 21.47
CA ASN I 78 61.54 21.45 21.67
C ASN I 78 60.79 22.02 20.46
N GLN I 79 61.10 21.52 19.27
CA GLN I 79 60.41 21.99 18.08
C GLN I 79 60.04 20.90 17.07
N VAL I 80 58.92 21.06 16.35
CA VAL I 80 58.67 20.25 15.16
C VAL I 80 58.29 21.18 14.03
N PHE I 81 58.58 20.77 12.79
CA PHE I 81 58.39 21.61 11.60
C PHE I 81 57.60 20.88 10.53
N LEU I 82 56.79 21.60 9.79
CA LEU I 82 56.11 21.02 8.64
C LEU I 82 56.35 21.80 7.35
N LYS I 83 56.69 21.11 6.26
CA LYS I 83 56.86 21.75 4.97
C LYS I 83 55.83 21.28 3.96
N ILE I 84 55.24 22.25 3.24
CA ILE I 84 54.27 21.95 2.21
C ILE I 84 54.78 22.53 0.89
N ALA I 85 55.01 21.65 -0.10
CA ALA I 85 55.64 22.04 -1.36
C ALA I 85 54.63 22.59 -2.37
N SER I 86 55.12 23.45 -3.27
CA SER I 86 54.34 23.97 -4.39
C SER I 86 52.94 24.41 -3.94
N VAL I 87 52.92 25.30 -2.96
CA VAL I 87 51.70 25.75 -2.30
C VAL I 87 50.72 26.39 -3.28
N ASP I 88 49.43 26.16 -3.06
CA ASP I 88 48.37 26.76 -3.88
C ASP I 88 47.42 27.53 -2.97
N THR I 89 46.47 28.23 -3.58
CA THR I 89 45.54 29.09 -2.85
C THR I 89 44.56 28.29 -2.00
N ALA I 90 44.47 27.00 -2.30
CA ALA I 90 43.63 26.09 -1.53
C ALA I 90 44.28 25.76 -0.20
N ASP I 91 45.51 26.23 0.00
CA ASP I 91 46.25 26.01 1.24
C ASP I 91 46.14 27.17 2.21
N THR I 92 45.39 28.21 1.83
CA THR I 92 45.07 29.29 2.75
C THR I 92 44.31 28.63 3.89
N ALA I 93 44.89 28.65 5.09
CA ALA I 93 44.15 28.25 6.28
C ALA I 93 44.85 28.61 7.57
N THR I 94 44.27 28.13 8.66
CA THR I 94 44.80 28.37 9.98
C THR I 94 45.48 27.09 10.36
N TYR I 95 46.79 27.09 10.60
CA TYR I 95 47.37 25.82 10.96
C TYR I 95 47.51 25.77 12.48
N TYR I 96 46.99 24.67 13.02
CA TYR I 96 47.15 24.21 14.40
C TYR I 96 48.23 23.22 14.81
N CYS I 97 49.05 23.57 15.80
CA CYS I 97 50.04 22.61 16.26
C CYS I 97 49.12 21.84 17.19
N ALA I 98 49.27 20.53 17.19
CA ALA I 98 48.53 19.64 18.06
C ALA I 98 49.35 18.51 18.63
N ARG I 99 49.21 18.27 19.92
CA ARG I 99 49.90 17.11 20.47
C ARG I 99 48.93 15.97 20.62
N ALA I 100 49.38 14.75 20.30
CA ALA I 100 48.49 13.64 20.47
C ALA I 100 49.08 12.75 21.55
N TYR I 101 48.20 12.46 22.50
CA TYR I 101 48.43 11.59 23.63
C TYR I 101 48.10 10.14 23.29
N TYR I 102 48.93 9.18 23.72
CA TYR I 102 48.55 7.78 23.53
C TYR I 102 47.58 7.32 24.59
N GLY I 103 46.34 7.06 24.18
CA GLY I 103 45.25 6.70 25.07
C GLY I 103 45.57 5.51 25.97
N ASN I 104 45.03 5.51 27.18
CA ASN I 104 45.21 4.37 28.10
C ASN I 104 44.77 3.03 27.52
N TYR I 105 43.83 3.07 26.58
CA TYR I 105 43.27 1.86 25.97
C TYR I 105 43.68 1.73 24.51
N GLY I 106 44.81 2.35 24.19
CA GLY I 106 45.32 2.53 22.84
C GLY I 106 44.69 3.68 22.08
N GLY I 107 45.12 3.88 20.85
CA GLY I 107 44.60 4.99 20.06
C GLY I 107 45.12 6.32 20.58
N TYR I 108 44.69 7.42 19.96
CA TYR I 108 45.18 8.78 20.17
C TYR I 108 44.08 9.77 20.00
N TYR I 109 44.28 10.84 20.76
CA TYR I 109 43.46 12.01 20.76
C TYR I 109 44.36 13.16 21.05
N PHE I 110 43.89 14.32 20.62
CA PHE I 110 44.63 15.57 20.63
C PHE I 110 44.41 16.36 21.90
N ASP I 111 45.52 16.46 22.62
CA ASP I 111 45.61 16.78 24.02
C ASP I 111 45.57 18.25 24.23
N TYR I 112 46.54 18.91 23.60
CA TYR I 112 46.68 20.34 23.69
C TYR I 112 46.90 20.88 22.29
N TRP I 113 46.29 22.04 22.05
CA TRP I 113 46.29 22.71 20.77
C TRP I 113 46.94 24.08 20.83
N GLY I 114 47.68 24.46 19.80
CA GLY I 114 48.32 25.76 19.80
C GLY I 114 47.18 26.76 19.62
N GLN I 115 47.45 28.07 19.70
CA GLN I 115 46.41 29.04 19.35
C GLN I 115 46.15 29.10 17.85
N GLY I 116 47.11 28.58 17.09
CA GLY I 116 47.10 28.62 15.64
C GLY I 116 47.98 29.69 15.01
N THR I 117 48.27 29.48 13.74
CA THR I 117 49.00 30.41 12.89
C THR I 117 48.01 30.61 11.76
N THR I 118 48.15 31.67 10.98
CA THR I 118 47.27 31.82 9.84
C THR I 118 48.07 32.22 8.62
N LEU I 119 47.74 31.49 7.55
CA LEU I 119 48.41 31.57 6.26
C LEU I 119 47.42 31.90 5.15
N THR I 120 47.86 32.84 4.30
CA THR I 120 47.12 33.29 3.13
C THR I 120 48.07 33.05 1.99
N VAL I 121 47.56 32.42 0.94
CA VAL I 121 48.33 32.20 -0.26
C VAL I 121 47.70 32.82 -1.46
N SER I 122 48.44 33.75 -2.05
CA SER I 122 47.95 34.49 -3.19
C SER I 122 49.03 35.10 -4.03
N SER I 123 48.80 35.08 -5.33
CA SER I 123 49.67 35.78 -6.23
C SER I 123 49.51 37.27 -6.03
N ALA I 124 48.50 37.71 -5.27
CA ALA I 124 48.17 39.12 -5.36
C ALA I 124 49.13 40.14 -4.76
N LYS I 125 49.20 41.24 -5.50
CA LYS I 125 49.85 42.47 -5.14
C LYS I 125 49.13 43.16 -3.98
N THR I 126 49.87 43.67 -3.01
CA THR I 126 49.26 44.36 -1.88
C THR I 126 48.55 45.59 -2.47
N THR I 127 47.31 45.83 -2.08
CA THR I 127 46.59 47.04 -2.52
C THR I 127 45.76 47.73 -1.45
N ALA I 128 45.81 49.06 -1.43
CA ALA I 128 44.99 49.85 -0.50
C ALA I 128 43.51 49.74 -0.85
N PRO I 129 42.62 49.81 0.16
CA PRO I 129 41.18 49.69 -0.09
C PRO I 129 40.54 50.98 -0.56
N SER I 130 39.52 50.85 -1.40
CA SER I 130 38.62 51.95 -1.65
C SER I 130 37.49 51.92 -0.64
N VAL I 131 37.22 53.08 -0.05
CA VAL I 131 36.17 53.20 0.95
C VAL I 131 35.04 54.04 0.38
N TYR I 132 33.84 53.46 0.42
CA TYR I 132 32.66 54.07 -0.17
C TYR I 132 31.59 54.32 0.89
N PRO I 133 31.08 55.55 0.98
CA PRO I 133 29.98 55.80 1.91
C PRO I 133 28.65 55.35 1.31
N LEU I 134 27.81 54.67 2.10
CA LEU I 134 26.55 54.14 1.58
C LEU I 134 25.32 54.69 2.32
N ALA I 135 24.76 55.77 1.78
CA ALA I 135 23.51 56.38 2.28
C ALA I 135 22.29 55.77 1.57
N PRO I 136 21.08 55.91 2.15
CA PRO I 136 19.89 55.30 1.52
C PRO I 136 19.51 55.85 0.14
N VAL I 137 18.61 55.13 -0.52
CA VAL I 137 18.10 55.43 -1.87
C VAL I 137 17.47 56.82 -1.91
N CYS I 138 17.76 57.62 -2.93
CA CYS I 138 17.17 58.95 -2.96
C CYS I 138 15.66 58.80 -3.06
N GLY I 139 14.96 59.56 -2.23
CA GLY I 139 13.51 59.59 -2.20
C GLY I 139 12.87 58.45 -1.43
N ASP I 140 13.70 57.58 -0.85
CA ASP I 140 13.19 56.50 0.00
C ASP I 140 12.38 57.15 1.09
N THR I 141 11.14 56.71 1.25
CA THR I 141 10.27 57.27 2.26
C THR I 141 10.59 56.67 3.63
N THR I 142 11.39 57.42 4.38
CA THR I 142 11.96 56.97 5.65
C THR I 142 10.99 56.49 6.73
N GLY I 143 11.43 55.47 7.45
CA GLY I 143 10.68 54.86 8.55
C GLY I 143 11.14 55.32 9.93
N SER I 144 10.85 54.51 10.95
CA SER I 144 11.22 54.83 12.34
C SER I 144 12.72 54.83 12.56
N SER I 145 13.42 54.05 11.75
CA SER I 145 14.87 53.98 11.83
C SER I 145 15.48 53.94 10.44
N VAL I 146 16.74 54.33 10.34
CA VAL I 146 17.43 54.30 9.06
C VAL I 146 18.70 53.48 9.16
N THR I 147 19.01 52.82 8.05
CA THR I 147 20.21 51.99 7.94
C THR I 147 21.25 52.66 7.04
N LEU I 148 22.45 52.84 7.57
CA LEU I 148 23.57 53.34 6.79
C LEU I 148 24.52 52.19 6.51
N GLY I 149 25.45 52.42 5.60
CA GLY I 149 26.36 51.38 5.18
C GLY I 149 27.71 51.90 4.80
N CYS I 150 28.70 51.02 4.77
CA CYS I 150 30.02 51.44 4.36
C CYS I 150 30.70 50.29 3.62
N LEU I 151 31.11 50.55 2.38
CA LEU I 151 31.68 49.51 1.54
C LEU I 151 33.19 49.68 1.34
N VAL I 152 33.92 48.58 1.47
CA VAL I 152 35.38 48.61 1.46
C VAL I 152 35.81 47.58 0.43
N LYS I 153 36.14 48.00 -0.78
CA LYS I 153 36.47 47.00 -1.81
C LYS I 153 37.90 47.15 -2.31
N GLY I 154 38.38 46.16 -3.08
CA GLY I 154 39.64 46.30 -3.79
C GLY I 154 40.91 46.33 -2.97
N TYR I 155 40.92 45.67 -1.81
CA TYR I 155 42.11 45.65 -0.97
C TYR I 155 42.69 44.27 -0.78
N PHE I 156 43.95 44.26 -0.36
CA PHE I 156 44.70 43.03 -0.14
C PHE I 156 46.01 43.28 0.61
N PRO I 157 46.40 42.39 1.54
CA PRO I 157 45.73 41.22 2.12
C PRO I 157 44.94 41.51 3.39
N GLU I 158 44.39 40.47 4.02
CA GLU I 158 43.76 40.66 5.33
C GLU I 158 44.88 41.28 6.17
N PRO I 159 44.51 42.17 7.10
CA PRO I 159 43.25 42.47 7.76
C PRO I 159 42.99 43.97 7.66
N VAL I 160 41.70 44.25 7.54
CA VAL I 160 41.08 45.58 7.48
C VAL I 160 40.15 45.80 8.65
N THR I 161 40.10 47.05 9.12
CA THR I 161 39.33 47.34 10.31
C THR I 161 38.48 48.57 10.05
N LEU I 162 37.24 48.48 10.51
CA LEU I 162 36.29 49.55 10.39
C LEU I 162 35.47 49.82 11.64
N THR I 163 35.49 51.08 12.06
CA THR I 163 34.67 51.56 13.17
C THR I 163 33.71 52.66 12.68
N TRP I 164 32.73 53.01 13.51
CA TRP I 164 31.71 54.01 13.16
C TRP I 164 31.90 55.12 14.16
N ASN I 165 32.22 56.30 13.63
CA ASN I 165 32.46 57.52 14.41
C ASN I 165 33.60 57.32 15.40
N SER I 166 34.34 56.22 15.22
CA SER I 166 35.54 55.84 15.98
C SER I 166 35.17 55.12 17.27
N GLY I 167 34.38 54.05 17.16
CA GLY I 167 33.94 53.33 18.35
C GLY I 167 32.73 53.91 19.08
N SER I 168 32.58 55.23 19.02
CA SER I 168 31.55 55.93 19.78
C SER I 168 30.14 55.47 19.43
N LEU I 169 29.96 55.01 18.21
CA LEU I 169 28.69 54.44 17.77
C LEU I 169 28.85 52.93 17.67
N SER I 170 28.40 52.22 18.70
CA SER I 170 28.72 50.80 18.84
C SER I 170 27.49 49.90 18.65
N SER I 171 26.33 50.38 19.08
CA SER I 171 25.10 49.58 19.05
C SER I 171 24.50 49.50 17.65
N GLY I 172 23.89 48.35 17.34
CA GLY I 172 23.17 48.19 16.09
C GLY I 172 24.09 48.13 14.87
N VAL I 173 25.32 47.71 15.10
CA VAL I 173 26.32 47.60 14.05
C VAL I 173 26.47 46.15 13.62
N HIS I 174 26.51 45.93 12.32
CA HIS I 174 26.85 44.64 11.74
C HIS I 174 28.01 44.81 10.76
N THR I 175 29.21 44.42 11.17
CA THR I 175 30.33 44.42 10.24
C THR I 175 30.52 43.00 9.70
N PHE I 176 30.52 42.88 8.37
CA PHE I 176 30.48 41.58 7.70
C PHE I 176 31.86 41.04 7.37
N PRO I 177 32.03 39.72 7.48
CA PRO I 177 33.31 39.07 7.14
C PRO I 177 33.69 39.26 5.68
N ALA I 178 34.97 39.51 5.42
CA ALA I 178 35.46 39.75 4.07
C ALA I 178 35.29 38.53 3.16
N VAL I 179 35.22 38.78 1.85
CA VAL I 179 35.13 37.73 0.85
C VAL I 179 36.14 38.04 -0.25
N LEU I 180 36.88 37.02 -0.68
CA LEU I 180 37.90 37.20 -1.73
C LEU I 180 37.34 36.91 -3.11
N GLN I 181 37.61 37.81 -4.04
CA GLN I 181 37.23 37.60 -5.43
C GLN I 181 38.31 38.10 -6.39
N SER I 182 38.98 37.15 -7.03
CA SER I 182 40.07 37.44 -7.97
C SER I 182 41.16 38.25 -7.26
N ASP I 183 41.67 37.71 -6.15
CA ASP I 183 42.82 38.29 -5.44
C ASP I 183 42.58 39.69 -4.85
N LEU I 184 41.31 40.05 -4.68
CA LEU I 184 40.93 41.30 -4.04
C LEU I 184 39.84 41.02 -3.00
N TYR I 185 39.89 41.71 -1.87
CA TYR I 185 38.86 41.54 -0.85
C TYR I 185 37.76 42.60 -0.93
N THR I 186 36.58 42.14 -0.52
CA THR I 186 35.41 43.00 -0.37
C THR I 186 34.80 42.81 1.02
N LEU I 187 34.64 43.92 1.74
CA LEU I 187 34.04 43.92 3.08
C LEU I 187 33.00 45.03 3.17
N SER I 188 31.98 44.87 4.02
CA SER I 188 30.99 45.93 4.18
C SER I 188 30.51 46.01 5.62
N SER I 189 29.86 47.12 5.97
CA SER I 189 29.29 47.26 7.30
C SER I 189 27.92 47.95 7.27
N SER I 190 27.00 47.48 8.11
CA SER I 190 25.69 48.07 8.29
C SER I 190 25.62 48.71 9.67
N VAL I 191 24.94 49.84 9.78
CA VAL I 191 24.71 50.49 11.07
C VAL I 191 23.31 51.06 11.09
N THR I 192 22.59 50.86 12.18
CA THR I 192 21.23 51.40 12.24
C THR I 192 21.03 52.39 13.38
N VAL I 193 20.44 53.54 13.04
CA VAL I 193 20.08 54.52 14.06
C VAL I 193 18.62 54.91 13.89
N THR I 194 18.12 55.78 14.76
CA THR I 194 16.74 56.24 14.63
C THR I 194 16.72 57.43 13.69
N SER I 195 15.64 57.55 12.92
CA SER I 195 15.51 58.59 11.90
C SER I 195 15.80 59.98 12.44
N SER I 196 15.52 60.20 13.72
CA SER I 196 15.76 61.48 14.36
C SER I 196 17.26 61.76 14.45
N THR I 197 18.05 60.69 14.47
CA THR I 197 19.50 60.81 14.65
C THR I 197 20.20 61.22 13.35
N TRP I 198 19.75 60.70 12.21
CA TRP I 198 20.41 60.98 10.93
C TRP I 198 19.39 61.40 9.87
N PRO I 199 19.71 62.42 9.05
CA PRO I 199 20.98 63.13 8.92
C PRO I 199 21.25 64.22 9.97
N SER I 200 20.43 64.29 11.01
CA SER I 200 20.60 65.26 12.10
C SER I 200 22.01 65.24 12.67
N GLN I 201 22.41 64.08 13.17
CA GLN I 201 23.73 63.85 13.76
C GLN I 201 24.58 63.22 12.66
N SER I 202 25.89 63.43 12.71
CA SER I 202 26.71 62.89 11.63
C SER I 202 27.42 61.58 11.99
N ILE I 203 27.44 60.69 11.01
CA ILE I 203 28.02 59.37 11.22
C ILE I 203 29.18 59.28 10.26
N THR I 204 30.37 58.97 10.77
CA THR I 204 31.52 58.77 9.89
C THR I 204 32.11 57.36 9.88
N CYS I 205 32.44 56.85 8.69
CA CYS I 205 32.98 55.52 8.53
C CYS I 205 34.51 55.61 8.68
N ASN I 206 35.12 54.92 9.63
CA ASN I 206 36.59 54.87 9.58
C ASN I 206 37.06 53.48 9.16
N VAL I 207 37.85 53.46 8.08
CA VAL I 207 38.50 52.25 7.56
C VAL I 207 40.02 52.32 7.56
N ALA I 208 40.69 51.40 8.22
CA ALA I 208 42.13 51.47 8.36
C ALA I 208 42.72 50.15 7.89
N HIS I 209 43.81 50.24 7.14
CA HIS I 209 44.47 49.05 6.64
C HIS I 209 45.98 49.20 6.85
N PRO I 210 46.61 48.12 7.36
CA PRO I 210 48.03 47.95 7.69
C PRO I 210 48.92 47.77 6.48
N ALA I 211 48.65 46.73 5.70
CA ALA I 211 49.50 46.35 4.57
C ALA I 211 49.63 47.48 3.56
N SER I 212 48.80 48.50 3.73
CA SER I 212 48.86 49.69 2.88
C SER I 212 49.04 50.97 3.67
N SER I 213 48.85 50.89 5.00
CA SER I 213 49.06 52.02 5.94
C SER I 213 48.24 53.18 5.37
N THR I 214 46.96 52.89 5.21
CA THR I 214 45.90 53.84 4.87
C THR I 214 44.70 53.99 5.82
N LYS I 215 44.39 55.19 6.27
CA LYS I 215 43.34 55.29 7.28
C LYS I 215 42.50 56.29 6.52
N VAL I 216 41.24 55.89 6.43
CA VAL I 216 40.08 56.59 5.90
C VAL I 216 38.97 57.00 6.86
N ASP I 217 38.37 58.15 6.56
CA ASP I 217 37.20 58.67 7.25
C ASP I 217 36.27 59.16 6.14
N LYS I 218 35.18 58.42 5.95
CA LYS I 218 34.12 58.81 5.02
C LYS I 218 32.80 59.05 5.75
N LYS I 219 32.46 60.33 5.88
CA LYS I 219 31.17 60.76 6.42
C LYS I 219 30.04 60.17 5.59
N ILE I 220 28.90 59.90 6.22
CA ILE I 220 27.74 59.44 5.47
C ILE I 220 26.75 60.56 5.32
N GLU I 221 26.70 61.02 4.07
CA GLU I 221 25.93 62.18 3.60
C GLU I 221 24.85 61.75 2.62
N PRO I 222 23.75 62.53 2.54
CA PRO I 222 22.62 62.25 1.67
C PRO I 222 23.00 62.42 0.21
N ARG I 223 22.39 61.62 -0.66
CA ARG I 223 22.46 61.78 -2.12
C ARG I 223 21.41 62.73 -2.67
N ASP J 1 40.49 4.79 3.79
CA ASP J 1 40.39 5.61 5.00
C ASP J 1 38.94 5.95 5.34
N ILE J 2 38.68 5.86 6.63
CA ILE J 2 37.39 6.15 7.27
C ILE J 2 36.78 7.51 6.94
N VAL J 3 35.45 7.50 6.80
CA VAL J 3 34.70 8.70 6.54
C VAL J 3 33.61 8.90 7.55
N MET J 4 33.56 10.09 8.12
CA MET J 4 32.61 10.32 9.18
C MET J 4 31.59 11.38 8.81
N THR J 5 30.35 10.98 8.61
CA THR J 5 29.31 11.93 8.30
C THR J 5 28.63 12.40 9.60
N GLN J 6 28.81 13.66 9.97
CA GLN J 6 28.10 14.23 11.13
C GLN J 6 26.77 14.85 10.73
N SER J 7 25.78 14.81 11.63
CA SER J 7 24.58 15.62 11.40
C SER J 7 23.76 15.93 12.67
N PRO J 8 22.80 16.86 12.57
CA PRO J 8 22.54 17.77 11.43
C PRO J 8 23.69 18.78 11.21
N ALA J 9 23.67 19.50 10.08
CA ALA J 9 24.77 20.41 9.77
C ALA J 9 24.72 21.55 10.78
N SER J 10 23.51 21.96 11.12
CA SER J 10 23.33 23.05 12.04
C SER J 10 22.18 22.61 12.90
N LEU J 11 22.41 22.65 14.20
CA LEU J 11 21.45 22.33 15.23
C LEU J 11 21.15 23.46 16.17
N ALA J 12 19.88 23.78 16.39
CA ALA J 12 19.62 24.99 17.11
C ALA J 12 18.54 24.54 18.07
N VAL J 13 18.77 24.92 19.33
CA VAL J 13 17.92 24.51 20.43
C VAL J 13 17.78 25.56 21.53
N SER J 14 16.63 25.55 22.19
CA SER J 14 16.31 26.43 23.31
C SER J 14 17.32 26.28 24.47
N LEU J 15 17.44 27.31 25.29
CA LEU J 15 18.23 27.20 26.52
C LEU J 15 17.71 26.10 27.43
N GLY J 16 18.62 25.37 28.07
CA GLY J 16 18.26 24.32 29.03
C GLY J 16 17.63 23.07 28.46
N GLN J 17 17.45 23.04 27.14
CA GLN J 17 16.89 21.90 26.44
C GLN J 17 18.00 20.92 26.11
N ARG J 18 17.70 19.93 25.27
CA ARG J 18 18.68 18.94 24.91
C ARG J 18 19.12 19.05 23.46
N ALA J 19 20.42 19.21 23.29
CA ALA J 19 21.04 19.10 21.97
C ALA J 19 21.60 17.71 21.77
N THR J 20 21.28 17.08 20.66
CA THR J 20 21.80 15.74 20.37
C THR J 20 22.43 15.78 18.99
N ILE J 21 23.66 15.30 18.91
CA ILE J 21 24.47 15.37 17.70
C ILE J 21 24.88 13.96 17.31
N SER J 22 24.89 13.66 16.02
CA SER J 22 25.28 12.32 15.64
C SER J 22 26.47 12.27 14.68
N CYS J 23 27.18 11.15 14.71
CA CYS J 23 28.38 10.95 13.92
C CYS J 23 28.45 9.49 13.44
N ARG J 24 28.21 9.31 12.14
CA ARG J 24 28.31 8.03 11.45
C ARG J 24 29.73 7.78 10.89
N ALA J 25 30.27 6.57 11.05
CA ALA J 25 31.55 6.18 10.45
C ALA J 25 31.36 5.34 9.16
N SER J 26 32.27 5.44 8.20
CA SER J 26 32.12 4.65 6.96
C SER J 26 32.34 3.15 7.19
N GLN J 27 32.89 2.82 8.34
CA GLN J 27 33.07 1.42 8.76
C GLN J 27 32.92 1.39 10.27
N SER J 28 32.86 0.21 10.88
CA SER J 28 32.88 0.18 12.33
C SER J 28 34.15 0.84 12.85
N VAL J 29 34.16 1.19 14.14
CA VAL J 29 35.32 1.85 14.70
C VAL J 29 35.55 1.39 16.15
N SER J 30 34.98 0.25 16.50
CA SER J 30 34.91 -0.18 17.90
C SER J 30 35.18 -1.67 18.12
N THR J 31 35.82 -2.01 19.24
CA THR J 31 36.13 -3.40 19.54
C THR J 31 34.96 -4.01 20.28
N SER J 32 35.14 -5.22 20.78
CA SER J 32 34.12 -5.87 21.58
C SER J 32 33.91 -5.09 22.89
N SER J 33 34.91 -4.31 23.29
CA SER J 33 34.88 -3.68 24.61
C SER J 33 35.02 -2.13 24.60
N TYR J 34 35.66 -1.59 23.57
CA TYR J 34 35.80 -0.14 23.45
C TYR J 34 35.43 0.42 22.09
N SER J 35 34.99 1.67 22.09
CA SER J 35 34.74 2.41 20.87
C SER J 35 35.69 3.60 20.79
N TYR J 36 36.33 3.76 19.63
CA TYR J 36 37.37 4.76 19.47
C TYR J 36 36.86 6.00 18.73
N MET J 37 35.95 6.70 19.37
CA MET J 37 35.35 7.90 18.81
C MET J 37 35.59 9.04 19.82
N ASN J 38 36.04 10.18 19.34
CA ASN J 38 36.34 11.34 20.18
C ASN J 38 35.43 12.53 19.84
N TRP J 39 35.16 13.39 20.83
CA TRP J 39 34.39 14.62 20.60
C TRP J 39 35.18 15.84 21.05
N TYR J 40 35.15 16.88 20.20
CA TYR J 40 35.81 18.14 20.46
C TYR J 40 34.84 19.27 20.37
N GLN J 41 35.13 20.32 21.13
CA GLN J 41 34.38 21.56 21.08
C GLN J 41 35.27 22.69 20.60
N GLN J 42 34.82 23.38 19.57
CA GLN J 42 35.49 24.58 19.09
C GLN J 42 34.56 25.79 19.12
N LYS J 43 34.80 26.69 20.06
CA LYS J 43 34.12 27.97 20.09
C LYS J 43 34.74 28.86 19.02
N PRO J 44 33.96 29.79 18.45
CA PRO J 44 34.49 30.64 17.37
C PRO J 44 35.77 31.40 17.77
N GLY J 45 36.76 31.41 16.87
CA GLY J 45 38.04 32.05 17.12
C GLY J 45 38.93 31.38 18.14
N GLN J 46 38.71 30.09 18.36
CA GLN J 46 39.52 29.31 19.29
C GLN J 46 39.97 27.98 18.67
N PRO J 47 41.03 27.38 19.23
CA PRO J 47 41.36 26.01 18.82
C PRO J 47 40.39 24.99 19.38
N PRO J 48 40.29 23.82 18.75
CA PRO J 48 39.46 22.75 19.32
C PRO J 48 39.87 22.36 20.75
N LYS J 49 38.89 21.94 21.54
CA LYS J 49 39.10 21.45 22.90
C LYS J 49 38.48 20.06 23.05
N LEU J 50 39.17 19.15 23.72
CA LEU J 50 38.71 17.77 23.86
C LEU J 50 37.61 17.63 24.91
N LEU J 51 36.46 17.08 24.52
CA LEU J 51 35.38 16.85 25.46
C LEU J 51 35.35 15.38 25.84
N ILE J 52 35.29 14.51 24.84
CA ILE J 52 35.03 13.09 25.08
C ILE J 52 36.07 12.19 24.41
N LYS J 53 36.63 11.24 25.14
CA LYS J 53 37.45 10.24 24.46
C LYS J 53 36.79 8.88 24.66
N TYR J 54 37.07 7.94 23.77
CA TYR J 54 36.47 6.61 23.80
C TYR J 54 34.94 6.67 23.83
N ALA J 55 34.37 7.50 22.96
CA ALA J 55 32.92 7.63 22.73
C ALA J 55 32.12 8.19 23.90
N SER J 56 32.47 7.80 25.13
CA SER J 56 31.62 8.13 26.27
C SER J 56 32.37 8.67 27.49
N ASN J 57 33.69 8.65 27.43
CA ASN J 57 34.52 9.11 28.53
C ASN J 57 34.77 10.60 28.47
N LEU J 58 34.36 11.28 29.52
CA LEU J 58 34.49 12.71 29.54
C LEU J 58 35.90 13.00 30.03
N GLU J 59 36.58 13.81 29.23
CA GLU J 59 37.92 14.26 29.54
C GLU J 59 37.81 15.15 30.77
N SER J 60 38.86 15.13 31.59
CA SER J 60 38.88 15.80 32.87
C SER J 60 38.59 17.29 32.74
N GLY J 61 37.65 17.77 33.55
CA GLY J 61 37.30 19.18 33.55
C GLY J 61 36.07 19.50 32.72
N VAL J 62 35.66 18.59 31.85
CA VAL J 62 34.50 18.85 31.01
C VAL J 62 33.22 18.76 31.84
N PRO J 63 32.30 19.75 31.69
CA PRO J 63 31.05 19.85 32.45
C PRO J 63 30.16 18.62 32.25
N ALA J 64 29.41 18.22 33.27
CA ALA J 64 28.59 17.02 33.19
C ALA J 64 27.33 17.11 32.31
N ARG J 65 27.00 18.30 31.81
CA ARG J 65 25.86 18.45 30.91
C ARG J 65 26.17 17.88 29.54
N PHE J 66 27.46 17.64 29.30
CA PHE J 66 27.97 16.92 28.15
C PHE J 66 28.02 15.42 28.48
N SER J 67 27.62 14.58 27.52
CA SER J 67 27.72 13.13 27.69
C SER J 67 27.84 12.52 26.32
N GLY J 68 28.60 11.43 26.19
CA GLY J 68 28.79 10.82 24.90
C GLY J 68 28.35 9.39 24.93
N SER J 69 27.94 8.87 23.79
CA SER J 69 27.52 7.48 23.69
C SER J 69 27.64 6.93 22.27
N GLY J 70 27.25 5.67 22.12
CA GLY J 70 27.35 5.03 20.81
C GLY J 70 28.32 3.87 20.69
N SER J 71 28.24 3.20 19.54
CA SER J 71 29.14 2.10 19.22
C SER J 71 29.00 1.67 17.76
N GLY J 72 29.99 0.91 17.29
CA GLY J 72 29.96 0.43 15.92
C GLY J 72 30.26 1.51 14.92
N THR J 73 29.21 1.94 14.22
CA THR J 73 29.35 2.96 13.21
C THR J 73 28.56 4.17 13.65
N ASP J 74 27.89 4.09 14.79
CA ASP J 74 26.95 5.15 15.13
C ASP J 74 27.17 5.78 16.50
N PHE J 75 27.38 7.08 16.53
CA PHE J 75 27.75 7.75 17.78
C PHE J 75 26.97 9.02 18.06
N THR J 76 26.80 9.35 19.32
CA THR J 76 25.89 10.41 19.72
C THR J 76 26.46 11.26 20.84
N LEU J 77 26.45 12.58 20.67
CA LEU J 77 26.81 13.55 21.71
C LEU J 77 25.59 14.27 22.27
N ASN J 78 25.53 14.39 23.59
CA ASN J 78 24.39 15.05 24.21
C ASN J 78 24.79 16.21 25.09
N ILE J 79 24.05 17.31 24.96
CA ILE J 79 24.24 18.48 25.79
C ILE J 79 22.93 18.83 26.48
N HIS J 80 22.89 18.62 27.79
CA HIS J 80 21.69 18.86 28.56
C HIS J 80 22.05 19.12 30.03
N PRO J 81 21.59 20.25 30.59
CA PRO J 81 20.86 21.34 29.93
C PRO J 81 21.78 22.29 29.14
N LEU J 82 21.39 22.60 27.91
CA LEU J 82 22.16 23.46 27.02
C LEU J 82 22.33 24.83 27.69
N GLU J 83 23.54 25.34 27.70
CA GLU J 83 23.81 26.67 28.25
C GLU J 83 24.25 27.67 27.17
N GLU J 84 24.30 28.95 27.52
CA GLU J 84 24.61 29.98 26.53
C GLU J 84 26.00 29.76 25.98
N GLU J 85 26.93 29.41 26.85
CA GLU J 85 28.30 29.27 26.41
C GLU J 85 28.52 28.02 25.55
N ASP J 86 27.52 27.15 25.45
CA ASP J 86 27.71 25.94 24.69
C ASP J 86 27.54 26.15 23.19
N THR J 87 27.18 27.37 22.79
CA THR J 87 27.07 27.70 21.37
C THR J 87 28.47 27.57 20.75
N ALA J 88 28.63 26.63 19.82
CA ALA J 88 29.97 26.29 19.32
C ALA J 88 29.89 25.32 18.14
N THR J 89 31.01 25.04 17.47
CA THR J 89 31.01 23.94 16.51
C THR J 89 31.61 22.70 17.18
N TYR J 90 30.96 21.54 17.00
CA TYR J 90 31.40 20.28 17.60
C TYR J 90 31.87 19.28 16.56
N TYR J 91 33.04 18.70 16.79
CA TYR J 91 33.66 17.82 15.82
C TYR J 91 33.83 16.44 16.41
N CYS J 92 33.60 15.39 15.63
CA CYS J 92 33.97 14.05 16.07
C CYS J 92 35.19 13.61 15.27
N GLN J 93 36.02 12.77 15.88
CA GLN J 93 37.05 12.10 15.11
C GLN J 93 37.32 10.70 15.67
N HIS J 94 37.68 9.81 14.77
CA HIS J 94 37.97 8.44 15.15
C HIS J 94 39.44 8.29 15.41
N SER J 95 39.78 7.30 16.23
CA SER J 95 41.17 6.93 16.43
C SER J 95 41.37 5.45 16.14
N TRP J 96 40.71 4.96 15.09
CA TRP J 96 40.74 3.56 14.73
C TRP J 96 41.95 3.19 13.93
N GLU J 97 42.37 4.14 13.10
CA GLU J 97 43.54 3.98 12.25
C GLU J 97 44.14 5.30 11.77
N ILE J 98 45.41 5.26 11.34
CA ILE J 98 45.95 6.40 10.61
C ILE J 98 45.48 6.21 9.17
N PRO J 99 44.99 7.28 8.54
CA PRO J 99 44.86 8.65 9.02
C PRO J 99 43.66 8.88 9.93
N TRP J 100 43.92 9.59 11.02
CA TRP J 100 42.84 10.12 11.84
C TRP J 100 42.11 11.05 10.90
N THR J 101 40.79 11.05 10.93
CA THR J 101 40.03 11.93 10.03
C THR J 101 38.99 12.60 10.92
N PHE J 102 38.43 13.71 10.46
CA PHE J 102 37.36 14.35 11.22
C PHE J 102 36.02 14.33 10.50
N GLY J 103 34.95 14.40 11.28
CA GLY J 103 33.63 14.71 10.74
C GLY J 103 33.52 16.17 10.36
N GLY J 104 32.47 16.50 9.62
CA GLY J 104 32.37 17.84 9.08
C GLY J 104 31.94 18.89 10.08
N GLY J 105 31.49 18.47 11.26
CA GLY J 105 31.17 19.44 12.30
C GLY J 105 29.70 19.80 12.44
N THR J 106 29.27 20.06 13.67
CA THR J 106 27.91 20.55 13.90
C THR J 106 27.88 21.88 14.65
N LYS J 107 27.31 22.92 14.04
CA LYS J 107 27.18 24.20 14.73
C LYS J 107 25.96 24.21 15.65
N VAL J 108 26.19 24.34 16.95
CA VAL J 108 25.11 24.47 17.92
C VAL J 108 24.90 25.95 18.20
N GLU J 109 23.67 26.31 17.89
CA GLU J 109 23.00 27.61 17.99
C GLU J 109 21.76 27.66 18.88
N ILE J 110 21.51 28.80 19.53
CA ILE J 110 20.33 28.97 20.38
C ILE J 110 19.15 29.27 19.44
N LYS J 111 18.06 28.53 19.64
CA LYS J 111 16.78 28.65 18.89
C LYS J 111 15.80 29.72 19.35
N ARG J 112 15.37 30.54 18.38
CA ARG J 112 14.47 31.66 18.62
C ARG J 112 13.37 31.63 17.53
N ALA J 113 12.32 32.43 17.72
CA ALA J 113 11.25 32.66 16.75
C ALA J 113 11.74 33.00 15.33
N ASP J 114 11.12 32.35 14.35
CA ASP J 114 11.37 32.67 12.93
C ASP J 114 11.15 34.17 12.71
N ALA J 115 12.23 34.90 12.40
CA ALA J 115 12.14 36.35 12.20
C ALA J 115 12.44 36.74 10.76
N ALA J 116 11.82 37.83 10.31
CA ALA J 116 11.94 38.29 8.93
C ALA J 116 13.14 39.22 8.77
N PRO J 117 13.81 39.15 7.61
CA PRO J 117 14.91 40.06 7.35
C PRO J 117 14.44 41.49 7.11
N THR J 118 15.16 42.46 7.67
CA THR J 118 14.97 43.86 7.33
C THR J 118 15.90 44.15 6.17
N VAL J 119 15.32 44.48 5.02
CA VAL J 119 16.03 44.54 3.75
C VAL J 119 16.20 45.99 3.27
N SER J 120 17.43 46.36 2.95
CA SER J 120 17.71 47.73 2.47
C SER J 120 18.60 47.67 1.24
N ILE J 121 18.26 48.45 0.21
CA ILE J 121 19.08 48.47 -1.00
C ILE J 121 19.80 49.80 -1.14
N PHE J 122 20.97 49.76 -1.78
CA PHE J 122 21.83 50.91 -1.90
C PHE J 122 22.51 50.97 -3.27
N PRO J 123 22.18 51.99 -4.07
CA PRO J 123 22.90 52.21 -5.34
C PRO J 123 24.39 52.52 -5.11
N PRO J 124 25.21 52.43 -6.16
CA PRO J 124 26.62 52.85 -6.04
C PRO J 124 26.78 54.29 -5.51
N SER J 125 27.75 54.51 -4.63
CA SER J 125 28.11 55.87 -4.23
C SER J 125 28.66 56.63 -5.44
N SER J 126 28.49 57.95 -5.45
CA SER J 126 28.95 58.75 -6.58
C SER J 126 30.48 58.73 -6.62
N GLU J 127 31.06 58.59 -5.44
CA GLU J 127 32.51 58.49 -5.31
C GLU J 127 33.04 57.25 -6.02
N GLN J 128 32.32 56.14 -5.91
CA GLN J 128 32.72 54.92 -6.60
C GLN J 128 32.53 55.05 -8.11
N LEU J 129 31.38 55.60 -8.50
CA LEU J 129 31.05 55.80 -9.91
C LEU J 129 32.11 56.64 -10.61
N THR J 130 32.66 57.62 -9.88
CA THR J 130 33.71 58.49 -10.43
C THR J 130 34.89 57.68 -10.99
N SER J 131 35.22 56.57 -10.35
CA SER J 131 36.40 55.79 -10.72
C SER J 131 36.10 54.61 -11.65
N GLY J 132 34.83 54.42 -12.01
CA GLY J 132 34.46 53.49 -13.06
C GLY J 132 33.89 52.16 -12.59
N GLY J 133 33.71 52.02 -11.28
CA GLY J 133 33.08 50.84 -10.71
C GLY J 133 31.68 51.13 -10.25
N ALA J 134 30.86 50.09 -10.09
CA ALA J 134 29.50 50.28 -9.58
C ALA J 134 29.02 49.11 -8.74
N SER J 135 28.88 49.32 -7.44
CA SER J 135 28.38 48.27 -6.54
C SER J 135 26.98 48.59 -6.01
N VAL J 136 26.05 47.67 -6.27
CA VAL J 136 24.72 47.73 -5.70
C VAL J 136 24.71 46.82 -4.48
N VAL J 137 24.46 47.41 -3.33
CA VAL J 137 24.52 46.64 -2.08
C VAL J 137 23.12 46.36 -1.53
N CYS J 138 22.97 45.20 -0.90
CA CYS J 138 21.71 44.78 -0.26
C CYS J 138 22.00 44.16 1.11
N PHE J 139 21.36 44.74 2.14
CA PHE J 139 21.48 44.24 3.51
C PHE J 139 20.20 43.52 3.93
N LEU J 140 20.36 42.26 4.36
CA LEU J 140 19.25 41.46 4.86
C LEU J 140 19.51 41.18 6.34
N ASN J 141 18.94 42.01 7.22
CA ASN J 141 19.39 42.05 8.61
C ASN J 141 18.41 41.41 9.61
N ASN J 142 18.98 40.78 10.62
CA ASN J 142 18.26 40.26 11.78
C ASN J 142 17.09 39.32 11.45
N PHE J 143 17.40 38.28 10.68
CA PHE J 143 16.42 37.26 10.34
C PHE J 143 16.81 35.94 10.97
N TYR J 144 15.91 34.99 10.94
CA TYR J 144 16.18 33.65 11.44
C TYR J 144 15.16 32.67 10.85
N PRO J 145 15.61 31.50 10.38
CA PRO J 145 16.96 30.93 10.48
C PRO J 145 17.97 31.47 9.44
N LYS J 146 19.23 31.06 9.58
CA LYS J 146 20.31 31.66 8.80
C LYS J 146 20.22 31.36 7.31
N ASP J 147 19.45 30.35 6.93
CA ASP J 147 19.30 30.04 5.51
C ASP J 147 18.30 30.99 4.89
N ILE J 148 18.72 31.63 3.79
CA ILE J 148 17.93 32.64 3.12
C ILE J 148 18.35 32.74 1.66
N ASN J 149 17.36 33.00 0.80
CA ASN J 149 17.58 33.16 -0.64
C ASN J 149 17.71 34.64 -0.98
N VAL J 150 18.73 34.98 -1.78
CA VAL J 150 18.84 36.33 -2.33
C VAL J 150 18.89 36.26 -3.86
N LYS J 151 17.94 36.94 -4.49
CA LYS J 151 17.81 37.05 -5.95
C LYS J 151 17.98 38.50 -6.42
N TRP J 152 18.85 38.73 -7.40
CA TRP J 152 18.96 40.06 -8.00
C TRP J 152 18.15 40.16 -9.27
N LYS J 153 17.40 41.23 -9.41
CA LYS J 153 16.62 41.45 -10.62
C LYS J 153 16.97 42.78 -11.29
N ILE J 154 17.40 42.67 -12.55
CA ILE J 154 17.74 43.78 -13.43
C ILE J 154 16.73 43.91 -14.57
N ASP J 155 15.86 44.92 -14.48
CA ASP J 155 14.78 45.14 -15.44
C ASP J 155 13.90 43.91 -15.50
N GLY J 156 13.60 43.37 -14.33
CA GLY J 156 12.80 42.16 -14.24
C GLY J 156 13.61 40.88 -14.32
N SER J 157 14.58 40.79 -15.22
CA SER J 157 15.27 39.51 -15.41
C SER J 157 16.17 39.22 -14.22
N GLU J 158 16.34 37.97 -13.81
CA GLU J 158 17.27 37.71 -12.71
C GLU J 158 18.73 37.66 -13.15
N ARG J 159 19.59 38.17 -12.27
CA ARG J 159 21.02 38.26 -12.49
C ARG J 159 21.70 37.56 -11.31
N GLN J 160 22.72 36.76 -11.62
CA GLN J 160 23.38 35.93 -10.62
C GLN J 160 24.90 36.15 -10.61
N ASN J 161 25.43 36.69 -11.70
CA ASN J 161 26.86 36.83 -11.88
C ASN J 161 27.39 38.13 -11.29
N GLY J 162 28.53 38.07 -10.60
CA GLY J 162 29.12 39.24 -9.96
C GLY J 162 28.68 39.47 -8.53
N VAL J 163 27.72 38.67 -8.08
CA VAL J 163 27.21 38.72 -6.71
C VAL J 163 28.15 37.98 -5.77
N LEU J 164 28.31 38.50 -4.56
CA LEU J 164 28.94 37.75 -3.48
C LEU J 164 28.31 38.11 -2.14
N ASN J 165 28.07 37.09 -1.34
CA ASN J 165 27.34 37.27 -0.10
C ASN J 165 28.26 37.02 1.09
N SER J 166 27.80 37.40 2.27
CA SER J 166 28.57 37.25 3.50
C SER J 166 27.62 37.23 4.68
N TRP J 167 27.71 36.19 5.50
CA TRP J 167 26.85 36.06 6.67
C TRP J 167 27.51 36.50 7.97
N THR J 168 26.72 37.20 8.79
CA THR J 168 27.06 37.48 10.18
C THR J 168 26.97 36.17 10.99
N ASP J 169 27.78 36.03 12.03
CA ASP J 169 27.64 34.91 12.97
C ASP J 169 26.48 35.19 13.90
N GLN J 170 25.82 34.13 14.39
CA GLN J 170 24.61 34.31 15.21
C GLN J 170 24.86 35.33 16.32
N ASP J 171 23.98 36.33 16.37
CA ASP J 171 24.10 37.42 17.34
C ASP J 171 24.01 36.88 18.77
N SER J 172 25.03 37.14 19.56
CA SER J 172 25.12 36.65 20.94
C SER J 172 24.11 37.36 21.86
N LYS J 173 23.33 38.29 21.31
CA LYS J 173 22.33 38.98 22.11
C LYS J 173 20.90 38.63 21.70
N ASP J 174 20.63 38.56 20.41
CA ASP J 174 19.26 38.36 19.94
C ASP J 174 19.05 37.16 18.99
N SER J 175 20.13 36.40 18.76
CA SER J 175 20.07 35.11 18.06
C SER J 175 19.57 35.18 16.60
N THR J 176 19.61 36.37 16.01
CA THR J 176 19.30 36.52 14.58
C THR J 176 20.59 36.43 13.77
N TYR J 177 20.44 36.36 12.45
CA TYR J 177 21.56 36.48 11.52
C TYR J 177 21.38 37.68 10.63
N SER J 178 22.49 38.17 10.08
CA SER J 178 22.41 39.20 9.06
C SER J 178 23.27 38.75 7.90
N MET J 179 23.04 39.34 6.73
CA MET J 179 23.90 39.03 5.59
C MET J 179 23.91 40.17 4.57
N SER J 180 24.88 40.11 3.67
CA SER J 180 25.22 41.23 2.80
C SER J 180 25.48 40.74 1.39
N SER J 181 24.57 41.07 0.47
CA SER J 181 24.80 40.83 -0.95
C SER J 181 25.42 42.06 -1.62
N THR J 182 26.43 41.84 -2.43
CA THR J 182 27.04 42.93 -3.20
C THR J 182 27.15 42.55 -4.68
N LEU J 183 26.36 43.20 -5.52
CA LEU J 183 26.43 43.04 -6.97
C LEU J 183 27.37 44.08 -7.60
N THR J 184 28.44 43.63 -8.26
CA THR J 184 29.37 44.59 -8.87
C THR J 184 29.36 44.53 -10.39
N LEU J 185 29.04 45.68 -10.98
CA LEU J 185 29.11 45.90 -12.42
C LEU J 185 30.09 47.04 -12.73
N THR J 186 30.39 47.24 -14.02
CA THR J 186 31.09 48.45 -14.44
C THR J 186 30.12 49.62 -14.46
N LYS J 187 30.63 50.84 -14.37
CA LYS J 187 29.82 52.06 -14.51
C LYS J 187 28.99 52.05 -15.79
N ASP J 188 29.65 51.76 -16.90
CA ASP J 188 29.01 51.62 -18.21
C ASP J 188 27.74 50.76 -18.18
N GLU J 189 27.91 49.49 -17.82
CA GLU J 189 26.80 48.53 -17.85
C GLU J 189 25.72 48.98 -16.87
N TYR J 190 26.14 49.57 -15.74
CA TYR J 190 25.19 50.03 -14.74
C TYR J 190 24.30 51.07 -15.38
N GLU J 191 24.93 51.92 -16.20
CA GLU J 191 24.21 52.99 -16.85
C GLU J 191 23.33 52.47 -17.99
N ARG J 192 23.65 51.29 -18.53
CA ARG J 192 22.82 50.73 -19.63
C ARG J 192 21.41 50.36 -19.19
N HIS J 193 21.26 49.92 -17.94
CA HIS J 193 19.97 49.45 -17.45
C HIS J 193 19.35 50.43 -16.45
N ASN J 194 18.08 50.21 -16.14
CA ASN J 194 17.34 51.19 -15.33
C ASN J 194 16.99 50.68 -13.93
N SER J 195 16.25 49.57 -13.84
CA SER J 195 15.74 49.12 -12.55
C SER J 195 16.61 48.05 -11.89
N TYR J 196 16.92 48.29 -10.62
CA TYR J 196 17.70 47.36 -9.81
C TYR J 196 16.93 46.91 -8.57
N THR J 197 16.86 45.61 -8.39
CA THR J 197 16.05 45.00 -7.36
C THR J 197 16.84 43.92 -6.62
N CYS J 198 16.73 43.88 -5.31
CA CYS J 198 17.17 42.71 -4.58
C CYS J 198 15.94 42.13 -3.88
N GLU J 199 15.81 40.80 -4.00
CA GLU J 199 14.71 40.03 -3.45
C GLU J 199 15.20 39.03 -2.41
N ALA J 200 14.63 39.10 -1.22
CA ALA J 200 14.98 38.25 -0.09
C ALA J 200 13.87 37.24 0.17
N THR J 201 14.04 36.00 -0.31
CA THR J 201 13.04 34.98 -0.03
C THR J 201 13.49 34.17 1.18
N HIS J 202 12.56 33.91 2.08
CA HIS J 202 12.93 33.35 3.38
C HIS J 202 11.76 32.59 3.97
N LYS J 203 12.07 31.53 4.74
CA LYS J 203 11.04 30.70 5.36
C LYS J 203 9.93 31.52 6.02
N THR J 204 10.29 32.69 6.53
CA THR J 204 9.38 33.51 7.34
C THR J 204 8.13 33.96 6.58
N SER J 205 8.27 34.14 5.27
CA SER J 205 7.13 34.52 4.43
C SER J 205 7.18 33.88 3.04
N THR J 206 6.00 33.63 2.47
CA THR J 206 5.90 33.09 1.12
C THR J 206 6.27 34.16 0.10
N SER J 207 5.97 35.41 0.44
CA SER J 207 6.27 36.55 -0.42
C SER J 207 7.68 37.07 -0.16
N PRO J 208 8.53 37.11 -1.21
CA PRO J 208 9.88 37.68 -1.09
C PRO J 208 9.83 39.14 -0.64
N ILE J 209 10.78 39.55 0.20
CA ILE J 209 10.88 40.96 0.55
C ILE J 209 11.78 41.62 -0.48
N VAL J 210 11.29 42.67 -1.13
CA VAL J 210 12.01 43.19 -2.29
C VAL J 210 12.17 44.68 -2.20
N LYS J 211 13.35 45.15 -2.61
CA LYS J 211 13.62 46.57 -2.65
C LYS J 211 14.18 46.93 -4.01
N SER J 212 13.79 48.09 -4.53
CA SER J 212 14.17 48.50 -5.86
C SER J 212 14.46 49.98 -5.96
N PHE J 213 15.23 50.34 -6.98
CA PHE J 213 15.41 51.73 -7.38
C PHE J 213 15.60 51.81 -8.90
N ASN J 214 15.40 53.00 -9.48
CA ASN J 214 15.76 53.20 -10.88
C ASN J 214 17.02 54.06 -10.98
N ARG J 215 17.96 53.66 -11.83
CA ARG J 215 19.22 54.40 -12.00
C ARG J 215 18.91 55.84 -12.40
N ASN J 216 19.67 56.78 -11.82
CA ASN J 216 19.57 58.21 -12.12
C ASN J 216 18.13 58.70 -11.99
N GLU J 217 17.34 57.97 -11.21
CA GLU J 217 15.95 58.32 -10.98
C GLU J 217 15.66 58.36 -9.48
N CYS J 218 14.59 59.04 -9.11
CA CYS J 218 14.26 59.33 -7.72
C CYS J 218 12.81 59.78 -7.65
N GLU K 1 -36.87 -43.58 30.59
CA GLU K 1 -37.52 -42.52 31.33
C GLU K 1 -37.29 -42.77 32.82
N VAL K 2 -36.32 -42.08 33.41
CA VAL K 2 -35.97 -42.38 34.78
C VAL K 2 -36.94 -41.71 35.74
N LYS K 3 -37.67 -42.52 36.50
CA LYS K 3 -38.65 -42.00 37.43
C LYS K 3 -38.35 -42.50 38.84
N LEU K 4 -38.57 -41.61 39.81
CA LEU K 4 -38.55 -41.98 41.24
C LEU K 4 -39.81 -41.46 41.94
N GLN K 5 -40.48 -42.33 42.68
CA GLN K 5 -41.72 -41.97 43.34
C GLN K 5 -41.74 -42.34 44.83
N GLU K 6 -41.68 -41.31 45.68
CA GLU K 6 -41.76 -41.47 47.14
C GLU K 6 -43.19 -41.71 47.60
N SER K 7 -43.35 -42.59 48.58
CA SER K 7 -44.59 -42.69 49.33
C SER K 7 -44.37 -42.89 50.83
N GLY K 8 -45.17 -42.18 51.61
CA GLY K 8 -45.15 -42.28 53.05
C GLY K 8 -46.53 -42.12 53.67
N PRO K 9 -46.60 -42.14 55.00
CA PRO K 9 -47.85 -42.07 55.76
C PRO K 9 -48.40 -40.64 55.94
N GLY K 10 -47.73 -39.64 55.38
CA GLY K 10 -48.14 -38.26 55.53
C GLY K 10 -47.84 -37.69 56.92
N LYS K 11 -48.43 -38.29 57.95
CA LYS K 11 -48.14 -37.91 59.33
C LYS K 11 -48.04 -39.14 60.21
N LEU K 12 -47.50 -38.93 61.41
CA LEU K 12 -47.07 -39.99 62.32
C LEU K 12 -46.92 -39.49 63.74
N GLN K 13 -47.41 -40.32 64.65
CA GLN K 13 -47.35 -40.04 66.06
C GLN K 13 -45.90 -40.13 66.52
N PRO K 14 -45.51 -39.30 67.49
CA PRO K 14 -44.15 -39.41 68.04
C PRO K 14 -43.87 -40.81 68.63
N SER K 15 -42.62 -41.27 68.58
CA SER K 15 -42.18 -42.54 69.15
C SER K 15 -42.42 -43.71 68.18
N GLN K 16 -43.22 -43.49 67.15
CA GLN K 16 -43.54 -44.56 66.20
C GLN K 16 -42.46 -44.74 65.14
N THR K 17 -42.63 -45.78 64.34
CA THR K 17 -41.66 -46.14 63.30
C THR K 17 -42.13 -45.69 61.91
N LEU K 18 -41.35 -44.83 61.28
CA LEU K 18 -41.65 -44.38 59.91
C LEU K 18 -41.22 -45.40 58.86
N SER K 19 -42.11 -45.73 57.94
CA SER K 19 -41.75 -46.59 56.81
C SER K 19 -41.96 -45.86 55.50
N LEU K 20 -40.86 -45.60 54.78
CA LEU K 20 -40.88 -44.96 53.48
C LEU K 20 -40.64 -45.93 52.35
N THR K 21 -41.31 -45.68 51.22
CA THR K 21 -41.15 -46.53 50.04
C THR K 21 -40.77 -45.69 48.84
N CYS K 22 -39.86 -46.19 48.03
CA CYS K 22 -39.53 -45.52 46.79
C CYS K 22 -39.71 -46.55 45.69
N SER K 23 -40.54 -46.21 44.73
CA SER K 23 -40.70 -47.05 43.55
C SER K 23 -40.00 -46.34 42.40
N PHE K 24 -39.32 -47.10 41.54
CA PHE K 24 -38.63 -46.45 40.43
C PHE K 24 -38.77 -47.15 39.08
N SER K 25 -38.45 -46.42 38.02
CA SER K 25 -38.49 -47.00 36.68
C SER K 25 -37.49 -46.33 35.77
N GLY K 26 -37.16 -46.98 34.66
CA GLY K 26 -36.18 -46.44 33.74
C GLY K 26 -34.78 -46.94 34.02
N PHE K 27 -34.66 -47.75 35.06
CA PHE K 27 -33.40 -48.39 35.38
C PHE K 27 -33.61 -49.55 36.34
N SER K 28 -32.62 -50.43 36.37
CA SER K 28 -32.61 -51.56 37.28
C SER K 28 -31.65 -51.33 38.42
N LEU K 29 -32.01 -51.82 39.60
CA LEU K 29 -31.10 -51.75 40.73
C LEU K 29 -30.16 -52.97 40.66
N THR K 30 -30.18 -53.67 39.53
CA THR K 30 -29.17 -54.71 39.33
C THR K 30 -27.88 -54.16 38.72
N THR K 31 -27.98 -53.04 38.02
CA THR K 31 -26.82 -52.46 37.35
C THR K 31 -25.72 -52.00 38.31
N SER K 32 -24.49 -52.33 37.97
CA SER K 32 -23.32 -51.98 38.75
C SER K 32 -23.12 -50.44 38.71
N GLY K 33 -22.85 -49.82 39.86
CA GLY K 33 -22.56 -48.39 39.91
C GLY K 33 -23.70 -47.46 40.28
N ILE K 34 -24.87 -48.06 40.41
CA ILE K 34 -26.11 -47.36 40.67
C ILE K 34 -26.47 -47.60 42.14
N GLY K 35 -26.94 -46.58 42.83
CA GLY K 35 -27.40 -46.83 44.19
C GLY K 35 -28.68 -46.05 44.36
N VAL K 36 -29.57 -46.46 45.27
CA VAL K 36 -30.81 -45.70 45.50
C VAL K 36 -30.98 -45.38 46.97
N GLY K 37 -31.41 -44.15 47.26
CA GLY K 37 -31.50 -43.76 48.66
C GLY K 37 -32.32 -42.53 48.96
N TRP K 38 -32.06 -41.96 50.13
CA TRP K 38 -32.96 -40.97 50.70
C TRP K 38 -32.19 -39.77 51.24
N ILE K 39 -32.70 -38.57 50.93
CA ILE K 39 -32.18 -37.33 51.48
C ILE K 39 -33.38 -36.53 51.91
N ARG K 40 -33.32 -35.90 53.08
CA ARG K 40 -34.48 -35.18 53.57
C ARG K 40 -34.18 -33.71 53.78
N GLN K 41 -35.20 -32.90 53.51
CA GLN K 41 -35.14 -31.47 53.68
C GLN K 41 -36.21 -31.03 54.67
N PRO K 42 -35.79 -30.69 55.90
CA PRO K 42 -36.77 -30.17 56.86
C PRO K 42 -37.30 -28.83 56.37
N SER K 43 -38.53 -28.49 56.75
CA SER K 43 -39.22 -27.30 56.23
C SER K 43 -38.36 -26.04 56.41
N GLY K 44 -38.03 -25.40 55.30
CA GLY K 44 -37.22 -24.19 55.29
C GLY K 44 -35.78 -24.36 55.73
N LYS K 45 -35.15 -25.44 55.25
CA LYS K 45 -33.77 -25.79 55.62
C LYS K 45 -33.05 -26.39 54.43
N GLY K 46 -31.81 -26.85 54.64
CA GLY K 46 -31.07 -27.45 53.55
C GLY K 46 -31.25 -28.95 53.52
N LEU K 47 -30.22 -29.69 53.09
CA LEU K 47 -30.43 -31.09 52.73
C LEU K 47 -29.62 -31.99 53.63
N GLU K 48 -30.23 -33.11 54.02
CA GLU K 48 -29.57 -34.10 54.86
C GLU K 48 -29.71 -35.48 54.25
N TRP K 49 -28.58 -36.08 53.90
CA TRP K 49 -28.54 -37.42 53.36
C TRP K 49 -28.85 -38.41 54.47
N LEU K 50 -29.62 -39.45 54.15
CA LEU K 50 -30.00 -40.42 55.17
C LEU K 50 -29.27 -41.73 54.92
N ALA K 51 -29.59 -42.40 53.82
CA ALA K 51 -28.96 -43.69 53.52
C ALA K 51 -29.12 -44.09 52.07
N HIS K 52 -28.25 -44.99 51.62
CA HIS K 52 -28.37 -45.52 50.27
C HIS K 52 -28.01 -46.99 50.19
N ILE K 53 -28.68 -47.69 49.27
CA ILE K 53 -28.37 -49.09 49.00
C ILE K 53 -28.15 -49.51 47.54
N TRP K 54 -27.10 -50.30 47.34
CA TRP K 54 -26.61 -50.75 46.03
C TRP K 54 -27.04 -52.19 45.80
N TRP K 55 -26.93 -52.63 44.56
CA TRP K 55 -27.14 -54.03 44.18
C TRP K 55 -26.38 -55.05 45.04
N SER K 56 -25.21 -54.66 45.54
CA SER K 56 -24.43 -55.50 46.45
C SER K 56 -25.17 -55.84 47.74
N ALA K 57 -26.24 -55.09 47.99
CA ALA K 57 -26.91 -55.02 49.29
C ALA K 57 -26.07 -54.35 50.37
N SER K 58 -24.88 -53.86 50.03
CA SER K 58 -24.15 -53.04 50.99
C SER K 58 -24.96 -51.75 51.15
N LYS K 59 -25.02 -51.23 52.37
CA LYS K 59 -25.80 -50.03 52.61
C LYS K 59 -25.11 -48.99 53.49
N TYR K 60 -25.02 -47.75 53.01
CA TYR K 60 -24.39 -46.68 53.77
C TYR K 60 -25.47 -45.90 54.51
N TYR K 61 -25.15 -45.58 55.76
CA TYR K 61 -26.05 -44.89 56.66
C TYR K 61 -25.39 -43.63 57.18
N ASN K 62 -26.21 -42.59 57.35
CA ASN K 62 -25.82 -41.34 58.01
C ASN K 62 -25.56 -41.54 59.47
N THR K 63 -24.32 -41.26 59.86
CA THR K 63 -23.94 -41.31 61.27
C THR K 63 -24.89 -40.44 62.10
N ALA K 64 -24.99 -40.77 63.38
CA ALA K 64 -25.91 -40.17 64.35
C ALA K 64 -27.33 -40.70 64.15
N LEU K 65 -27.75 -40.79 62.88
CA LEU K 65 -29.04 -41.38 62.53
C LEU K 65 -28.99 -42.90 62.33
N LYS K 66 -27.80 -43.42 61.98
CA LYS K 66 -27.55 -44.86 61.78
C LYS K 66 -28.40 -45.82 62.64
N SER K 67 -28.32 -45.63 63.94
CA SER K 67 -29.04 -46.46 64.88
C SER K 67 -30.54 -46.57 64.65
N ARG K 68 -31.17 -45.52 64.12
CA ARG K 68 -32.61 -45.46 63.96
C ARG K 68 -32.99 -45.86 62.52
N LEU K 69 -31.98 -46.07 61.70
CA LEU K 69 -32.23 -46.28 60.29
C LEU K 69 -32.05 -47.72 59.87
N THR K 70 -32.97 -48.18 59.03
CA THR K 70 -32.83 -49.45 58.35
C THR K 70 -33.28 -49.32 56.90
N ILE K 71 -32.38 -49.58 55.96
CA ILE K 71 -32.73 -49.49 54.55
C ILE K 71 -32.73 -50.88 53.92
N SER K 72 -33.67 -51.11 53.01
CA SER K 72 -33.76 -52.39 52.32
C SER K 72 -34.21 -52.21 50.88
N LYS K 73 -34.36 -53.32 50.17
CA LYS K 73 -34.70 -53.27 48.75
C LYS K 73 -35.40 -54.51 48.26
N ASP K 74 -36.32 -54.29 47.32
CA ASP K 74 -37.00 -55.34 46.56
C ASP K 74 -36.68 -55.09 45.08
N THR K 75 -35.55 -55.63 44.65
CA THR K 75 -35.00 -55.41 43.30
C THR K 75 -35.99 -55.88 42.25
N SER K 76 -36.60 -57.03 42.50
CA SER K 76 -37.44 -57.69 41.52
C SER K 76 -38.73 -56.89 41.32
N ASN K 77 -39.04 -56.00 42.26
CA ASN K 77 -40.19 -55.10 42.08
C ASN K 77 -39.78 -53.61 42.14
N ASN K 78 -38.51 -53.28 41.80
CA ASN K 78 -38.07 -51.88 41.65
C ASN K 78 -38.48 -51.03 42.82
N GLN K 79 -38.14 -51.48 44.02
CA GLN K 79 -38.48 -50.67 45.19
C GLN K 79 -37.35 -50.65 46.20
N VAL K 80 -37.22 -49.52 46.90
CA VAL K 80 -36.38 -49.51 48.09
C VAL K 80 -37.16 -48.91 49.26
N PHE K 81 -36.81 -49.31 50.49
CA PHE K 81 -37.58 -48.87 51.66
C PHE K 81 -36.66 -48.32 52.72
N LEU K 82 -37.13 -47.32 53.46
CA LEU K 82 -36.37 -46.84 54.61
C LEU K 82 -37.25 -46.84 55.86
N LYS K 83 -36.73 -47.37 56.95
CA LYS K 83 -37.44 -47.34 58.21
C LYS K 83 -36.68 -46.50 59.24
N ILE K 84 -37.40 -45.63 59.93
CA ILE K 84 -36.82 -44.79 60.97
C ILE K 84 -37.53 -45.06 62.29
N ALA K 85 -36.77 -45.53 63.27
CA ALA K 85 -37.32 -45.97 64.55
C ALA K 85 -37.50 -44.79 65.49
N SER K 86 -38.48 -44.88 66.38
CA SER K 86 -38.72 -43.89 67.45
C SER K 86 -38.66 -42.47 66.91
N VAL K 87 -39.51 -42.20 65.93
CA VAL K 87 -39.55 -40.94 65.22
C VAL K 87 -39.95 -39.80 66.16
N ASP K 88 -39.34 -38.63 65.95
CA ASP K 88 -39.67 -37.42 66.70
C ASP K 88 -39.96 -36.24 65.80
N THR K 89 -40.35 -35.12 66.42
CA THR K 89 -40.85 -33.97 65.69
C THR K 89 -39.75 -33.34 64.87
N ALA K 90 -38.51 -33.66 65.20
CA ALA K 90 -37.38 -33.19 64.41
C ALA K 90 -37.26 -33.99 63.11
N ASP K 91 -38.10 -34.99 62.95
CA ASP K 91 -38.09 -35.79 61.73
C ASP K 91 -39.13 -35.29 60.75
N THR K 92 -39.85 -34.24 61.13
CA THR K 92 -40.74 -33.57 60.22
C THR K 92 -39.93 -33.00 59.08
N ALA K 93 -40.19 -33.50 57.88
CA ALA K 93 -39.40 -33.10 56.71
C ALA K 93 -39.99 -33.62 55.41
N THR K 94 -39.49 -33.11 54.30
CA THR K 94 -39.75 -33.72 53.00
C THR K 94 -38.70 -34.77 52.70
N TYR K 95 -39.16 -35.98 52.37
CA TYR K 95 -38.24 -37.06 52.10
C TYR K 95 -38.14 -37.32 50.59
N TYR K 96 -36.93 -37.09 50.07
CA TYR K 96 -36.61 -37.30 48.67
C TYR K 96 -35.93 -38.64 48.45
N CYS K 97 -36.42 -39.38 47.45
CA CYS K 97 -35.71 -40.53 46.94
C CYS K 97 -34.82 -40.12 45.80
N ALA K 98 -33.53 -40.39 45.89
CA ALA K 98 -32.69 -40.00 44.79
C ALA K 98 -31.78 -41.14 44.37
N ARG K 99 -31.60 -41.23 43.05
CA ARG K 99 -30.66 -42.13 42.43
C ARG K 99 -29.24 -41.60 42.50
N ALA K 100 -28.31 -42.45 42.92
CA ALA K 100 -26.89 -42.10 42.93
C ALA K 100 -26.21 -42.80 41.75
N TYR K 101 -25.31 -42.02 41.15
CA TYR K 101 -24.48 -42.41 40.00
C TYR K 101 -22.99 -42.48 40.31
N TYR K 102 -22.40 -43.59 39.90
CA TYR K 102 -20.98 -43.77 40.03
C TYR K 102 -20.24 -43.10 38.89
N GLY K 103 -19.60 -42.00 39.24
CA GLY K 103 -18.98 -41.05 38.36
C GLY K 103 -17.91 -41.69 37.50
N ASN K 104 -17.74 -41.19 36.28
CA ASN K 104 -16.70 -41.66 35.36
C ASN K 104 -15.30 -41.60 36.01
N TYR K 105 -15.13 -40.71 36.98
CA TYR K 105 -13.85 -40.53 37.62
C TYR K 105 -13.92 -41.00 39.09
N GLY K 106 -14.85 -41.90 39.36
CA GLY K 106 -15.19 -42.33 40.72
C GLY K 106 -16.09 -41.38 41.46
N GLY K 107 -16.43 -41.72 42.70
CA GLY K 107 -17.32 -40.86 43.44
C GLY K 107 -18.72 -40.98 42.88
N TYR K 108 -19.62 -40.20 43.44
CA TYR K 108 -21.07 -40.26 43.22
C TYR K 108 -21.69 -38.89 43.30
N TYR K 109 -22.76 -38.77 42.54
CA TYR K 109 -23.62 -37.61 42.49
C TYR K 109 -25.04 -38.07 42.22
N PHE K 110 -25.99 -37.23 42.64
CA PHE K 110 -27.39 -37.60 42.61
C PHE K 110 -28.06 -37.20 41.31
N ASP K 111 -28.44 -38.23 40.58
CA ASP K 111 -28.73 -38.20 39.17
C ASP K 111 -30.13 -37.75 38.94
N TYR K 112 -31.04 -38.47 39.59
CA TYR K 112 -32.44 -38.19 39.44
C TYR K 112 -33.10 -38.14 40.81
N TRP K 113 -34.01 -37.21 40.97
CA TRP K 113 -34.70 -37.01 42.23
C TRP K 113 -36.18 -37.21 42.00
N GLY K 114 -36.81 -37.88 42.94
CA GLY K 114 -38.26 -37.99 42.96
C GLY K 114 -38.83 -36.64 43.34
N GLN K 115 -40.15 -36.51 43.30
CA GLN K 115 -40.76 -35.22 43.56
C GLN K 115 -40.81 -34.97 45.08
N GLY K 116 -40.59 -36.03 45.86
CA GLY K 116 -40.50 -35.93 47.30
C GLY K 116 -41.80 -36.33 47.97
N THR K 117 -41.75 -36.64 49.27
CA THR K 117 -42.95 -36.89 50.05
C THR K 117 -42.88 -36.18 51.42
N THR K 118 -43.94 -35.48 51.79
CA THR K 118 -43.92 -34.71 53.03
C THR K 118 -44.36 -35.53 54.23
N LEU K 119 -43.59 -35.43 55.31
CA LEU K 119 -43.88 -36.13 56.57
C LEU K 119 -43.95 -35.14 57.71
N THR K 120 -45.00 -35.25 58.52
CA THR K 120 -45.13 -34.44 59.72
C THR K 120 -45.26 -35.31 60.95
N VAL K 121 -44.41 -35.04 61.93
CA VAL K 121 -44.49 -35.74 63.20
C VAL K 121 -45.18 -34.87 64.22
N SER K 122 -46.39 -35.25 64.59
CA SER K 122 -47.21 -34.40 65.44
C SER K 122 -48.25 -35.17 66.27
N SER K 123 -48.43 -34.67 67.49
CA SER K 123 -49.49 -35.14 68.38
C SER K 123 -50.89 -34.73 67.85
N ALA K 124 -50.93 -33.62 67.12
CA ALA K 124 -52.20 -32.97 66.75
C ALA K 124 -53.10 -33.92 65.95
N LYS K 125 -54.37 -33.51 65.79
CA LYS K 125 -55.36 -34.33 65.12
C LYS K 125 -55.39 -34.01 63.63
N THR K 126 -55.60 -35.04 62.83
CA THR K 126 -55.81 -34.90 61.39
C THR K 126 -57.12 -34.16 61.15
N THR K 127 -57.13 -33.21 60.21
CA THR K 127 -58.36 -32.47 59.90
C THR K 127 -58.45 -32.16 58.42
N ALA K 128 -59.59 -32.42 57.81
CA ALA K 128 -59.81 -32.06 56.42
C ALA K 128 -59.91 -30.54 56.28
N PRO K 129 -59.63 -30.03 55.08
CA PRO K 129 -59.73 -28.60 54.86
C PRO K 129 -61.12 -28.12 54.50
N SER K 130 -61.44 -26.90 54.93
CA SER K 130 -62.59 -26.20 54.38
C SER K 130 -62.14 -25.37 53.19
N VAL K 131 -62.88 -25.48 52.09
CA VAL K 131 -62.55 -24.74 50.89
C VAL K 131 -63.62 -23.69 50.64
N TYR K 132 -63.19 -22.44 50.53
CA TYR K 132 -64.07 -21.29 50.39
C TYR K 132 -63.79 -20.56 49.07
N PRO K 133 -64.84 -20.32 48.27
CA PRO K 133 -64.64 -19.52 47.05
C PRO K 133 -64.60 -18.03 47.37
N LEU K 134 -63.67 -17.30 46.78
CA LEU K 134 -63.55 -15.88 47.08
C LEU K 134 -63.73 -15.02 45.83
N ALA K 135 -64.98 -14.62 45.62
CA ALA K 135 -65.33 -13.71 44.54
C ALA K 135 -65.20 -12.25 45.01
N PRO K 136 -65.11 -11.30 44.06
CA PRO K 136 -64.89 -9.90 44.45
C PRO K 136 -66.02 -9.30 45.28
N VAL K 137 -65.76 -8.12 45.85
CA VAL K 137 -66.70 -7.34 46.67
C VAL K 137 -67.93 -6.95 45.87
N CYS K 138 -69.11 -7.10 46.47
CA CYS K 138 -70.33 -6.76 45.75
C CYS K 138 -70.35 -5.28 45.41
N GLY K 139 -70.71 -5.00 44.15
CA GLY K 139 -70.81 -3.64 43.66
C GLY K 139 -69.50 -2.97 43.25
N ASP K 140 -68.40 -3.70 43.36
CA ASP K 140 -67.10 -3.19 42.91
C ASP K 140 -67.12 -2.72 41.46
N THR K 141 -66.58 -1.52 41.23
CA THR K 141 -66.51 -0.96 39.88
C THR K 141 -65.41 -1.66 39.07
N THR K 142 -65.77 -2.78 38.43
CA THR K 142 -64.80 -3.66 37.77
C THR K 142 -63.86 -2.93 36.79
N GLY K 143 -62.60 -3.35 36.79
CA GLY K 143 -61.59 -2.77 35.95
C GLY K 143 -61.28 -3.60 34.71
N SER K 144 -60.10 -3.40 34.14
CA SER K 144 -59.70 -4.13 32.94
C SER K 144 -59.50 -5.62 33.25
N SER K 145 -59.16 -5.93 34.49
CA SER K 145 -58.98 -7.32 34.88
C SER K 145 -59.55 -7.57 36.27
N VAL K 146 -59.86 -8.82 36.58
CA VAL K 146 -60.40 -9.17 37.89
C VAL K 146 -59.58 -10.26 38.57
N THR K 147 -59.51 -10.15 39.90
CA THR K 147 -58.81 -11.10 40.74
C THR K 147 -59.79 -11.96 41.54
N LEU K 148 -59.66 -13.27 41.40
CA LEU K 148 -60.43 -14.23 42.18
C LEU K 148 -59.51 -14.84 43.22
N GLY K 149 -60.11 -15.55 44.17
CA GLY K 149 -59.35 -16.11 45.27
C GLY K 149 -59.96 -17.42 45.74
N CYS K 150 -59.17 -18.20 46.47
CA CYS K 150 -59.66 -19.45 47.03
C CYS K 150 -58.99 -19.68 48.37
N LEU K 151 -59.81 -19.81 49.42
CA LEU K 151 -59.29 -19.93 50.77
C LEU K 151 -59.45 -21.35 51.28
N VAL K 152 -58.41 -21.87 51.91
CA VAL K 152 -58.35 -23.26 52.34
C VAL K 152 -57.94 -23.23 53.79
N LYS K 153 -58.88 -23.35 54.71
CA LYS K 153 -58.51 -23.23 56.11
C LYS K 153 -58.79 -24.49 56.92
N GLY K 154 -58.29 -24.55 58.14
CA GLY K 154 -58.68 -25.60 59.07
C GLY K 154 -58.22 -27.01 58.77
N TYR K 155 -57.08 -27.17 58.11
CA TYR K 155 -56.59 -28.50 57.81
C TYR K 155 -55.25 -28.83 58.45
N PHE K 156 -54.96 -30.12 58.52
CA PHE K 156 -53.73 -30.63 59.13
C PHE K 156 -53.57 -32.11 58.78
N PRO K 157 -52.33 -32.55 58.50
CA PRO K 157 -51.11 -31.74 58.33
C PRO K 157 -50.85 -31.34 56.89
N GLU K 158 -49.75 -30.63 56.69
CA GLU K 158 -49.20 -30.39 55.36
C GLU K 158 -48.99 -31.75 54.68
N PRO K 159 -49.18 -31.85 53.34
CA PRO K 159 -49.39 -30.87 52.28
C PRO K 159 -50.84 -30.76 51.83
N VAL K 160 -51.11 -29.72 51.05
CA VAL K 160 -52.37 -29.54 50.34
C VAL K 160 -52.03 -29.17 48.92
N THR K 161 -52.81 -29.63 47.96
CA THR K 161 -52.55 -29.19 46.61
C THR K 161 -53.75 -28.44 46.04
N LEU K 162 -53.47 -27.39 45.27
CA LEU K 162 -54.53 -26.53 44.77
C LEU K 162 -54.23 -26.22 43.31
N THR K 163 -55.26 -26.27 42.48
CA THR K 163 -55.16 -25.90 41.08
C THR K 163 -56.35 -25.06 40.67
N TRP K 164 -56.24 -24.44 39.50
CA TRP K 164 -57.36 -23.68 38.96
C TRP K 164 -57.86 -24.29 37.65
N ASN K 165 -59.12 -24.74 37.66
CA ASN K 165 -59.71 -25.43 36.53
C ASN K 165 -58.87 -26.68 36.20
N SER K 166 -58.23 -27.22 37.23
CA SER K 166 -57.42 -28.43 37.15
C SER K 166 -56.25 -28.27 36.18
N GLY K 167 -55.41 -27.27 36.42
CA GLY K 167 -54.22 -27.03 35.62
C GLY K 167 -54.42 -26.19 34.37
N SER K 168 -55.61 -26.29 33.77
CA SER K 168 -55.91 -25.61 32.52
C SER K 168 -55.76 -24.10 32.65
N LEU K 169 -55.94 -23.58 33.87
CA LEU K 169 -55.71 -22.16 34.12
C LEU K 169 -54.43 -21.96 34.94
N SER K 170 -53.35 -21.62 34.25
CA SER K 170 -52.01 -21.65 34.84
C SER K 170 -51.43 -20.25 35.01
N SER K 171 -51.74 -19.36 34.07
CA SER K 171 -51.17 -18.01 34.06
C SER K 171 -51.83 -17.13 35.11
N GLY K 172 -51.04 -16.21 35.67
CA GLY K 172 -51.59 -15.23 36.59
C GLY K 172 -52.03 -15.85 37.91
N VAL K 173 -51.40 -16.96 38.27
CA VAL K 173 -51.74 -17.63 39.50
C VAL K 173 -50.68 -17.33 40.56
N HIS K 174 -51.14 -17.01 41.76
CA HIS K 174 -50.28 -16.91 42.93
C HIS K 174 -50.85 -17.80 44.03
N THR K 175 -50.24 -18.97 44.25
CA THR K 175 -50.67 -19.80 45.37
C THR K 175 -49.76 -19.59 46.55
N PHE K 176 -50.36 -19.24 47.69
CA PHE K 176 -49.56 -18.80 48.83
C PHE K 176 -49.22 -19.95 49.78
N PRO K 177 -48.00 -19.93 50.33
CA PRO K 177 -47.54 -20.95 51.29
C PRO K 177 -48.37 -20.99 52.57
N ALA K 178 -48.62 -22.20 53.07
CA ALA K 178 -49.44 -22.37 54.25
C ALA K 178 -48.79 -21.74 55.48
N VAL K 179 -49.62 -21.40 56.46
CA VAL K 179 -49.18 -20.85 57.72
C VAL K 179 -49.91 -21.57 58.84
N LEU K 180 -49.19 -21.95 59.89
CA LEU K 180 -49.79 -22.67 61.00
C LEU K 180 -50.27 -21.75 62.13
N GLN K 181 -51.50 -21.96 62.59
CA GLN K 181 -52.03 -21.23 63.73
C GLN K 181 -52.87 -22.15 64.63
N SER K 182 -52.33 -22.45 65.80
CA SER K 182 -52.99 -23.34 66.74
C SER K 182 -53.28 -24.70 66.09
N ASP K 183 -52.24 -25.34 65.56
CA ASP K 183 -52.32 -26.71 65.04
C ASP K 183 -53.26 -26.83 63.83
N LEU K 184 -53.55 -25.71 63.18
CA LEU K 184 -54.34 -25.71 61.95
C LEU K 184 -53.66 -24.83 60.90
N TYR K 185 -53.70 -25.27 59.65
CA TYR K 185 -53.14 -24.51 58.53
C TYR K 185 -54.17 -23.66 57.79
N THR K 186 -53.68 -22.54 57.26
CA THR K 186 -54.45 -21.68 56.39
C THR K 186 -53.64 -21.43 55.12
N LEU K 187 -54.24 -21.70 53.96
CA LEU K 187 -53.59 -21.49 52.68
C LEU K 187 -54.53 -20.77 51.76
N SER K 188 -54.01 -20.00 50.80
CA SER K 188 -54.86 -19.31 49.84
C SER K 188 -54.26 -19.23 48.44
N SER K 189 -55.12 -18.90 47.48
CA SER K 189 -54.66 -18.69 46.12
C SER K 189 -55.35 -17.52 45.46
N SER K 190 -54.57 -16.76 44.70
CA SER K 190 -55.06 -15.65 43.91
C SER K 190 -54.94 -16.01 42.43
N VAL K 191 -55.90 -15.58 41.63
CA VAL K 191 -55.80 -15.78 40.19
C VAL K 191 -56.37 -14.55 39.48
N THR K 192 -55.69 -14.06 38.45
CA THR K 192 -56.21 -12.90 37.75
C THR K 192 -56.47 -13.20 36.28
N VAL K 193 -57.66 -12.82 35.83
CA VAL K 193 -58.01 -12.94 34.42
C VAL K 193 -58.53 -11.59 33.96
N THR K 194 -58.89 -11.48 32.69
CA THR K 194 -59.45 -10.23 32.18
C THR K 194 -60.96 -10.20 32.42
N SER K 195 -61.48 -9.01 32.70
CA SER K 195 -62.89 -8.83 33.03
C SER K 195 -63.83 -9.51 32.03
N SER K 196 -63.39 -9.57 30.77
CA SER K 196 -64.16 -10.20 29.72
C SER K 196 -64.28 -11.71 29.94
N THR K 197 -63.29 -12.26 30.65
CA THR K 197 -63.21 -13.71 30.87
C THR K 197 -64.17 -14.18 31.97
N TRP K 198 -64.32 -13.37 33.02
CA TRP K 198 -65.14 -13.75 34.16
C TRP K 198 -66.09 -12.63 34.59
N PRO K 199 -67.38 -12.95 34.84
CA PRO K 199 -67.95 -14.29 35.12
C PRO K 199 -68.41 -15.01 33.83
N SER K 200 -67.99 -14.50 32.67
CA SER K 200 -68.33 -15.13 31.39
C SER K 200 -67.94 -16.60 31.41
N GLN K 201 -66.67 -16.87 31.66
CA GLN K 201 -66.18 -18.24 31.64
C GLN K 201 -66.03 -18.76 33.08
N SER K 202 -66.37 -20.02 33.30
CA SER K 202 -66.39 -20.65 34.62
C SER K 202 -64.99 -20.89 35.15
N ILE K 203 -64.71 -20.41 36.36
CA ILE K 203 -63.44 -20.67 37.01
C ILE K 203 -63.71 -21.56 38.22
N THR K 204 -62.87 -22.57 38.45
CA THR K 204 -63.10 -23.50 39.56
C THR K 204 -61.80 -23.83 40.32
N CYS K 205 -61.81 -23.54 41.62
CA CYS K 205 -60.76 -23.96 42.55
C CYS K 205 -60.82 -25.46 42.85
N ASN K 206 -59.72 -26.18 42.61
CA ASN K 206 -59.64 -27.59 42.98
C ASN K 206 -58.60 -27.84 44.05
N VAL K 207 -59.02 -28.41 45.17
CA VAL K 207 -58.16 -28.59 46.32
C VAL K 207 -58.17 -30.05 46.73
N ALA K 208 -57.01 -30.60 47.03
CA ALA K 208 -56.93 -32.00 47.44
C ALA K 208 -56.05 -32.15 48.66
N HIS K 209 -56.51 -32.96 49.60
CA HIS K 209 -55.78 -33.22 50.84
C HIS K 209 -55.65 -34.73 51.06
N PRO K 210 -54.40 -35.23 50.99
CA PRO K 210 -54.13 -36.67 51.17
C PRO K 210 -54.51 -37.18 52.55
N ALA K 211 -53.96 -36.55 53.58
CA ALA K 211 -54.12 -37.00 54.95
C ALA K 211 -55.56 -37.19 55.41
N SER K 212 -56.50 -36.51 54.74
CA SER K 212 -57.92 -36.65 55.00
C SER K 212 -58.62 -37.28 53.81
N SER K 213 -57.87 -37.37 52.72
CA SER K 213 -58.33 -37.96 51.46
C SER K 213 -59.61 -37.27 51.02
N THR K 214 -59.47 -36.01 50.62
CA THR K 214 -60.61 -35.29 50.08
C THR K 214 -60.17 -34.61 48.80
N LYS K 215 -61.06 -34.66 47.82
CA LYS K 215 -60.90 -33.89 46.60
C LYS K 215 -62.12 -32.99 46.46
N VAL K 216 -61.92 -31.67 46.40
CA VAL K 216 -63.04 -30.72 46.43
C VAL K 216 -62.90 -29.72 45.28
N ASP K 217 -63.99 -29.50 44.55
CA ASP K 217 -64.01 -28.42 43.57
C ASP K 217 -64.96 -27.38 44.11
N LYS K 218 -64.62 -26.11 43.87
CA LYS K 218 -65.48 -25.00 44.22
C LYS K 218 -65.48 -24.00 43.07
N LYS K 219 -66.59 -23.93 42.34
CA LYS K 219 -66.76 -22.94 41.32
C LYS K 219 -66.74 -21.59 42.03
N ILE K 220 -66.29 -20.56 41.33
CA ILE K 220 -66.30 -19.21 41.86
C ILE K 220 -67.38 -18.42 41.17
N GLU K 221 -68.44 -18.12 41.93
CA GLU K 221 -69.59 -17.41 41.39
C GLU K 221 -69.74 -16.04 42.06
N PRO K 222 -70.38 -15.08 41.36
CA PRO K 222 -70.55 -13.75 41.95
C PRO K 222 -71.39 -13.78 43.21
N ARG K 223 -71.14 -12.84 44.09
CA ARG K 223 -71.89 -12.78 45.34
C ARG K 223 -73.33 -12.31 45.16
N ASP L 1 -16.17 -36.46 59.60
CA ASP L 1 -16.77 -36.37 58.27
C ASP L 1 -16.82 -34.91 57.79
N ILE L 2 -16.95 -34.73 56.48
CA ILE L 2 -16.71 -33.43 55.88
C ILE L 2 -17.90 -32.48 56.12
N VAL L 3 -17.56 -31.25 56.48
CA VAL L 3 -18.53 -30.19 56.69
C VAL L 3 -18.33 -29.19 55.58
N MET L 4 -19.42 -28.66 55.05
CA MET L 4 -19.29 -27.65 54.01
C MET L 4 -20.04 -26.36 54.31
N THR L 5 -19.31 -25.26 54.16
CA THR L 5 -19.82 -23.95 54.50
C THR L 5 -19.97 -23.10 53.24
N GLN L 6 -21.21 -22.85 52.88
CA GLN L 6 -21.51 -22.00 51.73
C GLN L 6 -21.61 -20.56 52.19
N SER L 7 -21.35 -19.65 51.25
CA SER L 7 -21.52 -18.22 51.48
C SER L 7 -21.67 -17.47 50.15
N PRO L 8 -22.44 -16.37 50.14
CA PRO L 8 -23.23 -15.87 51.28
C PRO L 8 -24.44 -16.76 51.59
N ALA L 9 -25.13 -16.49 52.70
CA ALA L 9 -26.37 -17.22 52.98
C ALA L 9 -27.42 -16.84 51.94
N SER L 10 -27.31 -15.59 51.47
CA SER L 10 -28.26 -15.00 50.55
C SER L 10 -27.57 -14.02 49.62
N LEU L 11 -27.99 -14.04 48.36
CA LEU L 11 -27.35 -13.18 47.39
C LEU L 11 -28.44 -12.57 46.52
N ALA L 12 -28.41 -11.24 46.42
CA ALA L 12 -29.34 -10.52 45.56
C ALA L 12 -28.57 -9.81 44.46
N VAL L 13 -28.94 -10.07 43.22
CA VAL L 13 -28.14 -9.66 42.08
C VAL L 13 -29.06 -9.15 40.97
N SER L 14 -28.67 -8.03 40.37
CA SER L 14 -29.45 -7.39 39.33
C SER L 14 -29.50 -8.31 38.11
N LEU L 15 -30.56 -8.18 37.31
CA LEU L 15 -30.70 -8.97 36.10
C LEU L 15 -29.51 -8.78 35.17
N GLY L 16 -29.11 -9.86 34.51
CA GLY L 16 -27.98 -9.81 33.59
C GLY L 16 -26.61 -9.63 34.22
N GLN L 17 -26.57 -9.51 35.54
CA GLN L 17 -25.31 -9.38 36.28
C GLN L 17 -24.73 -10.77 36.60
N ARG L 18 -23.70 -10.80 37.46
CA ARG L 18 -23.05 -12.06 37.82
C ARG L 18 -23.35 -12.42 39.26
N ALA L 19 -23.91 -13.60 39.47
CA ALA L 19 -24.03 -14.15 40.81
C ALA L 19 -22.88 -15.12 41.07
N THR L 20 -22.19 -14.94 42.19
CA THR L 20 -21.07 -15.81 42.52
C THR L 20 -21.25 -16.37 43.93
N ILE L 21 -21.15 -17.70 44.02
CA ILE L 21 -21.41 -18.41 45.25
C ILE L 21 -20.18 -19.22 45.62
N SER L 22 -19.83 -19.28 46.90
CA SER L 22 -18.65 -20.05 47.28
C SER L 22 -18.98 -21.15 48.30
N CYS L 23 -18.15 -22.19 48.29
CA CYS L 23 -18.34 -23.36 49.13
C CYS L 23 -16.98 -23.86 49.60
N ARG L 24 -16.71 -23.64 50.88
CA ARG L 24 -15.49 -24.14 51.53
C ARG L 24 -15.69 -25.53 52.14
N ALA L 25 -14.71 -26.41 51.96
CA ALA L 25 -14.69 -27.75 52.57
C ALA L 25 -13.78 -27.77 53.81
N SER L 26 -14.15 -28.56 54.81
CA SER L 26 -13.37 -28.70 56.05
C SER L 26 -12.05 -29.45 55.87
N GLN L 27 -11.91 -30.13 54.74
CA GLN L 27 -10.67 -30.76 54.34
C GLN L 27 -10.63 -30.75 52.83
N SER L 28 -9.47 -31.03 52.26
CA SER L 28 -9.37 -31.03 50.81
C SER L 28 -10.24 -32.14 50.23
N VAL L 29 -10.72 -31.93 49.01
CA VAL L 29 -11.75 -32.78 48.45
C VAL L 29 -11.37 -33.02 46.98
N SER L 30 -10.07 -32.96 46.69
CA SER L 30 -9.58 -33.13 45.31
C SER L 30 -8.26 -33.92 45.23
N THR L 31 -8.10 -34.70 44.16
CA THR L 31 -6.80 -35.32 43.88
C THR L 31 -5.91 -34.39 43.10
N SER L 32 -4.79 -34.92 42.60
CA SER L 32 -3.90 -34.15 41.73
C SER L 32 -4.57 -33.76 40.42
N SER L 33 -5.61 -34.51 40.04
CA SER L 33 -6.18 -34.34 38.71
C SER L 33 -7.69 -34.02 38.73
N TYR L 34 -8.40 -34.43 39.77
CA TYR L 34 -9.84 -34.14 39.89
C TYR L 34 -10.28 -33.56 41.23
N SER L 35 -11.35 -32.77 41.17
CA SER L 35 -12.01 -32.26 42.36
C SER L 35 -13.42 -32.82 42.44
N TYR L 36 -13.79 -33.35 43.60
CA TYR L 36 -15.06 -34.05 43.74
C TYR L 36 -16.10 -33.19 44.45
N MET L 37 -16.51 -32.12 43.76
CA MET L 37 -17.50 -31.18 44.25
C MET L 37 -18.65 -31.06 43.27
N ASN L 38 -19.87 -31.12 43.78
CA ASN L 38 -21.06 -31.04 42.95
C ASN L 38 -21.88 -29.81 43.26
N TRP L 39 -22.60 -29.32 42.24
CA TRP L 39 -23.51 -28.21 42.43
C TRP L 39 -24.92 -28.59 41.98
N TYR L 40 -25.90 -28.20 42.79
CA TYR L 40 -27.31 -28.46 42.53
C TYR L 40 -28.11 -27.16 42.59
N GLN L 41 -29.19 -27.15 41.82
CA GLN L 41 -30.15 -26.07 41.82
C GLN L 41 -31.48 -26.59 42.33
N GLN L 42 -32.02 -25.92 43.34
CA GLN L 42 -33.36 -26.24 43.80
C GLN L 42 -34.25 -25.01 43.72
N LYS L 43 -35.14 -25.01 42.75
CA LYS L 43 -36.17 -24.00 42.67
C LYS L 43 -37.23 -24.38 43.70
N PRO L 44 -37.93 -23.39 44.25
CA PRO L 44 -38.93 -23.63 45.31
C PRO L 44 -40.01 -24.62 44.88
N GLY L 45 -40.37 -25.53 45.78
CA GLY L 45 -41.36 -26.55 45.49
C GLY L 45 -40.94 -27.63 44.51
N GLN L 46 -39.64 -27.79 44.33
CA GLN L 46 -39.12 -28.76 43.40
C GLN L 46 -38.02 -29.59 44.05
N PRO L 47 -37.71 -30.77 43.48
CA PRO L 47 -36.54 -31.49 43.97
C PRO L 47 -35.29 -30.84 43.44
N PRO L 48 -34.18 -31.07 44.11
CA PRO L 48 -32.90 -30.63 43.55
C PRO L 48 -32.62 -31.20 42.15
N LYS L 49 -31.90 -30.41 41.37
CA LYS L 49 -31.49 -30.80 40.03
C LYS L 49 -29.98 -30.61 39.89
N LEU L 50 -29.32 -31.58 39.29
CA LEU L 50 -27.88 -31.55 39.18
C LEU L 50 -27.43 -30.57 38.10
N LEU L 51 -26.58 -29.61 38.49
CA LEU L 51 -26.00 -28.65 37.53
C LEU L 51 -24.57 -29.03 37.19
N ILE L 52 -23.73 -29.20 38.22
CA ILE L 52 -22.29 -29.35 38.01
C ILE L 52 -21.75 -30.59 38.72
N LYS L 53 -20.97 -31.41 38.01
CA LYS L 53 -20.24 -32.48 38.68
C LYS L 53 -18.76 -32.25 38.47
N TYR L 54 -17.94 -32.79 39.36
CA TYR L 54 -16.49 -32.60 39.29
C TYR L 54 -16.07 -31.13 39.25
N ALA L 55 -16.66 -30.34 40.13
CA ALA L 55 -16.35 -28.93 40.33
C ALA L 55 -16.69 -28.00 39.16
N SER L 56 -16.40 -28.43 37.93
CA SER L 56 -16.50 -27.54 36.77
C SER L 56 -17.22 -28.14 35.56
N ASN L 57 -17.61 -29.40 35.63
CA ASN L 57 -18.21 -30.06 34.49
C ASN L 57 -19.72 -29.82 34.46
N LEU L 58 -20.18 -29.05 33.48
CA LEU L 58 -21.62 -28.78 33.35
C LEU L 58 -22.32 -30.07 32.96
N GLU L 59 -23.34 -30.44 33.74
CA GLU L 59 -24.14 -31.62 33.46
C GLU L 59 -24.93 -31.34 32.20
N SER L 60 -25.19 -32.38 31.40
CA SER L 60 -25.82 -32.21 30.10
C SER L 60 -27.19 -31.54 30.20
N GLY L 61 -27.38 -30.51 29.38
CA GLY L 61 -28.64 -29.80 29.34
C GLY L 61 -28.63 -28.55 30.19
N VAL L 62 -27.67 -28.46 31.10
CA VAL L 62 -27.59 -27.31 31.98
C VAL L 62 -27.08 -26.10 31.19
N PRO L 63 -27.74 -24.93 31.35
CA PRO L 63 -27.40 -23.72 30.60
C PRO L 63 -25.94 -23.25 30.80
N ALA L 64 -25.32 -22.68 29.76
CA ALA L 64 -23.92 -22.25 29.83
C ALA L 64 -23.67 -21.00 30.66
N ARG L 65 -24.73 -20.33 31.12
CA ARG L 65 -24.56 -19.17 32.00
C ARG L 65 -24.15 -19.65 33.39
N PHE L 66 -24.33 -20.95 33.63
CA PHE L 66 -23.81 -21.61 34.83
C PHE L 66 -22.39 -22.11 34.55
N SER L 67 -21.50 -21.90 35.51
CA SER L 67 -20.14 -22.42 35.41
C SER L 67 -19.54 -22.66 36.77
N GLY L 68 -18.71 -23.68 36.89
CA GLY L 68 -18.11 -23.98 38.18
C GLY L 68 -16.60 -23.99 38.11
N SER L 69 -15.97 -23.70 39.24
CA SER L 69 -14.52 -23.71 39.35
C SER L 69 -14.09 -23.91 40.80
N GLY L 70 -12.77 -23.92 41.02
CA GLY L 70 -12.23 -24.14 42.35
C GLY L 70 -11.41 -25.42 42.51
N SER L 71 -10.77 -25.56 43.66
CA SER L 71 -10.00 -26.76 43.98
C SER L 71 -9.57 -26.74 45.45
N GLY L 72 -9.16 -27.89 45.94
CA GLY L 72 -8.72 -28.01 47.31
C GLY L 72 -9.90 -27.94 48.25
N THR L 73 -10.02 -26.81 48.93
CA THR L 73 -11.07 -26.61 49.89
C THR L 73 -11.99 -25.49 49.45
N ASP L 74 -11.67 -24.87 48.31
CA ASP L 74 -12.39 -23.65 47.96
C ASP L 74 -13.02 -23.72 46.58
N PHE L 75 -14.34 -23.56 46.53
CA PHE L 75 -15.07 -23.75 45.30
C PHE L 75 -16.08 -22.66 44.99
N THR L 76 -16.33 -22.46 43.70
CA THR L 76 -17.09 -21.30 43.26
C THR L 76 -18.04 -21.64 42.11
N LEU L 77 -19.29 -21.24 42.30
CA LEU L 77 -20.31 -21.29 41.26
C LEU L 77 -20.62 -19.90 40.70
N ASN L 78 -20.72 -19.82 39.39
CA ASN L 78 -21.00 -18.57 38.72
C ASN L 78 -22.24 -18.64 37.83
N ILE L 79 -23.06 -17.60 37.91
CA ILE L 79 -24.22 -17.46 37.05
C ILE L 79 -24.13 -16.11 36.34
N HIS L 80 -23.87 -16.15 35.03
CA HIS L 80 -23.73 -14.94 34.22
C HIS L 80 -24.04 -15.25 32.74
N PRO L 81 -24.95 -14.48 32.13
CA PRO L 81 -25.79 -13.45 32.76
C PRO L 81 -26.98 -14.01 33.53
N LEU L 82 -27.18 -13.52 34.74
CA LEU L 82 -28.28 -13.98 35.59
C LEU L 82 -29.63 -13.72 34.89
N GLU L 83 -30.49 -14.73 34.88
CA GLU L 83 -31.84 -14.60 34.32
C GLU L 83 -32.92 -14.77 35.38
N GLU L 84 -34.15 -14.45 35.00
CA GLU L 84 -35.26 -14.46 35.95
C GLU L 84 -35.50 -15.86 36.52
N GLU L 85 -35.41 -16.89 35.68
CA GLU L 85 -35.71 -18.23 36.15
C GLU L 85 -34.66 -18.81 37.10
N ASP L 86 -33.53 -18.12 37.25
CA ASP L 86 -32.46 -18.63 38.10
C ASP L 86 -32.63 -18.35 39.60
N THR L 87 -33.70 -17.64 39.98
CA THR L 87 -33.94 -17.39 41.40
C THR L 87 -34.20 -18.73 42.07
N ALA L 88 -33.31 -19.08 42.99
CA ALA L 88 -33.34 -20.44 43.57
C ALA L 88 -32.38 -20.61 44.73
N THR L 89 -32.45 -21.75 45.42
CA THR L 89 -31.39 -22.07 46.37
C THR L 89 -30.40 -23.02 45.70
N TYR L 90 -29.11 -22.73 45.87
CA TYR L 90 -28.05 -23.52 45.27
C TYR L 90 -27.24 -24.26 46.32
N TYR L 91 -27.04 -25.55 46.08
CA TYR L 91 -26.40 -26.40 47.06
C TYR L 91 -25.11 -26.99 46.50
N CYS L 92 -24.08 -27.09 47.32
CA CYS L 92 -22.90 -27.86 46.93
C CYS L 92 -22.90 -29.16 47.75
N GLN L 93 -22.34 -30.22 47.20
CA GLN L 93 -22.03 -31.43 47.99
C GLN L 93 -20.78 -32.13 47.50
N HIS L 94 -20.05 -32.77 48.42
CA HIS L 94 -18.84 -33.49 48.07
C HIS L 94 -19.07 -34.94 47.78
N SER L 95 -18.19 -35.52 46.99
CA SER L 95 -18.22 -36.95 46.80
C SER L 95 -16.87 -37.56 47.12
N TRP L 96 -16.24 -37.05 48.17
CA TRP L 96 -14.92 -37.49 48.54
C TRP L 96 -14.96 -38.76 49.36
N GLU L 97 -15.97 -38.86 50.21
CA GLU L 97 -16.14 -40.01 51.07
C GLU L 97 -17.57 -40.17 51.55
N ILE L 98 -17.93 -41.37 51.98
CA ILE L 98 -19.19 -41.57 52.70
C ILE L 98 -18.98 -41.22 54.18
N PRO L 99 -19.90 -40.45 54.78
CA PRO L 99 -21.16 -39.93 54.27
C PRO L 99 -21.04 -38.68 53.38
N TRP L 100 -21.77 -38.70 52.27
CA TRP L 100 -21.98 -37.51 51.46
C TRP L 100 -22.73 -36.51 52.33
N THR L 101 -22.33 -35.25 52.23
CA THR L 101 -22.93 -34.19 53.01
C THR L 101 -23.20 -33.03 52.09
N PHE L 102 -24.08 -32.13 52.50
CA PHE L 102 -24.34 -30.94 51.72
C PHE L 102 -23.91 -29.68 52.44
N GLY L 103 -23.62 -28.63 51.67
CA GLY L 103 -23.50 -27.29 52.22
C GLY L 103 -24.89 -26.77 52.56
N GLY L 104 -24.95 -25.66 53.30
CA GLY L 104 -26.21 -25.18 53.80
C GLY L 104 -27.11 -24.45 52.80
N GLY L 105 -26.58 -24.12 51.62
CA GLY L 105 -27.40 -23.54 50.57
C GLY L 105 -27.29 -22.03 50.44
N THR L 106 -27.39 -21.52 49.21
CA THR L 106 -27.45 -20.07 48.99
C THR L 106 -28.70 -19.64 48.22
N LYS L 107 -29.53 -18.79 48.82
CA LYS L 107 -30.71 -18.30 48.12
C LYS L 107 -30.34 -17.12 47.23
N VAL L 108 -30.46 -17.32 45.93
CA VAL L 108 -30.24 -16.24 44.98
C VAL L 108 -31.58 -15.63 44.56
N GLU L 109 -31.73 -14.34 44.81
CA GLU L 109 -32.94 -13.60 44.41
C GLU L 109 -32.61 -12.46 43.44
N ILE L 110 -33.54 -12.23 42.52
CA ILE L 110 -33.48 -11.19 41.51
C ILE L 110 -33.95 -9.79 41.96
N LYS L 111 -33.14 -8.76 41.71
CA LYS L 111 -33.44 -7.35 42.00
C LYS L 111 -34.23 -6.73 40.86
N ARG L 112 -35.36 -6.11 41.20
CA ARG L 112 -36.23 -5.51 40.19
C ARG L 112 -36.70 -4.08 40.54
N ALA L 113 -37.30 -3.41 39.55
CA ALA L 113 -37.94 -2.10 39.74
C ALA L 113 -38.89 -2.12 40.91
N ASP L 114 -38.81 -1.09 41.75
CA ASP L 114 -39.76 -0.92 42.83
C ASP L 114 -41.18 -0.92 42.24
N ALA L 115 -41.97 -1.96 42.53
CA ALA L 115 -43.33 -2.07 41.99
C ALA L 115 -44.40 -2.04 43.08
N ALA L 116 -45.57 -1.50 42.74
CA ALA L 116 -46.66 -1.35 43.69
C ALA L 116 -47.53 -2.60 43.78
N PRO L 117 -48.02 -2.92 44.99
CA PRO L 117 -48.92 -4.05 45.14
C PRO L 117 -50.30 -3.78 44.56
N THR L 118 -50.86 -4.79 43.90
CA THR L 118 -52.25 -4.77 43.50
C THR L 118 -53.06 -5.40 44.65
N VAL L 119 -53.93 -4.60 45.25
CA VAL L 119 -54.58 -4.94 46.51
C VAL L 119 -56.06 -5.25 46.34
N SER L 120 -56.48 -6.41 46.86
CA SER L 120 -57.88 -6.82 46.76
C SER L 120 -58.38 -7.33 48.11
N ILE L 121 -59.56 -6.90 48.52
CA ILE L 121 -60.12 -7.36 49.78
C ILE L 121 -61.34 -8.25 49.52
N PHE L 122 -61.59 -9.18 50.42
CA PHE L 122 -62.64 -10.17 50.26
C PHE L 122 -63.32 -10.45 51.58
N PRO L 123 -64.61 -10.09 51.69
CA PRO L 123 -65.38 -10.48 52.88
C PRO L 123 -65.49 -12.00 52.99
N PRO L 124 -65.87 -12.52 54.18
CA PRO L 124 -66.15 -13.95 54.32
C PRO L 124 -67.17 -14.47 53.30
N SER L 125 -66.92 -15.66 52.75
CA SER L 125 -67.94 -16.34 51.95
C SER L 125 -69.13 -16.65 52.82
N SER L 126 -70.32 -16.72 52.22
CA SER L 126 -71.54 -16.99 52.96
C SER L 126 -71.50 -18.44 53.47
N GLU L 127 -70.80 -19.28 52.73
CA GLU L 127 -70.60 -20.67 53.12
C GLU L 127 -69.83 -20.79 54.42
N GLN L 128 -68.82 -19.95 54.61
CA GLN L 128 -68.06 -19.98 55.86
C GLN L 128 -68.90 -19.43 57.00
N LEU L 129 -69.61 -18.33 56.72
CA LEU L 129 -70.47 -17.68 57.70
C LEU L 129 -71.54 -18.63 58.25
N THR L 130 -72.05 -19.51 57.38
CA THR L 130 -73.06 -20.49 57.80
C THR L 130 -72.59 -21.32 59.00
N SER L 131 -71.30 -21.61 59.06
CA SER L 131 -70.77 -22.47 60.11
C SER L 131 -70.19 -21.72 61.30
N GLY L 132 -70.21 -20.38 61.26
CA GLY L 132 -69.91 -19.60 62.46
C GLY L 132 -68.52 -18.96 62.50
N GLY L 133 -67.78 -19.12 61.41
CA GLY L 133 -66.48 -18.49 61.28
C GLY L 133 -66.54 -17.32 60.33
N ALA L 134 -65.57 -16.42 60.40
CA ALA L 134 -65.53 -15.29 59.48
C ALA L 134 -64.11 -14.88 59.15
N SER L 135 -63.69 -15.12 57.90
CA SER L 135 -62.36 -14.72 57.44
C SER L 135 -62.41 -13.59 56.42
N VAL L 136 -61.75 -12.48 56.74
CA VAL L 136 -61.56 -11.39 55.81
C VAL L 136 -60.19 -11.51 55.17
N VAL L 137 -60.17 -11.66 53.85
CA VAL L 137 -58.91 -11.89 53.17
C VAL L 137 -58.44 -10.67 52.39
N CYS L 138 -57.13 -10.48 52.34
CA CYS L 138 -56.54 -9.40 51.59
C CYS L 138 -55.33 -9.91 50.81
N PHE L 139 -55.38 -9.70 49.49
CA PHE L 139 -54.28 -10.08 48.60
C PHE L 139 -53.51 -8.86 48.14
N LEU L 140 -52.21 -8.91 48.40
CA LEU L 140 -51.27 -7.88 47.99
C LEU L 140 -50.32 -8.46 46.97
N ASN L 141 -50.62 -8.28 45.69
CA ASN L 141 -50.00 -9.07 44.64
C ASN L 141 -48.98 -8.30 43.80
N ASN L 142 -47.92 -9.01 43.40
CA ASN L 142 -46.93 -8.53 42.44
C ASN L 142 -46.29 -7.20 42.80
N PHE L 143 -45.73 -7.11 44.00
CA PHE L 143 -45.01 -5.92 44.45
C PHE L 143 -43.52 -6.23 44.65
N TYR L 144 -42.72 -5.17 44.82
CA TYR L 144 -41.29 -5.31 45.10
C TYR L 144 -40.75 -4.02 45.70
N PRO L 145 -39.93 -4.13 46.76
CA PRO L 145 -39.32 -5.33 47.38
C PRO L 145 -40.26 -6.07 48.30
N LYS L 146 -39.80 -7.23 48.78
CA LYS L 146 -40.65 -8.18 49.49
C LYS L 146 -41.12 -7.66 50.84
N ASP L 147 -40.47 -6.63 51.35
CA ASP L 147 -40.85 -6.06 52.62
C ASP L 147 -42.05 -5.12 52.44
N ILE L 148 -43.08 -5.34 53.26
CA ILE L 148 -44.33 -4.60 53.13
C ILE L 148 -45.13 -4.63 54.44
N ASN L 149 -45.80 -3.52 54.72
CA ASN L 149 -46.65 -3.39 55.89
C ASN L 149 -48.11 -3.69 55.55
N VAL L 150 -48.76 -4.50 56.37
CA VAL L 150 -50.21 -4.70 56.26
C VAL L 150 -50.89 -4.33 57.57
N LYS L 151 -51.81 -3.37 57.48
CA LYS L 151 -52.60 -2.91 58.61
C LYS L 151 -54.08 -3.22 58.39
N TRP L 152 -54.73 -3.84 59.36
CA TRP L 152 -56.17 -4.05 59.29
C TRP L 152 -56.89 -2.97 60.08
N LYS L 153 -57.94 -2.39 59.51
CA LYS L 153 -58.71 -1.38 60.23
C LYS L 153 -60.18 -1.74 60.33
N ILE L 154 -60.63 -1.81 61.58
CA ILE L 154 -62.01 -2.10 61.92
C ILE L 154 -62.67 -0.85 62.50
N ASP L 155 -63.52 -0.21 61.70
CA ASP L 155 -64.20 1.02 62.07
C ASP L 155 -63.15 2.07 62.42
N GLY L 156 -62.14 2.22 61.58
CA GLY L 156 -61.16 3.25 61.81
C GLY L 156 -60.03 2.79 62.72
N SER L 157 -60.34 1.93 63.69
CA SER L 157 -59.29 1.51 64.65
C SER L 157 -58.62 0.22 64.22
N GLU L 158 -57.28 0.21 64.28
CA GLU L 158 -56.53 -0.92 63.76
C GLU L 158 -56.67 -2.16 64.63
N ARG L 159 -56.65 -3.31 63.95
CA ARG L 159 -56.68 -4.63 64.56
C ARG L 159 -55.40 -5.39 64.18
N GLN L 160 -54.86 -6.16 65.13
CA GLN L 160 -53.61 -6.89 64.91
C GLN L 160 -53.78 -8.37 65.22
N ASN L 161 -54.76 -8.69 66.06
CA ASN L 161 -54.95 -10.06 66.54
C ASN L 161 -55.86 -10.92 65.67
N GLY L 162 -55.45 -12.17 65.46
CA GLY L 162 -56.17 -13.08 64.60
C GLY L 162 -55.70 -13.02 63.16
N VAL L 163 -54.82 -12.07 62.88
CA VAL L 163 -54.24 -11.92 61.55
C VAL L 163 -53.10 -12.92 61.33
N LEU L 164 -52.99 -13.42 60.10
CA LEU L 164 -51.79 -14.13 59.68
C LEU L 164 -51.45 -13.96 58.20
N ASN L 165 -50.17 -13.76 57.92
CA ASN L 165 -49.73 -13.43 56.57
C ASN L 165 -48.90 -14.57 56.01
N SER L 166 -48.66 -14.51 54.70
CA SER L 166 -47.91 -15.54 54.00
C SER L 166 -47.33 -14.96 52.72
N TRP L 167 -46.02 -15.10 52.54
CA TRP L 167 -45.37 -14.57 51.34
C TRP L 167 -45.16 -15.59 50.24
N THR L 168 -45.42 -15.16 49.02
CA THR L 168 -45.02 -15.89 47.83
C THR L 168 -43.51 -15.79 47.71
N ASP L 169 -42.89 -16.83 47.16
CA ASP L 169 -41.47 -16.76 46.83
C ASP L 169 -41.30 -15.96 45.56
N GLN L 170 -40.16 -15.29 45.40
CA GLN L 170 -39.95 -14.42 44.25
C GLN L 170 -40.32 -15.11 42.95
N ASP L 171 -41.19 -14.45 42.18
CA ASP L 171 -41.66 -15.01 40.92
C ASP L 171 -40.52 -15.25 39.94
N SER L 172 -40.39 -16.50 39.51
CA SER L 172 -39.31 -16.89 38.61
C SER L 172 -39.49 -16.30 37.21
N LYS L 173 -40.57 -15.56 37.00
CA LYS L 173 -40.82 -14.94 35.70
C LYS L 173 -40.75 -13.42 35.74
N ASP L 174 -41.32 -12.80 36.78
CA ASP L 174 -41.38 -11.35 36.82
C ASP L 174 -40.78 -10.75 38.09
N SER L 175 -40.22 -11.61 38.94
CA SER L 175 -39.42 -11.18 40.07
C SER L 175 -40.15 -10.31 41.10
N THR L 176 -41.48 -10.34 41.08
CA THR L 176 -42.27 -9.68 42.12
C THR L 176 -42.56 -10.66 43.27
N TYR L 177 -43.10 -10.11 44.35
CA TYR L 177 -43.64 -10.94 45.41
C TYR L 177 -45.11 -10.69 45.59
N SER L 178 -45.80 -11.67 46.17
CA SER L 178 -47.18 -11.48 46.56
C SER L 178 -47.33 -11.95 47.98
N MET L 179 -48.39 -11.52 48.65
CA MET L 179 -48.66 -12.02 49.99
C MET L 179 -50.14 -11.93 50.33
N SER L 180 -50.50 -12.62 51.40
CA SER L 180 -51.90 -12.86 51.72
C SER L 180 -52.17 -12.71 53.21
N SER L 181 -52.89 -11.65 53.58
CA SER L 181 -53.37 -11.50 54.95
C SER L 181 -54.76 -12.10 55.14
N THR L 182 -54.93 -12.84 56.24
CA THR L 182 -56.24 -13.37 56.59
C THR L 182 -56.59 -13.05 58.03
N LEU L 183 -57.57 -12.18 58.21
CA LEU L 183 -58.10 -11.85 59.53
C LEU L 183 -59.29 -12.74 59.88
N THR L 184 -59.19 -13.50 60.97
CA THR L 184 -60.29 -14.38 61.34
C THR L 184 -60.96 -13.96 62.65
N LEU L 185 -62.26 -13.69 62.56
CA LEU L 185 -63.14 -13.43 63.70
C LEU L 185 -64.23 -14.48 63.76
N THR L 186 -65.00 -14.47 64.86
CA THR L 186 -66.25 -15.23 64.90
C THR L 186 -67.31 -14.49 64.09
N LYS L 187 -68.33 -15.22 63.62
CA LYS L 187 -69.48 -14.60 62.96
C LYS L 187 -70.11 -13.47 63.76
N ASP L 188 -70.38 -13.74 65.04
CA ASP L 188 -70.91 -12.76 65.99
C ASP L 188 -70.17 -11.42 65.95
N GLU L 189 -68.88 -11.47 66.27
CA GLU L 189 -68.08 -10.25 66.38
C GLU L 189 -68.02 -9.56 65.03
N TYR L 190 -68.00 -10.36 63.96
CA TYR L 190 -67.93 -9.81 62.62
C TYR L 190 -69.18 -8.96 62.44
N GLU L 191 -70.30 -9.47 62.94
CA GLU L 191 -71.56 -8.78 62.79
C GLU L 191 -71.68 -7.55 63.71
N ARG L 192 -70.91 -7.50 64.80
CA ARG L 192 -70.99 -6.34 65.70
C ARG L 192 -70.49 -5.06 65.03
N HIS L 193 -69.59 -5.22 64.07
CA HIS L 193 -68.93 -4.08 63.44
C HIS L 193 -69.36 -3.92 61.98
N ASN L 194 -69.01 -2.77 61.40
CA ASN L 194 -69.48 -2.43 60.06
C ASN L 194 -68.39 -2.35 59.00
N SER L 195 -67.39 -1.49 59.18
CA SER L 195 -66.38 -1.28 58.15
C SER L 195 -65.12 -2.09 58.35
N TYR L 196 -64.70 -2.76 57.27
CA TYR L 196 -63.48 -3.56 57.25
C TYR L 196 -62.53 -3.06 56.17
N THR L 197 -61.30 -2.84 56.58
CA THR L 197 -60.28 -2.23 55.74
C THR L 197 -58.97 -2.99 55.82
N CYS L 198 -58.32 -3.18 54.67
CA CYS L 198 -56.92 -3.58 54.69
C CYS L 198 -56.08 -2.49 53.99
N GLU L 199 -54.98 -2.13 54.65
CA GLU L 199 -54.03 -1.10 54.21
C GLU L 199 -52.64 -1.66 53.94
N ALA L 200 -52.16 -1.42 52.73
CA ALA L 200 -50.86 -1.89 52.30
C ALA L 200 -49.88 -0.74 52.20
N THR L 201 -49.04 -0.58 53.21
CA THR L 201 -48.03 0.47 53.14
C THR L 201 -46.72 -0.13 52.63
N HIS L 202 -46.09 0.57 51.71
CA HIS L 202 -44.95 0.03 50.98
C HIS L 202 -44.05 1.13 50.47
N LYS L 203 -42.75 0.83 50.39
CA LYS L 203 -41.74 1.78 49.94
C LYS L 203 -42.19 2.51 48.67
N THR L 204 -42.97 1.81 47.84
CA THR L 204 -43.35 2.29 46.51
C THR L 204 -44.14 3.59 46.55
N SER L 205 -44.91 3.80 47.61
CA SER L 205 -45.66 5.04 47.77
C SER L 205 -45.75 5.48 49.22
N THR L 206 -45.82 6.79 49.45
CA THR L 206 -45.97 7.30 50.79
C THR L 206 -47.39 7.03 51.29
N SER L 207 -48.33 7.06 50.36
CA SER L 207 -49.73 6.80 50.67
C SER L 207 -50.06 5.31 50.61
N PRO L 208 -50.57 4.76 51.73
CA PRO L 208 -50.99 3.34 51.77
C PRO L 208 -52.08 3.01 50.74
N ILE L 209 -52.01 1.83 50.16
CA ILE L 209 -53.08 1.36 49.27
C ILE L 209 -54.12 0.66 50.10
N VAL L 210 -55.37 1.09 50.03
CA VAL L 210 -56.35 0.60 50.99
C VAL L 210 -57.61 0.14 50.27
N LYS L 211 -58.17 -0.95 50.77
CA LYS L 211 -59.44 -1.45 50.23
C LYS L 211 -60.38 -1.72 51.38
N SER L 212 -61.67 -1.43 51.16
CA SER L 212 -62.66 -1.54 52.22
C SER L 212 -64.02 -2.03 51.78
N PHE L 213 -64.77 -2.55 52.74
CA PHE L 213 -66.18 -2.82 52.53
C PHE L 213 -66.92 -2.61 53.84
N ASN L 214 -68.24 -2.45 53.75
CA ASN L 214 -69.07 -2.44 54.96
C ASN L 214 -69.85 -3.74 55.04
N ARG L 215 -69.88 -4.32 56.24
CA ARG L 215 -70.59 -5.59 56.44
C ARG L 215 -72.04 -5.46 56.02
N ASN L 216 -72.53 -6.51 55.37
CA ASN L 216 -73.92 -6.59 54.93
C ASN L 216 -74.32 -5.36 54.12
N GLU L 217 -73.32 -4.71 53.52
CA GLU L 217 -73.59 -3.54 52.70
C GLU L 217 -72.94 -3.72 51.32
N CYS L 218 -73.41 -2.95 50.35
CA CYS L 218 -73.08 -3.04 48.92
C CYS L 218 -73.52 -1.78 48.21
OAE 4KU M . 19.19 21.89 -30.99
SBA 4KU M . 19.84 21.98 -32.29
OAA 4KU M . 20.88 22.96 -32.07
OAB 4KU M . 18.88 22.67 -33.14
CAY 4KU M . 20.51 20.44 -32.88
CAO 4KU M . 21.91 20.25 -32.85
CAU 4KU M . 22.50 19.06 -33.29
NAS 4KU M . 23.94 18.96 -33.22
CAI 4KU M . 24.67 17.74 -33.33
SAG 4KU M . 25.06 17.13 -34.83
CAK 4KU M . 21.70 18.05 -33.78
CAM 4KU M . 20.31 18.21 -33.83
CAW 4KU M . 19.72 19.40 -33.38
CAQ 4KU M . 18.20 19.53 -33.46
CAR 4KU M . 17.91 18.55 -34.54
CAX 4KU M . 16.55 18.61 -35.14
CAN 4KU M . 15.63 19.57 -34.78
CAL 4KU M . 14.37 19.53 -35.41
CAV 4KU M . 14.06 18.57 -36.36
NAT 4KU M . 12.76 18.59 -36.95
CAJ 4KU M . 12.14 17.45 -37.62
SAH 4KU M . 12.90 16.56 -38.81
CAP 4KU M . 15.01 17.62 -36.70
CAZ 4KU M . 16.27 17.63 -36.10
SBB 4KU M . 17.49 16.43 -36.55
OAF 4KU M . 17.76 15.49 -35.48
OAD 4KU M . 18.82 16.91 -36.89
OAC 4KU M . 17.12 15.61 -37.68
OAE 4KU N . -24.67 -11.76 -23.31
SBA 4KU N . -23.53 -11.08 -22.72
OAA 4KU N . -22.84 -10.54 -23.86
OAB 4KU N . -24.10 -9.92 -22.06
CAY 4KU N . -22.54 -12.15 -21.69
CAO 4KU N . -22.78 -13.53 -21.63
CAU 4KU N . -22.01 -14.37 -20.83
NAS 4KU N . -22.29 -15.79 -20.79
CAI 4KU N . -21.26 -16.80 -20.87
SAG 4KU N . -20.27 -17.14 -19.58
CAK 4KU N . -20.97 -13.82 -20.08
CAM 4KU N . -20.72 -12.45 -20.12
CAW 4KU N . -21.50 -11.62 -20.92
CAQ 4KU N . -21.22 -10.13 -20.98
CAR 4KU N . -19.90 -9.93 -20.28
CAX 4KU N . -19.78 -8.64 -19.53
CAN 4KU N . -20.56 -7.54 -19.84
CAL 4KU N . -20.38 -6.36 -19.11
CAV 4KU N . -19.44 -6.28 -18.07
NAT 4KU N . -19.30 -5.04 -17.35
CAJ 4KU N . -18.00 -4.46 -17.08
SAH 4KU N . -16.99 -5.10 -15.93
CAP 4KU N . -18.68 -7.39 -17.77
CAZ 4KU N . -18.83 -8.58 -18.49
SBB 4KU N . -17.86 -9.99 -18.08
OAF 4KU N . -17.08 -10.53 -19.17
OAD 4KU N . -16.87 -9.68 -17.07
OAC 4KU N . -18.59 -11.12 -17.56
OAE 4KU O . 47.03 -18.39 27.72
SBA 4KU O . 47.82 -18.24 26.51
OAA 4KU O . 48.88 -17.34 26.92
OAB 4KU O . 47.00 -17.46 25.60
CAY 4KU O . 48.44 -19.76 25.83
CAO 4KU O . 49.81 -20.07 25.95
CAU 4KU O . 50.32 -21.25 25.42
NAS 4KU O . 51.73 -21.50 25.57
CAI 4KU O . 52.38 -22.73 25.27
SAG 4KU O . 52.30 -23.38 23.73
CAK 4KU O . 49.45 -22.13 24.77
CAM 4KU O . 48.10 -21.84 24.64
CAW 4KU O . 47.60 -20.66 25.18
CAQ 4KU O . 46.13 -20.33 25.06
CAR 4KU O . 45.46 -21.62 24.72
CAX 4KU O . 44.18 -21.38 23.97
CAN 4KU O . 43.30 -20.38 24.36
CAL 4KU O . 42.13 -20.23 23.64
CAV 4KU O . 41.82 -21.05 22.56
NAT 4KU O . 40.60 -20.87 21.83
CAJ 4KU O . 39.87 -22.01 21.29
SAH 4KU O . 40.52 -23.03 20.14
CAP 4KU O . 42.71 -22.03 22.19
CAZ 4KU O . 43.90 -22.20 22.89
SBB 4KU O . 45.02 -23.46 22.38
OAF 4KU O . 45.20 -24.47 23.39
OAD 4KU O . 46.38 -23.01 22.10
OAC 4KU O . 44.59 -24.18 21.19
OAE 4KU P . 2.36 -51.30 35.19
SBA 4KU P . 3.54 -50.64 35.69
OAA 4KU P . 4.10 -49.97 34.53
OAB 4KU P . 3.04 -49.57 36.51
CAY 4KU P . 4.65 -51.76 36.51
CAO 4KU P . 4.34 -53.13 36.53
CAU 4KU P . 5.19 -54.04 37.16
NAS 4KU P . 4.87 -55.44 37.17
CAI 4KU P . 5.89 -56.42 37.00
SAG 4KU P . 6.38 -57.35 38.29
CAK 4KU P . 6.35 -53.57 37.79
CAM 4KU P . 6.65 -52.21 37.77
CAW 4KU P . 5.81 -51.31 37.14
CAQ 4KU P . 6.16 -49.82 37.14
CAR 4KU P . 7.45 -49.70 37.87
CAX 4KU P . 7.59 -48.46 38.71
CAN 4KU P . 6.77 -47.35 38.52
CAL 4KU P . 6.97 -46.23 39.33
CAV 4KU P . 7.94 -46.20 40.31
NAT 4KU P . 8.10 -45.01 41.13
CAJ 4KU P . 9.39 -44.43 41.43
SAH 4KU P . 10.33 -44.99 42.68
CAP 4KU P . 8.75 -47.30 40.51
CAZ 4KU P . 8.58 -48.44 39.72
SBB 4KU P . 9.62 -49.84 39.97
OAF 4KU P . 10.38 -50.24 38.82
OAD 4KU P . 10.62 -49.60 40.99
OAC 4KU P . 8.95 -51.05 40.39
#